data_8ERJ
#
_entry.id   8ERJ
#
_cell.length_a   190.957
_cell.length_b   194.746
_cell.length_c   146.338
_cell.angle_alpha   90.000
_cell.angle_beta   129.318
_cell.angle_gamma   90.000
#
_symmetry.space_group_name_H-M   'C 1 2 1'
#
loop_
_entity.id
_entity.type
_entity.pdbx_description
1 polymer 'Sulfhydrylase FUB7'
2 non-polymer '(2E)-2-{[(1E)-{3-hydroxy-2-methyl-5-[(phosphonooxy)methyl]pyridin-4-yl}methylidene]amino}but-2-enoic acid'
3 non-polymer '(2S)-2-[({3-hydroxy-2-methyl-5-[(phosphonooxy)methyl]pyridin-4-yl}methyl)amino]but-3-enoic acid'
4 water water
#
_entity_poly.entity_id   1
_entity_poly.type   'polypeptide(L)'
_entity_poly.pdbx_seq_one_letter_code
;MGSSHHHHHHENLYFQSNAEQVFQNFETLQLHAGYTPDPHTRSTAVPIYATSSYTFNDSAHGARLFGLKELGNIYSRLMN
PTVDVFEKRIAALEGGIAAAATSSGQAAQFLTIATLAKAGDNIVASSHLYGGTYNQLNVLLPRFGIKTKFVRSGKLEDYA
AAIDDQTRAIYVESMSNPDYVVPDFEGIAKIAHEHGIPLVVDNTLGAGGYYIRPIEHGADIVVHSATKWIGGHGTTIGGV
IVDSGRFNWNKHSDRFPEMVEPSPSYHGLKYWEAFGPATFITRIRVEMLRDIGACLSPFSAQQLLLGIETLGLRAERHAQ
NTEKLSKYFESSPNVSWVLWPGSESHPTYSQAKKYLTRGFGAMLSIGVKGDASAGSKVVDGLKLVSNLANVGDAKSLAIH
PWSTTHEQLSEDERLASGVTEDMIRISVGIEHVDDIIADFEQSFQKAYGS
;
_entity_poly.pdbx_strand_id   A,B,C,D,E,F,G,H
#
loop_
_chem_comp.id
_chem_comp.type
_chem_comp.name
_chem_comp.formula
4LM non-polymer '(2E)-2-{[(1E)-{3-hydroxy-2-methyl-5-[(phosphonooxy)methyl]pyridin-4-yl}methylidene]amino}but-2-enoic acid' 'C12 H15 N2 O7 P'
WQF non-polymer '(2S)-2-[({3-hydroxy-2-methyl-5-[(phosphonooxy)methyl]pyridin-4-yl}methyl)amino]but-3-enoic acid' 'C12 H17 N2 O7 P'
#
# COMPACT_ATOMS: atom_id res chain seq x y z
N VAL A 22 -18.51 -34.48 8.88
CA VAL A 22 -17.56 -33.71 8.10
C VAL A 22 -18.08 -32.27 7.91
N PHE A 23 -17.22 -31.30 8.25
CA PHE A 23 -17.48 -29.88 7.98
C PHE A 23 -16.25 -29.28 7.31
N GLN A 24 -16.50 -28.31 6.46
CA GLN A 24 -15.41 -27.61 5.78
C GLN A 24 -14.96 -26.39 6.54
N ASN A 25 -15.88 -25.72 7.24
CA ASN A 25 -15.69 -24.34 7.66
C ASN A 25 -15.02 -24.27 9.02
N PHE A 26 -13.91 -23.53 9.07
CA PHE A 26 -13.19 -23.30 10.30
C PHE A 26 -14.13 -22.92 11.43
N GLU A 27 -15.11 -22.05 11.13
CA GLU A 27 -15.97 -21.50 12.17
C GLU A 27 -16.87 -22.57 12.78
N THR A 28 -17.19 -23.62 12.02
CA THR A 28 -17.93 -24.74 12.56
C THR A 28 -17.05 -25.78 13.26
N LEU A 29 -15.88 -26.07 12.70
CA LEU A 29 -14.99 -27.05 13.29
C LEU A 29 -14.52 -26.61 14.68
N GLN A 30 -14.27 -25.31 14.87
CA GLN A 30 -13.70 -24.84 16.13
C GLN A 30 -14.66 -25.02 17.31
N LEU A 31 -15.95 -25.27 17.04
CA LEU A 31 -16.96 -25.53 18.04
C LEU A 31 -17.33 -27.00 18.18
N HIS A 32 -17.05 -27.84 17.17
CA HIS A 32 -17.71 -29.14 17.09
C HIS A 32 -16.78 -30.34 16.88
N ALA A 33 -15.63 -30.14 16.24
CA ALA A 33 -14.80 -31.27 15.88
C ALA A 33 -14.24 -31.95 17.13
N GLY A 34 -14.22 -33.29 17.10
CA GLY A 34 -13.54 -34.09 18.10
C GLY A 34 -14.26 -34.28 19.42
N TYR A 35 -15.55 -34.01 19.50
CA TYR A 35 -16.26 -34.26 20.74
C TYR A 35 -17.71 -34.58 20.44
N THR A 36 -18.24 -35.57 21.15
CA THR A 36 -19.65 -35.92 21.13
C THR A 36 -20.00 -36.16 22.59
N PRO A 37 -21.06 -35.55 23.11
CA PRO A 37 -21.44 -35.84 24.51
C PRO A 37 -21.50 -37.33 24.79
N ASP A 38 -20.80 -37.81 25.82
CA ASP A 38 -20.82 -39.23 26.12
C ASP A 38 -22.21 -39.64 26.57
N PRO A 39 -22.64 -40.87 26.29
CA PRO A 39 -24.03 -41.26 26.59
C PRO A 39 -24.32 -41.33 28.08
N HIS A 40 -23.28 -41.39 28.92
CA HIS A 40 -23.47 -41.54 30.35
C HIS A 40 -24.04 -40.27 30.99
N THR A 41 -23.34 -39.14 30.82
CA THR A 41 -23.80 -37.88 31.38
C THR A 41 -24.48 -36.97 30.37
N ARG A 42 -24.18 -37.11 29.08
CA ARG A 42 -24.72 -36.26 28.01
C ARG A 42 -24.22 -34.82 28.11
N SER A 43 -23.16 -34.62 28.88
CA SER A 43 -22.57 -33.29 29.09
C SER A 43 -22.26 -32.59 27.76
N THR A 44 -22.86 -31.41 27.57
CA THR A 44 -22.73 -30.64 26.33
C THR A 44 -21.34 -30.01 26.18
N ALA A 45 -20.84 -29.40 27.25
CA ALA A 45 -19.46 -28.93 27.26
C ALA A 45 -18.51 -30.08 27.62
N VAL A 46 -17.24 -29.88 27.27
CA VAL A 46 -16.21 -30.89 27.54
C VAL A 46 -15.93 -30.92 29.03
N PRO A 47 -16.05 -32.08 29.70
CA PRO A 47 -15.66 -32.17 31.11
C PRO A 47 -14.15 -32.07 31.28
N ILE A 48 -13.76 -31.69 32.49
CA ILE A 48 -12.34 -31.65 32.88
C ILE A 48 -12.03 -32.96 33.59
N TYR A 49 -11.30 -33.85 32.92
CA TYR A 49 -10.98 -35.14 33.54
C TYR A 49 -9.72 -34.98 34.41
N ALA A 50 -9.93 -34.35 35.57
CA ALA A 50 -8.89 -34.16 36.57
C ALA A 50 -8.59 -35.50 37.24
N THR A 51 -7.99 -36.42 36.48
CA THR A 51 -7.65 -37.74 36.97
C THR A 51 -6.24 -38.08 36.51
N SER A 52 -5.51 -38.81 37.33
CA SER A 52 -4.24 -39.32 36.84
C SER A 52 -4.41 -40.70 36.21
N SER A 53 -5.44 -41.46 36.60
CA SER A 53 -5.56 -42.86 36.25
C SER A 53 -6.97 -43.21 35.78
N TYR A 54 -7.05 -44.38 35.15
CA TYR A 54 -8.29 -44.92 34.58
C TYR A 54 -8.34 -46.39 34.96
N THR A 55 -9.41 -46.81 35.64
CA THR A 55 -9.51 -48.16 36.19
C THR A 55 -9.68 -49.20 35.08
N PHE A 56 -8.90 -50.27 35.15
CA PHE A 56 -9.07 -51.40 34.25
C PHE A 56 -10.40 -52.11 34.51
N ASN A 57 -10.96 -52.72 33.45
CA ASN A 57 -12.11 -53.61 33.63
C ASN A 57 -11.70 -54.91 34.32
N ASP A 58 -10.51 -55.40 33.98
CA ASP A 58 -9.93 -56.57 34.63
C ASP A 58 -8.45 -56.59 34.30
N SER A 59 -7.74 -57.58 34.84
CA SER A 59 -6.30 -57.64 34.67
C SER A 59 -5.93 -57.79 33.20
N ALA A 60 -6.69 -58.60 32.45
CA ALA A 60 -6.38 -58.82 31.05
C ALA A 60 -6.55 -57.55 30.23
N HIS A 61 -7.61 -56.79 30.53
CA HIS A 61 -7.79 -55.48 29.91
C HIS A 61 -6.59 -54.57 30.14
N GLY A 62 -6.07 -54.54 31.38
CA GLY A 62 -4.87 -53.75 31.63
C GLY A 62 -3.69 -54.21 30.79
N ALA A 63 -3.53 -55.53 30.64
CA ALA A 63 -2.43 -56.07 29.85
C ALA A 63 -2.53 -55.66 28.39
N ARG A 64 -3.75 -55.68 27.83
CA ARG A 64 -3.92 -55.27 26.44
C ARG A 64 -3.63 -53.79 26.25
N LEU A 65 -4.09 -52.94 27.18
CA LEU A 65 -3.83 -51.52 27.09
C LEU A 65 -2.34 -51.24 27.08
N PHE A 66 -1.60 -51.80 28.05
CA PHE A 66 -0.16 -51.60 28.11
C PHE A 66 0.56 -52.23 26.91
N GLY A 67 0.09 -53.39 26.44
CA GLY A 67 0.63 -54.06 25.27
C GLY A 67 0.29 -53.45 23.93
N LEU A 68 -0.39 -52.29 23.93
CA LEU A 68 -0.82 -51.62 22.71
C LEU A 68 -1.68 -52.53 21.81
N LYS A 69 -2.35 -53.52 22.41
CA LYS A 69 -3.27 -54.39 21.69
C LYS A 69 -4.70 -53.91 21.74
N GLU A 70 -4.93 -52.69 22.26
CA GLU A 70 -6.26 -52.10 22.38
C GLU A 70 -6.17 -50.62 22.75
N LEU A 71 -6.94 -49.78 22.06
CA LEU A 71 -7.00 -48.35 22.38
C LEU A 71 -7.78 -48.12 23.67
N GLY A 72 -7.37 -47.12 24.44
CA GLY A 72 -8.07 -46.79 25.65
C GLY A 72 -7.18 -46.03 26.63
N ASN A 73 -7.84 -45.41 27.61
CA ASN A 73 -7.16 -44.56 28.58
C ASN A 73 -6.36 -45.41 29.58
N ILE A 74 -5.09 -45.01 29.81
CA ILE A 74 -4.22 -45.70 30.74
C ILE A 74 -3.80 -44.78 31.89
N TYR A 75 -3.32 -43.58 31.57
CA TYR A 75 -2.62 -42.72 32.50
C TYR A 75 -2.46 -41.36 31.84
N SER A 76 -2.72 -40.29 32.60
CA SER A 76 -2.81 -38.96 31.99
C SER A 76 -1.46 -38.38 31.61
N ARG A 77 -0.33 -39.04 31.91
CA ARG A 77 0.91 -38.57 31.29
C ARG A 77 0.87 -38.79 29.78
N LEU A 78 0.10 -39.77 29.31
CA LEU A 78 0.03 -40.12 27.89
C LEU A 78 -1.26 -39.70 27.21
N MET A 79 -2.40 -39.80 27.90
CA MET A 79 -3.68 -39.49 27.29
C MET A 79 -4.69 -39.09 28.36
N ASN A 80 -5.61 -38.21 27.98
CA ASN A 80 -6.63 -37.64 28.84
C ASN A 80 -7.80 -37.22 27.95
N PRO A 81 -9.04 -37.55 28.30
CA PRO A 81 -10.14 -37.28 27.34
C PRO A 81 -10.39 -35.80 27.11
N THR A 82 -10.07 -34.93 28.08
CA THR A 82 -10.14 -33.49 27.83
C THR A 82 -9.06 -33.06 26.85
N VAL A 83 -7.83 -33.54 27.06
CA VAL A 83 -6.75 -33.22 26.16
C VAL A 83 -7.04 -33.77 24.77
N ASP A 84 -7.70 -34.93 24.71
CA ASP A 84 -7.96 -35.57 23.43
C ASP A 84 -8.88 -34.72 22.56
N VAL A 85 -9.93 -34.11 23.14
CA VAL A 85 -10.75 -33.18 22.37
C VAL A 85 -9.90 -32.05 21.83
N PHE A 86 -9.01 -31.51 22.65
CA PHE A 86 -8.17 -30.41 22.22
C PHE A 86 -7.28 -30.83 21.05
N GLU A 87 -6.69 -32.02 21.13
CA GLU A 87 -5.86 -32.53 20.04
C GLU A 87 -6.65 -32.69 18.75
N LYS A 88 -7.80 -33.36 18.81
CA LYS A 88 -8.58 -33.63 17.60
C LYS A 88 -9.05 -32.35 16.95
N ARG A 89 -9.50 -31.38 17.75
CA ARG A 89 -9.99 -30.13 17.20
C ARG A 89 -8.90 -29.36 16.46
N ILE A 90 -7.71 -29.22 17.06
CA ILE A 90 -6.61 -28.53 16.39
C ILE A 90 -6.21 -29.28 15.13
N ALA A 91 -6.17 -30.62 15.20
CA ALA A 91 -5.91 -31.43 14.01
C ALA A 91 -6.92 -31.11 12.91
N ALA A 92 -8.21 -31.06 13.26
CA ALA A 92 -9.24 -30.80 12.26
C ALA A 92 -9.11 -29.40 11.66
N LEU A 93 -8.71 -28.41 12.47
CA LEU A 93 -8.58 -27.05 11.96
C LEU A 93 -7.38 -26.92 11.04
N GLU A 94 -6.29 -27.62 11.34
CA GLU A 94 -5.12 -27.51 10.50
C GLU A 94 -5.18 -28.46 9.31
N GLY A 95 -6.10 -29.42 9.30
CA GLY A 95 -6.13 -30.41 8.24
C GLY A 95 -5.16 -31.57 8.39
N GLY A 96 -4.75 -31.88 9.63
CA GLY A 96 -3.94 -33.07 9.87
C GLY A 96 -4.79 -34.24 10.27
N ILE A 97 -4.15 -35.39 10.43
CA ILE A 97 -4.93 -36.55 10.84
C ILE A 97 -5.00 -36.69 12.35
N ALA A 98 -4.04 -36.14 13.07
CA ALA A 98 -4.03 -36.33 14.52
C ALA A 98 -3.05 -35.34 15.12
N ALA A 99 -3.18 -35.11 16.43
CA ALA A 99 -2.31 -34.17 17.11
C ALA A 99 -1.93 -34.72 18.48
N ALA A 100 -0.85 -34.19 19.05
CA ALA A 100 -0.45 -34.50 20.40
C ALA A 100 -0.18 -33.19 21.14
N ALA A 101 -0.80 -33.04 22.31
CA ALA A 101 -0.61 -31.85 23.10
C ALA A 101 0.61 -31.96 23.97
N THR A 102 1.27 -30.83 24.20
CA THR A 102 2.41 -30.78 25.12
C THR A 102 2.21 -29.65 26.12
N SER A 103 3.09 -29.62 27.13
CA SER A 103 2.97 -28.60 28.18
C SER A 103 3.32 -27.19 27.70
N SER A 104 4.01 -27.04 26.58
CA SER A 104 4.31 -25.70 26.06
C SER A 104 4.63 -25.79 24.57
N GLY A 105 4.63 -24.62 23.92
CA GLY A 105 5.11 -24.55 22.55
C GLY A 105 6.55 -25.00 22.42
N GLN A 106 7.39 -24.63 23.41
CA GLN A 106 8.78 -25.09 23.42
C GLN A 106 8.85 -26.62 23.46
N ALA A 107 7.98 -27.25 24.26
CA ALA A 107 7.97 -28.70 24.32
C ALA A 107 7.45 -29.30 23.04
N ALA A 108 6.51 -28.64 22.37
CA ALA A 108 6.06 -29.16 21.08
C ALA A 108 7.23 -29.23 20.10
N GLN A 109 8.05 -28.18 20.05
CA GLN A 109 9.24 -28.19 19.21
C GLN A 109 10.24 -29.24 19.64
N PHE A 110 10.47 -29.37 20.95
CA PHE A 110 11.51 -30.27 21.41
C PHE A 110 11.17 -31.72 21.10
N LEU A 111 9.94 -32.14 21.42
CA LEU A 111 9.55 -33.53 21.21
C LEU A 111 9.59 -33.90 19.73
N THR A 112 9.12 -32.99 18.86
CA THR A 112 9.16 -33.22 17.42
C THR A 112 10.59 -33.48 16.96
N ILE A 113 11.48 -32.53 17.24
CA ILE A 113 12.87 -32.65 16.78
C ILE A 113 13.53 -33.88 17.40
N ALA A 114 13.21 -34.18 18.65
CA ALA A 114 13.84 -35.32 19.30
C ALA A 114 13.36 -36.64 18.73
N THR A 115 12.20 -36.64 18.08
CA THR A 115 11.68 -37.85 17.49
C THR A 115 12.28 -38.07 16.11
N LEU A 116 12.52 -36.99 15.38
CA LEU A 116 13.08 -37.07 14.05
C LEU A 116 14.59 -37.31 14.08
N ALA A 117 15.28 -36.83 15.10
CA ALA A 117 16.75 -36.79 15.10
C ALA A 117 17.29 -37.34 16.41
N LYS A 118 18.55 -37.76 16.36
CA LYS A 118 19.27 -38.22 17.54
C LYS A 118 20.71 -37.78 17.41
N ALA A 119 21.54 -38.12 18.40
CA ALA A 119 22.92 -37.63 18.40
C ALA A 119 23.63 -37.97 17.09
N GLY A 120 24.26 -36.97 16.50
CA GLY A 120 24.90 -37.09 15.20
C GLY A 120 24.10 -36.52 14.05
N ASP A 121 22.80 -36.30 14.24
CA ASP A 121 21.94 -35.75 13.20
C ASP A 121 21.94 -34.23 13.24
N ASN A 122 21.33 -33.63 12.22
CA ASN A 122 21.17 -32.18 12.20
C ASN A 122 19.82 -31.82 11.60
N ILE A 123 19.45 -30.56 11.74
CA ILE A 123 18.28 -30.05 11.06
C ILE A 123 18.67 -28.75 10.39
N VAL A 124 17.96 -28.40 9.33
CA VAL A 124 18.15 -27.15 8.60
C VAL A 124 16.99 -26.24 8.94
N ALA A 125 17.29 -24.99 9.26
CA ALA A 125 16.27 -24.11 9.81
C ALA A 125 16.46 -22.70 9.30
N SER A 126 15.35 -22.00 9.14
CA SER A 126 15.44 -20.58 8.83
C SER A 126 16.12 -19.85 9.99
N SER A 127 16.80 -18.76 9.68
CA SER A 127 17.40 -17.99 10.76
C SER A 127 16.42 -17.02 11.38
N HIS A 128 15.24 -16.86 10.79
CA HIS A 128 14.21 -15.97 11.32
C HIS A 128 13.32 -16.80 12.25
N LEU A 129 13.60 -16.72 13.55
CA LEU A 129 12.90 -17.56 14.52
C LEU A 129 12.59 -16.77 15.79
N TYR A 130 11.55 -17.23 16.49
CA TYR A 130 11.33 -16.81 17.87
C TYR A 130 12.59 -17.09 18.67
N GLY A 131 12.93 -16.19 19.59
CA GLY A 131 14.24 -16.26 20.25
C GLY A 131 14.42 -17.54 21.05
N GLY A 132 13.34 -17.99 21.69
CA GLY A 132 13.41 -19.26 22.42
C GLY A 132 13.68 -20.43 21.49
N THR A 133 13.08 -20.42 20.31
CA THR A 133 13.38 -21.48 19.34
C THR A 133 14.83 -21.47 18.95
N TYR A 134 15.36 -20.28 18.63
CA TYR A 134 16.76 -20.17 18.23
C TYR A 134 17.67 -20.74 19.31
N ASN A 135 17.46 -20.32 20.55
CA ASN A 135 18.33 -20.80 21.61
C ASN A 135 18.20 -22.31 21.79
N GLN A 136 16.99 -22.83 21.64
CA GLN A 136 16.80 -24.28 21.70
C GLN A 136 17.60 -24.99 20.61
N LEU A 137 17.52 -24.50 19.37
CA LEU A 137 18.23 -25.14 18.27
C LEU A 137 19.74 -24.92 18.35
N ASN A 138 20.14 -23.74 18.82
CA ASN A 138 21.54 -23.32 18.76
C ASN A 138 22.34 -23.67 19.99
N VAL A 139 21.69 -23.81 21.17
CA VAL A 139 22.40 -24.05 22.42
C VAL A 139 21.98 -25.38 23.05
N LEU A 140 20.67 -25.61 23.18
CA LEU A 140 20.25 -26.80 23.93
C LEU A 140 20.50 -28.08 23.14
N LEU A 141 19.91 -28.21 21.96
CA LEU A 141 20.00 -29.48 21.23
C LEU A 141 21.44 -29.91 20.93
N PRO A 142 22.37 -29.02 20.59
CA PRO A 142 23.77 -29.46 20.43
C PRO A 142 24.34 -30.19 21.64
N ARG A 143 23.85 -29.94 22.86
CA ARG A 143 24.30 -30.72 23.99
C ARG A 143 23.97 -32.21 23.83
N PHE A 144 22.92 -32.52 23.09
CA PHE A 144 22.53 -33.90 22.83
C PHE A 144 22.98 -34.39 21.46
N GLY A 145 23.96 -33.71 20.86
CA GLY A 145 24.47 -34.11 19.58
C GLY A 145 23.56 -33.82 18.40
N ILE A 146 22.65 -32.86 18.51
CA ILE A 146 21.75 -32.47 17.43
C ILE A 146 22.03 -31.02 17.08
N LYS A 147 22.52 -30.78 15.86
CA LYS A 147 23.01 -29.49 15.40
C LYS A 147 22.00 -28.90 14.42
N THR A 148 22.03 -27.57 14.29
CA THR A 148 21.15 -26.88 13.37
C THR A 148 21.98 -25.99 12.46
N LYS A 149 21.70 -26.05 11.17
CA LYS A 149 22.31 -25.15 10.18
C LYS A 149 21.28 -24.09 9.84
N PHE A 150 21.64 -22.83 10.04
CA PHE A 150 20.70 -21.75 9.86
C PHE A 150 20.86 -21.17 8.46
N VAL A 151 19.74 -20.99 7.77
CA VAL A 151 19.69 -20.39 6.44
C VAL A 151 19.10 -19.00 6.58
N ARG A 152 19.83 -17.99 6.15
CA ARG A 152 19.43 -16.60 6.33
C ARG A 152 18.65 -16.03 5.15
N SER A 153 18.90 -16.52 3.93
CA SER A 153 18.47 -15.82 2.72
C SER A 153 17.00 -16.04 2.39
N GLY A 154 16.41 -17.15 2.83
CA GLY A 154 15.13 -17.57 2.28
C GLY A 154 15.22 -18.21 0.91
N LYS A 155 16.39 -18.22 0.27
CA LYS A 155 16.52 -18.74 -1.08
C LYS A 155 16.46 -20.26 -1.10
N LEU A 156 15.73 -20.82 -2.07
CA LEU A 156 15.58 -22.27 -2.15
C LEU A 156 16.93 -22.98 -2.28
N GLU A 157 17.86 -22.39 -3.05
CA GLU A 157 19.13 -23.04 -3.30
C GLU A 157 19.99 -23.12 -2.05
N ASP A 158 19.83 -22.18 -1.11
CA ASP A 158 20.61 -22.28 0.13
C ASP A 158 20.04 -23.34 1.06
N TYR A 159 18.71 -23.48 1.12
CA TYR A 159 18.11 -24.59 1.85
C TYR A 159 18.60 -25.92 1.27
N ALA A 160 18.62 -26.04 -0.05
CA ALA A 160 19.11 -27.26 -0.68
C ALA A 160 20.58 -27.49 -0.35
N ALA A 161 21.40 -26.44 -0.45
CA ALA A 161 22.83 -26.61 -0.20
C ALA A 161 23.14 -27.00 1.25
N ALA A 162 22.31 -26.56 2.20
CA ALA A 162 22.61 -26.86 3.60
C ALA A 162 22.30 -28.31 3.99
N ILE A 163 21.50 -29.02 3.18
CA ILE A 163 21.13 -30.38 3.54
C ILE A 163 22.31 -31.32 3.32
N ASP A 164 22.49 -32.28 4.23
CA ASP A 164 23.48 -33.35 4.07
C ASP A 164 22.86 -34.67 4.50
N ASP A 165 23.69 -35.72 4.63
CA ASP A 165 23.15 -37.05 4.86
C ASP A 165 22.64 -37.25 6.27
N GLN A 166 23.06 -36.41 7.23
CA GLN A 166 22.57 -36.49 8.60
C GLN A 166 21.38 -35.57 8.85
N THR A 167 20.99 -34.75 7.88
CA THR A 167 19.86 -33.85 8.05
C THR A 167 18.58 -34.64 8.22
N ARG A 168 17.67 -34.13 9.04
CA ARG A 168 16.45 -34.85 9.36
C ARG A 168 15.19 -34.01 9.23
N ALA A 169 15.31 -32.71 8.94
CA ALA A 169 14.13 -31.87 8.75
C ALA A 169 14.58 -30.53 8.22
N ILE A 170 13.65 -29.83 7.57
CA ILE A 170 13.71 -28.38 7.38
C ILE A 170 12.68 -27.74 8.33
N TYR A 171 13.08 -26.68 9.04
CA TYR A 171 12.28 -26.04 10.09
C TYR A 171 12.11 -24.57 9.78
N VAL A 172 10.86 -24.11 9.68
CA VAL A 172 10.59 -22.69 9.43
C VAL A 172 9.37 -22.27 10.23
N GLU A 173 9.23 -20.96 10.45
CA GLU A 173 8.01 -20.40 11.01
C GLU A 173 7.15 -19.89 9.87
N SER A 174 5.82 -20.10 9.98
CA SER A 174 4.94 -19.71 8.89
C SER A 174 4.91 -18.20 8.71
N MET A 175 5.26 -17.47 9.76
CA MET A 175 5.44 -16.03 9.69
C MET A 175 6.42 -15.69 10.81
N SER A 176 7.62 -15.26 10.46
CA SER A 176 8.69 -15.18 11.45
C SER A 176 8.38 -14.11 12.49
N ASN A 177 8.74 -14.43 13.74
CA ASN A 177 8.55 -13.56 14.89
C ASN A 177 9.89 -12.89 15.18
N PRO A 178 10.03 -11.57 15.00
CA PRO A 178 9.04 -10.52 14.78
C PRO A 178 9.23 -9.65 13.53
N ASP A 179 9.76 -10.22 12.44
CA ASP A 179 9.87 -9.50 11.18
C ASP A 179 8.91 -10.00 10.10
N TYR A 180 8.19 -11.09 10.36
CA TYR A 180 7.05 -11.54 9.54
C TYR A 180 7.48 -11.95 8.12
N VAL A 181 8.66 -12.55 8.03
CA VAL A 181 9.04 -13.25 6.80
C VAL A 181 8.04 -14.39 6.59
N VAL A 182 7.40 -14.43 5.43
CA VAL A 182 6.57 -15.55 5.02
C VAL A 182 7.39 -16.42 4.06
N PRO A 183 7.64 -17.68 4.38
CA PRO A 183 8.49 -18.51 3.52
C PRO A 183 7.73 -19.02 2.30
N ASP A 184 8.52 -19.47 1.33
CA ASP A 184 8.03 -20.16 0.13
C ASP A 184 7.72 -21.60 0.52
N PHE A 185 6.52 -21.80 1.10
CA PHE A 185 6.16 -23.10 1.65
C PHE A 185 6.33 -24.22 0.63
N GLU A 186 5.74 -24.03 -0.56
CA GLU A 186 5.73 -25.07 -1.59
C GLU A 186 7.11 -25.33 -2.15
N GLY A 187 7.88 -24.29 -2.40
CA GLY A 187 9.25 -24.49 -2.85
C GLY A 187 10.10 -25.20 -1.81
N ILE A 188 9.96 -24.81 -0.54
CA ILE A 188 10.78 -25.41 0.51
C ILE A 188 10.35 -26.84 0.76
N ALA A 189 9.05 -27.10 0.71
CA ALA A 189 8.56 -28.46 0.88
C ALA A 189 9.05 -29.39 -0.22
N LYS A 190 9.13 -28.88 -1.46
CA LYS A 190 9.61 -29.70 -2.57
C LYS A 190 11.07 -30.08 -2.36
N ILE A 191 11.89 -29.11 -1.96
CA ILE A 191 13.29 -29.39 -1.61
C ILE A 191 13.38 -30.41 -0.49
N ALA A 192 12.61 -30.23 0.58
CA ALA A 192 12.66 -31.20 1.67
C ALA A 192 12.29 -32.59 1.15
N HIS A 193 11.16 -32.69 0.44
CA HIS A 193 10.66 -33.97 -0.02
C HIS A 193 11.59 -34.63 -1.03
N GLU A 194 12.26 -33.84 -1.87
CA GLU A 194 13.22 -34.45 -2.78
C GLU A 194 14.45 -34.94 -2.02
N HIS A 195 14.80 -34.33 -0.89
CA HIS A 195 15.89 -34.85 -0.09
C HIS A 195 15.45 -35.92 0.89
N GLY A 196 14.19 -36.32 0.88
CA GLY A 196 13.74 -37.37 1.78
C GLY A 196 13.53 -36.97 3.24
N ILE A 197 13.29 -35.69 3.51
CA ILE A 197 13.06 -35.19 4.87
C ILE A 197 11.75 -34.41 4.98
N PRO A 198 11.11 -34.41 6.15
CA PRO A 198 9.86 -33.66 6.30
C PRO A 198 10.09 -32.16 6.43
N LEU A 199 9.06 -31.41 6.12
CA LEU A 199 9.03 -29.98 6.41
C LEU A 199 8.24 -29.79 7.70
N VAL A 200 8.87 -29.18 8.71
CA VAL A 200 8.25 -28.86 9.99
C VAL A 200 8.02 -27.37 10.02
N VAL A 201 6.78 -26.96 10.23
CA VAL A 201 6.43 -25.56 10.26
C VAL A 201 5.89 -25.20 11.63
N ASP A 202 6.45 -24.15 12.21
CA ASP A 202 5.88 -23.55 13.41
C ASP A 202 4.81 -22.55 12.94
N ASN A 203 3.54 -22.91 13.12
CA ASN A 203 2.45 -22.08 12.61
C ASN A 203 1.82 -21.21 13.71
N THR A 204 2.54 -20.97 14.79
CA THR A 204 2.03 -20.15 15.90
C THR A 204 1.39 -18.86 15.40
N LEU A 205 2.13 -18.08 14.60
CA LEU A 205 1.58 -16.80 14.15
C LEU A 205 0.53 -16.94 13.06
N GLY A 206 0.26 -18.17 12.59
CA GLY A 206 -0.87 -18.41 11.70
C GLY A 206 -2.19 -18.64 12.41
N ALA A 207 -2.19 -18.60 13.75
CA ALA A 207 -3.41 -18.62 14.56
C ALA A 207 -4.25 -19.88 14.32
N GLY A 208 -3.63 -21.02 14.59
CA GLY A 208 -4.37 -22.27 14.58
C GLY A 208 -4.89 -22.65 13.21
N GLY A 209 -4.26 -22.16 12.15
CA GLY A 209 -4.71 -22.49 10.82
C GLY A 209 -5.67 -21.49 10.22
N TYR A 210 -6.04 -20.44 10.94
CA TYR A 210 -6.97 -19.47 10.35
C TYR A 210 -6.28 -18.61 9.31
N TYR A 211 -5.10 -18.04 9.65
CA TYR A 211 -4.40 -17.18 8.69
C TYR A 211 -3.64 -17.99 7.65
N ILE A 212 -3.00 -19.08 8.06
CA ILE A 212 -2.08 -19.83 7.21
C ILE A 212 -2.31 -21.31 7.51
N ARG A 213 -2.33 -22.13 6.48
CA ARG A 213 -2.61 -23.55 6.65
C ARG A 213 -1.48 -24.32 5.98
N PRO A 214 -0.37 -24.52 6.68
CA PRO A 214 0.84 -25.07 6.01
C PRO A 214 0.67 -26.48 5.46
N ILE A 215 -0.18 -27.32 6.04
CA ILE A 215 -0.35 -28.68 5.52
C ILE A 215 -0.90 -28.68 4.10
N GLU A 216 -1.67 -27.65 3.73
CA GLU A 216 -2.17 -27.51 2.37
C GLU A 216 -1.09 -27.08 1.40
N HIS A 217 0.10 -26.73 1.89
CA HIS A 217 1.17 -26.23 1.04
C HIS A 217 2.46 -27.00 1.26
N GLY A 218 2.34 -28.25 1.71
CA GLY A 218 3.45 -29.18 1.72
C GLY A 218 4.05 -29.48 3.07
N ALA A 219 3.61 -28.81 4.15
CA ALA A 219 4.17 -29.09 5.47
C ALA A 219 3.76 -30.48 5.94
N ASP A 220 4.73 -31.21 6.50
CA ASP A 220 4.46 -32.56 6.99
C ASP A 220 4.08 -32.60 8.47
N ILE A 221 4.66 -31.71 9.26
CA ILE A 221 4.38 -31.59 10.69
C ILE A 221 4.23 -30.12 11.00
N VAL A 222 3.24 -29.77 11.82
CA VAL A 222 2.98 -28.39 12.22
C VAL A 222 3.01 -28.32 13.75
N VAL A 223 3.78 -27.37 14.28
CA VAL A 223 3.82 -27.17 15.74
C VAL A 223 3.26 -25.79 16.06
N HIS A 224 2.64 -25.69 17.24
CA HIS A 224 2.02 -24.46 17.71
C HIS A 224 2.40 -24.22 19.15
N SER A 225 2.64 -22.96 19.48
CA SER A 225 2.46 -22.49 20.85
C SER A 225 0.96 -22.21 21.00
N ALA A 226 0.23 -23.13 21.63
CA ALA A 226 -1.17 -22.83 21.90
C ALA A 226 -1.33 -21.71 22.91
N THR A 227 -0.24 -21.30 23.57
CA THR A 227 -0.26 -20.19 24.52
C THR A 227 -0.76 -18.91 23.88
N LYS A 228 -0.60 -18.76 22.56
CA LYS A 228 -0.91 -17.51 21.88
C LYS A 228 -2.35 -17.48 21.39
N TRP A 229 -2.54 -17.25 20.06
CA TRP A 229 -3.89 -17.01 19.53
C TRP A 229 -4.83 -18.18 19.80
N ILE A 230 -4.34 -19.41 19.73
CA ILE A 230 -5.20 -20.57 19.99
C ILE A 230 -5.87 -20.43 21.36
N GLY A 231 -5.07 -20.20 22.40
CA GLY A 231 -5.66 -19.94 23.71
C GLY A 231 -6.39 -18.62 23.77
N GLY A 232 -5.73 -17.54 23.30
CA GLY A 232 -6.39 -16.28 23.01
C GLY A 232 -6.58 -15.31 24.17
N HIS A 233 -6.40 -15.75 25.41
CA HIS A 233 -6.76 -14.93 26.56
C HIS A 233 -5.61 -14.82 27.55
N GLY A 234 -4.43 -15.31 27.17
CA GLY A 234 -3.27 -15.21 28.01
C GLY A 234 -3.38 -15.89 29.36
N THR A 235 -4.21 -16.92 29.48
CA THR A 235 -4.33 -17.56 30.79
C THR A 235 -3.45 -18.79 30.96
N THR A 236 -2.88 -19.34 29.88
CA THR A 236 -2.47 -20.75 29.88
C THR A 236 -1.32 -21.03 28.93
N ILE A 237 -0.30 -21.74 29.43
CA ILE A 237 0.79 -22.26 28.62
C ILE A 237 0.35 -23.59 28.02
N GLY A 238 0.66 -23.82 26.75
CA GLY A 238 0.47 -25.15 26.15
C GLY A 238 1.01 -25.16 24.73
N GLY A 239 1.28 -26.38 24.24
CA GLY A 239 1.68 -26.57 22.87
C GLY A 239 0.94 -27.75 22.24
N VAL A 240 1.11 -27.88 20.92
CA VAL A 240 0.46 -28.97 20.21
C VAL A 240 1.25 -29.28 18.95
N ILE A 241 1.33 -30.58 18.63
CA ILE A 241 2.04 -31.09 17.45
C ILE A 241 0.99 -31.73 16.55
N VAL A 242 0.94 -31.30 15.29
CA VAL A 242 -0.04 -31.78 14.32
C VAL A 242 0.68 -32.58 13.24
N ASP A 243 0.23 -33.82 13.04
CA ASP A 243 0.77 -34.72 12.02
C ASP A 243 -0.11 -34.66 10.77
N SER A 244 0.49 -34.36 9.62
CA SER A 244 -0.30 -34.34 8.40
C SER A 244 -0.73 -35.74 7.97
N GLY A 245 0.02 -36.76 8.39
CA GLY A 245 -0.15 -38.09 7.86
C GLY A 245 0.43 -38.31 6.48
N ARG A 246 1.05 -37.30 5.88
CA ARG A 246 1.42 -37.35 4.47
C ARG A 246 2.88 -37.73 4.23
N PHE A 247 3.74 -37.71 5.23
CA PHE A 247 5.13 -38.08 4.98
C PHE A 247 5.27 -39.60 5.04
N ASN A 248 5.85 -40.19 3.99
CA ASN A 248 5.93 -41.64 3.90
C ASN A 248 7.23 -42.11 4.56
N TRP A 249 7.14 -42.55 5.82
CA TRP A 249 8.35 -42.91 6.56
C TRP A 249 8.99 -44.16 5.96
N ASN A 250 8.20 -45.05 5.39
CA ASN A 250 8.76 -46.26 4.80
C ASN A 250 9.64 -45.91 3.60
N LYS A 251 9.14 -45.06 2.70
CA LYS A 251 9.90 -44.67 1.52
C LYS A 251 11.19 -43.94 1.90
N HIS A 252 11.21 -43.26 3.04
CA HIS A 252 12.40 -42.52 3.45
C HIS A 252 13.02 -43.12 4.70
N SER A 253 12.90 -44.45 4.85
CA SER A 253 13.37 -45.13 6.05
C SER A 253 14.89 -45.13 6.17
N ASP A 254 15.63 -44.78 5.13
CA ASP A 254 17.07 -44.74 5.27
C ASP A 254 17.51 -43.58 6.15
N ARG A 255 16.73 -42.50 6.15
CA ARG A 255 16.96 -41.42 7.09
C ARG A 255 16.21 -41.61 8.40
N PHE A 256 15.18 -42.49 8.44
CA PHE A 256 14.34 -42.65 9.63
C PHE A 256 14.07 -44.13 9.92
N PRO A 257 15.13 -44.91 10.17
CA PRO A 257 14.91 -46.34 10.42
C PRO A 257 14.05 -46.62 11.64
N GLU A 258 14.03 -45.73 12.64
CA GLU A 258 13.23 -46.00 13.83
C GLU A 258 11.74 -46.02 13.52
N MET A 259 11.32 -45.42 12.41
CA MET A 259 9.92 -45.43 12.03
C MET A 259 9.45 -46.78 11.50
N VAL A 260 10.36 -47.66 11.05
CA VAL A 260 9.94 -48.92 10.43
C VAL A 260 10.59 -50.13 11.11
N GLU A 261 11.78 -49.96 11.67
CA GLU A 261 12.51 -51.08 12.25
C GLU A 261 11.94 -51.47 13.62
N PRO A 262 12.19 -52.71 14.06
CA PRO A 262 11.65 -53.18 15.35
C PRO A 262 12.06 -52.27 16.51
N SER A 263 11.08 -51.90 17.34
CA SER A 263 11.27 -50.88 18.37
C SER A 263 11.84 -51.50 19.65
N PRO A 264 12.98 -51.00 20.15
CA PRO A 264 13.44 -51.43 21.49
C PRO A 264 12.48 -51.09 22.60
N SER A 265 11.61 -50.09 22.42
CA SER A 265 10.69 -49.73 23.50
C SER A 265 9.54 -50.72 23.65
N TYR A 266 9.13 -51.38 22.58
CA TYR A 266 7.92 -52.18 22.61
C TYR A 266 8.13 -53.53 21.95
N HIS A 267 9.15 -54.25 22.42
CA HIS A 267 9.39 -55.63 22.05
C HIS A 267 9.26 -55.87 20.55
N GLY A 268 10.06 -55.12 19.78
CA GLY A 268 10.11 -55.31 18.34
C GLY A 268 8.93 -54.80 17.56
N LEU A 269 8.01 -54.06 18.19
CA LEU A 269 6.96 -53.41 17.44
C LEU A 269 7.55 -52.61 16.28
N LYS A 270 6.90 -52.70 15.13
CA LYS A 270 7.25 -51.90 13.96
C LYS A 270 6.15 -50.87 13.75
N TYR A 271 6.49 -49.59 13.89
CA TYR A 271 5.49 -48.53 13.91
C TYR A 271 4.79 -48.39 12.57
N TRP A 272 5.55 -48.33 11.47
CA TRP A 272 4.93 -48.11 10.17
C TRP A 272 3.94 -49.22 9.85
N GLU A 273 4.38 -50.47 10.02
CA GLU A 273 3.53 -51.62 9.75
C GLU A 273 2.27 -51.60 10.60
N ALA A 274 2.36 -51.12 11.83
CA ALA A 274 1.19 -51.13 12.71
C ALA A 274 0.31 -49.89 12.56
N PHE A 275 0.89 -48.72 12.29
CA PHE A 275 0.16 -47.45 12.35
C PHE A 275 0.13 -46.66 11.06
N GLY A 276 1.00 -46.98 10.09
CA GLY A 276 0.98 -46.34 8.79
C GLY A 276 1.17 -44.83 8.83
N PRO A 277 0.21 -44.11 8.26
CA PRO A 277 0.31 -42.64 8.24
C PRO A 277 0.29 -42.00 9.62
N ALA A 278 -0.15 -42.69 10.67
CA ALA A 278 -0.15 -42.17 12.02
C ALA A 278 1.14 -42.49 12.77
N THR A 279 2.20 -42.85 12.06
CA THR A 279 3.40 -43.39 12.72
C THR A 279 4.10 -42.33 13.57
N PHE A 280 4.32 -41.14 13.00
CA PHE A 280 5.04 -40.12 13.75
C PHE A 280 4.30 -39.71 15.03
N ILE A 281 3.01 -39.37 14.91
CA ILE A 281 2.29 -38.89 16.07
C ILE A 281 2.08 -40.01 17.11
N THR A 282 2.01 -41.27 16.66
CA THR A 282 1.96 -42.37 17.62
C THR A 282 3.26 -42.49 18.41
N ARG A 283 4.40 -42.32 17.73
CA ARG A 283 5.69 -42.35 18.44
C ARG A 283 5.81 -41.19 19.42
N ILE A 284 5.39 -39.99 19.00
CA ILE A 284 5.35 -38.84 19.90
C ILE A 284 4.67 -39.22 21.21
N ARG A 285 3.55 -39.95 21.12
CA ARG A 285 2.80 -40.26 22.31
C ARG A 285 3.41 -41.44 23.08
N VAL A 286 3.61 -42.58 22.43
CA VAL A 286 4.01 -43.76 23.19
C VAL A 286 5.50 -43.79 23.52
N GLU A 287 6.32 -42.97 22.87
CA GLU A 287 7.72 -42.87 23.26
C GLU A 287 8.04 -41.57 23.97
N MET A 288 7.69 -40.44 23.37
CA MET A 288 8.24 -39.17 23.81
C MET A 288 7.46 -38.58 24.98
N LEU A 289 6.13 -38.54 24.90
CA LEU A 289 5.34 -38.10 26.05
C LEU A 289 5.49 -39.10 27.19
N ARG A 290 5.55 -40.38 26.86
CA ARG A 290 5.71 -41.39 27.90
C ARG A 290 7.03 -41.25 28.65
N ASP A 291 8.12 -40.90 27.94
CA ASP A 291 9.44 -40.88 28.57
C ASP A 291 9.99 -39.49 28.84
N ILE A 292 9.63 -38.47 28.07
CA ILE A 292 10.04 -37.13 28.47
C ILE A 292 8.99 -36.51 29.40
N GLY A 293 7.71 -36.81 29.20
CA GLY A 293 6.69 -36.43 30.16
C GLY A 293 6.26 -34.99 30.12
N ALA A 294 6.39 -34.31 28.98
CA ALA A 294 5.94 -32.92 28.85
C ALA A 294 4.45 -32.89 28.47
N CYS A 295 3.62 -33.35 29.39
CA CYS A 295 2.19 -33.50 29.11
C CYS A 295 1.39 -32.25 29.48
N LEU A 296 0.24 -32.09 28.82
CA LEU A 296 -0.68 -30.99 29.07
C LEU A 296 -1.75 -31.36 30.11
N SER A 297 -1.96 -30.47 31.07
CA SER A 297 -3.01 -30.60 32.08
C SER A 297 -4.41 -30.55 31.45
N PRO A 298 -5.36 -31.33 31.97
CA PRO A 298 -6.75 -31.17 31.47
C PRO A 298 -7.38 -29.83 31.85
N PHE A 299 -6.94 -29.18 32.93
CA PHE A 299 -7.41 -27.82 33.20
C PHE A 299 -6.93 -26.85 32.14
N SER A 300 -5.67 -27.01 31.71
CA SER A 300 -5.13 -26.19 30.63
C SER A 300 -5.87 -26.46 29.32
N ALA A 301 -6.08 -27.74 28.99
CA ALA A 301 -6.82 -28.06 27.77
C ALA A 301 -8.19 -27.39 27.76
N GLN A 302 -8.89 -27.39 28.89
CA GLN A 302 -10.21 -26.78 28.91
C GLN A 302 -10.16 -25.27 28.67
N GLN A 303 -9.14 -24.57 29.23
CA GLN A 303 -8.97 -23.15 28.93
C GLN A 303 -8.68 -22.91 27.45
N LEU A 304 -7.84 -23.76 26.86
CA LEU A 304 -7.54 -23.62 25.44
C LEU A 304 -8.77 -23.89 24.58
N LEU A 305 -9.60 -24.86 25.00
CA LEU A 305 -10.85 -25.15 24.28
C LEU A 305 -11.79 -23.94 24.27
N LEU A 306 -11.86 -23.19 25.37
CA LEU A 306 -12.74 -22.02 25.39
C LEU A 306 -12.24 -20.97 24.42
N GLY A 307 -10.91 -20.84 24.31
CA GLY A 307 -10.36 -19.92 23.32
C GLY A 307 -10.59 -20.39 21.90
N ILE A 308 -10.43 -21.70 21.65
CA ILE A 308 -10.61 -22.22 20.30
C ILE A 308 -12.04 -21.98 19.81
N GLU A 309 -13.03 -22.06 20.72
CA GLU A 309 -14.43 -21.82 20.35
C GLU A 309 -14.65 -20.47 19.67
N THR A 310 -13.74 -19.48 19.84
CA THR A 310 -13.88 -18.19 19.16
C THR A 310 -12.67 -17.86 18.29
N LEU A 311 -11.85 -18.85 17.93
CA LEU A 311 -10.58 -18.56 17.28
C LEU A 311 -10.77 -17.77 15.98
N GLY A 312 -11.70 -18.20 15.11
CA GLY A 312 -11.90 -17.50 13.86
C GLY A 312 -12.39 -16.07 14.04
N LEU A 313 -13.33 -15.86 14.97
CA LEU A 313 -13.84 -14.51 15.26
C LEU A 313 -12.73 -13.60 15.75
N ARG A 314 -11.93 -14.08 16.71
CA ARG A 314 -10.83 -13.28 17.22
C ARG A 314 -9.79 -13.01 16.13
N ALA A 315 -9.35 -14.06 15.42
CA ALA A 315 -8.35 -13.86 14.37
C ALA A 315 -8.85 -12.90 13.28
N GLU A 316 -10.14 -12.95 12.97
CA GLU A 316 -10.72 -12.02 12.00
C GLU A 316 -10.65 -10.58 12.50
N ARG A 317 -11.01 -10.34 13.77
CA ARG A 317 -10.96 -8.98 14.26
C ARG A 317 -9.52 -8.52 14.43
N HIS A 318 -8.64 -9.41 14.93
CA HIS A 318 -7.22 -9.08 15.04
C HIS A 318 -6.68 -8.53 13.73
N ALA A 319 -6.94 -9.24 12.62
CA ALA A 319 -6.36 -8.85 11.35
C ALA A 319 -6.97 -7.57 10.83
N GLN A 320 -8.23 -7.32 11.13
CA GLN A 320 -8.87 -6.09 10.71
C GLN A 320 -8.23 -4.90 11.44
N ASN A 321 -8.06 -5.06 12.76
CA ASN A 321 -7.42 -4.05 13.58
C ASN A 321 -5.99 -3.84 13.14
N THR A 322 -5.29 -4.92 12.76
CA THR A 322 -3.89 -4.77 12.39
C THR A 322 -3.77 -4.00 11.08
N GLU A 323 -4.67 -4.26 10.14
CA GLU A 323 -4.68 -3.53 8.89
C GLU A 323 -4.90 -2.03 9.13
N LYS A 324 -5.94 -1.69 9.89
CA LYS A 324 -6.24 -0.27 10.13
C LYS A 324 -5.10 0.40 10.87
N LEU A 325 -4.51 -0.29 11.85
CA LEU A 325 -3.42 0.28 12.62
C LEU A 325 -2.15 0.50 11.79
N SER A 326 -1.87 -0.37 10.81
CA SER A 326 -0.73 -0.11 9.94
C SER A 326 -0.97 1.13 9.09
N LYS A 327 -2.20 1.36 8.64
CA LYS A 327 -2.51 2.60 7.93
C LYS A 327 -2.21 3.82 8.78
N TYR A 328 -2.66 3.80 10.05
CA TYR A 328 -2.41 4.94 10.92
C TYR A 328 -0.92 5.16 11.15
N PHE A 329 -0.16 4.08 11.31
CA PHE A 329 1.28 4.22 11.54
C PHE A 329 1.99 4.73 10.29
N GLU A 330 1.57 4.28 9.10
CA GLU A 330 2.21 4.69 7.87
C GLU A 330 2.17 6.20 7.70
N SER A 331 1.02 6.82 7.98
CA SER A 331 0.83 8.25 7.83
C SER A 331 1.19 9.04 9.08
N SER A 332 1.88 8.42 10.04
CA SER A 332 2.22 9.16 11.26
C SER A 332 3.58 9.84 11.11
N PRO A 333 3.69 11.13 11.44
CA PRO A 333 4.99 11.80 11.37
C PRO A 333 6.02 11.26 12.35
N ASN A 334 5.60 10.49 13.36
CA ASN A 334 6.52 10.03 14.39
C ASN A 334 7.07 8.63 14.13
N VAL A 335 6.59 7.98 13.08
CA VAL A 335 6.94 6.58 12.78
C VAL A 335 7.95 6.56 11.65
N SER A 336 9.11 5.94 11.90
CA SER A 336 10.14 5.85 10.88
C SER A 336 9.79 4.82 9.81
N TRP A 337 9.47 3.59 10.24
CA TRP A 337 9.09 2.51 9.35
C TRP A 337 8.01 1.64 10.00
N VAL A 338 7.31 0.90 9.15
CA VAL A 338 6.26 -0.03 9.57
C VAL A 338 6.50 -1.36 8.86
N LEU A 339 6.60 -2.44 9.65
CA LEU A 339 6.78 -3.78 9.13
C LEU A 339 5.47 -4.53 9.31
N TRP A 340 4.79 -4.83 8.19
CA TRP A 340 3.50 -5.48 8.21
C TRP A 340 3.47 -6.38 6.99
N PRO A 341 3.20 -7.67 7.16
CA PRO A 341 3.27 -8.60 6.02
C PRO A 341 2.37 -8.27 4.86
N GLY A 342 1.25 -7.58 5.10
CA GLY A 342 0.33 -7.21 4.02
C GLY A 342 0.78 -6.05 3.16
N SER A 343 1.88 -5.38 3.52
CA SER A 343 2.34 -4.19 2.81
C SER A 343 2.99 -4.56 1.49
N GLU A 344 2.76 -3.78 0.45
CA GLU A 344 3.39 -4.21 -0.80
C GLU A 344 4.87 -3.93 -0.86
N SER A 345 5.39 -3.12 0.05
CA SER A 345 6.83 -3.00 0.20
C SER A 345 7.44 -4.07 1.11
N HIS A 346 6.65 -4.99 1.66
CA HIS A 346 7.23 -6.02 2.52
C HIS A 346 8.13 -6.94 1.69
N PRO A 347 9.31 -7.29 2.20
CA PRO A 347 10.26 -8.05 1.38
C PRO A 347 9.73 -9.38 0.85
N THR A 348 8.76 -10.01 1.55
CA THR A 348 8.19 -11.27 1.10
C THR A 348 6.71 -11.14 0.79
N TYR A 349 6.30 -9.95 0.32
CA TYR A 349 4.90 -9.70 -0.02
C TYR A 349 4.35 -10.72 -1.03
N SER A 350 5.17 -11.14 -1.98
CA SER A 350 4.67 -12.10 -2.97
C SER A 350 4.31 -13.43 -2.31
N GLN A 351 5.11 -13.87 -1.33
CA GLN A 351 4.72 -15.06 -0.58
C GLN A 351 3.50 -14.78 0.30
N ALA A 352 3.46 -13.62 0.95
CA ALA A 352 2.31 -13.27 1.78
C ALA A 352 1.03 -13.24 0.95
N LYS A 353 1.09 -12.61 -0.22
CA LYS A 353 -0.10 -12.52 -1.07
C LYS A 353 -0.59 -13.92 -1.48
N LYS A 354 0.34 -14.84 -1.73
CA LYS A 354 -0.06 -16.17 -2.17
C LYS A 354 -0.65 -16.99 -1.02
N TYR A 355 -0.10 -16.87 0.18
CA TYR A 355 -0.42 -17.80 1.25
C TYR A 355 -1.38 -17.24 2.30
N LEU A 356 -1.50 -15.93 2.42
CA LEU A 356 -2.35 -15.29 3.42
C LEU A 356 -3.53 -14.66 2.69
N THR A 357 -4.63 -15.41 2.60
CA THR A 357 -5.81 -14.97 1.87
C THR A 357 -6.99 -14.71 2.78
N ARG A 358 -6.80 -14.81 4.09
CA ARG A 358 -7.85 -14.59 5.09
C ARG A 358 -7.37 -13.61 6.15
N GLY A 359 -6.57 -12.63 5.76
CA GLY A 359 -6.01 -11.66 6.69
C GLY A 359 -4.51 -11.79 6.87
N PHE A 360 -3.83 -10.66 6.90
CA PHE A 360 -2.36 -10.65 6.96
C PHE A 360 -1.82 -10.65 8.40
N GLY A 361 -2.38 -11.50 9.26
CA GLY A 361 -1.79 -11.68 10.59
C GLY A 361 -2.30 -10.69 11.60
N ALA A 362 -1.82 -10.85 12.84
CA ALA A 362 -2.27 -10.02 13.96
C ALA A 362 -1.16 -9.13 14.50
N MET A 363 -0.07 -9.00 13.77
CA MET A 363 1.17 -8.44 14.29
C MET A 363 1.65 -7.34 13.36
N LEU A 364 2.33 -6.35 13.93
CA LEU A 364 3.18 -5.47 13.16
C LEU A 364 4.33 -5.00 14.05
N SER A 365 5.41 -4.59 13.41
CA SER A 365 6.51 -3.93 14.10
C SER A 365 6.69 -2.54 13.51
N ILE A 366 7.31 -1.66 14.30
CA ILE A 366 7.55 -0.28 13.91
C ILE A 366 8.86 0.19 14.50
N GLY A 367 9.42 1.21 13.88
CA GLY A 367 10.49 2.01 14.47
C GLY A 367 9.99 3.44 14.57
N VAL A 368 10.33 4.10 15.65
CA VAL A 368 9.88 5.47 15.87
C VAL A 368 11.07 6.41 15.74
N LYS A 369 10.76 7.69 15.58
CA LYS A 369 11.77 8.73 15.35
C LYS A 369 12.38 9.20 16.66
N GLY A 370 13.64 9.65 16.57
CA GLY A 370 14.35 10.30 17.67
C GLY A 370 15.54 9.49 18.13
N ASP A 371 16.00 9.80 19.35
CA ASP A 371 17.19 9.18 19.88
C ASP A 371 16.92 7.72 20.27
N ALA A 372 17.95 7.05 20.81
CA ALA A 372 17.84 5.63 21.14
C ALA A 372 16.80 5.33 22.22
N SER A 373 16.30 6.35 22.93
CA SER A 373 15.36 6.14 24.02
C SER A 373 13.92 6.45 23.63
N ALA A 374 13.67 6.75 22.35
CA ALA A 374 12.30 7.09 21.95
C ALA A 374 11.40 5.87 21.95
N GLY A 375 11.94 4.71 21.60
CA GLY A 375 11.12 3.50 21.59
C GLY A 375 10.55 3.15 22.95
N SER A 376 11.38 3.27 24.00
CA SER A 376 10.90 3.03 25.35
C SER A 376 9.93 4.09 25.81
N LYS A 377 10.16 5.35 25.44
CA LYS A 377 9.25 6.40 25.91
C LYS A 377 7.86 6.20 25.32
N VAL A 378 7.75 5.72 24.09
CA VAL A 378 6.45 5.52 23.49
C VAL A 378 5.73 4.33 24.14
N VAL A 379 6.45 3.24 24.37
CA VAL A 379 5.84 2.08 25.02
C VAL A 379 5.43 2.42 26.45
N ASP A 380 6.36 2.99 27.22
CA ASP A 380 6.09 3.32 28.62
C ASP A 380 4.93 4.30 28.76
N GLY A 381 4.65 5.11 27.75
CA GLY A 381 3.52 6.02 27.80
C GLY A 381 2.18 5.40 27.46
N LEU A 382 2.17 4.20 26.89
CA LEU A 382 0.92 3.52 26.57
C LEU A 382 0.14 3.22 27.85
N LYS A 383 -1.18 3.42 27.79
CA LYS A 383 -2.03 3.18 28.94
C LYS A 383 -3.05 2.09 28.72
N LEU A 384 -3.37 1.74 27.48
CA LEU A 384 -4.24 0.62 27.13
C LEU A 384 -3.44 -0.60 26.69
N VAL A 385 -2.51 -0.42 25.75
CA VAL A 385 -1.60 -1.48 25.36
C VAL A 385 -0.73 -1.86 26.55
N SER A 386 -0.44 -3.15 26.69
CA SER A 386 0.32 -3.66 27.83
C SER A 386 1.73 -4.00 27.38
N ASN A 387 2.70 -3.77 28.27
CA ASN A 387 4.10 -4.04 27.97
C ASN A 387 4.48 -5.35 28.67
N LEU A 388 4.59 -6.43 27.90
CA LEU A 388 4.87 -7.74 28.49
C LEU A 388 5.33 -8.69 27.39
N ALA A 389 5.69 -9.92 27.80
CA ALA A 389 6.18 -10.99 26.92
C ALA A 389 5.04 -11.95 26.62
N ASN A 390 4.45 -11.81 25.44
CA ASN A 390 3.37 -12.67 24.95
C ASN A 390 2.93 -12.08 23.63
N VAL A 391 2.25 -12.90 22.83
CA VAL A 391 1.59 -12.45 21.62
C VAL A 391 0.29 -13.21 21.56
N GLY A 392 -0.66 -12.66 20.81
CA GLY A 392 -1.89 -13.41 20.65
C GLY A 392 -2.83 -13.38 21.84
N ASP A 393 -2.63 -12.47 22.79
CA ASP A 393 -3.68 -12.17 23.73
C ASP A 393 -4.79 -11.38 23.02
N ALA A 394 -5.98 -11.43 23.58
CA ALA A 394 -7.01 -10.55 23.03
C ALA A 394 -6.71 -9.09 23.38
N LYS A 395 -6.04 -8.85 24.52
CA LYS A 395 -5.53 -7.52 24.85
C LYS A 395 -4.34 -7.17 23.95
N SER A 396 -4.24 -5.89 23.59
CA SER A 396 -3.09 -5.41 22.82
C SER A 396 -1.81 -5.38 23.66
N LEU A 397 -0.70 -5.78 23.03
CA LEU A 397 0.59 -5.88 23.71
C LEU A 397 1.69 -5.21 22.88
N ALA A 398 2.77 -4.82 23.56
CA ALA A 398 3.97 -4.32 22.90
C ALA A 398 5.19 -4.72 23.72
N ILE A 399 6.32 -4.89 23.04
CA ILE A 399 7.58 -5.27 23.70
C ILE A 399 8.72 -4.93 22.75
N HIS A 400 9.94 -4.81 23.31
CA HIS A 400 11.19 -4.55 22.60
C HIS A 400 11.97 -5.87 22.52
N PRO A 401 11.86 -6.61 21.41
CA PRO A 401 12.40 -7.97 21.38
C PRO A 401 13.92 -8.04 21.49
N TRP A 402 14.64 -6.96 21.13
CA TRP A 402 16.10 -6.94 21.22
C TRP A 402 16.58 -7.19 22.64
N SER A 403 15.85 -6.66 23.62
CA SER A 403 16.20 -6.80 25.04
C SER A 403 15.40 -7.89 25.74
N THR A 404 14.49 -8.58 25.05
CA THR A 404 13.60 -9.52 25.72
C THR A 404 13.54 -10.89 25.03
N THR A 405 12.56 -11.08 24.15
CA THR A 405 12.34 -12.39 23.53
C THR A 405 13.57 -12.91 22.77
N HIS A 406 14.38 -12.00 22.21
CA HIS A 406 15.58 -12.39 21.48
C HIS A 406 16.86 -11.99 22.21
N GLU A 407 16.75 -11.65 23.51
CA GLU A 407 17.92 -11.16 24.25
C GLU A 407 19.05 -12.18 24.28
N GLN A 408 18.73 -13.47 24.32
CA GLN A 408 19.77 -14.49 24.41
C GLN A 408 20.66 -14.56 23.18
N LEU A 409 20.23 -14.04 22.04
CA LEU A 409 21.06 -14.18 20.86
C LEU A 409 22.16 -13.10 20.88
N SER A 410 23.25 -13.37 20.17
CA SER A 410 24.21 -12.30 19.91
C SER A 410 23.59 -11.22 19.02
N GLU A 411 24.23 -10.06 18.98
CA GLU A 411 23.69 -8.98 18.15
C GLU A 411 23.65 -9.39 16.68
N ASP A 412 24.63 -10.16 16.22
CA ASP A 412 24.61 -10.59 14.82
C ASP A 412 23.45 -11.56 14.56
N GLU A 413 23.22 -12.51 15.47
CA GLU A 413 22.11 -13.44 15.29
C GLU A 413 20.76 -12.73 15.34
N ARG A 414 20.64 -11.69 16.18
CA ARG A 414 19.42 -10.89 16.18
C ARG A 414 19.20 -10.23 14.82
N LEU A 415 20.24 -9.58 14.27
CA LEU A 415 20.04 -8.90 13.00
C LEU A 415 19.70 -9.91 11.91
N ALA A 416 20.39 -11.06 11.92
CA ALA A 416 20.09 -12.13 10.99
C ALA A 416 18.67 -12.66 11.12
N SER A 417 17.99 -12.34 12.22
CA SER A 417 16.59 -12.71 12.40
C SER A 417 15.65 -11.54 12.17
N GLY A 418 16.15 -10.45 11.60
CA GLY A 418 15.31 -9.28 11.40
C GLY A 418 14.96 -8.52 12.65
N VAL A 419 15.66 -8.75 13.76
CA VAL A 419 15.43 -8.02 15.00
C VAL A 419 16.42 -6.88 15.06
N THR A 420 15.92 -5.64 15.03
CA THR A 420 16.77 -4.46 15.17
C THR A 420 16.59 -3.83 16.54
N GLU A 421 17.49 -2.92 16.88
CA GLU A 421 17.51 -2.35 18.23
C GLU A 421 16.44 -1.29 18.43
N ASP A 422 15.88 -0.73 17.35
CA ASP A 422 14.82 0.27 17.44
C ASP A 422 13.42 -0.32 17.20
N MET A 423 13.29 -1.64 17.13
CA MET A 423 12.03 -2.28 16.74
C MET A 423 11.10 -2.41 17.94
N ILE A 424 9.84 -2.03 17.76
CA ILE A 424 8.79 -2.29 18.74
C ILE A 424 7.83 -3.31 18.13
N ARG A 425 7.80 -4.51 18.68
CA ARG A 425 6.85 -5.52 18.22
C ARG A 425 5.49 -5.28 18.88
N ILE A 426 4.45 -5.20 18.06
CA ILE A 426 3.10 -4.95 18.55
C ILE A 426 2.22 -6.14 18.20
N SER A 427 1.64 -6.77 19.22
CA SER A 427 0.60 -7.77 19.03
C SER A 427 -0.74 -7.06 19.16
N VAL A 428 -1.45 -6.92 18.04
CA VAL A 428 -2.64 -6.08 17.99
C VAL A 428 -3.83 -6.85 18.53
N GLY A 429 -4.53 -6.25 19.51
CA GLY A 429 -5.63 -6.90 20.19
C GLY A 429 -6.97 -6.71 19.48
N ILE A 430 -8.03 -7.13 20.16
CA ILE A 430 -9.37 -7.03 19.61
C ILE A 430 -10.17 -5.91 20.26
N GLU A 431 -9.51 -5.00 20.98
CA GLU A 431 -10.19 -3.79 21.45
C GLU A 431 -10.67 -2.98 20.25
N HIS A 432 -11.56 -2.01 20.51
CA HIS A 432 -11.96 -1.10 19.45
C HIS A 432 -10.75 -0.35 18.92
N VAL A 433 -10.59 -0.36 17.59
CA VAL A 433 -9.33 0.11 17.01
C VAL A 433 -9.13 1.60 17.29
N ASP A 434 -10.22 2.35 17.50
CA ASP A 434 -10.10 3.78 17.83
C ASP A 434 -9.42 3.98 19.17
N ASP A 435 -9.67 3.08 20.13
CA ASP A 435 -9.01 3.19 21.42
C ASP A 435 -7.55 2.79 21.33
N ILE A 436 -7.22 1.81 20.49
CA ILE A 436 -5.81 1.46 20.30
C ILE A 436 -5.07 2.64 19.69
N ILE A 437 -5.60 3.16 18.58
CA ILE A 437 -5.01 4.33 17.94
C ILE A 437 -4.87 5.49 18.93
N ALA A 438 -5.96 5.79 19.67
CA ALA A 438 -5.87 6.89 20.63
C ALA A 438 -4.76 6.65 21.65
N ASP A 439 -4.54 5.40 22.04
CA ASP A 439 -3.51 5.12 23.04
C ASP A 439 -2.12 5.46 22.51
N PHE A 440 -1.83 5.12 21.25
CA PHE A 440 -0.53 5.51 20.68
C PHE A 440 -0.46 7.00 20.45
N GLU A 441 -1.57 7.55 20.00
CA GLU A 441 -1.61 8.96 19.63
C GLU A 441 -1.32 9.89 20.83
N GLN A 442 -1.83 9.51 22.01
CA GLN A 442 -1.50 10.26 23.22
C GLN A 442 -0.11 9.93 23.74
N SER A 443 0.40 8.73 23.46
CA SER A 443 1.78 8.42 23.87
C SER A 443 2.77 9.16 22.99
N PHE A 444 2.42 9.35 21.72
CA PHE A 444 3.26 10.13 20.81
C PHE A 444 3.31 11.59 21.23
N GLN A 445 2.16 12.17 21.59
CA GLN A 445 2.13 13.55 22.05
C GLN A 445 3.10 13.76 23.22
N LYS A 446 3.21 12.78 24.10
CA LYS A 446 4.02 12.98 25.29
C LYS A 446 5.51 12.88 25.01
N ALA A 447 5.91 11.94 24.16
CA ALA A 447 7.33 11.76 23.86
C ALA A 447 7.85 12.81 22.88
N TYR A 448 7.01 13.30 21.97
CA TYR A 448 7.39 14.32 21.02
C TYR A 448 6.67 15.61 21.43
N GLY A 449 5.58 15.98 20.78
CA GLY A 449 4.85 17.18 21.14
C GLY A 449 3.54 17.37 20.40
N VAL B 22 -38.54 -7.67 -32.83
CA VAL B 22 -38.76 -7.22 -31.46
C VAL B 22 -37.46 -7.24 -30.67
N PHE B 23 -37.06 -6.08 -30.13
CA PHE B 23 -35.96 -5.96 -29.20
C PHE B 23 -36.44 -5.34 -27.91
N GLN B 24 -35.80 -5.74 -26.83
CA GLN B 24 -36.15 -5.26 -25.52
C GLN B 24 -35.29 -4.08 -25.11
N ASN B 25 -34.04 -4.05 -25.54
CA ASN B 25 -33.04 -3.22 -24.89
C ASN B 25 -32.92 -1.86 -25.56
N PHE B 26 -33.02 -0.82 -24.75
CA PHE B 26 -32.85 0.54 -25.22
C PHE B 26 -31.64 0.67 -26.14
N GLU B 27 -30.51 0.07 -25.75
CA GLU B 27 -29.26 0.26 -26.46
C GLU B 27 -29.33 -0.30 -27.88
N THR B 28 -30.13 -1.36 -28.08
CA THR B 28 -30.31 -1.93 -29.41
C THR B 28 -31.33 -1.16 -30.23
N LEU B 29 -32.45 -0.77 -29.59
CA LEU B 29 -33.52 -0.08 -30.32
C LEU B 29 -33.02 1.23 -30.91
N GLN B 30 -32.17 1.97 -30.17
CA GLN B 30 -31.75 3.31 -30.59
C GLN B 30 -30.90 3.28 -31.86
N LEU B 31 -30.45 2.10 -32.27
CA LEU B 31 -29.70 1.87 -33.49
C LEU B 31 -30.51 1.19 -34.59
N HIS B 32 -31.60 0.49 -34.25
CA HIS B 32 -32.19 -0.41 -35.24
C HIS B 32 -33.68 -0.19 -35.50
N ALA B 33 -34.44 0.31 -34.52
CA ALA B 33 -35.89 0.35 -34.68
C ALA B 33 -36.30 1.35 -35.75
N GLY B 34 -37.26 0.96 -36.58
CA GLY B 34 -37.89 1.85 -37.54
C GLY B 34 -37.19 1.97 -38.89
N TYR B 35 -36.11 1.25 -39.11
CA TYR B 35 -35.44 1.35 -40.40
C TYR B 35 -34.93 0.00 -40.85
N THR B 36 -35.11 -0.27 -42.13
CA THR B 36 -34.61 -1.45 -42.78
C THR B 36 -34.08 -0.93 -44.12
N PRO B 37 -32.86 -1.28 -44.51
CA PRO B 37 -32.33 -0.79 -45.79
C PRO B 37 -33.27 -1.10 -46.95
N ASP B 38 -33.71 -0.09 -47.68
CA ASP B 38 -34.62 -0.34 -48.81
C ASP B 38 -33.91 -1.18 -49.87
N PRO B 39 -34.60 -2.13 -50.49
CA PRO B 39 -33.91 -3.06 -51.41
C PRO B 39 -33.39 -2.40 -52.68
N HIS B 40 -33.78 -1.15 -52.97
CA HIS B 40 -33.30 -0.51 -54.20
C HIS B 40 -31.83 -0.12 -54.11
N THR B 41 -31.47 0.71 -53.11
CA THR B 41 -30.08 1.12 -52.93
C THR B 41 -29.34 0.31 -51.87
N ARG B 42 -30.07 -0.33 -50.95
CA ARG B 42 -29.52 -1.08 -49.83
C ARG B 42 -28.74 -0.20 -48.86
N SER B 43 -29.01 1.09 -48.87
CA SER B 43 -28.34 2.06 -48.01
C SER B 43 -28.41 1.67 -46.53
N THR B 44 -27.24 1.45 -45.92
CA THR B 44 -27.17 1.00 -44.52
C THR B 44 -27.60 2.09 -43.55
N ALA B 45 -27.10 3.31 -43.75
CA ALA B 45 -27.53 4.45 -42.97
C ALA B 45 -28.76 5.09 -43.61
N VAL B 46 -29.44 5.93 -42.85
CA VAL B 46 -30.72 6.49 -43.32
C VAL B 46 -30.46 7.61 -44.33
N PRO B 47 -31.00 7.53 -45.54
CA PRO B 47 -30.84 8.65 -46.49
C PRO B 47 -31.58 9.89 -46.02
N ILE B 48 -31.11 11.03 -46.48
CA ILE B 48 -31.76 12.32 -46.27
C ILE B 48 -32.65 12.59 -47.49
N TYR B 49 -33.98 12.45 -47.32
CA TYR B 49 -34.92 12.64 -48.43
C TYR B 49 -35.24 14.13 -48.54
N ALA B 50 -34.29 14.89 -49.08
CA ALA B 50 -34.45 16.33 -49.30
C ALA B 50 -35.39 16.56 -50.47
N THR B 51 -36.67 16.31 -50.25
CA THR B 51 -37.65 16.39 -51.31
C THR B 51 -38.92 17.01 -50.73
N SER B 52 -39.58 17.84 -51.52
CA SER B 52 -40.87 18.30 -51.05
C SER B 52 -41.99 17.36 -51.49
N SER B 53 -41.79 16.62 -52.58
CA SER B 53 -42.85 15.87 -53.23
C SER B 53 -42.42 14.44 -53.58
N TYR B 54 -43.44 13.64 -53.90
CA TYR B 54 -43.29 12.24 -54.23
C TYR B 54 -44.22 11.97 -55.40
N THR B 55 -43.66 11.52 -56.53
CA THR B 55 -44.43 11.39 -57.77
C THR B 55 -45.45 10.25 -57.68
N PHE B 56 -46.72 10.55 -58.00
CA PHE B 56 -47.77 9.55 -58.08
C PHE B 56 -47.43 8.50 -59.13
N ASN B 57 -47.90 7.27 -58.90
CA ASN B 57 -47.81 6.23 -59.92
C ASN B 57 -48.75 6.51 -61.09
N ASP B 58 -49.93 7.07 -60.79
CA ASP B 58 -50.85 7.61 -61.80
C ASP B 58 -51.88 8.47 -61.07
N SER B 59 -52.79 9.06 -61.85
CA SER B 59 -53.78 9.98 -61.28
C SER B 59 -54.60 9.30 -60.19
N ALA B 60 -54.96 8.03 -60.40
CA ALA B 60 -55.79 7.34 -59.44
C ALA B 60 -55.04 7.08 -58.13
N HIS B 61 -53.75 6.76 -58.23
CA HIS B 61 -52.91 6.61 -57.04
C HIS B 61 -52.90 7.90 -56.21
N GLY B 62 -52.74 9.05 -56.88
CA GLY B 62 -52.75 10.31 -56.16
C GLY B 62 -54.06 10.55 -55.42
N ALA B 63 -55.18 10.24 -56.07
CA ALA B 63 -56.49 10.42 -55.45
C ALA B 63 -56.65 9.53 -54.23
N ARG B 64 -56.19 8.27 -54.31
CA ARG B 64 -56.28 7.38 -53.15
C ARG B 64 -55.43 7.90 -51.99
N LEU B 65 -54.21 8.38 -52.29
CA LEU B 65 -53.37 8.98 -51.25
C LEU B 65 -54.08 10.15 -50.59
N PHE B 66 -54.58 11.10 -51.39
CA PHE B 66 -55.25 12.26 -50.83
C PHE B 66 -56.56 11.90 -50.13
N GLY B 67 -57.21 10.82 -50.55
CA GLY B 67 -58.42 10.34 -49.93
C GLY B 67 -58.22 9.52 -48.67
N LEU B 68 -56.97 9.38 -48.22
CA LEU B 68 -56.60 8.51 -47.09
C LEU B 68 -57.05 7.06 -47.32
N LYS B 69 -57.15 6.65 -48.58
CA LYS B 69 -57.52 5.27 -48.92
C LYS B 69 -56.32 4.35 -48.99
N GLU B 70 -55.11 4.87 -48.79
CA GLU B 70 -53.88 4.12 -48.99
C GLU B 70 -52.71 4.87 -48.39
N LEU B 71 -51.90 4.18 -47.56
CA LEU B 71 -50.71 4.78 -46.98
C LEU B 71 -49.64 5.02 -48.06
N GLY B 72 -48.90 6.11 -47.91
CA GLY B 72 -47.85 6.44 -48.84
C GLY B 72 -47.47 7.90 -48.75
N ASN B 73 -46.29 8.21 -49.32
CA ASN B 73 -45.76 9.57 -49.26
C ASN B 73 -46.52 10.49 -50.22
N ILE B 74 -46.92 11.66 -49.74
CA ILE B 74 -47.57 12.68 -50.55
C ILE B 74 -46.74 13.94 -50.65
N TYR B 75 -46.26 14.46 -49.52
CA TYR B 75 -45.76 15.81 -49.42
C TYR B 75 -45.09 15.99 -48.07
N SER B 76 -43.89 16.59 -48.07
CA SER B 76 -43.05 16.58 -46.86
C SER B 76 -43.56 17.49 -45.77
N ARG B 77 -44.59 18.32 -46.00
CA ARG B 77 -45.21 19.00 -44.85
C ARG B 77 -45.84 17.99 -43.89
N LEU B 78 -46.32 16.86 -44.41
CA LEU B 78 -47.00 15.83 -43.62
C LEU B 78 -46.13 14.63 -43.33
N MET B 79 -45.33 14.17 -44.30
CA MET B 79 -44.53 12.97 -44.09
C MET B 79 -43.28 13.01 -44.98
N ASN B 80 -42.25 12.31 -44.50
CA ASN B 80 -40.93 12.21 -45.12
C ASN B 80 -40.24 10.95 -44.59
N PRO B 81 -39.62 10.15 -45.46
CA PRO B 81 -39.05 8.87 -45.01
C PRO B 81 -37.93 9.03 -43.97
N THR B 82 -37.08 10.06 -44.08
CA THR B 82 -36.10 10.31 -43.01
C THR B 82 -36.81 10.61 -41.70
N VAL B 83 -37.76 11.53 -41.72
CA VAL B 83 -38.46 11.90 -40.50
C VAL B 83 -39.19 10.69 -39.91
N ASP B 84 -39.72 9.83 -40.78
CA ASP B 84 -40.44 8.64 -40.34
C ASP B 84 -39.57 7.74 -39.48
N VAL B 85 -38.29 7.55 -39.85
CA VAL B 85 -37.41 6.73 -39.02
C VAL B 85 -37.27 7.36 -37.65
N PHE B 86 -37.07 8.67 -37.62
CA PHE B 86 -36.93 9.38 -36.36
C PHE B 86 -38.16 9.16 -35.46
N GLU B 87 -39.35 9.28 -36.05
CA GLU B 87 -40.59 9.08 -35.31
C GLU B 87 -40.71 7.65 -34.78
N LYS B 88 -40.53 6.65 -35.65
CA LYS B 88 -40.69 5.25 -35.24
C LYS B 88 -39.67 4.88 -34.17
N ARG B 89 -38.46 5.42 -34.28
CA ARG B 89 -37.42 5.07 -33.32
C ARG B 89 -37.71 5.67 -31.95
N ILE B 90 -38.19 6.92 -31.90
CA ILE B 90 -38.56 7.52 -30.62
C ILE B 90 -39.78 6.80 -30.02
N ALA B 91 -40.76 6.46 -30.84
CA ALA B 91 -41.92 5.72 -30.36
C ALA B 91 -41.50 4.39 -29.76
N ALA B 92 -40.63 3.65 -30.47
CA ALA B 92 -40.12 2.41 -29.92
C ALA B 92 -39.37 2.63 -28.61
N LEU B 93 -38.55 3.69 -28.54
CA LEU B 93 -37.74 3.90 -27.33
C LEU B 93 -38.59 4.28 -26.14
N GLU B 94 -39.75 4.87 -26.37
CA GLU B 94 -40.61 5.28 -25.28
C GLU B 94 -41.71 4.27 -24.98
N GLY B 95 -41.81 3.21 -25.80
CA GLY B 95 -42.91 2.27 -25.70
C GLY B 95 -44.26 2.75 -26.17
N GLY B 96 -44.30 3.69 -27.15
CA GLY B 96 -45.53 4.10 -27.77
C GLY B 96 -45.78 3.36 -29.08
N ILE B 97 -47.00 3.49 -29.59
CA ILE B 97 -47.29 2.84 -30.88
C ILE B 97 -46.78 3.65 -32.06
N ALA B 98 -46.71 4.98 -31.94
CA ALA B 98 -46.36 5.82 -33.08
C ALA B 98 -46.03 7.22 -32.58
N ALA B 99 -45.42 8.01 -33.47
CA ALA B 99 -44.97 9.33 -33.08
C ALA B 99 -45.11 10.29 -34.28
N ALA B 100 -45.22 11.59 -33.97
CA ALA B 100 -45.17 12.63 -34.99
C ALA B 100 -44.10 13.65 -34.65
N ALA B 101 -43.24 13.96 -35.61
CA ALA B 101 -42.18 14.95 -35.43
C ALA B 101 -42.69 16.36 -35.72
N THR B 102 -42.16 17.33 -34.98
CA THR B 102 -42.50 18.73 -35.15
C THR B 102 -41.22 19.56 -35.27
N SER B 103 -41.39 20.80 -35.70
CA SER B 103 -40.20 21.62 -35.91
C SER B 103 -39.49 22.02 -34.61
N SER B 104 -40.10 21.81 -33.44
CA SER B 104 -39.46 22.18 -32.17
C SER B 104 -40.25 21.54 -31.02
N GLY B 105 -39.60 21.50 -29.86
CA GLY B 105 -40.32 21.12 -28.65
C GLY B 105 -41.57 21.94 -28.41
N GLN B 106 -41.48 23.28 -28.60
CA GLN B 106 -42.64 24.15 -28.40
C GLN B 106 -43.79 23.76 -29.32
N ALA B 107 -43.47 23.44 -30.57
CA ALA B 107 -44.52 23.02 -31.50
C ALA B 107 -45.12 21.67 -31.11
N ALA B 108 -44.31 20.78 -30.53
CA ALA B 108 -44.85 19.50 -30.05
C ALA B 108 -45.92 19.74 -28.99
N GLN B 109 -45.63 20.63 -28.04
CA GLN B 109 -46.63 20.97 -27.02
C GLN B 109 -47.81 21.70 -27.62
N PHE B 110 -47.58 22.64 -28.55
CA PHE B 110 -48.68 23.38 -29.11
C PHE B 110 -49.62 22.47 -29.89
N LEU B 111 -49.08 21.58 -30.72
CA LEU B 111 -49.95 20.78 -31.56
C LEU B 111 -50.74 19.79 -30.71
N THR B 112 -50.12 19.23 -29.68
CA THR B 112 -50.81 18.30 -28.81
C THR B 112 -52.00 18.97 -28.13
N ILE B 113 -51.75 20.13 -27.53
CA ILE B 113 -52.81 20.82 -26.78
C ILE B 113 -53.91 21.28 -27.70
N ALA B 114 -53.56 21.74 -28.91
CA ALA B 114 -54.56 22.20 -29.85
C ALA B 114 -55.40 21.08 -30.43
N THR B 115 -54.90 19.84 -30.40
CA THR B 115 -55.69 18.71 -30.84
C THR B 115 -56.68 18.27 -29.76
N LEU B 116 -56.30 18.37 -28.48
CA LEU B 116 -57.14 17.94 -27.38
C LEU B 116 -58.18 19.00 -27.02
N ALA B 117 -57.88 20.27 -27.23
CA ALA B 117 -58.71 21.33 -26.69
C ALA B 117 -59.06 22.36 -27.77
N LYS B 118 -60.24 22.97 -27.65
CA LYS B 118 -60.53 24.19 -28.41
C LYS B 118 -60.99 25.32 -27.48
N ALA B 119 -61.33 26.44 -28.13
CA ALA B 119 -61.79 27.63 -27.44
C ALA B 119 -62.94 27.25 -26.52
N GLY B 120 -62.86 27.68 -25.28
CA GLY B 120 -63.74 27.26 -24.22
C GLY B 120 -63.18 26.17 -23.34
N ASP B 121 -62.17 25.43 -23.78
CA ASP B 121 -61.66 24.34 -22.98
C ASP B 121 -60.52 24.83 -22.08
N ASN B 122 -60.03 23.92 -21.22
CA ASN B 122 -58.88 24.22 -20.39
C ASN B 122 -58.05 22.96 -20.19
N ILE B 123 -56.85 23.13 -19.64
CA ILE B 123 -56.07 22.01 -19.20
C ILE B 123 -55.57 22.34 -17.81
N VAL B 124 -55.23 21.31 -17.06
CA VAL B 124 -54.66 21.43 -15.72
C VAL B 124 -53.19 21.06 -15.80
N ALA B 125 -52.34 21.89 -15.23
CA ALA B 125 -50.91 21.70 -15.39
C ALA B 125 -50.22 21.91 -14.06
N SER B 126 -49.11 21.22 -13.87
CA SER B 126 -48.23 21.57 -12.78
C SER B 126 -47.67 22.98 -13.00
N SER B 127 -47.36 23.66 -11.91
CA SER B 127 -46.77 24.99 -12.03
C SER B 127 -45.26 24.93 -12.22
N HIS B 128 -44.65 23.78 -12.03
CA HIS B 128 -43.21 23.60 -12.22
C HIS B 128 -42.96 23.24 -13.68
N LEU B 129 -42.71 24.27 -14.49
CA LEU B 129 -42.62 24.10 -15.94
C LEU B 129 -41.44 24.88 -16.50
N TYR B 130 -40.93 24.40 -17.63
CA TYR B 130 -40.03 25.19 -18.46
C TYR B 130 -40.67 26.53 -18.79
N GLY B 131 -39.88 27.61 -18.72
CA GLY B 131 -40.44 28.95 -18.83
C GLY B 131 -41.19 29.19 -20.12
N GLY B 132 -40.71 28.59 -21.22
CA GLY B 132 -41.41 28.72 -22.48
C GLY B 132 -42.73 27.97 -22.52
N THR B 133 -42.82 26.82 -21.85
CA THR B 133 -44.10 26.15 -21.73
C THR B 133 -45.07 27.00 -20.92
N TYR B 134 -44.59 27.57 -19.81
CA TYR B 134 -45.45 28.39 -18.96
C TYR B 134 -46.02 29.56 -19.74
N ASN B 135 -45.18 30.21 -20.54
CA ASN B 135 -45.65 31.33 -21.35
C ASN B 135 -46.68 30.87 -22.38
N GLN B 136 -46.40 29.74 -23.03
CA GLN B 136 -47.36 29.15 -23.95
C GLN B 136 -48.71 28.95 -23.27
N LEU B 137 -48.72 28.37 -22.06
CA LEU B 137 -49.96 28.00 -21.40
C LEU B 137 -50.66 29.21 -20.78
N ASN B 138 -49.90 30.18 -20.30
CA ASN B 138 -50.44 31.30 -19.55
C ASN B 138 -50.77 32.51 -20.41
N VAL B 139 -50.10 32.68 -21.55
CA VAL B 139 -50.21 33.88 -22.36
C VAL B 139 -50.72 33.58 -23.77
N LEU B 140 -50.06 32.68 -24.49
CA LEU B 140 -50.44 32.41 -25.87
C LEU B 140 -51.79 31.70 -25.95
N LEU B 141 -51.88 30.49 -25.40
CA LEU B 141 -53.10 29.70 -25.59
C LEU B 141 -54.38 30.39 -25.12
N PRO B 142 -54.38 31.25 -24.08
CA PRO B 142 -55.62 31.98 -23.76
C PRO B 142 -56.13 32.87 -24.87
N ARG B 143 -55.26 33.42 -25.72
CA ARG B 143 -55.74 34.22 -26.85
C ARG B 143 -56.67 33.42 -27.73
N PHE B 144 -56.51 32.09 -27.77
CA PHE B 144 -57.37 31.21 -28.55
C PHE B 144 -58.47 30.58 -27.72
N GLY B 145 -58.74 31.10 -26.52
CA GLY B 145 -59.77 30.57 -25.65
C GLY B 145 -59.43 29.30 -24.92
N ILE B 146 -58.14 28.95 -24.80
CA ILE B 146 -57.71 27.72 -24.15
C ILE B 146 -56.94 28.10 -22.89
N LYS B 147 -57.56 27.93 -21.71
CA LYS B 147 -56.99 28.37 -20.44
C LYS B 147 -56.32 27.23 -19.69
N THR B 148 -55.46 27.58 -18.74
CA THR B 148 -54.77 26.60 -17.92
C THR B 148 -54.94 26.91 -16.44
N LYS B 149 -55.23 25.88 -15.66
CA LYS B 149 -55.21 25.96 -14.21
C LYS B 149 -53.91 25.34 -13.71
N PHE B 150 -53.14 26.10 -12.94
CA PHE B 150 -51.86 25.63 -12.49
C PHE B 150 -52.01 25.07 -11.08
N VAL B 151 -51.29 23.98 -10.80
CA VAL B 151 -51.27 23.34 -9.49
C VAL B 151 -49.84 23.39 -8.97
N ARG B 152 -49.65 24.04 -7.83
CA ARG B 152 -48.32 24.21 -7.26
C ARG B 152 -47.87 23.10 -6.33
N SER B 153 -48.80 22.36 -5.72
CA SER B 153 -48.44 21.53 -4.57
C SER B 153 -47.96 20.13 -4.95
N GLY B 154 -48.24 19.66 -6.15
CA GLY B 154 -48.04 18.27 -6.43
C GLY B 154 -49.00 17.30 -5.75
N LYS B 155 -49.90 17.78 -4.89
CA LYS B 155 -50.82 16.89 -4.19
C LYS B 155 -51.89 16.35 -5.13
N LEU B 156 -52.18 15.05 -5.01
CA LEU B 156 -53.19 14.43 -5.88
C LEU B 156 -54.54 15.13 -5.75
N GLU B 157 -54.92 15.50 -4.53
CA GLU B 157 -56.24 16.09 -4.33
C GLU B 157 -56.37 17.47 -4.97
N ASP B 158 -55.26 18.19 -5.17
CA ASP B 158 -55.35 19.50 -5.83
C ASP B 158 -55.51 19.35 -7.34
N TYR B 159 -54.86 18.34 -7.94
CA TYR B 159 -55.10 18.04 -9.35
C TYR B 159 -56.55 17.65 -9.57
N ALA B 160 -57.10 16.83 -8.67
CA ALA B 160 -58.50 16.41 -8.78
C ALA B 160 -59.44 17.60 -8.72
N ALA B 161 -59.22 18.51 -7.76
CA ALA B 161 -60.14 19.63 -7.57
C ALA B 161 -60.04 20.65 -8.69
N ALA B 162 -58.92 20.70 -9.43
CA ALA B 162 -58.80 21.68 -10.50
C ALA B 162 -59.59 21.28 -11.75
N ILE B 163 -59.96 20.01 -11.90
CA ILE B 163 -60.62 19.54 -13.11
C ILE B 163 -62.06 20.02 -13.12
N ASP B 164 -62.54 20.43 -14.30
CA ASP B 164 -63.97 20.70 -14.47
C ASP B 164 -64.43 20.09 -15.78
N ASP B 165 -65.69 20.37 -16.19
CA ASP B 165 -66.23 19.67 -17.34
C ASP B 165 -65.56 20.07 -18.65
N GLN B 166 -64.87 21.21 -18.67
CA GLN B 166 -64.20 21.67 -19.88
C GLN B 166 -62.73 21.26 -19.92
N THR B 167 -62.22 20.65 -18.84
CA THR B 167 -60.82 20.23 -18.84
C THR B 167 -60.59 19.16 -19.90
N ARG B 168 -59.40 19.19 -20.49
CA ARG B 168 -59.10 18.27 -21.57
C ARG B 168 -57.80 17.50 -21.38
N ALA B 169 -57.03 17.78 -20.33
CA ALA B 169 -55.79 17.06 -20.11
C ALA B 169 -55.23 17.44 -18.74
N ILE B 170 -54.35 16.58 -18.22
CA ILE B 170 -53.41 16.97 -17.18
C ILE B 170 -52.03 16.98 -17.81
N TYR B 171 -51.24 18.03 -17.52
CA TYR B 171 -49.95 18.26 -18.17
C TYR B 171 -48.88 18.43 -17.10
N VAL B 172 -47.83 17.62 -17.15
CA VAL B 172 -46.73 17.73 -16.19
C VAL B 172 -45.43 17.43 -16.91
N GLU B 173 -44.33 17.91 -16.35
CA GLU B 173 -43.01 17.53 -16.83
C GLU B 173 -42.52 16.36 -16.01
N SER B 174 -41.84 15.42 -16.66
CA SER B 174 -41.37 14.24 -15.93
C SER B 174 -40.35 14.62 -14.87
N MET B 175 -39.70 15.77 -15.04
CA MET B 175 -38.72 16.23 -14.08
C MET B 175 -38.59 17.72 -14.37
N SER B 176 -39.01 18.55 -13.43
CA SER B 176 -39.24 19.94 -13.74
C SER B 176 -37.92 20.71 -13.86
N ASN B 177 -37.90 21.64 -14.80
CA ASN B 177 -36.76 22.47 -15.11
C ASN B 177 -37.01 23.82 -14.46
N PRO B 178 -36.25 24.23 -13.43
CA PRO B 178 -35.02 23.59 -12.97
C PRO B 178 -34.93 23.26 -11.48
N ASP B 179 -35.99 22.73 -10.88
CA ASP B 179 -35.94 22.23 -9.50
C ASP B 179 -36.10 20.72 -9.42
N TYR B 180 -36.35 20.05 -10.55
CA TYR B 180 -36.33 18.58 -10.65
C TYR B 180 -37.37 17.94 -9.74
N VAL B 181 -38.55 18.54 -9.69
CA VAL B 181 -39.71 17.88 -9.08
C VAL B 181 -40.09 16.69 -9.95
N VAL B 182 -40.15 15.50 -9.35
CA VAL B 182 -40.63 14.31 -10.03
C VAL B 182 -42.09 14.10 -9.63
N PRO B 183 -43.02 14.10 -10.58
CA PRO B 183 -44.44 13.96 -10.21
C PRO B 183 -44.76 12.51 -9.85
N ASP B 184 -45.91 12.36 -9.21
CA ASP B 184 -46.50 11.04 -8.93
C ASP B 184 -47.25 10.60 -10.18
N PHE B 185 -46.51 9.98 -11.11
CA PHE B 185 -47.07 9.64 -12.42
C PHE B 185 -48.32 8.77 -12.28
N GLU B 186 -48.22 7.69 -11.51
CA GLU B 186 -49.31 6.73 -11.45
C GLU B 186 -50.50 7.29 -10.71
N GLY B 187 -50.27 8.02 -9.63
CA GLY B 187 -51.36 8.69 -8.94
C GLY B 187 -52.04 9.71 -9.82
N ILE B 188 -51.26 10.56 -10.51
CA ILE B 188 -51.84 11.61 -11.34
C ILE B 188 -52.56 11.02 -12.53
N ALA B 189 -51.97 9.99 -13.17
CA ALA B 189 -52.65 9.34 -14.29
C ALA B 189 -53.97 8.71 -13.85
N LYS B 190 -54.02 8.18 -12.63
CA LYS B 190 -55.28 7.62 -12.12
C LYS B 190 -56.34 8.69 -11.99
N ILE B 191 -55.98 9.86 -11.45
CA ILE B 191 -56.91 10.99 -11.39
C ILE B 191 -57.37 11.39 -12.79
N ALA B 192 -56.44 11.51 -13.74
CA ALA B 192 -56.84 11.92 -15.07
C ALA B 192 -57.81 10.92 -15.67
N HIS B 193 -57.41 9.64 -15.71
CA HIS B 193 -58.23 8.60 -16.30
C HIS B 193 -59.60 8.50 -15.63
N GLU B 194 -59.67 8.73 -14.32
CA GLU B 194 -60.98 8.70 -13.69
C GLU B 194 -61.85 9.89 -14.09
N HIS B 195 -61.23 11.01 -14.48
CA HIS B 195 -62.01 12.14 -14.97
C HIS B 195 -62.24 12.10 -16.48
N GLY B 196 -61.78 11.05 -17.17
CA GLY B 196 -61.97 10.97 -18.60
C GLY B 196 -61.03 11.82 -19.46
N ILE B 197 -59.83 12.14 -18.96
CA ILE B 197 -58.86 12.95 -19.70
C ILE B 197 -57.50 12.27 -19.73
N PRO B 198 -56.67 12.52 -20.75
CA PRO B 198 -55.33 11.92 -20.79
C PRO B 198 -54.32 12.63 -19.91
N LEU B 199 -53.27 11.91 -19.56
CA LEU B 199 -52.11 12.50 -18.92
C LEU B 199 -51.04 12.78 -20.01
N VAL B 200 -50.69 14.04 -20.17
CA VAL B 200 -49.66 14.45 -21.13
C VAL B 200 -48.41 14.78 -20.33
N VAL B 201 -47.29 14.13 -20.67
CA VAL B 201 -46.05 14.31 -19.95
C VAL B 201 -45.00 14.84 -20.91
N ASP B 202 -44.39 15.97 -20.56
CA ASP B 202 -43.17 16.44 -21.22
C ASP B 202 -42.01 15.68 -20.61
N ASN B 203 -41.47 14.72 -21.35
CA ASN B 203 -40.38 13.90 -20.84
C ASN B 203 -39.00 14.37 -21.36
N THR B 204 -38.88 15.65 -21.70
CA THR B 204 -37.61 16.16 -22.21
C THR B 204 -36.45 15.78 -21.28
N LEU B 205 -36.57 16.05 -19.99
CA LEU B 205 -35.45 15.76 -19.08
C LEU B 205 -35.31 14.28 -18.75
N GLY B 206 -36.19 13.40 -19.23
CA GLY B 206 -35.93 11.98 -19.15
C GLY B 206 -35.12 11.39 -20.29
N ALA B 207 -34.59 12.22 -21.19
CA ALA B 207 -33.65 11.79 -22.22
C ALA B 207 -34.23 10.67 -23.09
N GLY B 208 -35.31 11.00 -23.79
CA GLY B 208 -35.92 10.07 -24.73
C GLY B 208 -36.33 8.73 -24.13
N GLY B 209 -36.64 8.71 -22.85
CA GLY B 209 -37.06 7.48 -22.20
C GLY B 209 -35.95 6.69 -21.54
N TYR B 210 -34.74 7.22 -21.50
CA TYR B 210 -33.68 6.45 -20.84
C TYR B 210 -33.79 6.57 -19.32
N TYR B 211 -34.01 7.78 -18.82
CA TYR B 211 -34.10 7.99 -17.38
C TYR B 211 -35.49 7.67 -16.84
N ILE B 212 -36.52 7.97 -17.62
CA ILE B 212 -37.91 7.91 -17.20
C ILE B 212 -38.73 7.51 -18.41
N ARG B 213 -39.60 6.52 -18.25
CA ARG B 213 -40.53 6.09 -19.30
CA ARG B 213 -40.54 6.12 -19.31
C ARG B 213 -41.95 6.32 -18.78
N PRO B 214 -42.53 7.50 -19.02
CA PRO B 214 -43.87 7.80 -18.46
C PRO B 214 -44.98 6.88 -18.95
N ILE B 215 -44.93 6.40 -20.20
CA ILE B 215 -45.99 5.53 -20.71
C ILE B 215 -46.13 4.26 -19.87
N GLU B 216 -45.02 3.74 -19.32
CA GLU B 216 -45.07 2.59 -18.42
C GLU B 216 -45.75 2.92 -17.10
N HIS B 217 -46.01 4.18 -16.81
CA HIS B 217 -46.61 4.56 -15.53
C HIS B 217 -47.88 5.39 -15.73
N GLY B 218 -48.59 5.18 -16.83
CA GLY B 218 -49.90 5.80 -17.00
C GLY B 218 -49.99 6.98 -17.94
N ALA B 219 -48.90 7.45 -18.53
CA ALA B 219 -49.00 8.59 -19.43
C ALA B 219 -49.60 8.16 -20.76
N ASP B 220 -50.47 8.98 -21.30
CA ASP B 220 -51.11 8.65 -22.57
C ASP B 220 -50.40 9.27 -23.76
N ILE B 221 -49.87 10.48 -23.60
CA ILE B 221 -49.15 11.20 -24.63
C ILE B 221 -47.86 11.75 -24.02
N VAL B 222 -46.74 11.59 -24.72
CA VAL B 222 -45.46 12.08 -24.24
C VAL B 222 -44.89 13.04 -25.28
N VAL B 223 -44.47 14.22 -24.84
CA VAL B 223 -43.83 15.18 -25.73
C VAL B 223 -42.38 15.34 -25.31
N HIS B 224 -41.54 15.69 -26.29
CA HIS B 224 -40.11 15.92 -26.09
C HIS B 224 -39.69 17.14 -26.88
N SER B 225 -38.78 17.90 -26.29
CA SER B 225 -37.88 18.75 -27.05
C SER B 225 -36.74 17.87 -27.53
N ALA B 226 -36.72 17.52 -28.82
CA ALA B 226 -35.62 16.68 -29.26
C ALA B 226 -34.32 17.47 -29.38
N THR B 227 -34.39 18.80 -29.30
CA THR B 227 -33.23 19.69 -29.26
C THR B 227 -32.22 19.33 -28.19
N LYS B 228 -32.69 18.64 -27.16
CA LYS B 228 -31.93 18.44 -25.92
C LYS B 228 -31.17 17.09 -26.03
N TRP B 229 -31.29 16.25 -25.00
CA TRP B 229 -30.53 14.99 -24.93
C TRP B 229 -30.74 14.06 -26.13
N ILE B 230 -31.96 14.03 -26.66
CA ILE B 230 -32.22 13.18 -27.83
C ILE B 230 -31.21 13.51 -28.94
N GLY B 231 -31.16 14.77 -29.35
CA GLY B 231 -30.17 15.16 -30.34
C GLY B 231 -28.77 15.21 -29.76
N GLY B 232 -28.63 15.72 -28.53
CA GLY B 232 -27.42 15.56 -27.74
C GLY B 232 -26.20 16.37 -28.14
N HIS B 233 -26.20 17.06 -29.27
CA HIS B 233 -25.01 17.77 -29.73
C HIS B 233 -25.25 19.24 -29.96
N GLY B 234 -26.40 19.75 -29.56
CA GLY B 234 -26.75 21.14 -29.79
C GLY B 234 -26.65 21.62 -31.23
N THR B 235 -26.94 20.78 -32.21
CA THR B 235 -26.90 21.28 -33.58
C THR B 235 -28.28 21.60 -34.16
N THR B 236 -29.36 21.15 -33.53
CA THR B 236 -30.62 21.00 -34.24
C THR B 236 -31.81 21.22 -33.29
N ILE B 237 -32.74 22.06 -33.73
CA ILE B 237 -34.03 22.23 -33.08
C ILE B 237 -34.97 21.17 -33.62
N GLY B 238 -35.73 20.52 -32.74
CA GLY B 238 -36.80 19.62 -33.16
C GLY B 238 -37.65 19.17 -31.99
N GLY B 239 -38.87 18.73 -32.32
CA GLY B 239 -39.79 18.19 -31.34
C GLY B 239 -40.35 16.85 -31.78
N VAL B 240 -40.97 16.13 -30.85
CA VAL B 240 -41.65 14.88 -31.20
C VAL B 240 -42.80 14.63 -30.24
N ILE B 241 -43.88 14.07 -30.79
CA ILE B 241 -45.09 13.72 -30.04
C ILE B 241 -45.26 12.21 -30.13
N VAL B 242 -45.30 11.53 -28.97
CA VAL B 242 -45.43 10.07 -28.88
C VAL B 242 -46.80 9.70 -28.32
N ASP B 243 -47.55 8.88 -29.07
CA ASP B 243 -48.87 8.39 -28.66
C ASP B 243 -48.73 7.00 -28.05
N SER B 244 -49.19 6.83 -26.82
CA SER B 244 -49.14 5.50 -26.22
C SER B 244 -50.07 4.53 -26.93
N GLY B 245 -51.14 5.04 -27.54
CA GLY B 245 -52.21 4.21 -28.06
C GLY B 245 -53.14 3.65 -27.02
N ARG B 246 -52.99 4.04 -25.75
CA ARG B 246 -53.71 3.45 -24.64
C ARG B 246 -54.92 4.26 -24.18
N PHE B 247 -55.07 5.51 -24.62
CA PHE B 247 -56.24 6.29 -24.17
C PHE B 247 -57.41 5.94 -25.09
N ASN B 248 -58.52 5.49 -24.52
CA ASN B 248 -59.68 5.08 -25.31
C ASN B 248 -60.56 6.31 -25.61
N TRP B 249 -60.36 6.89 -26.79
CA TRP B 249 -61.11 8.08 -27.17
C TRP B 249 -62.60 7.80 -27.26
N ASN B 250 -62.99 6.60 -27.71
CA ASN B 250 -64.41 6.27 -27.80
C ASN B 250 -65.07 6.32 -26.43
N LYS B 251 -64.43 5.70 -25.43
CA LYS B 251 -64.99 5.70 -24.07
C LYS B 251 -65.12 7.10 -23.49
N HIS B 252 -64.22 8.01 -23.85
CA HIS B 252 -64.25 9.35 -23.29
C HIS B 252 -64.68 10.38 -24.33
N SER B 253 -65.54 9.96 -25.26
CA SER B 253 -65.89 10.80 -26.39
C SER B 253 -66.80 11.96 -25.99
N ASP B 254 -67.35 11.98 -24.78
CA ASP B 254 -68.13 13.13 -24.37
C ASP B 254 -67.24 14.34 -24.17
N ARG B 255 -65.97 14.13 -23.80
CA ARG B 255 -65.03 15.24 -23.73
C ARG B 255 -64.25 15.41 -25.02
N PHE B 256 -64.24 14.41 -25.92
CA PHE B 256 -63.46 14.45 -27.17
C PHE B 256 -64.30 13.96 -28.35
N PRO B 257 -65.36 14.68 -28.71
CA PRO B 257 -66.18 14.23 -29.85
C PRO B 257 -65.44 14.22 -31.17
N GLU B 258 -64.49 15.15 -31.38
CA GLU B 258 -63.78 15.16 -32.64
C GLU B 258 -63.02 13.86 -32.89
N MET B 259 -62.74 13.09 -31.83
CA MET B 259 -62.05 11.82 -32.05
C MET B 259 -62.96 10.78 -32.69
N VAL B 260 -64.29 10.89 -32.58
CA VAL B 260 -65.18 9.81 -33.03
C VAL B 260 -66.21 10.28 -34.06
N GLU B 261 -66.59 11.55 -34.02
CA GLU B 261 -67.66 12.05 -34.86
C GLU B 261 -67.15 12.36 -36.26
N PRO B 262 -68.05 12.44 -37.25
CA PRO B 262 -67.60 12.67 -38.64
C PRO B 262 -66.84 13.98 -38.79
N SER B 263 -65.72 13.93 -39.49
CA SER B 263 -64.78 15.04 -39.51
C SER B 263 -65.10 15.99 -40.66
N PRO B 264 -65.18 17.30 -40.40
CA PRO B 264 -65.31 18.26 -41.51
C PRO B 264 -64.10 18.29 -42.42
N SER B 265 -62.90 18.02 -41.88
CA SER B 265 -61.71 18.05 -42.73
C SER B 265 -61.77 17.00 -43.83
N TYR B 266 -62.39 15.83 -43.56
CA TYR B 266 -62.26 14.69 -44.47
C TYR B 266 -63.62 14.05 -44.75
N HIS B 267 -64.59 14.89 -45.12
CA HIS B 267 -65.89 14.44 -45.62
C HIS B 267 -66.50 13.37 -44.71
N GLY B 268 -66.55 13.66 -43.41
CA GLY B 268 -67.25 12.78 -42.50
C GLY B 268 -66.47 11.57 -42.04
N LEU B 269 -65.19 11.46 -42.38
CA LEU B 269 -64.35 10.43 -41.81
C LEU B 269 -64.49 10.43 -40.29
N LYS B 270 -64.57 9.24 -39.72
CA LYS B 270 -64.59 9.05 -38.27
C LYS B 270 -63.25 8.44 -37.86
N TYR B 271 -62.45 9.19 -37.11
CA TYR B 271 -61.08 8.75 -36.83
C TYR B 271 -61.06 7.44 -36.05
N TRP B 272 -61.78 7.39 -34.92
CA TRP B 272 -61.70 6.21 -34.07
C TRP B 272 -62.10 4.95 -34.81
N GLU B 273 -63.19 5.03 -35.57
CA GLU B 273 -63.63 3.89 -36.37
C GLU B 273 -62.53 3.42 -37.30
N ALA B 274 -61.85 4.35 -37.96
CA ALA B 274 -60.87 4.00 -38.98
C ALA B 274 -59.47 3.70 -38.43
N PHE B 275 -59.10 4.27 -37.27
CA PHE B 275 -57.73 4.20 -36.78
C PHE B 275 -57.57 3.70 -35.36
N GLY B 276 -58.65 3.62 -34.57
CA GLY B 276 -58.61 3.06 -33.25
C GLY B 276 -57.58 3.72 -32.34
N PRO B 277 -56.70 2.91 -31.75
CA PRO B 277 -55.71 3.47 -30.81
C PRO B 277 -54.70 4.42 -31.46
N ALA B 278 -54.61 4.46 -32.79
CA ALA B 278 -53.75 5.44 -33.46
C ALA B 278 -54.47 6.75 -33.76
N THR B 279 -55.63 6.99 -33.13
CA THR B 279 -56.49 8.10 -33.52
C THR B 279 -55.85 9.46 -33.24
N PHE B 280 -55.27 9.65 -32.05
CA PHE B 280 -54.71 10.95 -31.72
C PHE B 280 -53.54 11.30 -32.63
N ILE B 281 -52.61 10.37 -32.82
CA ILE B 281 -51.42 10.70 -33.60
C ILE B 281 -51.77 10.83 -35.09
N THR B 282 -52.84 10.17 -35.56
CA THR B 282 -53.27 10.37 -36.93
C THR B 282 -53.84 11.77 -37.13
N ARG B 283 -54.71 12.23 -36.21
CA ARG B 283 -55.19 13.61 -36.27
C ARG B 283 -54.04 14.62 -36.22
N ILE B 284 -53.05 14.38 -35.35
CA ILE B 284 -51.87 15.24 -35.32
C ILE B 284 -51.30 15.41 -36.73
N ARG B 285 -51.19 14.31 -37.46
CA ARG B 285 -50.62 14.37 -38.80
C ARG B 285 -51.60 14.98 -39.81
N VAL B 286 -52.80 14.40 -39.94
CA VAL B 286 -53.65 14.78 -41.07
C VAL B 286 -54.41 16.08 -40.84
N GLU B 287 -54.50 16.57 -39.60
CA GLU B 287 -55.09 17.87 -39.35
C GLU B 287 -54.07 18.93 -38.97
N MET B 288 -53.25 18.66 -37.95
CA MET B 288 -52.44 19.73 -37.35
C MET B 288 -51.17 20.00 -38.13
N LEU B 289 -50.38 18.96 -38.43
CA LEU B 289 -49.24 19.16 -39.32
C LEU B 289 -49.70 19.61 -40.71
N ARG B 290 -50.86 19.15 -41.16
CA ARG B 290 -51.31 19.57 -42.49
C ARG B 290 -51.68 21.06 -42.50
N ASP B 291 -52.25 21.58 -41.41
CA ASP B 291 -52.79 22.94 -41.41
C ASP B 291 -51.99 23.95 -40.62
N ILE B 292 -51.35 23.55 -39.52
CA ILE B 292 -50.40 24.45 -38.87
C ILE B 292 -49.03 24.36 -39.55
N GLY B 293 -48.64 23.18 -40.02
CA GLY B 293 -47.43 23.08 -40.83
C GLY B 293 -46.11 23.25 -40.09
N ALA B 294 -46.06 22.89 -38.81
CA ALA B 294 -44.82 22.94 -38.03
C ALA B 294 -44.01 21.64 -38.21
N CYS B 295 -43.63 21.36 -39.46
CA CYS B 295 -42.99 20.11 -39.82
C CYS B 295 -41.49 20.14 -39.56
N LEU B 296 -40.90 18.96 -39.42
CA LEU B 296 -39.45 18.80 -39.23
C LEU B 296 -38.76 18.51 -40.55
N SER B 297 -37.69 19.25 -40.83
CA SER B 297 -36.80 19.01 -41.96
C SER B 297 -36.16 17.62 -41.91
N PRO B 298 -35.94 16.98 -43.07
CA PRO B 298 -35.19 15.73 -43.08
C PRO B 298 -33.73 15.92 -42.69
N PHE B 299 -33.12 17.06 -43.02
CA PHE B 299 -31.77 17.34 -42.55
C PHE B 299 -31.70 17.36 -41.03
N SER B 300 -32.72 17.94 -40.39
CA SER B 300 -32.76 17.98 -38.93
C SER B 300 -32.96 16.58 -38.37
N ALA B 301 -33.82 15.80 -39.02
CA ALA B 301 -34.09 14.43 -38.57
C ALA B 301 -32.83 13.58 -38.63
N GLN B 302 -32.04 13.75 -39.69
CA GLN B 302 -30.80 12.98 -39.77
C GLN B 302 -29.82 13.37 -38.65
N GLN B 303 -29.72 14.68 -38.34
CA GLN B 303 -28.87 15.09 -37.22
C GLN B 303 -29.35 14.46 -35.92
N LEU B 304 -30.68 14.43 -35.73
CA LEU B 304 -31.22 13.86 -34.50
C LEU B 304 -31.01 12.35 -34.45
N LEU B 305 -31.08 11.68 -35.61
CA LEU B 305 -30.84 10.25 -35.67
C LEU B 305 -29.40 9.91 -35.30
N LEU B 306 -28.43 10.75 -35.70
CA LEU B 306 -27.05 10.52 -35.24
C LEU B 306 -26.96 10.65 -33.73
N GLY B 307 -27.67 11.62 -33.15
CA GLY B 307 -27.73 11.72 -31.70
C GLY B 307 -28.30 10.46 -31.06
N ILE B 308 -29.42 9.96 -31.60
CA ILE B 308 -30.13 8.87 -30.95
C ILE B 308 -29.26 7.61 -30.90
N GLU B 309 -28.37 7.42 -31.89
CA GLU B 309 -27.54 6.21 -31.95
C GLU B 309 -26.64 6.07 -30.73
N THR B 310 -26.40 7.14 -29.97
CA THR B 310 -25.61 7.06 -28.74
C THR B 310 -26.39 7.50 -27.50
N LEU B 311 -27.71 7.60 -27.60
CA LEU B 311 -28.49 8.20 -26.52
C LEU B 311 -28.27 7.48 -25.20
N GLY B 312 -28.36 6.15 -25.19
CA GLY B 312 -28.11 5.42 -23.96
C GLY B 312 -26.72 5.66 -23.39
N LEU B 313 -25.68 5.62 -24.24
CA LEU B 313 -24.31 5.82 -23.77
C LEU B 313 -24.13 7.19 -23.15
N ARG B 314 -24.56 8.23 -23.87
CA ARG B 314 -24.50 9.59 -23.35
C ARG B 314 -25.27 9.74 -22.03
N ALA B 315 -26.55 9.37 -22.04
CA ALA B 315 -27.37 9.55 -20.83
C ALA B 315 -26.75 8.85 -19.63
N GLU B 316 -26.12 7.70 -19.85
CA GLU B 316 -25.44 6.97 -18.78
C GLU B 316 -24.28 7.78 -18.22
N ARG B 317 -23.48 8.39 -19.11
CA ARG B 317 -22.34 9.16 -18.64
C ARG B 317 -22.79 10.48 -18.02
N HIS B 318 -23.81 11.13 -18.60
CA HIS B 318 -24.36 12.34 -17.99
C HIS B 318 -24.74 12.11 -16.51
N ALA B 319 -25.44 11.01 -16.23
CA ALA B 319 -25.93 10.79 -14.87
C ALA B 319 -24.81 10.43 -13.91
N GLN B 320 -23.86 9.60 -14.37
CA GLN B 320 -22.68 9.31 -13.57
C GLN B 320 -21.87 10.57 -13.27
N ASN B 321 -21.70 11.47 -14.26
CA ASN B 321 -21.02 12.73 -13.97
C ASN B 321 -21.83 13.59 -13.01
N THR B 322 -23.14 13.64 -13.21
CA THR B 322 -24.00 14.46 -12.37
C THR B 322 -23.95 14.02 -10.92
N GLU B 323 -23.90 12.70 -10.70
CA GLU B 323 -23.83 12.18 -9.33
C GLU B 323 -22.51 12.55 -8.68
N LYS B 324 -21.39 12.33 -9.37
CA LYS B 324 -20.09 12.72 -8.81
C LYS B 324 -20.01 14.22 -8.58
N LEU B 325 -20.60 15.01 -9.47
CA LEU B 325 -20.54 16.46 -9.30
C LEU B 325 -21.35 16.91 -8.09
N SER B 326 -22.51 16.30 -7.85
CA SER B 326 -23.25 16.66 -6.64
C SER B 326 -22.45 16.37 -5.39
N LYS B 327 -21.71 15.26 -5.34
CA LYS B 327 -20.88 15.01 -4.17
C LYS B 327 -19.83 16.10 -3.97
N TYR B 328 -19.20 16.51 -5.07
CA TYR B 328 -18.20 17.56 -4.97
C TYR B 328 -18.79 18.84 -4.44
N PHE B 329 -19.98 19.21 -4.94
CA PHE B 329 -20.63 20.45 -4.52
C PHE B 329 -21.09 20.36 -3.06
N GLU B 330 -21.66 19.20 -2.66
CA GLU B 330 -22.13 19.04 -1.29
C GLU B 330 -21.01 19.32 -0.28
N SER B 331 -19.83 18.75 -0.52
CA SER B 331 -18.69 18.92 0.37
C SER B 331 -17.88 20.19 0.08
N SER B 332 -18.41 21.13 -0.76
CA SER B 332 -17.65 22.34 -1.08
C SER B 332 -18.01 23.47 -0.14
N PRO B 333 -17.04 24.13 0.48
CA PRO B 333 -17.36 25.24 1.39
C PRO B 333 -17.99 26.44 0.70
N ASN B 334 -17.98 26.51 -0.63
CA ASN B 334 -18.48 27.67 -1.36
C ASN B 334 -19.95 27.54 -1.78
N VAL B 335 -20.60 26.42 -1.49
CA VAL B 335 -21.95 26.15 -1.98
C VAL B 335 -22.92 26.18 -0.80
N SER B 336 -24.01 26.95 -0.94
CA SER B 336 -25.03 26.96 0.10
C SER B 336 -25.88 25.70 0.04
N TRP B 337 -26.43 25.40 -1.13
CA TRP B 337 -27.32 24.27 -1.32
C TRP B 337 -27.08 23.64 -2.68
N VAL B 338 -27.45 22.37 -2.77
CA VAL B 338 -27.39 21.58 -4.00
C VAL B 338 -28.77 20.99 -4.22
N LEU B 339 -29.29 21.14 -5.44
CA LEU B 339 -30.59 20.57 -5.79
C LEU B 339 -30.35 19.46 -6.80
N TRP B 340 -30.64 18.23 -6.42
CA TRP B 340 -30.37 17.08 -7.28
C TRP B 340 -31.37 15.98 -6.95
N PRO B 341 -32.18 15.54 -7.92
CA PRO B 341 -33.28 14.61 -7.61
C PRO B 341 -32.84 13.31 -6.97
N GLY B 342 -31.55 12.98 -7.00
CA GLY B 342 -31.06 11.77 -6.38
C GLY B 342 -30.78 11.90 -4.89
N SER B 343 -30.77 13.13 -4.38
CA SER B 343 -30.48 13.37 -2.98
C SER B 343 -31.64 12.89 -2.10
N GLU B 344 -31.29 12.24 -0.99
CA GLU B 344 -32.33 11.76 -0.08
C GLU B 344 -33.05 12.89 0.64
N SER B 345 -32.46 14.08 0.70
CA SER B 345 -33.14 15.26 1.20
C SER B 345 -34.06 15.92 0.16
N HIS B 346 -34.15 15.38 -1.06
CA HIS B 346 -34.91 16.06 -2.10
C HIS B 346 -36.40 15.97 -1.79
N PRO B 347 -37.13 17.08 -1.93
CA PRO B 347 -38.57 17.06 -1.61
C PRO B 347 -39.35 15.91 -2.24
N THR B 348 -39.05 15.53 -3.49
CA THR B 348 -39.74 14.42 -4.13
C THR B 348 -38.83 13.21 -4.31
N TYR B 349 -37.89 13.01 -3.39
CA TYR B 349 -36.99 11.87 -3.52
C TYR B 349 -37.76 10.55 -3.59
N SER B 350 -38.86 10.44 -2.85
CA SER B 350 -39.61 9.17 -2.87
C SER B 350 -40.15 8.87 -4.27
N GLN B 351 -40.60 9.90 -5.00
CA GLN B 351 -41.00 9.68 -6.39
C GLN B 351 -39.77 9.41 -7.27
N ALA B 352 -38.70 10.18 -7.07
CA ALA B 352 -37.47 9.94 -7.83
C ALA B 352 -36.99 8.52 -7.63
N LYS B 353 -36.95 8.06 -6.37
CA LYS B 353 -36.51 6.70 -6.09
C LYS B 353 -37.39 5.67 -6.81
N LYS B 354 -38.68 5.94 -6.93
CA LYS B 354 -39.59 4.98 -7.55
C LYS B 354 -39.46 4.96 -9.07
N TYR B 355 -39.27 6.12 -9.69
CA TYR B 355 -39.40 6.23 -11.15
C TYR B 355 -38.08 6.37 -11.89
N LEU B 356 -36.97 6.65 -11.20
CA LEU B 356 -35.67 6.81 -11.87
C LEU B 356 -34.74 5.70 -11.38
N THR B 357 -34.73 4.58 -12.09
CA THR B 357 -33.92 3.44 -11.70
C THR B 357 -32.70 3.26 -12.59
N ARG B 358 -32.50 4.14 -13.57
CA ARG B 358 -31.37 4.04 -14.50
C ARG B 358 -30.54 5.32 -14.46
N GLY B 359 -30.50 5.98 -13.31
CA GLY B 359 -29.78 7.23 -13.15
C GLY B 359 -30.67 8.41 -12.83
N PHE B 360 -30.20 9.32 -11.98
CA PHE B 360 -31.04 10.42 -11.51
C PHE B 360 -30.89 11.68 -12.37
N GLY B 361 -30.97 11.53 -13.69
CA GLY B 361 -30.96 12.68 -14.58
C GLY B 361 -29.58 13.25 -14.82
N ALA B 362 -29.55 14.30 -15.63
CA ALA B 362 -28.31 14.90 -16.12
C ALA B 362 -28.14 16.34 -15.66
N MET B 363 -28.90 16.75 -14.66
CA MET B 363 -28.98 18.14 -14.23
C MET B 363 -28.73 18.26 -12.74
N LEU B 364 -28.22 19.41 -12.34
CA LEU B 364 -28.32 19.84 -10.95
C LEU B 364 -28.36 21.36 -10.90
N SER B 365 -28.82 21.87 -9.76
CA SER B 365 -28.81 23.30 -9.48
C SER B 365 -28.13 23.53 -8.15
N ILE B 366 -27.44 24.67 -8.04
CA ILE B 366 -26.70 25.03 -6.83
C ILE B 366 -26.97 26.49 -6.50
N GLY B 367 -26.73 26.82 -5.24
CA GLY B 367 -26.63 28.20 -4.79
C GLY B 367 -25.27 28.39 -4.16
N VAL B 368 -24.63 29.51 -4.49
CA VAL B 368 -23.28 29.75 -4.02
C VAL B 368 -23.33 30.81 -2.91
N LYS B 369 -22.27 30.84 -2.11
CA LYS B 369 -22.19 31.78 -0.99
C LYS B 369 -21.73 33.16 -1.46
N GLY B 370 -22.08 34.17 -0.67
CA GLY B 370 -21.65 35.54 -0.88
C GLY B 370 -22.80 36.46 -1.23
N ASP B 371 -22.44 37.67 -1.64
CA ASP B 371 -23.39 38.65 -2.16
C ASP B 371 -24.14 38.15 -3.40
N ALA B 372 -25.01 39.02 -3.94
CA ALA B 372 -25.87 38.66 -5.07
C ALA B 372 -25.14 38.56 -6.39
N SER B 373 -23.90 39.04 -6.45
CA SER B 373 -23.10 38.97 -7.66
C SER B 373 -22.23 37.72 -7.71
N ALA B 374 -22.34 36.85 -6.70
CA ALA B 374 -21.44 35.70 -6.62
C ALA B 374 -21.81 34.62 -7.63
N GLY B 375 -23.11 34.46 -7.90
CA GLY B 375 -23.52 33.51 -8.91
C GLY B 375 -22.96 33.85 -10.28
N SER B 376 -23.03 35.12 -10.65
CA SER B 376 -22.50 35.57 -11.94
C SER B 376 -20.99 35.48 -12.00
N LYS B 377 -20.30 35.78 -10.91
CA LYS B 377 -18.85 35.65 -10.91
C LYS B 377 -18.44 34.21 -11.15
N VAL B 378 -19.13 33.25 -10.53
CA VAL B 378 -18.76 31.85 -10.68
C VAL B 378 -19.00 31.38 -12.12
N VAL B 379 -20.14 31.74 -12.69
CA VAL B 379 -20.43 31.33 -14.06
C VAL B 379 -19.47 32.00 -15.03
N ASP B 380 -19.26 33.32 -14.86
CA ASP B 380 -18.39 34.05 -15.78
C ASP B 380 -16.96 33.52 -15.75
N GLY B 381 -16.50 33.04 -14.59
CA GLY B 381 -15.15 32.53 -14.51
C GLY B 381 -14.95 31.13 -15.04
N LEU B 382 -16.03 30.41 -15.37
CA LEU B 382 -15.88 29.09 -15.95
C LEU B 382 -15.25 29.20 -17.35
N LYS B 383 -14.39 28.24 -17.67
CA LYS B 383 -13.69 28.20 -18.96
C LYS B 383 -13.96 26.94 -19.78
N LEU B 384 -14.43 25.86 -19.16
CA LEU B 384 -14.85 24.66 -19.87
C LEU B 384 -16.36 24.61 -20.04
N VAL B 385 -17.09 24.72 -18.93
CA VAL B 385 -18.54 24.86 -18.98
C VAL B 385 -18.87 26.13 -19.74
N SER B 386 -19.89 26.05 -20.60
CA SER B 386 -20.35 27.18 -21.41
C SER B 386 -21.56 27.83 -20.76
N ASN B 387 -21.69 29.13 -20.96
CA ASN B 387 -22.79 29.90 -20.40
C ASN B 387 -23.74 30.24 -21.55
N LEU B 388 -24.82 29.48 -21.67
CA LEU B 388 -25.75 29.67 -22.78
C LEU B 388 -27.10 29.08 -22.40
N ALA B 389 -28.06 29.21 -23.33
CA ALA B 389 -29.44 28.74 -23.15
C ALA B 389 -29.61 27.43 -23.92
N ASN B 390 -29.49 26.32 -23.20
CA ASN B 390 -29.72 24.98 -23.70
C ASN B 390 -29.48 24.04 -22.55
N VAL B 391 -29.98 22.82 -22.70
CA VAL B 391 -29.66 21.72 -21.81
C VAL B 391 -29.49 20.49 -22.69
N GLY B 392 -28.88 19.46 -22.12
CA GLY B 392 -28.81 18.24 -22.88
C GLY B 392 -27.84 18.26 -24.04
N ASP B 393 -26.91 19.20 -24.07
CA ASP B 393 -25.78 19.11 -24.97
C ASP B 393 -24.75 18.16 -24.37
N ALA B 394 -23.95 17.54 -25.22
CA ALA B 394 -22.85 16.73 -24.69
C ALA B 394 -21.86 17.60 -23.91
N LYS B 395 -21.67 18.87 -24.31
CA LYS B 395 -20.85 19.83 -23.58
C LYS B 395 -21.59 20.31 -22.32
N SER B 396 -20.83 20.54 -21.25
CA SER B 396 -21.41 21.04 -20.01
C SER B 396 -21.82 22.51 -20.15
N LEU B 397 -23.00 22.83 -19.61
CA LEU B 397 -23.60 24.15 -19.71
C LEU B 397 -24.04 24.65 -18.34
N ALA B 398 -24.12 25.97 -18.21
CA ALA B 398 -24.63 26.60 -16.99
C ALA B 398 -25.30 27.92 -17.36
N ILE B 399 -26.33 28.28 -16.59
CA ILE B 399 -27.09 29.50 -16.83
C ILE B 399 -27.83 29.88 -15.55
N HIS B 400 -28.40 31.10 -15.54
CA HIS B 400 -29.18 31.65 -14.42
C HIS B 400 -30.63 31.79 -14.87
N PRO B 401 -31.52 30.84 -14.51
CA PRO B 401 -32.85 30.81 -15.14
C PRO B 401 -33.73 32.01 -14.80
N TRP B 402 -33.45 32.70 -13.69
CA TRP B 402 -34.27 33.83 -13.27
C TRP B 402 -34.25 34.95 -14.32
N SER B 403 -33.11 35.14 -14.99
CA SER B 403 -32.94 36.17 -15.99
C SER B 403 -33.01 35.65 -17.42
N THR B 404 -33.26 34.34 -17.61
CA THR B 404 -33.16 33.77 -18.94
C THR B 404 -34.36 32.88 -19.28
N THR B 405 -34.23 31.56 -19.05
CA THR B 405 -35.27 30.62 -19.46
C THR B 405 -36.61 30.88 -18.78
N HIS B 406 -36.62 31.58 -17.63
CA HIS B 406 -37.83 31.88 -16.90
C HIS B 406 -38.06 33.39 -16.74
N GLU B 407 -37.35 34.22 -17.53
CA GLU B 407 -37.46 35.68 -17.40
C GLU B 407 -38.89 36.17 -17.64
N GLN B 408 -39.62 35.52 -18.56
CA GLN B 408 -40.95 36.02 -18.92
C GLN B 408 -41.95 35.91 -17.79
N LEU B 409 -41.69 35.08 -16.79
CA LEU B 409 -42.59 34.91 -15.66
C LEU B 409 -42.42 36.05 -14.66
N SER B 410 -43.49 36.33 -13.92
CA SER B 410 -43.36 37.21 -12.76
C SER B 410 -42.56 36.51 -11.66
N GLU B 411 -42.07 37.30 -10.70
CA GLU B 411 -41.26 36.73 -9.62
C GLU B 411 -42.03 35.64 -8.88
N ASP B 412 -43.29 35.92 -8.53
CA ASP B 412 -44.12 34.91 -7.86
C ASP B 412 -44.24 33.63 -8.71
N GLU B 413 -44.44 33.78 -10.02
CA GLU B 413 -44.54 32.62 -10.89
C GLU B 413 -43.24 31.83 -10.94
N ARG B 414 -42.10 32.53 -10.95
CA ARG B 414 -40.80 31.85 -10.93
C ARG B 414 -40.59 31.11 -9.62
N LEU B 415 -40.92 31.74 -8.49
CA LEU B 415 -40.73 31.06 -7.23
C LEU B 415 -41.64 29.84 -7.13
N ALA B 416 -42.85 29.93 -7.71
CA ALA B 416 -43.78 28.80 -7.77
C ALA B 416 -43.33 27.70 -8.72
N SER B 417 -42.37 27.97 -9.59
CA SER B 417 -41.80 26.94 -10.45
C SER B 417 -40.46 26.45 -9.90
N GLY B 418 -40.09 26.86 -8.69
CA GLY B 418 -38.82 26.49 -8.08
C GLY B 418 -37.61 27.31 -8.49
N VAL B 419 -37.82 28.44 -9.16
CA VAL B 419 -36.71 29.30 -9.60
C VAL B 419 -36.48 30.36 -8.54
N THR B 420 -35.32 30.33 -7.90
CA THR B 420 -34.92 31.38 -6.97
C THR B 420 -33.92 32.27 -7.68
N GLU B 421 -33.44 33.29 -6.99
CA GLU B 421 -32.71 34.28 -7.76
C GLU B 421 -31.22 33.99 -7.75
N ASP B 422 -30.74 33.24 -6.76
CA ASP B 422 -29.34 32.84 -6.62
C ASP B 422 -29.05 31.45 -7.25
N MET B 423 -30.00 30.90 -8.01
CA MET B 423 -29.88 29.55 -8.52
C MET B 423 -29.01 29.51 -9.77
N ILE B 424 -28.04 28.60 -9.79
CA ILE B 424 -27.27 28.29 -11.00
C ILE B 424 -27.73 26.93 -11.51
N ARG B 425 -28.34 26.89 -12.70
CA ARG B 425 -28.72 25.63 -13.33
C ARG B 425 -27.58 25.08 -14.17
N ILE B 426 -27.21 23.83 -13.91
CA ILE B 426 -26.07 23.20 -14.57
C ILE B 426 -26.56 21.98 -15.32
N SER B 427 -26.36 21.98 -16.64
CA SER B 427 -26.55 20.78 -17.45
C SER B 427 -25.19 20.10 -17.57
N VAL B 428 -25.01 18.97 -16.88
CA VAL B 428 -23.71 18.32 -16.78
C VAL B 428 -23.43 17.55 -18.07
N GLY B 429 -22.31 17.85 -18.72
CA GLY B 429 -21.95 17.21 -19.96
C GLY B 429 -21.28 15.86 -19.74
N ILE B 430 -20.71 15.33 -20.82
CA ILE B 430 -20.05 14.05 -20.77
C ILE B 430 -18.53 14.19 -20.80
N GLU B 431 -18.00 15.40 -20.56
CA GLU B 431 -16.57 15.55 -20.42
C GLU B 431 -16.08 14.72 -19.23
N HIS B 432 -14.76 14.57 -19.13
CA HIS B 432 -14.19 13.93 -17.95
C HIS B 432 -14.54 14.72 -16.70
N VAL B 433 -15.04 14.04 -15.68
CA VAL B 433 -15.59 14.74 -14.53
C VAL B 433 -14.50 15.49 -13.79
N ASP B 434 -13.24 15.03 -13.87
CA ASP B 434 -12.15 15.77 -13.23
C ASP B 434 -12.00 17.16 -13.84
N ASP B 435 -12.15 17.27 -15.16
CA ASP B 435 -12.04 18.56 -15.82
C ASP B 435 -13.25 19.45 -15.49
N ILE B 436 -14.44 18.86 -15.38
CA ILE B 436 -15.60 19.66 -14.98
C ILE B 436 -15.37 20.19 -13.57
N ILE B 437 -14.98 19.31 -12.67
CA ILE B 437 -14.74 19.69 -11.28
C ILE B 437 -13.62 20.73 -11.20
N ALA B 438 -12.54 20.52 -11.96
CA ALA B 438 -11.45 21.49 -11.95
C ALA B 438 -11.91 22.84 -12.48
N ASP B 439 -12.84 22.86 -13.43
CA ASP B 439 -13.33 24.15 -13.94
C ASP B 439 -14.05 24.92 -12.85
N PHE B 440 -14.86 24.24 -12.04
CA PHE B 440 -15.55 24.93 -10.95
C PHE B 440 -14.57 25.32 -9.85
N GLU B 441 -13.61 24.43 -9.55
CA GLU B 441 -12.60 24.75 -8.53
C GLU B 441 -11.86 26.05 -8.86
N GLN B 442 -11.40 26.21 -10.10
CA GLN B 442 -10.65 27.42 -10.44
C GLN B 442 -11.55 28.66 -10.46
N SER B 443 -12.82 28.50 -10.85
CA SER B 443 -13.72 29.64 -10.81
C SER B 443 -14.03 30.04 -9.37
N PHE B 444 -14.04 29.07 -8.45
CA PHE B 444 -14.33 29.36 -7.05
C PHE B 444 -13.20 30.15 -6.40
N GLN B 445 -11.96 29.73 -6.66
CA GLN B 445 -10.74 30.41 -6.24
C GLN B 445 -10.89 31.90 -6.55
N LYS B 446 -11.14 32.20 -7.85
CA LYS B 446 -11.17 33.57 -8.35
C LYS B 446 -12.27 34.38 -7.68
N ALA B 447 -13.46 33.81 -7.55
CA ALA B 447 -14.57 34.57 -6.95
C ALA B 447 -14.38 34.77 -5.46
N TYR B 448 -13.72 33.84 -4.77
CA TYR B 448 -13.54 33.91 -3.32
C TYR B 448 -12.06 33.98 -2.97
N GLY B 449 -11.40 32.83 -2.86
CA GLY B 449 -9.98 32.78 -2.52
C GLY B 449 -9.52 31.39 -2.14
N VAL C 22 -11.18 6.01 31.49
CA VAL C 22 -12.45 6.05 30.78
C VAL C 22 -12.31 5.52 29.35
N PHE C 23 -13.04 4.45 29.05
CA PHE C 23 -13.23 4.01 27.69
C PHE C 23 -14.70 4.12 27.36
N GLN C 24 -14.97 4.30 26.09
CA GLN C 24 -16.33 4.40 25.60
C GLN C 24 -16.80 3.06 25.06
N ASN C 25 -15.91 2.34 24.38
CA ASN C 25 -16.32 1.29 23.47
C ASN C 25 -16.43 -0.05 24.19
N PHE C 26 -17.59 -0.70 23.97
CA PHE C 26 -17.87 -2.03 24.52
C PHE C 26 -16.72 -2.99 24.26
N GLU C 27 -16.15 -2.95 23.04
CA GLU C 27 -15.12 -3.90 22.62
C GLU C 27 -13.86 -3.75 23.47
N THR C 28 -13.62 -2.56 23.98
CA THR C 28 -12.45 -2.33 24.82
C THR C 28 -12.76 -2.61 26.28
N LEU C 29 -13.94 -2.20 26.73
CA LEU C 29 -14.30 -2.41 28.14
C LEU C 29 -14.36 -3.90 28.47
N GLN C 30 -14.86 -4.72 27.54
CA GLN C 30 -15.01 -6.14 27.82
C GLN C 30 -13.68 -6.84 28.07
N LEU C 31 -12.55 -6.19 27.77
CA LEU C 31 -11.24 -6.74 28.02
C LEU C 31 -10.48 -6.06 29.15
N HIS C 32 -10.90 -4.86 29.58
CA HIS C 32 -10.04 -4.04 30.43
C HIS C 32 -10.71 -3.52 31.70
N ALA C 33 -12.03 -3.32 31.67
CA ALA C 33 -12.69 -2.67 32.80
C ALA C 33 -12.61 -3.54 34.06
N GLY C 34 -12.31 -2.89 35.19
CA GLY C 34 -12.39 -3.50 36.51
C GLY C 34 -11.19 -4.29 36.95
N TYR C 35 -10.08 -4.25 36.21
CA TYR C 35 -8.91 -4.99 36.62
C TYR C 35 -7.62 -4.27 36.22
N THR C 36 -6.69 -4.17 37.18
CA THR C 36 -5.32 -3.76 36.95
C THR C 36 -4.39 -4.78 37.60
N PRO C 37 -3.31 -5.18 36.93
CA PRO C 37 -2.41 -6.16 37.53
C PRO C 37 -1.92 -5.70 38.89
N ASP C 38 -2.02 -6.59 39.86
CA ASP C 38 -1.69 -6.23 41.22
C ASP C 38 -0.18 -6.13 41.37
N PRO C 39 0.33 -5.15 42.12
CA PRO C 39 1.78 -4.84 42.00
C PRO C 39 2.67 -5.95 42.51
N HIS C 40 2.15 -6.91 43.29
CA HIS C 40 3.01 -7.95 43.85
C HIS C 40 3.39 -8.98 42.79
N THR C 41 2.39 -9.60 42.15
CA THR C 41 2.68 -10.61 41.13
C THR C 41 2.70 -10.05 39.72
N ARG C 42 1.97 -8.96 39.48
CA ARG C 42 1.82 -8.32 38.17
C ARG C 42 1.11 -9.23 37.16
N SER C 43 0.29 -10.16 37.64
CA SER C 43 -0.41 -11.12 36.79
C SER C 43 -1.33 -10.43 35.77
N THR C 44 -1.04 -10.63 34.48
CA THR C 44 -1.78 -9.95 33.41
C THR C 44 -3.23 -10.42 33.34
N ALA C 45 -3.46 -11.73 33.44
CA ALA C 45 -4.78 -12.32 33.56
C ALA C 45 -5.25 -12.31 35.02
N VAL C 46 -6.57 -12.42 35.18
CA VAL C 46 -7.23 -12.36 36.48
C VAL C 46 -6.95 -13.66 37.24
N PRO C 47 -6.30 -13.63 38.39
CA PRO C 47 -6.09 -14.87 39.14
C PRO C 47 -7.41 -15.39 39.68
N ILE C 48 -7.42 -16.68 39.99
CA ILE C 48 -8.56 -17.37 40.59
C ILE C 48 -8.30 -17.44 42.09
N TYR C 49 -9.00 -16.62 42.85
CA TYR C 49 -8.79 -16.57 44.30
C TYR C 49 -9.63 -17.65 44.96
N ALA C 50 -9.15 -18.90 44.86
CA ALA C 50 -9.83 -20.04 45.48
C ALA C 50 -9.48 -20.04 46.97
N THR C 51 -10.14 -19.11 47.69
CA THR C 51 -9.97 -18.95 49.13
C THR C 51 -11.34 -18.64 49.73
N SER C 52 -11.60 -19.21 50.91
CA SER C 52 -12.79 -18.80 51.65
C SER C 52 -12.54 -17.52 52.43
N SER C 53 -11.30 -17.30 52.91
CA SER C 53 -10.98 -16.26 53.89
C SER C 53 -9.77 -15.43 53.48
N TYR C 54 -9.61 -14.31 54.20
CA TYR C 54 -8.59 -13.29 53.95
C TYR C 54 -8.06 -12.85 55.31
N THR C 55 -6.76 -13.05 55.54
CA THR C 55 -6.21 -12.90 56.88
C THR C 55 -6.19 -11.42 57.29
N PHE C 56 -6.62 -11.15 58.53
CA PHE C 56 -6.58 -9.80 59.05
C PHE C 56 -5.13 -9.34 59.25
N ASN C 57 -4.89 -8.05 59.05
CA ASN C 57 -3.60 -7.48 59.46
C ASN C 57 -3.43 -7.52 60.96
N ASP C 58 -4.52 -7.33 61.70
CA ASP C 58 -4.48 -7.35 63.16
C ASP C 58 -5.94 -7.35 63.63
N SER C 59 -6.14 -7.56 64.94
CA SER C 59 -7.50 -7.69 65.44
C SER C 59 -8.33 -6.45 65.15
N ALA C 60 -7.74 -5.26 65.33
CA ALA C 60 -8.45 -4.02 65.07
C ALA C 60 -8.91 -3.94 63.62
N HIS C 61 -8.07 -4.39 62.68
CA HIS C 61 -8.44 -4.41 61.27
C HIS C 61 -9.68 -5.28 61.03
N GLY C 62 -9.72 -6.47 61.62
CA GLY C 62 -10.90 -7.32 61.49
C GLY C 62 -12.17 -6.66 62.00
N ALA C 63 -12.07 -5.97 63.15
CA ALA C 63 -13.23 -5.28 63.70
C ALA C 63 -13.67 -4.12 62.81
N ARG C 64 -12.72 -3.41 62.20
CA ARG C 64 -13.09 -2.35 61.26
C ARG C 64 -13.81 -2.90 60.05
N LEU C 65 -13.32 -4.03 59.51
CA LEU C 65 -13.96 -4.68 58.37
C LEU C 65 -15.38 -5.10 58.69
N PHE C 66 -15.56 -5.90 59.77
CA PHE C 66 -16.89 -6.37 60.13
C PHE C 66 -17.82 -5.23 60.48
N GLY C 67 -17.30 -4.13 61.04
CA GLY C 67 -18.10 -2.96 61.37
C GLY C 67 -18.45 -2.09 60.20
N LEU C 68 -18.09 -2.52 58.98
CA LEU C 68 -18.29 -1.74 57.75
C LEU C 68 -17.65 -0.37 57.84
N LYS C 69 -16.59 -0.25 58.64
CA LYS C 69 -15.84 1.01 58.76
C LYS C 69 -14.75 1.16 57.71
N GLU C 70 -14.37 0.06 57.04
CA GLU C 70 -13.28 0.06 56.08
C GLU C 70 -13.59 -0.98 55.01
N LEU C 71 -13.28 -0.65 53.75
CA LEU C 71 -13.49 -1.58 52.65
C LEU C 71 -12.35 -2.59 52.60
N GLY C 72 -12.70 -3.86 52.41
CA GLY C 72 -11.71 -4.93 52.37
C GLY C 72 -12.31 -6.32 52.30
N ASN C 73 -11.52 -7.27 51.82
CA ASN C 73 -11.94 -8.67 51.74
C ASN C 73 -12.10 -9.26 53.14
N ILE C 74 -13.27 -9.85 53.40
CA ILE C 74 -13.54 -10.54 54.66
C ILE C 74 -13.73 -12.04 54.43
N TYR C 75 -14.58 -12.40 53.48
CA TYR C 75 -15.07 -13.78 53.37
C TYR C 75 -15.76 -13.93 52.03
N SER C 76 -15.50 -15.06 51.35
CA SER C 76 -15.91 -15.22 49.95
C SER C 76 -17.41 -15.42 49.78
N ARG C 77 -18.20 -15.64 50.85
CA ARG C 77 -19.64 -15.62 50.70
C ARG C 77 -20.13 -14.24 50.24
N LEU C 78 -19.41 -13.18 50.61
CA LEU C 78 -19.75 -11.79 50.30
C LEU C 78 -18.88 -11.18 49.21
N MET C 79 -17.57 -11.41 49.24
CA MET C 79 -16.68 -10.78 48.27
C MET C 79 -15.51 -11.70 47.92
N ASN C 80 -15.00 -11.53 46.71
CA ASN C 80 -13.87 -12.31 46.22
C ASN C 80 -13.21 -11.54 45.08
N PRO C 81 -11.89 -11.36 45.09
CA PRO C 81 -11.25 -10.50 44.07
C PRO C 81 -11.48 -10.98 42.62
N THR C 82 -11.61 -12.29 42.37
CA THR C 82 -11.93 -12.74 41.02
C THR C 82 -13.35 -12.34 40.65
N VAL C 83 -14.30 -12.56 41.57
CA VAL C 83 -15.69 -12.20 41.34
C VAL C 83 -15.85 -10.67 41.20
N ASP C 84 -15.03 -9.92 41.93
CA ASP C 84 -15.06 -8.46 41.85
C ASP C 84 -14.76 -7.96 40.43
N VAL C 85 -13.75 -8.53 39.76
CA VAL C 85 -13.51 -8.14 38.36
C VAL C 85 -14.74 -8.42 37.52
N PHE C 86 -15.34 -9.60 37.68
CA PHE C 86 -16.53 -9.95 36.93
C PHE C 86 -17.63 -8.91 37.13
N GLU C 87 -17.86 -8.51 38.39
CA GLU C 87 -18.92 -7.55 38.71
C GLU C 87 -18.66 -6.18 38.10
N LYS C 88 -17.44 -5.68 38.26
CA LYS C 88 -17.10 -4.35 37.74
C LYS C 88 -17.12 -4.33 36.22
N ARG C 89 -16.67 -5.40 35.60
CA ARG C 89 -16.66 -5.43 34.15
C ARG C 89 -18.06 -5.38 33.60
N ILE C 90 -18.99 -6.16 34.16
CA ILE C 90 -20.37 -6.13 33.70
C ILE C 90 -21.01 -4.77 33.97
N ALA C 91 -20.76 -4.20 35.16
CA ALA C 91 -21.34 -2.90 35.45
C ALA C 91 -20.87 -1.88 34.41
N ALA C 92 -19.58 -1.90 34.07
CA ALA C 92 -19.08 -0.95 33.08
C ALA C 92 -19.73 -1.19 31.71
N LEU C 93 -19.97 -2.45 31.36
CA LEU C 93 -20.56 -2.74 30.05
C LEU C 93 -22.01 -2.33 29.98
N GLU C 94 -22.73 -2.43 31.09
CA GLU C 94 -24.13 -2.05 31.11
C GLU C 94 -24.34 -0.57 31.40
N GLY C 95 -23.33 0.13 31.89
CA GLY C 95 -23.47 1.51 32.27
C GLY C 95 -23.98 1.76 33.68
N GLY C 96 -23.81 0.81 34.60
CA GLY C 96 -24.21 1.00 35.98
C GLY C 96 -23.01 1.38 36.84
N ILE C 97 -23.29 1.76 38.08
CA ILE C 97 -22.17 2.11 38.96
C ILE C 97 -21.52 0.88 39.58
N ALA C 98 -22.25 -0.22 39.76
CA ALA C 98 -21.66 -1.37 40.43
C ALA C 98 -22.56 -2.58 40.20
N ALA C 99 -22.05 -3.76 40.55
CA ALA C 99 -22.81 -4.98 40.32
C ALA C 99 -22.49 -6.00 41.41
N ALA C 100 -23.39 -6.97 41.57
CA ALA C 100 -23.16 -8.07 42.50
C ALA C 100 -23.46 -9.39 41.82
N ALA C 101 -22.54 -10.34 41.94
CA ALA C 101 -22.67 -11.63 41.29
C ALA C 101 -23.49 -12.57 42.14
N THR C 102 -24.21 -13.46 41.48
CA THR C 102 -24.95 -14.49 42.17
C THR C 102 -24.65 -15.83 41.54
N SER C 103 -25.05 -16.88 42.26
CA SER C 103 -24.76 -18.22 41.78
C SER C 103 -25.53 -18.59 40.54
N SER C 104 -26.58 -17.85 40.19
CA SER C 104 -27.37 -18.17 39.00
C SER C 104 -28.24 -16.97 38.66
N GLY C 105 -28.77 -16.98 37.44
CA GLY C 105 -29.70 -15.95 37.03
C GLY C 105 -30.95 -15.92 37.89
N GLN C 106 -31.49 -17.10 38.21
CA GLN C 106 -32.62 -17.18 39.13
C GLN C 106 -32.30 -16.51 40.47
N ALA C 107 -31.10 -16.73 41.00
CA ALA C 107 -30.73 -16.11 42.28
C ALA C 107 -30.62 -14.59 42.14
N ALA C 108 -30.16 -14.10 40.98
CA ALA C 108 -30.08 -12.66 40.76
C ALA C 108 -31.45 -12.02 40.85
N GLN C 109 -32.44 -12.64 40.21
CA GLN C 109 -33.81 -12.15 40.28
C GLN C 109 -34.36 -12.26 41.71
N PHE C 110 -34.11 -13.39 42.36
CA PHE C 110 -34.69 -13.57 43.69
C PHE C 110 -34.10 -12.58 44.69
N LEU C 111 -32.78 -12.41 44.68
CA LEU C 111 -32.18 -11.46 45.63
C LEU C 111 -32.65 -10.03 45.36
N THR C 112 -32.83 -9.67 44.08
CA THR C 112 -33.27 -8.32 43.74
C THR C 112 -34.65 -8.05 44.30
N ILE C 113 -35.61 -8.91 43.97
CA ILE C 113 -36.98 -8.74 44.45
C ILE C 113 -37.04 -8.81 45.97
N ALA C 114 -36.29 -9.73 46.58
CA ALA C 114 -36.33 -9.87 48.02
C ALA C 114 -35.79 -8.63 48.74
N THR C 115 -34.98 -7.83 48.05
CA THR C 115 -34.50 -6.60 48.65
C THR C 115 -35.52 -5.46 48.48
N LEU C 116 -36.18 -5.42 47.33
CA LEU C 116 -37.18 -4.39 47.10
C LEU C 116 -38.46 -4.64 47.89
N ALA C 117 -38.83 -5.89 48.14
CA ALA C 117 -40.15 -6.20 48.66
C ALA C 117 -40.05 -7.11 49.89
N LYS C 118 -41.08 -7.07 50.71
CA LYS C 118 -41.23 -7.97 51.83
C LYS C 118 -42.69 -8.40 51.89
N ALA C 119 -43.02 -9.27 52.87
CA ALA C 119 -44.37 -9.81 52.99
C ALA C 119 -45.41 -8.69 53.01
N GLY C 120 -46.43 -8.82 52.15
CA GLY C 120 -47.44 -7.80 51.95
C GLY C 120 -47.24 -6.97 50.71
N ASP C 121 -46.05 -7.00 50.11
CA ASP C 121 -45.76 -6.20 48.94
C ASP C 121 -46.06 -6.98 47.66
N ASN C 122 -46.03 -6.25 46.55
CA ASN C 122 -46.22 -6.88 45.26
C ASN C 122 -45.30 -6.22 44.26
N ILE C 123 -45.14 -6.86 43.11
CA ILE C 123 -44.49 -6.24 41.98
C ILE C 123 -45.41 -6.37 40.78
N VAL C 124 -45.22 -5.48 39.82
CA VAL C 124 -45.93 -5.52 38.57
C VAL C 124 -44.98 -6.04 37.51
N ALA C 125 -45.40 -7.05 36.75
CA ALA C 125 -44.48 -7.70 35.82
C ALA C 125 -45.19 -7.98 34.50
N SER C 126 -44.43 -7.90 33.41
CA SER C 126 -44.94 -8.37 32.13
C SER C 126 -45.23 -9.87 32.22
N SER C 127 -46.26 -10.31 31.49
CA SER C 127 -46.58 -11.74 31.44
C SER C 127 -45.67 -12.50 30.48
N HIS C 128 -44.86 -11.82 29.68
CA HIS C 128 -43.97 -12.49 28.74
C HIS C 128 -42.64 -12.73 29.44
N LEU C 129 -42.52 -13.87 30.11
CA LEU C 129 -41.36 -14.17 30.94
C LEU C 129 -40.78 -15.55 30.61
N TYR C 130 -39.47 -15.69 30.83
CA TYR C 130 -38.87 -17.02 30.89
C TYR C 130 -39.62 -17.85 31.92
N GLY C 131 -39.81 -19.14 31.64
CA GLY C 131 -40.72 -19.95 32.46
C GLY C 131 -40.30 -20.04 33.91
N GLY C 132 -39.00 -20.15 34.16
CA GLY C 132 -38.51 -20.19 35.53
C GLY C 132 -38.75 -18.90 36.29
N THR C 133 -38.69 -17.76 35.61
CA THR C 133 -39.02 -16.49 36.26
C THR C 133 -40.49 -16.43 36.62
N TYR C 134 -41.36 -16.79 35.68
CA TYR C 134 -42.79 -16.82 35.94
C TYR C 134 -43.11 -17.69 37.15
N ASN C 135 -42.52 -18.88 37.20
CA ASN C 135 -42.76 -19.76 38.34
C ASN C 135 -42.26 -19.13 39.63
N GLN C 136 -41.12 -18.45 39.56
CA GLN C 136 -40.61 -17.73 40.71
C GLN C 136 -41.62 -16.71 41.21
N LEU C 137 -42.20 -15.95 40.29
CA LEU C 137 -43.10 -14.88 40.68
C LEU C 137 -44.48 -15.39 41.03
N ASN C 138 -44.96 -16.38 40.29
CA ASN C 138 -46.33 -16.85 40.49
C ASN C 138 -46.45 -17.88 41.62
N VAL C 139 -45.38 -18.58 41.96
CA VAL C 139 -45.51 -19.71 42.88
C VAL C 139 -44.57 -19.56 44.09
N LEU C 140 -43.29 -19.31 43.84
CA LEU C 140 -42.34 -19.27 44.95
C LEU C 140 -42.54 -18.03 45.84
N LEU C 141 -42.34 -16.83 45.28
CA LEU C 141 -42.42 -15.61 46.08
C LEU C 141 -43.74 -15.43 46.83
N PRO C 142 -44.92 -15.83 46.32
CA PRO C 142 -46.14 -15.76 47.17
C PRO C 142 -46.01 -16.49 48.50
N ARG C 143 -45.28 -17.60 48.56
CA ARG C 143 -45.07 -18.26 49.85
C ARG C 143 -44.42 -17.33 50.87
N PHE C 144 -43.73 -16.29 50.41
CA PHE C 144 -43.13 -15.31 51.30
C PHE C 144 -43.94 -14.02 51.41
N GLY C 145 -45.22 -14.04 51.03
CA GLY C 145 -46.05 -12.86 51.10
C GLY C 145 -45.80 -11.83 50.02
N ILE C 146 -45.12 -12.19 48.93
CA ILE C 146 -44.75 -11.26 47.85
C ILE C 146 -45.45 -11.74 46.57
N LYS C 147 -46.46 -10.99 46.14
CA LYS C 147 -47.28 -11.37 44.99
C LYS C 147 -46.91 -10.59 43.75
N THR C 148 -47.29 -11.11 42.59
CA THR C 148 -46.99 -10.46 41.33
C THR C 148 -48.28 -10.23 40.55
N LYS C 149 -48.43 -9.03 40.00
CA LYS C 149 -49.53 -8.71 39.10
C LYS C 149 -48.99 -8.68 37.68
N PHE C 150 -49.51 -9.57 36.84
CA PHE C 150 -49.01 -9.74 35.48
C PHE C 150 -49.81 -8.88 34.51
N VAL C 151 -49.10 -8.28 33.54
CA VAL C 151 -49.71 -7.45 32.49
C VAL C 151 -49.42 -8.10 31.16
N ARG C 152 -50.48 -8.41 30.40
CA ARG C 152 -50.35 -9.14 29.16
C ARG C 152 -50.21 -8.26 27.92
N SER C 153 -50.78 -7.05 27.92
CA SER C 153 -50.89 -6.26 26.70
C SER C 153 -49.64 -5.46 26.36
N GLY C 154 -48.75 -5.23 27.32
CA GLY C 154 -47.67 -4.29 27.08
C GLY C 154 -48.09 -2.84 27.05
N LYS C 155 -49.37 -2.53 27.29
CA LYS C 155 -49.86 -1.15 27.18
C LYS C 155 -49.47 -0.35 28.42
N LEU C 156 -48.96 0.86 28.19
CA LEU C 156 -48.53 1.72 29.30
C LEU C 156 -49.63 1.89 30.34
N GLU C 157 -50.88 2.03 29.89
CA GLU C 157 -52.01 2.26 30.80
C GLU C 157 -52.25 1.06 31.71
N ASP C 158 -52.06 -0.15 31.18
CA ASP C 158 -52.29 -1.33 31.99
C ASP C 158 -51.19 -1.51 33.04
N TYR C 159 -49.95 -1.13 32.70
CA TYR C 159 -48.89 -1.12 33.70
C TYR C 159 -49.21 -0.13 34.81
N ALA C 160 -49.73 1.05 34.44
CA ALA C 160 -50.06 2.07 35.42
C ALA C 160 -51.24 1.65 36.29
N ALA C 161 -52.27 1.04 35.69
CA ALA C 161 -53.43 0.65 36.49
C ALA C 161 -53.09 -0.41 37.52
N ALA C 162 -52.07 -1.26 37.26
CA ALA C 162 -51.75 -2.35 38.18
C ALA C 162 -51.04 -1.89 39.45
N ILE C 163 -50.50 -0.68 39.47
CA ILE C 163 -49.71 -0.24 40.61
C ILE C 163 -50.62 0.17 41.76
N ASP C 164 -50.21 -0.15 42.99
CA ASP C 164 -50.91 0.33 44.18
C ASP C 164 -49.86 0.65 45.24
N ASP C 165 -50.33 0.90 46.46
CA ASP C 165 -49.41 1.40 47.47
C ASP C 165 -48.46 0.32 47.95
N GLN C 166 -48.72 -0.95 47.62
CA GLN C 166 -47.83 -2.02 48.01
C GLN C 166 -46.87 -2.43 46.89
N THR C 167 -47.00 -1.86 45.70
CA THR C 167 -46.10 -2.20 44.61
C THR C 167 -44.70 -1.72 44.91
N ARG C 168 -43.70 -2.51 44.50
CA ARG C 168 -42.31 -2.19 44.77
C ARG C 168 -41.42 -2.15 43.54
N ALA C 169 -41.90 -2.59 42.37
CA ALA C 169 -41.13 -2.47 41.15
C ALA C 169 -42.02 -2.82 39.97
N ILE C 170 -41.56 -2.43 38.78
CA ILE C 170 -42.02 -3.00 37.52
C ILE C 170 -40.91 -3.90 37.00
N TYR C 171 -41.27 -5.09 36.51
CA TYR C 171 -40.30 -6.08 36.06
C TYR C 171 -40.60 -6.48 34.62
N VAL C 172 -39.63 -6.31 33.72
CA VAL C 172 -39.80 -6.74 32.33
C VAL C 172 -38.51 -7.40 31.87
N GLU C 173 -38.62 -8.22 30.84
CA GLU C 173 -37.47 -8.73 30.12
C GLU C 173 -37.23 -7.84 28.92
N SER C 174 -35.95 -7.57 28.62
CA SER C 174 -35.67 -6.64 27.53
C SER C 174 -36.06 -7.23 26.19
N MET C 175 -36.11 -8.55 26.10
CA MET C 175 -36.58 -9.24 24.91
C MET C 175 -37.11 -10.58 25.41
N SER C 176 -38.42 -10.75 25.38
CA SER C 176 -39.00 -11.85 26.14
C SER C 176 -38.66 -13.18 25.48
N ASN C 177 -38.44 -14.16 26.35
CA ASN C 177 -38.06 -15.52 26.02
C ASN C 177 -39.35 -16.34 26.03
N PRO C 178 -39.87 -16.79 24.88
CA PRO C 178 -39.25 -16.83 23.57
C PRO C 178 -40.10 -16.29 22.39
N ASP C 179 -40.86 -15.22 22.58
CA ASP C 179 -41.51 -14.54 21.47
C ASP C 179 -40.91 -13.17 21.18
N TYR C 180 -39.91 -12.73 21.95
CA TYR C 180 -39.08 -11.57 21.62
C TYR C 180 -39.91 -10.29 21.56
N VAL C 181 -40.84 -10.15 22.50
CA VAL C 181 -41.48 -8.87 22.73
C VAL C 181 -40.46 -7.92 23.34
N VAL C 182 -40.28 -6.77 22.70
CA VAL C 182 -39.43 -5.71 23.20
C VAL C 182 -40.34 -4.68 23.88
N PRO C 183 -40.13 -4.39 25.16
CA PRO C 183 -41.00 -3.42 25.84
C PRO C 183 -40.68 -1.98 25.46
N ASP C 184 -41.65 -1.10 25.74
CA ASP C 184 -41.45 0.34 25.61
C ASP C 184 -40.70 0.85 26.85
N PHE C 185 -39.38 0.64 26.83
CA PHE C 185 -38.53 0.94 27.99
C PHE C 185 -38.79 2.34 28.54
N GLU C 186 -38.69 3.35 27.67
CA GLU C 186 -38.83 4.75 28.11
C GLU C 186 -40.21 5.02 28.67
N GLY C 187 -41.26 4.55 27.99
CA GLY C 187 -42.61 4.73 28.51
C GLY C 187 -42.83 4.02 29.84
N ILE C 188 -42.31 2.80 29.97
CA ILE C 188 -42.53 2.06 31.21
C ILE C 188 -41.69 2.63 32.33
N ALA C 189 -40.47 3.08 32.02
CA ALA C 189 -39.62 3.66 33.06
C ALA C 189 -40.25 4.91 33.65
N LYS C 190 -40.96 5.70 32.83
CA LYS C 190 -41.64 6.88 33.35
C LYS C 190 -42.80 6.51 34.25
N ILE C 191 -43.60 5.51 33.84
CA ILE C 191 -44.68 5.02 34.69
C ILE C 191 -44.14 4.60 36.05
N ALA C 192 -43.02 3.87 36.06
CA ALA C 192 -42.44 3.43 37.33
C ALA C 192 -42.00 4.62 38.16
N HIS C 193 -41.17 5.50 37.59
CA HIS C 193 -40.58 6.59 38.37
C HIS C 193 -41.64 7.56 38.86
N GLU C 194 -42.70 7.78 38.08
CA GLU C 194 -43.75 8.70 38.51
C GLU C 194 -44.62 8.11 39.60
N HIS C 195 -44.57 6.78 39.80
CA HIS C 195 -45.24 6.15 40.92
C HIS C 195 -44.30 5.85 42.07
N GLY C 196 -43.03 6.24 41.95
CA GLY C 196 -42.10 6.04 43.02
C GLY C 196 -41.52 4.63 43.13
N ILE C 197 -41.39 3.91 42.02
CA ILE C 197 -40.82 2.55 42.07
C ILE C 197 -39.79 2.37 40.96
N PRO C 198 -38.79 1.50 41.16
CA PRO C 198 -37.79 1.28 40.10
C PRO C 198 -38.31 0.39 38.98
N LEU C 199 -37.76 0.60 37.79
CA LEU C 199 -37.89 -0.36 36.70
C LEU C 199 -36.73 -1.36 36.78
N VAL C 200 -37.06 -2.64 36.95
CA VAL C 200 -36.10 -3.75 36.96
C VAL C 200 -36.25 -4.47 35.63
N VAL C 201 -35.15 -4.62 34.89
CA VAL C 201 -35.14 -5.24 33.57
C VAL C 201 -34.21 -6.45 33.58
N ASP C 202 -34.73 -7.61 33.18
CA ASP C 202 -33.93 -8.80 32.92
C ASP C 202 -33.37 -8.70 31.50
N ASN C 203 -32.08 -8.41 31.38
CA ASN C 203 -31.47 -8.15 30.09
C ASN C 203 -30.69 -9.36 29.54
N THR C 204 -31.06 -10.57 29.97
CA THR C 204 -30.35 -11.76 29.50
C THR C 204 -30.26 -11.82 27.98
N LEU C 205 -31.38 -11.62 27.29
CA LEU C 205 -31.33 -11.72 25.84
C LEU C 205 -30.71 -10.49 25.19
N GLY C 206 -30.38 -9.46 25.97
CA GLY C 206 -29.59 -8.35 25.50
C GLY C 206 -28.10 -8.60 25.37
N ALA C 207 -27.62 -9.76 25.85
CA ALA C 207 -26.22 -10.17 25.68
C ALA C 207 -25.28 -9.19 26.39
N GLY C 208 -25.51 -9.05 27.69
CA GLY C 208 -24.60 -8.27 28.51
C GLY C 208 -24.55 -6.79 28.17
N GLY C 209 -25.58 -6.26 27.53
CA GLY C 209 -25.58 -4.90 27.10
C GLY C 209 -25.21 -4.68 25.65
N TYR C 210 -24.82 -5.74 24.92
CA TYR C 210 -24.39 -5.51 23.55
C TYR C 210 -25.56 -5.16 22.65
N TYR C 211 -26.67 -5.90 22.75
CA TYR C 211 -27.82 -5.66 21.89
C TYR C 211 -28.70 -4.55 22.43
N ILE C 212 -28.87 -4.49 23.75
CA ILE C 212 -29.76 -3.55 24.45
C ILE C 212 -29.07 -3.13 25.74
N ARG C 213 -29.13 -1.83 26.06
CA ARG C 213 -28.63 -1.30 27.32
CA ARG C 213 -28.64 -1.31 27.33
C ARG C 213 -29.80 -0.63 28.03
N PRO C 214 -30.55 -1.37 28.85
CA PRO C 214 -31.78 -0.79 29.44
C PRO C 214 -31.54 0.41 30.33
N ILE C 215 -30.34 0.54 30.93
CA ILE C 215 -30.08 1.67 31.80
C ILE C 215 -30.07 2.99 31.02
N GLU C 216 -29.61 2.97 29.76
CA GLU C 216 -29.72 4.15 28.90
C GLU C 216 -31.16 4.56 28.63
N HIS C 217 -32.13 3.68 28.85
CA HIS C 217 -33.52 3.97 28.52
C HIS C 217 -34.42 3.97 29.75
N GLY C 218 -33.85 4.12 30.94
CA GLY C 218 -34.63 4.36 32.13
C GLY C 218 -34.55 3.29 33.19
N ALA C 219 -33.92 2.15 32.92
CA ALA C 219 -33.95 1.07 33.90
C ALA C 219 -33.08 1.44 35.10
N ASP C 220 -33.56 1.10 36.29
CA ASP C 220 -32.80 1.34 37.51
C ASP C 220 -31.96 0.16 37.94
N ILE C 221 -32.43 -1.06 37.70
CA ILE C 221 -31.77 -2.29 38.09
C ILE C 221 -31.83 -3.25 36.90
N VAL C 222 -30.69 -3.86 36.56
CA VAL C 222 -30.60 -4.82 35.46
C VAL C 222 -30.09 -6.15 36.02
N VAL C 223 -30.79 -7.24 35.70
CA VAL C 223 -30.36 -8.58 36.09
C VAL C 223 -30.07 -9.40 34.84
N HIS C 224 -29.05 -10.25 34.94
CA HIS C 224 -28.70 -11.18 33.88
C HIS C 224 -28.57 -12.60 34.44
N SER C 225 -28.93 -13.57 33.60
CA SER C 225 -28.33 -14.90 33.68
C SER C 225 -27.02 -14.85 32.91
N ALA C 226 -25.90 -14.89 33.64
CA ALA C 226 -24.61 -14.93 32.98
C ALA C 226 -24.30 -16.31 32.39
N THR C 227 -25.14 -17.30 32.69
CA THR C 227 -25.10 -18.63 32.08
C THR C 227 -25.19 -18.57 30.56
N LYS C 228 -25.85 -17.53 30.05
CA LYS C 228 -26.21 -17.44 28.63
C LYS C 228 -25.05 -16.76 27.86
N TRP C 229 -25.36 -15.72 27.07
CA TRP C 229 -24.39 -15.12 26.16
C TRP C 229 -23.20 -14.53 26.88
N ILE C 230 -23.40 -14.05 28.11
CA ILE C 230 -22.28 -13.45 28.83
C ILE C 230 -21.15 -14.46 28.96
N GLY C 231 -21.46 -15.67 29.46
CA GLY C 231 -20.47 -16.73 29.50
C GLY C 231 -20.18 -17.31 28.13
N GLY C 232 -21.24 -17.54 27.34
CA GLY C 232 -21.08 -17.80 25.92
C GLY C 232 -20.59 -19.18 25.52
N HIS C 233 -20.22 -20.05 26.47
CA HIS C 233 -19.72 -21.37 26.12
C HIS C 233 -20.43 -22.51 26.85
N GLY C 234 -21.56 -22.24 27.51
CA GLY C 234 -22.27 -23.28 28.24
C GLY C 234 -21.45 -24.07 29.24
N THR C 235 -20.42 -23.48 29.83
CA THR C 235 -19.69 -24.19 30.88
C THR C 235 -20.18 -23.89 32.30
N THR C 236 -20.86 -22.77 32.53
CA THR C 236 -20.96 -22.23 33.89
C THR C 236 -22.31 -21.57 34.14
N ILE C 237 -22.90 -21.89 35.29
CA ILE C 237 -24.09 -21.20 35.79
C ILE C 237 -23.64 -19.94 36.53
N GLY C 238 -24.33 -18.84 36.29
CA GLY C 238 -24.08 -17.66 37.10
C GLY C 238 -25.07 -16.53 36.88
N GLY C 239 -25.16 -15.61 37.85
CA GLY C 239 -26.02 -14.46 37.73
C GLY C 239 -25.29 -13.19 38.10
N VAL C 240 -25.89 -12.07 37.75
CA VAL C 240 -25.35 -10.77 38.14
C VAL C 240 -26.49 -9.76 38.23
N ILE C 241 -26.38 -8.86 39.22
CA ILE C 241 -27.30 -7.75 39.44
C ILE C 241 -26.51 -6.46 39.24
N VAL C 242 -27.03 -5.58 38.37
CA VAL C 242 -26.37 -4.31 38.07
C VAL C 242 -27.21 -3.15 38.58
N ASP C 243 -26.60 -2.30 39.40
CA ASP C 243 -27.26 -1.11 39.94
C ASP C 243 -26.93 0.09 39.05
N SER C 244 -27.97 0.77 38.56
CA SER C 244 -27.68 2.00 37.82
C SER C 244 -27.16 3.09 38.74
N GLY C 245 -27.48 3.05 40.02
CA GLY C 245 -27.26 4.17 40.92
C GLY C 245 -28.14 5.38 40.70
N ARG C 246 -29.15 5.30 39.84
CA ARG C 246 -29.97 6.45 39.44
C ARG C 246 -31.31 6.52 40.15
N PHE C 247 -31.61 5.60 41.06
CA PHE C 247 -32.90 5.64 41.74
C PHE C 247 -32.70 6.21 43.13
N ASN C 248 -33.44 7.28 43.42
CA ASN C 248 -33.36 8.00 44.69
C ASN C 248 -34.18 7.26 45.74
N TRP C 249 -33.51 6.38 46.50
CA TRP C 249 -34.22 5.67 47.55
C TRP C 249 -34.71 6.61 48.63
N ASN C 250 -33.96 7.69 48.90
CA ASN C 250 -34.38 8.65 49.92
C ASN C 250 -35.69 9.34 49.55
N LYS C 251 -35.83 9.78 48.29
CA LYS C 251 -37.06 10.43 47.85
C LYS C 251 -38.26 9.49 47.96
N HIS C 252 -38.05 8.17 47.87
CA HIS C 252 -39.17 7.24 47.91
C HIS C 252 -39.11 6.30 49.12
N SER C 253 -38.63 6.82 50.25
CA SER C 253 -38.48 6.01 51.44
C SER C 253 -39.81 5.54 52.02
N ASP C 254 -40.93 6.13 51.62
CA ASP C 254 -42.22 5.63 52.05
C ASP C 254 -42.47 4.22 51.54
N ARG C 255 -42.03 3.92 50.30
CA ARG C 255 -42.13 2.57 49.75
C ARG C 255 -40.92 1.69 50.10
N PHE C 256 -39.77 2.28 50.40
CA PHE C 256 -38.53 1.53 50.65
C PHE C 256 -37.86 2.01 51.93
N PRO C 257 -38.53 1.89 53.08
CA PRO C 257 -37.95 2.45 54.31
C PRO C 257 -36.63 1.83 54.71
N GLU C 258 -36.39 0.56 54.38
CA GLU C 258 -35.13 -0.07 54.76
C GLU C 258 -33.94 0.56 54.06
N MET C 259 -34.18 1.31 52.98
CA MET C 259 -33.06 1.99 52.33
C MET C 259 -32.55 3.18 53.14
N VAL C 260 -33.38 3.76 54.02
CA VAL C 260 -32.96 4.96 54.74
C VAL C 260 -32.99 4.76 56.25
N GLU C 261 -33.88 3.91 56.75
CA GLU C 261 -34.07 3.83 58.19
C GLU C 261 -32.96 3.03 58.86
N PRO C 262 -32.75 3.22 60.17
CA PRO C 262 -31.72 2.46 60.88
C PRO C 262 -31.89 0.96 60.67
N SER C 263 -30.77 0.28 60.34
CA SER C 263 -30.81 -1.12 59.93
C SER C 263 -30.65 -2.04 61.14
N PRO C 264 -31.53 -3.03 61.30
CA PRO C 264 -31.37 -3.97 62.43
C PRO C 264 -30.24 -4.94 62.20
N SER C 265 -29.75 -5.09 60.97
CA SER C 265 -28.60 -5.94 60.71
C SER C 265 -27.28 -5.30 61.11
N TYR C 266 -27.22 -3.96 61.19
CA TYR C 266 -25.95 -3.26 61.41
C TYR C 266 -26.10 -2.14 62.43
N HIS C 267 -26.81 -2.44 63.52
CA HIS C 267 -26.84 -1.59 64.72
C HIS C 267 -27.26 -0.16 64.38
N GLY C 268 -28.31 -0.05 63.58
CA GLY C 268 -28.87 1.24 63.26
C GLY C 268 -28.20 1.98 62.13
N LEU C 269 -27.26 1.35 61.41
CA LEU C 269 -26.69 1.96 60.22
C LEU C 269 -27.79 2.38 59.25
N LYS C 270 -27.62 3.56 58.66
CA LYS C 270 -28.57 4.09 57.69
C LYS C 270 -27.92 4.04 56.32
N TYR C 271 -28.43 3.17 55.45
CA TYR C 271 -27.71 2.84 54.22
C TYR C 271 -27.58 4.05 53.30
N TRP C 272 -28.70 4.70 52.98
CA TRP C 272 -28.66 5.85 52.08
C TRP C 272 -27.65 6.89 52.56
N GLU C 273 -27.76 7.27 53.83
CA GLU C 273 -26.83 8.23 54.44
C GLU C 273 -25.37 7.82 54.28
N ALA C 274 -25.07 6.53 54.32
CA ALA C 274 -23.68 6.05 54.22
C ALA C 274 -23.22 5.83 52.78
N PHE C 275 -24.10 5.37 51.89
CA PHE C 275 -23.66 4.89 50.58
C PHE C 275 -24.34 5.58 49.40
N GLY C 276 -25.40 6.35 49.63
CA GLY C 276 -26.00 7.14 48.59
C GLY C 276 -26.47 6.31 47.41
N PRO C 277 -25.99 6.66 46.21
CA PRO C 277 -26.47 5.96 45.01
C PRO C 277 -26.08 4.49 44.95
N ALA C 278 -25.12 4.04 45.76
CA ALA C 278 -24.80 2.62 45.82
C ALA C 278 -25.58 1.87 46.90
N THR C 279 -26.71 2.42 47.37
CA THR C 279 -27.39 1.83 48.53
C THR C 279 -27.97 0.45 48.21
N PHE C 280 -28.70 0.34 47.10
CA PHE C 280 -29.32 -0.95 46.78
C PHE C 280 -28.27 -2.04 46.61
N ILE C 281 -27.24 -1.78 45.81
CA ILE C 281 -26.26 -2.83 45.55
C ILE C 281 -25.47 -3.15 46.81
N THR C 282 -25.37 -2.19 47.74
CA THR C 282 -24.69 -2.45 49.00
C THR C 282 -25.51 -3.38 49.88
N ARG C 283 -26.84 -3.19 49.90
CA ARG C 283 -27.70 -4.08 50.66
C ARG C 283 -27.72 -5.49 50.08
N ILE C 284 -27.69 -5.59 48.74
CA ILE C 284 -27.58 -6.90 48.12
C ILE C 284 -26.39 -7.66 48.72
N ARG C 285 -25.26 -6.98 48.87
CA ARG C 285 -24.07 -7.64 49.38
C ARG C 285 -24.12 -7.86 50.90
N VAL C 286 -24.27 -6.79 51.68
CA VAL C 286 -24.10 -6.94 53.14
C VAL C 286 -25.33 -7.50 53.83
N GLU C 287 -26.47 -7.55 53.15
CA GLU C 287 -27.65 -8.21 53.67
C GLU C 287 -27.95 -9.51 52.95
N MET C 288 -28.16 -9.47 51.63
CA MET C 288 -28.73 -10.64 50.98
C MET C 288 -27.69 -11.72 50.68
N LEU C 289 -26.56 -11.36 50.06
CA LEU C 289 -25.51 -12.36 49.87
C LEU C 289 -25.01 -12.89 51.21
N ARG C 290 -25.00 -12.04 52.24
CA ARG C 290 -24.52 -12.48 53.55
C ARG C 290 -25.46 -13.51 54.15
N ASP C 291 -26.76 -13.30 54.03
CA ASP C 291 -27.80 -14.05 54.74
C ASP C 291 -28.45 -15.15 53.90
N ILE C 292 -28.70 -14.91 52.62
CA ILE C 292 -29.15 -15.98 51.73
C ILE C 292 -27.98 -16.80 51.21
N GLY C 293 -26.83 -16.17 50.97
CA GLY C 293 -25.64 -16.92 50.62
C GLY C 293 -25.59 -17.53 49.23
N ALA C 294 -26.30 -16.94 48.25
CA ALA C 294 -26.25 -17.43 46.87
C ALA C 294 -25.08 -16.78 46.12
N CYS C 295 -23.87 -17.12 46.54
CA CYS C 295 -22.67 -16.48 46.00
C CYS C 295 -22.11 -17.24 44.81
N LEU C 296 -21.26 -16.58 44.04
CA LEU C 296 -20.64 -17.15 42.84
C LEU C 296 -19.21 -17.61 43.13
N SER C 297 -18.84 -18.83 42.66
CA SER C 297 -17.47 -19.13 43.00
C SER C 297 -16.47 -18.41 42.09
N PRO C 298 -15.23 -18.25 42.55
CA PRO C 298 -14.20 -17.65 41.68
C PRO C 298 -13.90 -18.47 40.45
N PHE C 299 -14.00 -19.81 40.54
CA PHE C 299 -13.82 -20.61 39.34
C PHE C 299 -14.87 -20.28 38.30
N SER C 300 -16.13 -20.18 38.73
CA SER C 300 -17.21 -19.78 37.82
C SER C 300 -16.94 -18.39 37.23
N ALA C 301 -16.48 -17.44 38.07
CA ALA C 301 -16.24 -16.09 37.59
C ALA C 301 -15.13 -16.07 36.54
N GLN C 302 -14.07 -16.87 36.74
CA GLN C 302 -13.01 -16.88 35.74
C GLN C 302 -13.51 -17.45 34.41
N GLN C 303 -14.36 -18.50 34.46
CA GLN C 303 -14.95 -19.00 33.22
C GLN C 303 -15.75 -17.91 32.51
N LEU C 304 -16.51 -17.13 33.27
CA LEU C 304 -17.35 -16.11 32.65
C LEU C 304 -16.53 -14.94 32.14
N LEU C 305 -15.43 -14.61 32.83
CA LEU C 305 -14.54 -13.58 32.32
C LEU C 305 -13.95 -13.98 30.97
N LEU C 306 -13.61 -15.26 30.78
CA LEU C 306 -13.16 -15.71 29.46
C LEU C 306 -14.26 -15.51 28.41
N GLY C 307 -15.51 -15.78 28.77
CA GLY C 307 -16.62 -15.42 27.90
C GLY C 307 -16.64 -13.94 27.57
N ILE C 308 -16.65 -13.08 28.60
CA ILE C 308 -16.85 -11.65 28.39
C ILE C 308 -15.78 -11.08 27.47
N GLU C 309 -14.57 -11.64 27.49
CA GLU C 309 -13.53 -11.11 26.61
C GLU C 309 -13.89 -11.20 25.12
N THR C 310 -14.87 -12.03 24.72
CA THR C 310 -15.27 -12.05 23.32
C THR C 310 -16.73 -11.69 23.09
N LEU C 311 -17.39 -11.12 24.09
CA LEU C 311 -18.84 -10.99 24.04
C LEU C 311 -19.32 -10.19 22.83
N GLY C 312 -18.68 -9.04 22.55
CA GLY C 312 -19.09 -8.27 21.39
C GLY C 312 -18.87 -9.01 20.07
N LEU C 313 -17.71 -9.66 19.93
CA LEU C 313 -17.45 -10.43 18.73
C LEU C 313 -18.51 -11.51 18.55
N ARG C 314 -18.82 -12.24 19.62
CA ARG C 314 -19.80 -13.32 19.53
C ARG C 314 -21.18 -12.76 19.23
N ALA C 315 -21.60 -11.74 19.96
CA ALA C 315 -22.95 -11.23 19.79
C ALA C 315 -23.15 -10.68 18.39
N GLU C 316 -22.10 -10.05 17.85
CA GLU C 316 -22.12 -9.57 16.47
C GLU C 316 -22.33 -10.71 15.49
N ARG C 317 -21.54 -11.78 15.62
CA ARG C 317 -21.70 -12.91 14.71
C ARG C 317 -23.03 -13.63 14.95
N HIS C 318 -23.44 -13.77 16.23
CA HIS C 318 -24.73 -14.37 16.54
C HIS C 318 -25.85 -13.70 15.75
N ALA C 319 -25.85 -12.36 15.75
CA ALA C 319 -26.93 -11.61 15.14
C ALA C 319 -26.84 -11.59 13.63
N GLN C 320 -25.63 -11.62 13.08
CA GLN C 320 -25.51 -11.76 11.63
C GLN C 320 -26.09 -13.08 11.18
N ASN C 321 -25.74 -14.16 11.90
CA ASN C 321 -26.29 -15.49 11.57
C ASN C 321 -27.80 -15.52 11.72
N THR C 322 -28.33 -14.89 12.76
CA THR C 322 -29.78 -14.95 12.97
C THR C 322 -30.51 -14.24 11.84
N GLU C 323 -29.99 -13.10 11.40
CA GLU C 323 -30.62 -12.38 10.31
C GLU C 323 -30.65 -13.23 9.03
N LYS C 324 -29.50 -13.80 8.66
CA LYS C 324 -29.47 -14.66 7.47
C LYS C 324 -30.35 -15.88 7.63
N LEU C 325 -30.43 -16.43 8.83
CA LEU C 325 -31.26 -17.62 9.03
C LEU C 325 -32.76 -17.30 8.96
N SER C 326 -33.18 -16.12 9.44
CA SER C 326 -34.57 -15.75 9.26
C SER C 326 -34.89 -15.60 7.78
N LYS C 327 -33.97 -15.03 7.00
CA LYS C 327 -34.14 -14.99 5.56
C LYS C 327 -34.36 -16.39 4.99
N TYR C 328 -33.53 -17.36 5.41
CA TYR C 328 -33.69 -18.71 4.89
C TYR C 328 -35.03 -19.31 5.30
N PHE C 329 -35.44 -19.08 6.54
CA PHE C 329 -36.73 -19.61 6.98
C PHE C 329 -37.90 -18.91 6.29
N GLU C 330 -37.80 -17.59 6.05
CA GLU C 330 -38.91 -16.88 5.43
C GLU C 330 -39.23 -17.45 4.05
N SER C 331 -38.22 -17.94 3.33
CA SER C 331 -38.41 -18.41 1.98
C SER C 331 -38.47 -19.93 1.88
N SER C 332 -38.59 -20.61 3.01
CA SER C 332 -38.64 -22.06 2.94
C SER C 332 -40.08 -22.54 2.83
N PRO C 333 -40.33 -23.51 1.93
CA PRO C 333 -41.69 -24.04 1.80
C PRO C 333 -42.19 -24.79 3.03
N ASN C 334 -41.29 -25.25 3.90
CA ASN C 334 -41.66 -26.09 5.04
C ASN C 334 -42.03 -25.28 6.28
N VAL C 335 -41.79 -23.97 6.28
CA VAL C 335 -41.96 -23.13 7.46
C VAL C 335 -43.30 -22.41 7.39
N SER C 336 -44.06 -22.45 8.48
CA SER C 336 -45.36 -21.81 8.56
C SER C 336 -45.28 -20.35 8.99
N TRP C 337 -44.37 -20.02 9.91
CA TRP C 337 -44.19 -18.67 10.41
C TRP C 337 -42.83 -18.55 11.07
N VAL C 338 -42.26 -17.35 10.98
CA VAL C 338 -40.96 -17.01 11.56
C VAL C 338 -41.17 -15.84 12.50
N LEU C 339 -40.59 -15.93 13.67
CA LEU C 339 -40.80 -14.91 14.68
C LEU C 339 -39.41 -14.41 15.03
N TRP C 340 -39.11 -13.16 14.66
CA TRP C 340 -37.78 -12.56 14.73
C TRP C 340 -37.94 -11.06 14.97
N PRO C 341 -37.33 -10.50 16.02
CA PRO C 341 -37.65 -9.10 16.37
C PRO C 341 -37.23 -8.10 15.31
N GLY C 342 -36.32 -8.46 14.40
CA GLY C 342 -36.00 -7.56 13.31
C GLY C 342 -37.01 -7.52 12.18
N SER C 343 -38.03 -8.36 12.22
CA SER C 343 -39.01 -8.39 11.14
C SER C 343 -39.98 -7.22 11.25
N GLU C 344 -40.19 -6.53 10.12
CA GLU C 344 -41.18 -5.45 10.08
C GLU C 344 -42.59 -5.94 10.39
N SER C 345 -42.84 -7.24 10.24
CA SER C 345 -44.12 -7.81 10.64
C SER C 345 -44.19 -8.15 12.14
N HIS C 346 -43.08 -8.05 12.87
CA HIS C 346 -43.10 -8.42 14.29
C HIS C 346 -44.05 -7.50 15.04
N PRO C 347 -44.80 -8.02 16.01
CA PRO C 347 -45.74 -7.17 16.76
C PRO C 347 -45.12 -5.93 17.41
N THR C 348 -43.91 -6.03 17.99
CA THR C 348 -43.27 -4.87 18.60
C THR C 348 -42.06 -4.41 17.80
N TYR C 349 -42.17 -4.47 16.47
CA TYR C 349 -41.06 -4.04 15.62
C TYR C 349 -40.72 -2.57 15.85
N SER C 350 -41.71 -1.73 16.14
CA SER C 350 -41.41 -0.32 16.35
C SER C 350 -40.56 -0.14 17.60
N GLN C 351 -40.83 -0.91 18.66
CA GLN C 351 -39.93 -0.88 19.80
C GLN C 351 -38.57 -1.44 19.43
N ALA C 352 -38.54 -2.53 18.66
CA ALA C 352 -37.27 -3.15 18.32
C ALA C 352 -36.40 -2.21 17.49
N LYS C 353 -36.99 -1.56 16.47
CA LYS C 353 -36.20 -0.63 15.66
C LYS C 353 -35.61 0.50 16.51
N LYS C 354 -36.31 0.89 17.57
CA LYS C 354 -35.87 1.99 18.42
C LYS C 354 -34.74 1.59 19.36
N TYR C 355 -34.81 0.39 19.95
CA TYR C 355 -33.90 0.00 21.01
C TYR C 355 -32.86 -1.04 20.58
N LEU C 356 -32.98 -1.62 19.40
CA LEU C 356 -32.01 -2.63 18.93
C LEU C 356 -31.28 -2.09 17.71
N THR C 357 -30.23 -1.31 17.94
CA THR C 357 -29.49 -0.69 16.83
C THR C 357 -28.16 -1.38 16.54
N ARG C 358 -27.84 -2.47 17.23
CA ARG C 358 -26.57 -3.16 17.03
C ARG C 358 -26.81 -4.63 16.74
N GLY C 359 -27.90 -4.96 16.06
CA GLY C 359 -28.27 -6.33 15.73
C GLY C 359 -29.53 -6.72 16.48
N PHE C 360 -30.40 -7.46 15.80
CA PHE C 360 -31.71 -7.81 16.36
C PHE C 360 -31.68 -9.11 17.13
N GLY C 361 -30.63 -9.34 17.90
CA GLY C 361 -30.61 -10.46 18.81
C GLY C 361 -30.11 -11.75 18.19
N ALA C 362 -30.10 -12.78 19.01
CA ALA C 362 -29.44 -14.03 18.68
C ALA C 362 -30.43 -15.17 18.60
N MET C 363 -31.73 -14.86 18.59
CA MET C 363 -32.79 -15.84 18.73
C MET C 363 -33.80 -15.69 17.60
N LEU C 364 -34.41 -16.81 17.23
CA LEU C 364 -35.65 -16.75 16.48
C LEU C 364 -36.48 -17.97 16.84
N SER C 365 -37.75 -17.93 16.48
CA SER C 365 -38.65 -19.07 16.68
C SER C 365 -39.37 -19.35 15.37
N ILE C 366 -39.76 -20.61 15.17
CA ILE C 366 -40.44 -21.01 13.94
C ILE C 366 -41.54 -22.02 14.24
N GLY C 367 -42.49 -22.10 13.34
CA GLY C 367 -43.46 -23.17 13.30
C GLY C 367 -43.39 -23.82 11.93
N VAL C 368 -43.46 -25.15 11.90
CA VAL C 368 -43.26 -25.91 10.67
C VAL C 368 -44.60 -26.47 10.18
N LYS C 369 -44.74 -26.65 8.86
CA LYS C 369 -45.92 -27.28 8.29
C LYS C 369 -45.96 -28.76 8.67
N GLY C 370 -47.16 -29.30 8.71
CA GLY C 370 -47.39 -30.71 8.96
C GLY C 370 -48.16 -30.93 10.23
N ASP C 371 -48.28 -32.21 10.58
CA ASP C 371 -49.05 -32.51 11.77
C ASP C 371 -48.33 -32.07 13.05
N ALA C 372 -48.83 -32.61 14.18
CA ALA C 372 -48.35 -32.30 15.52
C ALA C 372 -46.90 -32.72 15.75
N SER C 373 -46.48 -33.79 15.11
CA SER C 373 -45.15 -34.33 15.29
C SER C 373 -44.13 -33.76 14.32
N ALA C 374 -44.48 -32.70 13.58
CA ALA C 374 -43.55 -32.20 12.56
C ALA C 374 -42.37 -31.48 13.21
N GLY C 375 -42.62 -30.72 14.28
CA GLY C 375 -41.54 -29.98 14.91
C GLY C 375 -40.52 -30.88 15.58
N SER C 376 -40.99 -31.99 16.19
CA SER C 376 -40.06 -32.95 16.77
C SER C 376 -39.27 -33.68 15.68
N LYS C 377 -39.92 -34.05 14.58
CA LYS C 377 -39.19 -34.68 13.48
C LYS C 377 -38.04 -33.77 13.03
N VAL C 378 -38.32 -32.47 12.89
CA VAL C 378 -37.29 -31.56 12.38
C VAL C 378 -36.16 -31.41 13.41
N VAL C 379 -36.50 -31.24 14.69
CA VAL C 379 -35.45 -31.05 15.70
C VAL C 379 -34.61 -32.31 15.86
N ASP C 380 -35.28 -33.47 15.99
CA ASP C 380 -34.57 -34.74 16.16
C ASP C 380 -33.68 -35.07 14.97
N GLY C 381 -34.03 -34.57 13.78
CA GLY C 381 -33.20 -34.83 12.61
C GLY C 381 -32.00 -33.91 12.44
N LEU C 382 -31.92 -32.84 13.23
CA LEU C 382 -30.72 -32.00 13.18
C LEU C 382 -29.52 -32.77 13.72
N LYS C 383 -28.37 -32.62 13.04
CA LYS C 383 -27.13 -33.28 13.43
C LYS C 383 -26.06 -32.31 13.93
N LEU C 384 -26.14 -31.04 13.56
CA LEU C 384 -25.23 -30.00 14.03
C LEU C 384 -25.82 -29.21 15.20
N VAL C 385 -27.06 -28.74 15.05
CA VAL C 385 -27.77 -28.06 16.11
C VAL C 385 -28.09 -29.04 17.21
N SER C 386 -27.92 -28.62 18.47
CA SER C 386 -28.17 -29.47 19.64
C SER C 386 -29.53 -29.20 20.25
N ASN C 387 -30.20 -30.27 20.65
CA ASN C 387 -31.49 -30.21 21.31
C ASN C 387 -31.25 -30.29 22.81
N LEU C 388 -31.40 -29.17 23.51
CA LEU C 388 -31.07 -29.10 24.93
C LEU C 388 -31.65 -27.80 25.50
N ALA C 389 -31.52 -27.64 26.82
CA ALA C 389 -32.06 -26.50 27.56
C ALA C 389 -30.92 -25.53 27.86
N ASN C 390 -30.85 -24.46 27.08
CA ASN C 390 -29.93 -23.35 27.24
C ASN C 390 -30.13 -22.47 26.01
N VAL C 391 -29.76 -21.20 26.16
CA VAL C 391 -29.61 -20.28 25.06
C VAL C 391 -28.29 -19.57 25.29
N GLY C 392 -27.78 -18.96 24.25
CA GLY C 392 -26.59 -18.17 24.43
C GLY C 392 -25.29 -18.95 24.47
N ASP C 393 -25.32 -20.20 24.03
CA ASP C 393 -24.09 -20.95 23.77
C ASP C 393 -23.51 -20.55 22.41
N ALA C 394 -22.21 -20.68 22.26
CA ALA C 394 -21.64 -20.45 20.94
C ALA C 394 -22.14 -21.48 19.92
N LYS C 395 -22.48 -22.69 20.39
CA LYS C 395 -23.10 -23.70 19.55
C LYS C 395 -24.58 -23.41 19.38
N SER C 396 -25.09 -23.66 18.17
CA SER C 396 -26.51 -23.50 17.88
C SER C 396 -27.35 -24.54 18.63
N LEU C 397 -28.51 -24.10 19.11
CA LEU C 397 -29.39 -24.88 19.97
C LEU C 397 -30.84 -24.73 19.52
N ALA C 398 -31.64 -25.76 19.82
CA ALA C 398 -33.08 -25.78 19.54
C ALA C 398 -33.81 -26.54 20.65
N ILE C 399 -35.05 -26.11 20.94
CA ILE C 399 -35.87 -26.76 21.96
C ILE C 399 -37.34 -26.41 21.75
N HIS C 400 -38.24 -27.17 22.41
CA HIS C 400 -39.70 -27.00 22.33
C HIS C 400 -40.22 -26.43 23.65
N PRO C 401 -40.36 -25.11 23.79
CA PRO C 401 -40.59 -24.51 25.13
C PRO C 401 -41.91 -24.90 25.78
N TRP C 402 -42.92 -25.27 24.98
CA TRP C 402 -44.19 -25.72 25.52
C TRP C 402 -44.02 -26.92 26.48
N SER C 403 -43.03 -27.77 26.22
CA SER C 403 -42.80 -28.97 27.03
C SER C 403 -41.52 -28.90 27.85
N THR C 404 -40.86 -27.74 27.92
CA THR C 404 -39.56 -27.66 28.60
C THR C 404 -39.45 -26.40 29.46
N THR C 405 -38.84 -25.32 28.91
CA THR C 405 -38.56 -24.11 29.69
C THR C 405 -39.84 -23.48 30.27
N HIS C 406 -40.99 -23.68 29.62
CA HIS C 406 -42.26 -23.14 30.08
C HIS C 406 -43.25 -24.24 30.52
N GLU C 407 -42.75 -25.47 30.74
CA GLU C 407 -43.66 -26.60 31.04
C GLU C 407 -44.48 -26.37 32.30
N GLN C 408 -43.92 -25.68 33.31
CA GLN C 408 -44.62 -25.52 34.58
C GLN C 408 -45.84 -24.61 34.49
N LEU C 409 -45.91 -23.76 33.47
CA LEU C 409 -47.04 -22.85 33.27
C LEU C 409 -48.26 -23.62 32.76
N SER C 410 -49.45 -23.16 33.15
CA SER C 410 -50.67 -23.68 32.55
C SER C 410 -50.71 -23.31 31.07
N GLU C 411 -51.54 -24.02 30.31
CA GLU C 411 -51.61 -23.73 28.88
C GLU C 411 -51.90 -22.25 28.64
N ASP C 412 -52.89 -21.70 29.36
CA ASP C 412 -53.21 -20.28 29.18
C ASP C 412 -52.04 -19.37 29.53
N GLU C 413 -51.27 -19.71 30.57
CA GLU C 413 -50.10 -18.91 30.94
C GLU C 413 -49.01 -18.97 29.87
N ARG C 414 -48.81 -20.14 29.25
CA ARG C 414 -47.86 -20.21 28.14
C ARG C 414 -48.34 -19.36 26.97
N LEU C 415 -49.65 -19.37 26.68
CA LEU C 415 -50.11 -18.66 25.51
C LEU C 415 -50.02 -17.15 25.72
N ALA C 416 -50.28 -16.68 26.96
CA ALA C 416 -50.12 -15.28 27.33
C ALA C 416 -48.65 -14.85 27.41
N SER C 417 -47.72 -15.79 27.53
CA SER C 417 -46.31 -15.47 27.38
C SER C 417 -45.84 -15.61 25.94
N GLY C 418 -46.74 -15.94 25.01
CA GLY C 418 -46.43 -16.09 23.60
C GLY C 418 -46.02 -17.48 23.17
N VAL C 419 -46.03 -18.46 24.07
CA VAL C 419 -45.56 -19.82 23.78
C VAL C 419 -46.74 -20.64 23.26
N THR C 420 -46.57 -21.22 22.07
CA THR C 420 -47.57 -22.09 21.49
C THR C 420 -47.00 -23.49 21.35
N GLU C 421 -47.87 -24.43 20.97
CA GLU C 421 -47.46 -25.83 20.97
C GLU C 421 -46.53 -26.15 19.80
N ASP C 422 -46.66 -25.46 18.68
CA ASP C 422 -45.83 -25.79 17.52
C ASP C 422 -44.52 -25.00 17.45
N MET C 423 -44.18 -24.26 18.50
CA MET C 423 -43.06 -23.32 18.44
C MET C 423 -41.72 -24.02 18.66
N ILE C 424 -40.82 -23.91 17.69
CA ILE C 424 -39.42 -24.32 17.83
C ILE C 424 -38.60 -23.08 18.14
N ARG C 425 -38.05 -23.01 19.36
CA ARG C 425 -37.16 -21.93 19.74
C ARG C 425 -35.73 -22.27 19.34
N ILE C 426 -35.08 -21.34 18.64
CA ILE C 426 -33.74 -21.55 18.11
C ILE C 426 -32.80 -20.51 18.68
N SER C 427 -31.77 -20.96 19.42
CA SER C 427 -30.67 -20.09 19.79
C SER C 427 -29.57 -20.26 18.75
N VAL C 428 -29.40 -19.25 17.90
CA VAL C 428 -28.52 -19.34 16.75
C VAL C 428 -27.08 -19.18 17.22
N GLY C 429 -26.21 -20.11 16.81
CA GLY C 429 -24.82 -20.09 17.23
C GLY C 429 -23.94 -19.31 16.29
N ILE C 430 -22.63 -19.41 16.51
CA ILE C 430 -21.65 -18.69 15.71
C ILE C 430 -20.93 -19.62 14.71
N GLU C 431 -21.44 -20.83 14.50
CA GLU C 431 -20.98 -21.66 13.41
C GLU C 431 -21.16 -20.92 12.09
N HIS C 432 -20.47 -21.41 11.05
CA HIS C 432 -20.70 -20.88 9.71
C HIS C 432 -22.16 -21.02 9.33
N VAL C 433 -22.76 -19.93 8.85
CA VAL C 433 -24.20 -19.92 8.63
C VAL C 433 -24.60 -20.98 7.60
N ASP C 434 -23.71 -21.26 6.63
CA ASP C 434 -24.03 -22.29 5.63
C ASP C 434 -24.17 -23.67 6.27
N ASP C 435 -23.36 -23.97 7.29
CA ASP C 435 -23.50 -25.25 7.97
C ASP C 435 -24.78 -25.31 8.78
N ILE C 436 -25.17 -24.19 9.38
CA ILE C 436 -26.44 -24.13 10.10
C ILE C 436 -27.60 -24.34 9.12
N ILE C 437 -27.60 -23.60 8.01
CA ILE C 437 -28.67 -23.73 7.02
C ILE C 437 -28.72 -25.16 6.49
N ALA C 438 -27.55 -25.73 6.15
CA ALA C 438 -27.52 -27.07 5.60
C ALA C 438 -28.06 -28.08 6.59
N ASP C 439 -27.82 -27.86 7.89
CA ASP C 439 -28.37 -28.77 8.88
C ASP C 439 -29.90 -28.76 8.84
N PHE C 440 -30.50 -27.58 8.73
CA PHE C 440 -31.96 -27.53 8.66
C PHE C 440 -32.45 -28.12 7.34
N GLU C 441 -31.73 -27.89 6.24
CA GLU C 441 -32.15 -28.43 4.94
C GLU C 441 -32.28 -29.95 4.98
N GLN C 442 -31.21 -30.65 5.42
CA GLN C 442 -31.23 -32.11 5.44
C GLN C 442 -32.27 -32.66 6.39
N SER C 443 -32.52 -31.99 7.52
CA SER C 443 -33.60 -32.45 8.38
C SER C 443 -34.96 -32.15 7.76
N PHE C 444 -35.07 -31.06 7.01
CA PHE C 444 -36.31 -30.81 6.28
C PHE C 444 -36.57 -31.88 5.22
N GLN C 445 -35.51 -32.43 4.62
CA GLN C 445 -35.74 -33.36 3.51
C GLN C 445 -36.09 -34.75 4.05
N LYS C 446 -35.51 -35.14 5.18
CA LYS C 446 -35.87 -36.42 5.78
C LYS C 446 -37.30 -36.44 6.28
N ALA C 447 -37.85 -35.29 6.72
CA ALA C 447 -39.18 -35.29 7.32
C ALA C 447 -40.29 -34.88 6.34
N TYR C 448 -39.95 -34.22 5.25
CA TYR C 448 -40.93 -33.77 4.26
C TYR C 448 -40.71 -34.39 2.88
N GLY C 449 -39.92 -35.47 2.80
CA GLY C 449 -39.62 -36.08 1.51
C GLY C 449 -38.97 -35.12 0.54
N VAL D 22 -5.38 23.92 -22.17
CA VAL D 22 -4.81 22.59 -22.05
C VAL D 22 -5.76 21.64 -21.30
N PHE D 23 -6.11 20.55 -21.97
CA PHE D 23 -6.71 19.39 -21.33
C PHE D 23 -5.83 18.18 -21.61
N GLN D 24 -6.04 17.15 -20.82
CA GLN D 24 -5.39 15.88 -21.05
C GLN D 24 -6.37 14.77 -21.39
N ASN D 25 -7.58 14.83 -20.82
CA ASN D 25 -8.51 13.72 -20.91
C ASN D 25 -9.17 13.66 -22.28
N PHE D 26 -9.03 12.49 -22.92
CA PHE D 26 -9.67 12.22 -24.21
C PHE D 26 -11.14 12.64 -24.22
N GLU D 27 -11.87 12.32 -23.14
CA GLU D 27 -13.31 12.57 -23.07
C GLU D 27 -13.62 14.05 -23.17
N THR D 28 -12.74 14.91 -22.64
CA THR D 28 -12.97 16.35 -22.73
C THR D 28 -12.51 16.90 -24.08
N LEU D 29 -11.36 16.42 -24.57
CA LEU D 29 -10.81 16.93 -25.83
C LEU D 29 -11.76 16.65 -26.99
N GLN D 30 -12.42 15.49 -26.98
CA GLN D 30 -13.24 15.13 -28.12
C GLN D 30 -14.43 16.08 -28.29
N LEU D 31 -14.70 16.92 -27.28
CA LEU D 31 -15.79 17.87 -27.31
C LEU D 31 -15.34 19.32 -27.45
N HIS D 32 -14.07 19.62 -27.18
CA HIS D 32 -13.68 21.02 -27.06
C HIS D 32 -12.46 21.41 -27.89
N ALA D 33 -11.58 20.46 -28.21
CA ALA D 33 -10.31 20.87 -28.83
C ALA D 33 -10.57 21.46 -30.21
N GLY D 34 -9.90 22.58 -30.49
CA GLY D 34 -9.84 23.08 -31.84
C GLY D 34 -10.99 23.99 -32.24
N TYR D 35 -11.84 24.38 -31.31
CA TYR D 35 -12.93 25.28 -31.68
C TYR D 35 -13.28 26.20 -30.53
N THR D 36 -13.44 27.48 -30.84
CA THR D 36 -13.99 28.46 -29.92
C THR D 36 -15.06 29.22 -30.69
N PRO D 37 -16.25 29.43 -30.13
CA PRO D 37 -17.29 30.17 -30.87
C PRO D 37 -16.75 31.51 -31.36
N ASP D 38 -16.77 31.70 -32.68
CA ASP D 38 -16.47 33.00 -33.25
C ASP D 38 -17.28 34.14 -32.61
N PRO D 39 -16.67 35.33 -32.48
CA PRO D 39 -17.31 36.44 -31.74
C PRO D 39 -18.46 37.09 -32.47
N HIS D 40 -18.52 36.93 -33.79
CA HIS D 40 -19.61 37.54 -34.57
C HIS D 40 -20.94 36.85 -34.28
N THR D 41 -21.03 35.54 -34.56
CA THR D 41 -22.29 34.83 -34.35
C THR D 41 -22.37 34.11 -33.00
N ARG D 42 -21.23 33.82 -32.37
CA ARG D 42 -21.15 33.11 -31.09
C ARG D 42 -21.72 31.69 -31.17
N SER D 43 -21.75 31.12 -32.38
CA SER D 43 -22.36 29.80 -32.61
C SER D 43 -21.69 28.73 -31.76
N THR D 44 -22.48 28.09 -30.88
CA THR D 44 -21.95 27.09 -29.95
C THR D 44 -21.44 25.85 -30.66
N ALA D 45 -22.22 25.33 -31.59
CA ALA D 45 -21.82 24.23 -32.44
C ALA D 45 -21.02 24.76 -33.62
N VAL D 46 -20.27 23.86 -34.27
CA VAL D 46 -19.44 24.21 -35.41
C VAL D 46 -20.31 24.45 -36.64
N PRO D 47 -20.18 25.60 -37.30
CA PRO D 47 -20.97 25.81 -38.52
C PRO D 47 -20.39 25.03 -39.68
N ILE D 48 -21.24 24.79 -40.67
CA ILE D 48 -20.85 24.13 -41.91
C ILE D 48 -20.56 25.23 -42.92
N TYR D 49 -19.28 25.45 -43.24
CA TYR D 49 -18.92 26.49 -44.19
C TYR D 49 -18.97 25.89 -45.59
N ALA D 50 -20.20 25.79 -46.12
CA ALA D 50 -20.41 25.29 -47.48
C ALA D 50 -20.12 26.43 -48.46
N THR D 51 -18.82 26.70 -48.61
CA THR D 51 -18.33 27.73 -49.51
C THR D 51 -17.09 27.19 -50.20
N SER D 52 -16.95 27.55 -51.47
CA SER D 52 -15.71 27.25 -52.17
C SER D 52 -14.63 28.29 -51.92
N SER D 53 -15.02 29.56 -51.76
CA SER D 53 -14.09 30.69 -51.73
C SER D 53 -14.30 31.57 -50.50
N TYR D 54 -13.37 32.52 -50.32
CA TYR D 54 -13.30 33.43 -49.19
C TYR D 54 -12.84 34.79 -49.72
N THR D 55 -13.65 35.84 -49.49
CA THR D 55 -13.41 37.13 -50.15
C THR D 55 -12.19 37.84 -49.56
N PHE D 56 -11.31 38.35 -50.43
CA PHE D 56 -10.16 39.14 -49.97
C PHE D 56 -10.62 40.47 -49.38
N ASN D 57 -9.88 40.98 -48.38
CA ASN D 57 -10.12 42.33 -47.88
C ASN D 57 -9.73 43.36 -48.91
N ASP D 58 -8.65 43.08 -49.62
CA ASP D 58 -8.12 43.86 -50.73
C ASP D 58 -7.17 43.00 -51.56
N SER D 59 -6.80 43.53 -52.74
CA SER D 59 -5.88 42.86 -53.66
C SER D 59 -4.56 42.50 -52.98
N ALA D 60 -4.04 43.40 -52.15
CA ALA D 60 -2.80 43.10 -51.44
C ALA D 60 -2.99 41.95 -50.48
N HIS D 61 -4.15 41.89 -49.80
CA HIS D 61 -4.43 40.75 -48.91
C HIS D 61 -4.40 39.44 -49.68
N GLY D 62 -5.02 39.42 -50.86
CA GLY D 62 -5.02 38.20 -51.66
C GLY D 62 -3.61 37.79 -52.07
N ALA D 63 -2.77 38.78 -52.40
CA ALA D 63 -1.39 38.49 -52.78
C ALA D 63 -0.59 37.91 -51.61
N ARG D 64 -0.80 38.45 -50.41
CA ARG D 64 -0.14 37.87 -49.22
C ARG D 64 -0.65 36.46 -48.94
N LEU D 65 -1.94 36.20 -49.15
CA LEU D 65 -2.48 34.87 -48.95
C LEU D 65 -1.82 33.87 -49.90
N PHE D 66 -1.87 34.16 -51.21
CA PHE D 66 -1.30 33.25 -52.19
C PHE D 66 0.21 33.13 -52.06
N GLY D 67 0.86 34.20 -51.56
CA GLY D 67 2.28 34.20 -51.30
C GLY D 67 2.70 33.41 -50.09
N LEU D 68 1.75 32.81 -49.37
CA LEU D 68 2.01 32.15 -48.09
C LEU D 68 2.72 33.08 -47.12
N LYS D 69 2.46 34.39 -47.20
CA LYS D 69 3.05 35.33 -46.25
C LYS D 69 2.14 35.62 -45.07
N GLU D 70 0.90 35.14 -45.12
CA GLU D 70 -0.09 35.38 -44.07
C GLU D 70 -1.06 34.20 -44.05
N LEU D 71 -1.38 33.71 -42.84
CA LEU D 71 -2.33 32.62 -42.72
C LEU D 71 -3.75 33.14 -42.96
N GLY D 72 -4.56 32.34 -43.64
CA GLY D 72 -5.94 32.72 -43.87
C GLY D 72 -6.62 31.81 -44.88
N ASN D 73 -7.95 31.84 -44.90
CA ASN D 73 -8.72 31.05 -45.85
C ASN D 73 -8.57 31.61 -47.26
N ILE D 74 -8.22 30.73 -48.21
CA ILE D 74 -8.13 31.07 -49.63
C ILE D 74 -9.23 30.37 -50.44
N TYR D 75 -9.34 29.05 -50.29
CA TYR D 75 -10.11 28.21 -51.20
C TYR D 75 -10.26 26.85 -50.55
N SER D 76 -11.47 26.27 -50.64
CA SER D 76 -11.83 25.07 -49.86
C SER D 76 -11.21 23.77 -50.41
N ARG D 77 -10.55 23.79 -51.57
CA ARG D 77 -9.72 22.64 -51.93
C ARG D 77 -8.54 22.49 -50.95
N LEU D 78 -8.12 23.59 -50.32
CA LEU D 78 -6.99 23.61 -49.41
C LEU D 78 -7.41 23.71 -47.95
N MET D 79 -8.33 24.63 -47.63
CA MET D 79 -8.69 24.88 -46.24
C MET D 79 -10.16 25.30 -46.14
N ASN D 80 -10.75 25.03 -44.97
CA ASN D 80 -12.16 25.27 -44.67
C ASN D 80 -12.32 25.29 -43.15
N PRO D 81 -13.01 26.27 -42.58
CA PRO D 81 -13.07 26.36 -41.11
C PRO D 81 -13.77 25.16 -40.46
N THR D 82 -14.73 24.51 -41.13
CA THR D 82 -15.33 23.31 -40.55
C THR D 82 -14.33 22.17 -40.54
N VAL D 83 -13.64 21.98 -41.68
CA VAL D 83 -12.61 20.96 -41.79
C VAL D 83 -11.48 21.21 -40.80
N ASP D 84 -11.12 22.48 -40.61
CA ASP D 84 -10.06 22.85 -39.69
C ASP D 84 -10.34 22.40 -38.24
N VAL D 85 -11.59 22.54 -37.76
CA VAL D 85 -11.89 22.02 -36.43
C VAL D 85 -11.68 20.50 -36.38
N PHE D 86 -12.19 19.79 -37.39
CA PHE D 86 -11.98 18.35 -37.49
C PHE D 86 -10.49 18.01 -37.40
N GLU D 87 -9.65 18.75 -38.13
CA GLU D 87 -8.22 18.48 -38.12
C GLU D 87 -7.62 18.71 -36.73
N LYS D 88 -7.84 19.89 -36.14
CA LYS D 88 -7.26 20.22 -34.84
C LYS D 88 -7.75 19.29 -33.75
N ARG D 89 -8.99 18.83 -33.86
CA ARG D 89 -9.52 17.93 -32.85
C ARG D 89 -8.87 16.55 -32.92
N ILE D 90 -8.68 16.01 -34.13
CA ILE D 90 -8.00 14.72 -34.26
C ILE D 90 -6.53 14.85 -33.84
N ALA D 91 -5.85 15.92 -34.26
CA ALA D 91 -4.47 16.15 -33.81
C ALA D 91 -4.39 16.12 -32.28
N ALA D 92 -5.30 16.84 -31.62
CA ALA D 92 -5.25 16.91 -30.16
C ALA D 92 -5.48 15.53 -29.54
N LEU D 93 -6.43 14.77 -30.06
CA LEU D 93 -6.71 13.45 -29.51
C LEU D 93 -5.55 12.49 -29.70
N GLU D 94 -4.85 12.56 -30.82
CA GLU D 94 -3.75 11.65 -31.07
C GLU D 94 -2.43 12.12 -30.48
N GLY D 95 -2.33 13.38 -30.08
CA GLY D 95 -1.10 13.92 -29.54
C GLY D 95 -0.15 14.48 -30.57
N GLY D 96 -0.63 14.88 -31.76
CA GLY D 96 0.21 15.48 -32.77
C GLY D 96 0.06 16.99 -32.76
N ILE D 97 0.89 17.66 -33.56
CA ILE D 97 0.81 19.12 -33.56
C ILE D 97 -0.25 19.63 -34.53
N ALA D 98 -0.57 18.89 -35.59
CA ALA D 98 -1.52 19.38 -36.56
C ALA D 98 -1.93 18.21 -37.44
N ALA D 99 -2.98 18.42 -38.23
CA ALA D 99 -3.50 17.35 -39.07
C ALA D 99 -4.04 17.94 -40.37
N ALA D 100 -4.23 17.06 -41.36
CA ALA D 100 -4.81 17.47 -42.63
C ALA D 100 -5.83 16.41 -43.01
N ALA D 101 -7.05 16.86 -43.32
CA ALA D 101 -8.15 15.99 -43.71
C ALA D 101 -8.07 15.65 -45.19
N THR D 102 -8.51 14.44 -45.52
CA THR D 102 -8.60 13.99 -46.90
C THR D 102 -9.98 13.41 -47.14
N SER D 103 -10.31 13.24 -48.42
CA SER D 103 -11.59 12.69 -48.84
C SER D 103 -11.81 11.23 -48.45
N SER D 104 -10.78 10.51 -48.01
CA SER D 104 -10.93 9.11 -47.62
C SER D 104 -9.65 8.65 -46.95
N GLY D 105 -9.76 7.53 -46.23
CA GLY D 105 -8.57 6.92 -45.65
C GLY D 105 -7.55 6.53 -46.70
N GLN D 106 -8.00 5.93 -47.81
CA GLN D 106 -7.10 5.63 -48.91
C GLN D 106 -6.35 6.89 -49.35
N ALA D 107 -7.06 8.01 -49.48
CA ALA D 107 -6.39 9.23 -49.91
C ALA D 107 -5.37 9.70 -48.87
N ALA D 108 -5.67 9.48 -47.58
CA ALA D 108 -4.73 9.88 -46.53
C ALA D 108 -3.42 9.10 -46.65
N GLN D 109 -3.52 7.78 -46.84
CA GLN D 109 -2.33 6.99 -47.10
C GLN D 109 -1.61 7.46 -48.35
N PHE D 110 -2.36 7.72 -49.42
CA PHE D 110 -1.70 8.01 -50.69
C PHE D 110 -0.97 9.34 -50.64
N LEU D 111 -1.61 10.37 -50.09
CA LEU D 111 -0.94 11.67 -49.98
C LEU D 111 0.28 11.60 -49.06
N THR D 112 0.20 10.81 -47.97
CA THR D 112 1.33 10.66 -47.07
C THR D 112 2.52 10.07 -47.80
N ILE D 113 2.31 8.93 -48.47
CA ILE D 113 3.41 8.26 -49.14
C ILE D 113 3.95 9.08 -50.30
N ALA D 114 3.06 9.76 -51.03
CA ALA D 114 3.50 10.54 -52.17
C ALA D 114 4.32 11.75 -51.75
N THR D 115 4.14 12.24 -50.52
CA THR D 115 4.96 13.34 -50.03
C THR D 115 6.33 12.85 -49.57
N LEU D 116 6.39 11.64 -49.02
CA LEU D 116 7.65 11.09 -48.53
C LEU D 116 8.50 10.53 -49.65
N ALA D 117 7.87 9.93 -50.66
CA ALA D 117 8.58 9.18 -51.68
C ALA D 117 8.32 9.77 -53.07
N LYS D 118 9.25 9.50 -53.97
CA LYS D 118 9.11 9.86 -55.37
C LYS D 118 9.63 8.70 -56.21
N ALA D 119 9.54 8.83 -57.53
CA ALA D 119 9.91 7.73 -58.42
C ALA D 119 11.33 7.28 -58.14
N GLY D 120 11.52 5.96 -57.99
CA GLY D 120 12.80 5.40 -57.58
C GLY D 120 12.89 5.04 -56.11
N ASP D 121 11.95 5.48 -55.29
CA ASP D 121 11.98 5.22 -53.86
C ASP D 121 11.14 4.00 -53.50
N ASN D 122 11.32 3.56 -52.27
CA ASN D 122 10.51 2.47 -51.76
C ASN D 122 10.10 2.80 -50.34
N ILE D 123 9.19 1.99 -49.82
CA ILE D 123 8.83 1.99 -48.42
C ILE D 123 8.83 0.54 -47.93
N VAL D 124 9.10 0.37 -46.65
CA VAL D 124 9.01 -0.93 -46.01
C VAL D 124 7.70 -0.98 -45.24
N ALA D 125 6.92 -2.05 -45.46
CA ALA D 125 5.60 -2.16 -44.87
C ALA D 125 5.38 -3.54 -44.29
N SER D 126 4.63 -3.61 -43.20
CA SER D 126 4.16 -4.91 -42.72
C SER D 126 3.32 -5.58 -43.81
N SER D 127 3.31 -6.91 -43.80
CA SER D 127 2.45 -7.64 -44.73
C SER D 127 1.03 -7.80 -44.21
N HIS D 128 0.78 -7.46 -42.96
CA HIS D 128 -0.56 -7.55 -42.40
C HIS D 128 -1.24 -6.20 -42.63
N LEU D 129 -2.00 -6.09 -43.72
CA LEU D 129 -2.61 -4.84 -44.12
C LEU D 129 -4.07 -5.05 -44.53
N TYR D 130 -4.86 -4.00 -44.36
CA TYR D 130 -6.15 -3.90 -45.03
C TYR D 130 -5.93 -4.07 -46.52
N GLY D 131 -6.81 -4.85 -47.16
CA GLY D 131 -6.57 -5.22 -48.55
C GLY D 131 -6.46 -4.03 -49.48
N GLY D 132 -7.24 -2.99 -49.22
CA GLY D 132 -7.12 -1.78 -50.03
C GLY D 132 -5.74 -1.16 -49.94
N THR D 133 -5.15 -1.16 -48.74
CA THR D 133 -3.80 -0.64 -48.59
C THR D 133 -2.80 -1.51 -49.35
N TYR D 134 -2.89 -2.83 -49.16
CA TYR D 134 -2.00 -3.73 -49.84
C TYR D 134 -2.05 -3.50 -51.35
N ASN D 135 -3.26 -3.37 -51.90
CA ASN D 135 -3.35 -3.16 -53.33
C ASN D 135 -2.74 -1.82 -53.73
N GLN D 136 -2.97 -0.80 -52.91
CA GLN D 136 -2.35 0.51 -53.14
C GLN D 136 -0.82 0.39 -53.17
N LEU D 137 -0.25 -0.30 -52.19
CA LEU D 137 1.20 -0.41 -52.12
C LEU D 137 1.75 -1.33 -53.19
N ASN D 138 1.04 -2.43 -53.46
CA ASN D 138 1.56 -3.47 -54.34
C ASN D 138 1.24 -3.26 -55.81
N VAL D 139 0.25 -2.43 -56.15
CA VAL D 139 -0.19 -2.30 -57.54
C VAL D 139 -0.19 -0.85 -58.00
N LEU D 140 -0.86 0.03 -57.25
CA LEU D 140 -1.03 1.41 -57.69
C LEU D 140 0.28 2.21 -57.61
N LEU D 141 0.91 2.23 -56.44
CA LEU D 141 2.12 3.05 -56.28
C LEU D 141 3.27 2.64 -57.20
N PRO D 142 3.51 1.36 -57.50
CA PRO D 142 4.59 1.02 -58.46
C PRO D 142 4.43 1.67 -59.82
N ARG D 143 3.20 1.97 -60.26
CA ARG D 143 3.04 2.71 -61.51
C ARG D 143 3.68 4.10 -61.44
N PHE D 144 3.90 4.64 -60.24
CA PHE D 144 4.55 5.93 -60.09
C PHE D 144 6.01 5.80 -59.66
N GLY D 145 6.59 4.62 -59.81
CA GLY D 145 7.97 4.37 -59.45
C GLY D 145 8.22 4.09 -57.98
N ILE D 146 7.18 4.02 -57.16
CA ILE D 146 7.30 3.87 -55.71
C ILE D 146 6.94 2.42 -55.37
N LYS D 147 7.91 1.63 -54.89
CA LYS D 147 7.70 0.22 -54.60
C LYS D 147 7.67 -0.01 -53.10
N THR D 148 7.17 -1.18 -52.71
CA THR D 148 7.04 -1.54 -51.31
C THR D 148 7.72 -2.87 -51.04
N LYS D 149 8.40 -2.96 -49.91
CA LYS D 149 9.00 -4.21 -49.46
C LYS D 149 8.19 -4.69 -48.27
N PHE D 150 7.57 -5.85 -48.40
CA PHE D 150 6.70 -6.38 -47.38
C PHE D 150 7.47 -7.30 -46.43
N VAL D 151 7.27 -7.09 -45.14
CA VAL D 151 7.86 -7.89 -44.08
C VAL D 151 6.74 -8.68 -43.44
N ARG D 152 6.86 -10.01 -43.44
CA ARG D 152 5.78 -10.87 -42.96
C ARG D 152 5.93 -11.32 -41.51
N SER D 153 7.12 -11.23 -40.91
CA SER D 153 7.38 -11.89 -39.64
C SER D 153 7.13 -11.03 -38.40
N GLY D 154 7.05 -9.72 -38.55
CA GLY D 154 7.01 -8.84 -37.39
C GLY D 154 8.33 -8.67 -36.67
N LYS D 155 9.36 -9.45 -36.99
CA LYS D 155 10.64 -9.38 -36.30
C LYS D 155 11.41 -8.12 -36.67
N LEU D 156 11.93 -7.45 -35.63
CA LEU D 156 12.67 -6.21 -35.83
C LEU D 156 13.82 -6.36 -36.83
N GLU D 157 14.41 -7.54 -36.91
CA GLU D 157 15.64 -7.70 -37.69
C GLU D 157 15.30 -7.70 -39.18
N ASP D 158 14.12 -8.22 -39.51
CA ASP D 158 13.66 -8.25 -40.90
C ASP D 158 13.22 -6.87 -41.37
N TYR D 159 12.67 -6.04 -40.47
CA TYR D 159 12.42 -4.65 -40.84
C TYR D 159 13.72 -3.94 -41.18
N ALA D 160 14.71 -4.04 -40.29
CA ALA D 160 16.00 -3.39 -40.52
C ALA D 160 16.66 -3.90 -41.79
N ALA D 161 16.60 -5.21 -42.04
CA ALA D 161 17.24 -5.75 -43.25
C ALA D 161 16.60 -5.24 -44.54
N ALA D 162 15.29 -4.89 -44.52
CA ALA D 162 14.62 -4.44 -45.74
C ALA D 162 14.99 -3.03 -46.13
N ILE D 163 15.47 -2.21 -45.20
CA ILE D 163 15.77 -0.82 -45.52
C ILE D 163 16.98 -0.73 -46.42
N ASP D 164 16.96 0.22 -47.35
CA ASP D 164 18.14 0.56 -48.15
C ASP D 164 18.14 2.08 -48.35
N ASP D 165 19.01 2.56 -49.23
CA ASP D 165 19.20 4.00 -49.28
C ASP D 165 18.03 4.74 -49.93
N GLN D 166 17.14 4.02 -50.61
CA GLN D 166 15.98 4.61 -51.23
C GLN D 166 14.71 4.45 -50.39
N THR D 167 14.77 3.74 -49.27
CA THR D 167 13.62 3.59 -48.39
C THR D 167 13.25 4.95 -47.79
N ARG D 168 11.96 5.23 -47.71
CA ARG D 168 11.48 6.52 -47.24
C ARG D 168 10.56 6.42 -46.03
N ALA D 169 10.18 5.22 -45.60
CA ALA D 169 9.34 5.07 -44.43
C ALA D 169 9.23 3.60 -44.06
N ILE D 170 8.88 3.34 -42.81
CA ILE D 170 8.31 2.07 -42.39
C ILE D 170 6.82 2.32 -42.14
N TYR D 171 5.98 1.42 -42.65
CA TYR D 171 4.53 1.56 -42.62
C TYR D 171 3.92 0.35 -41.93
N VAL D 172 3.12 0.58 -40.89
CA VAL D 172 2.40 -0.49 -40.21
C VAL D 172 1.01 -0.01 -39.81
N GLU D 173 0.13 -0.98 -39.59
CA GLU D 173 -1.15 -0.72 -38.96
C GLU D 173 -1.05 -0.99 -37.47
N SER D 174 -1.77 -0.21 -36.67
CA SER D 174 -1.61 -0.35 -35.23
C SER D 174 -2.24 -1.63 -34.72
N MET D 175 -3.36 -2.05 -35.30
CA MET D 175 -3.84 -3.43 -35.23
C MET D 175 -4.28 -3.82 -36.63
N SER D 176 -3.66 -4.88 -37.16
CA SER D 176 -3.88 -5.23 -38.55
C SER D 176 -5.31 -5.70 -38.78
N ASN D 177 -5.83 -5.35 -39.95
CA ASN D 177 -7.17 -5.71 -40.41
C ASN D 177 -7.01 -6.93 -41.30
N PRO D 178 -7.46 -8.14 -40.87
CA PRO D 178 -8.29 -8.49 -39.73
C PRO D 178 -7.81 -9.66 -38.84
N ASP D 179 -6.51 -9.86 -38.75
CA ASP D 179 -5.91 -10.74 -37.74
C ASP D 179 -5.42 -10.04 -36.48
N TYR D 180 -5.44 -8.70 -36.43
CA TYR D 180 -5.23 -7.94 -35.19
C TYR D 180 -3.81 -8.11 -34.64
N VAL D 181 -2.83 -8.21 -35.53
CA VAL D 181 -1.44 -8.19 -35.11
C VAL D 181 -1.11 -6.79 -34.61
N VAL D 182 -0.58 -6.72 -33.40
CA VAL D 182 -0.10 -5.49 -32.80
C VAL D 182 1.41 -5.45 -32.99
N PRO D 183 1.97 -4.42 -33.62
CA PRO D 183 3.42 -4.38 -33.83
C PRO D 183 4.14 -3.91 -32.57
N ASP D 184 5.46 -4.11 -32.60
CA ASP D 184 6.35 -3.57 -31.57
C ASP D 184 6.66 -2.12 -31.95
N PHE D 185 5.73 -1.22 -31.60
CA PHE D 185 5.87 0.19 -31.94
C PHE D 185 7.24 0.75 -31.54
N GLU D 186 7.65 0.50 -30.30
CA GLU D 186 8.87 1.12 -29.80
C GLU D 186 10.09 0.60 -30.53
N GLY D 187 10.19 -0.72 -30.70
CA GLY D 187 11.32 -1.28 -31.42
C GLY D 187 11.35 -0.88 -32.88
N ILE D 188 10.18 -0.92 -33.54
CA ILE D 188 10.14 -0.57 -34.96
C ILE D 188 10.44 0.90 -35.14
N ALA D 189 9.99 1.74 -34.20
CA ALA D 189 10.26 3.17 -34.31
C ALA D 189 11.75 3.47 -34.23
N LYS D 190 12.48 2.76 -33.36
CA LYS D 190 13.92 2.97 -33.26
C LYS D 190 14.63 2.55 -34.54
N ILE D 191 14.26 1.38 -35.10
CA ILE D 191 14.79 0.96 -36.39
C ILE D 191 14.58 2.05 -37.42
N ALA D 192 13.38 2.63 -37.45
CA ALA D 192 13.12 3.69 -38.41
C ALA D 192 14.04 4.86 -38.17
N HIS D 193 14.01 5.39 -36.96
CA HIS D 193 14.74 6.62 -36.66
C HIS D 193 16.24 6.45 -36.78
N GLU D 194 16.77 5.25 -36.51
CA GLU D 194 18.20 5.01 -36.61
C GLU D 194 18.66 4.87 -38.05
N HIS D 195 17.75 4.53 -38.97
CA HIS D 195 18.04 4.57 -40.40
C HIS D 195 17.60 5.86 -41.04
N GLY D 196 17.15 6.83 -40.25
CA GLY D 196 16.79 8.13 -40.79
C GLY D 196 15.47 8.20 -41.55
N ILE D 197 14.46 7.41 -41.17
CA ILE D 197 13.16 7.50 -41.83
C ILE D 197 12.07 7.58 -40.77
N PRO D 198 10.90 8.11 -41.13
CA PRO D 198 9.79 8.14 -40.18
C PRO D 198 9.08 6.80 -40.10
N LEU D 199 8.44 6.59 -38.95
CA LEU D 199 7.48 5.50 -38.78
C LEU D 199 6.09 6.04 -39.04
N VAL D 200 5.42 5.50 -40.06
CA VAL D 200 4.04 5.86 -40.42
C VAL D 200 3.12 4.74 -39.94
N VAL D 201 2.11 5.11 -39.15
CA VAL D 201 1.21 4.13 -38.54
C VAL D 201 -0.22 4.45 -38.96
N ASP D 202 -0.90 3.47 -39.56
CA ASP D 202 -2.33 3.53 -39.79
C ASP D 202 -3.04 3.10 -38.51
N ASN D 203 -3.65 4.05 -37.82
CA ASN D 203 -4.25 3.79 -36.52
C ASN D 203 -5.78 3.68 -36.59
N THR D 204 -6.33 3.37 -37.77
CA THR D 204 -7.78 3.23 -37.93
C THR D 204 -8.40 2.37 -36.83
N LEU D 205 -7.86 1.16 -36.59
CA LEU D 205 -8.48 0.27 -35.58
C LEU D 205 -8.13 0.67 -34.15
N GLY D 206 -7.27 1.66 -33.95
CA GLY D 206 -7.09 2.25 -32.64
C GLY D 206 -8.13 3.28 -32.25
N ALA D 207 -9.09 3.55 -33.14
CA ALA D 207 -10.30 4.33 -32.83
C ALA D 207 -9.95 5.75 -32.39
N GLY D 208 -9.25 6.44 -33.29
CA GLY D 208 -8.97 7.85 -33.09
C GLY D 208 -8.03 8.14 -31.95
N GLY D 209 -7.19 7.20 -31.58
CA GLY D 209 -6.34 7.38 -30.42
C GLY D 209 -6.90 6.85 -29.13
N TYR D 210 -8.15 6.37 -29.11
CA TYR D 210 -8.68 5.90 -27.84
C TYR D 210 -8.04 4.59 -27.42
N TYR D 211 -7.84 3.65 -28.36
CA TYR D 211 -7.31 2.34 -27.95
C TYR D 211 -5.79 2.34 -27.94
N ILE D 212 -5.17 2.98 -28.93
CA ILE D 212 -3.73 3.04 -29.14
C ILE D 212 -3.40 4.47 -29.52
N ARG D 213 -2.30 4.99 -28.98
CA ARG D 213 -1.79 6.31 -29.37
CA ARG D 213 -1.79 6.31 -29.37
C ARG D 213 -0.37 6.10 -29.87
N PRO D 214 -0.19 5.78 -31.16
CA PRO D 214 1.15 5.42 -31.67
C PRO D 214 2.18 6.55 -31.52
N ILE D 215 1.76 7.81 -31.55
CA ILE D 215 2.70 8.92 -31.38
C ILE D 215 3.41 8.84 -30.02
N GLU D 216 2.73 8.36 -28.98
CA GLU D 216 3.36 8.16 -27.67
C GLU D 216 4.41 7.06 -27.69
N HIS D 217 4.41 6.20 -28.71
CA HIS D 217 5.33 5.08 -28.77
C HIS D 217 6.27 5.16 -29.97
N GLY D 218 6.49 6.36 -30.52
CA GLY D 218 7.53 6.59 -31.50
C GLY D 218 7.06 6.92 -32.90
N ALA D 219 5.76 6.80 -33.21
CA ALA D 219 5.30 7.04 -34.57
C ALA D 219 5.48 8.51 -34.92
N ASP D 220 5.87 8.77 -36.16
CA ASP D 220 6.05 10.15 -36.62
C ASP D 220 4.82 10.70 -37.34
N ILE D 221 4.11 9.84 -38.08
CA ILE D 221 2.91 10.24 -38.81
C ILE D 221 1.86 9.17 -38.56
N VAL D 222 0.62 9.60 -38.29
CA VAL D 222 -0.51 8.69 -38.09
C VAL D 222 -1.58 9.03 -39.11
N VAL D 223 -2.04 8.00 -39.84
CA VAL D 223 -3.17 8.14 -40.75
C VAL D 223 -4.36 7.35 -40.20
N HIS D 224 -5.55 7.83 -40.54
CA HIS D 224 -6.81 7.16 -40.17
C HIS D 224 -7.76 7.17 -41.35
N SER D 225 -8.52 6.07 -41.48
CA SER D 225 -9.81 6.14 -42.14
C SER D 225 -10.81 6.70 -41.13
N ALA D 226 -11.22 7.96 -41.31
CA ALA D 226 -12.22 8.53 -40.42
C ALA D 226 -13.60 7.95 -40.65
N THR D 227 -13.77 7.22 -41.75
CA THR D 227 -14.96 6.48 -42.10
C THR D 227 -15.37 5.48 -41.01
N LYS D 228 -14.41 5.04 -40.20
CA LYS D 228 -14.67 3.90 -39.27
C LYS D 228 -15.10 4.52 -37.90
N TRP D 229 -14.39 4.15 -36.84
CA TRP D 229 -14.83 4.54 -35.50
C TRP D 229 -14.88 6.04 -35.25
N ILE D 230 -14.01 6.80 -35.91
CA ILE D 230 -14.00 8.25 -35.70
C ILE D 230 -15.36 8.83 -36.08
N GLY D 231 -15.84 8.53 -37.31
CA GLY D 231 -17.17 8.96 -37.69
C GLY D 231 -18.25 8.21 -36.93
N GLY D 232 -18.11 6.89 -36.82
CA GLY D 232 -18.86 6.11 -35.87
C GLY D 232 -20.26 5.70 -36.30
N HIS D 233 -20.82 6.27 -37.37
CA HIS D 233 -22.21 5.98 -37.72
C HIS D 233 -22.40 5.54 -39.17
N GLY D 234 -21.32 5.18 -39.87
CA GLY D 234 -21.47 4.73 -41.25
C GLY D 234 -22.15 5.71 -42.19
N THR D 235 -22.01 7.01 -41.96
CA THR D 235 -22.64 7.97 -42.87
C THR D 235 -21.66 8.60 -43.85
N THR D 236 -20.34 8.48 -43.64
CA THR D 236 -19.41 9.43 -44.26
C THR D 236 -18.05 8.82 -44.53
N ILE D 237 -17.54 9.03 -45.74
CA ILE D 237 -16.17 8.69 -46.12
C ILE D 237 -15.25 9.84 -45.70
N GLY D 238 -14.09 9.53 -45.13
CA GLY D 238 -13.09 10.57 -44.93
C GLY D 238 -11.81 9.99 -44.36
N GLY D 239 -10.73 10.76 -44.53
CA GLY D 239 -9.45 10.40 -43.96
C GLY D 239 -8.83 11.59 -43.24
N VAL D 240 -7.77 11.30 -42.50
CA VAL D 240 -7.02 12.36 -41.83
C VAL D 240 -5.58 11.90 -41.66
N ILE D 241 -4.65 12.84 -41.83
CA ILE D 241 -3.23 12.63 -41.63
C ILE D 241 -2.83 13.48 -40.43
N VAL D 242 -2.17 12.87 -39.44
CA VAL D 242 -1.73 13.57 -38.23
C VAL D 242 -0.20 13.61 -38.21
N ASP D 243 0.34 14.82 -38.01
CA ASP D 243 1.78 15.04 -37.93
C ASP D 243 2.19 15.16 -36.46
N SER D 244 3.11 14.28 -36.03
CA SER D 244 3.63 14.40 -34.67
C SER D 244 4.45 15.67 -34.47
N GLY D 245 5.08 16.17 -35.53
CA GLY D 245 6.01 17.27 -35.39
C GLY D 245 7.37 16.90 -34.83
N ARG D 246 7.65 15.60 -34.64
CA ARG D 246 8.86 15.13 -33.97
C ARG D 246 9.95 14.65 -34.92
N PHE D 247 9.68 14.51 -36.22
CA PHE D 247 10.70 14.00 -37.13
C PHE D 247 11.48 15.17 -37.69
N ASN D 248 12.80 15.09 -37.57
CA ASN D 248 13.70 16.17 -37.95
C ASN D 248 14.03 16.01 -39.43
N TRP D 249 13.24 16.67 -40.29
CA TRP D 249 13.48 16.57 -41.72
C TRP D 249 14.84 17.13 -42.09
N ASN D 250 15.29 18.16 -41.38
CA ASN D 250 16.59 18.76 -41.68
C ASN D 250 17.72 17.75 -41.47
N LYS D 251 17.73 17.08 -40.31
CA LYS D 251 18.77 16.08 -40.03
C LYS D 251 18.78 14.98 -41.10
N HIS D 252 17.67 14.71 -41.76
CA HIS D 252 17.62 13.63 -42.71
C HIS D 252 17.30 14.12 -44.12
N SER D 253 17.74 15.33 -44.45
CA SER D 253 17.53 15.90 -45.76
C SER D 253 18.20 15.10 -46.88
N ASP D 254 19.12 14.19 -46.56
CA ASP D 254 19.65 13.32 -47.60
C ASP D 254 18.56 12.42 -48.17
N ARG D 255 17.65 11.94 -47.32
CA ARG D 255 16.53 11.15 -47.79
C ARG D 255 15.32 11.99 -48.19
N PHE D 256 15.16 13.19 -47.63
CA PHE D 256 14.00 14.02 -47.88
C PHE D 256 14.40 15.42 -48.31
N PRO D 257 15.11 15.56 -49.43
CA PRO D 257 15.63 16.89 -49.79
C PRO D 257 14.54 17.92 -50.06
N GLU D 258 13.33 17.49 -50.43
CA GLU D 258 12.26 18.46 -50.69
C GLU D 258 11.80 19.16 -49.41
N MET D 259 12.03 18.57 -48.23
CA MET D 259 11.65 19.20 -46.96
C MET D 259 12.48 20.45 -46.67
N VAL D 260 13.68 20.58 -47.23
CA VAL D 260 14.55 21.69 -46.87
C VAL D 260 14.96 22.50 -48.09
N GLU D 261 15.05 21.88 -49.25
CA GLU D 261 15.59 22.57 -50.40
C GLU D 261 14.58 23.53 -51.04
N PRO D 262 15.06 24.51 -51.80
CA PRO D 262 14.15 25.48 -52.43
C PRO D 262 13.08 24.80 -53.29
N SER D 263 11.85 25.25 -53.13
CA SER D 263 10.70 24.54 -53.69
C SER D 263 10.33 25.13 -55.05
N PRO D 264 10.21 24.29 -56.09
CA PRO D 264 9.77 24.82 -57.40
C PRO D 264 8.32 25.23 -57.43
N SER D 265 7.51 24.81 -56.45
CA SER D 265 6.12 25.22 -56.41
C SER D 265 5.94 26.63 -55.86
N TYR D 266 6.90 27.13 -55.07
CA TYR D 266 6.72 28.37 -54.31
C TYR D 266 8.00 29.21 -54.37
N HIS D 267 8.54 29.37 -55.57
CA HIS D 267 9.65 30.28 -55.87
C HIS D 267 10.80 30.14 -54.87
N GLY D 268 11.25 28.90 -54.68
CA GLY D 268 12.40 28.64 -53.83
C GLY D 268 12.13 28.69 -52.35
N LEU D 269 10.86 28.77 -51.94
CA LEU D 269 10.53 28.66 -50.52
C LEU D 269 11.14 27.40 -49.95
N LYS D 270 11.71 27.55 -48.76
CA LYS D 270 12.40 26.48 -48.06
C LYS D 270 11.53 26.07 -46.90
N TYR D 271 10.94 24.88 -46.98
CA TYR D 271 9.87 24.56 -46.04
C TYR D 271 10.39 24.46 -44.61
N TRP D 272 11.41 23.61 -44.37
CA TRP D 272 11.88 23.43 -43.00
C TRP D 272 12.23 24.76 -42.36
N GLU D 273 13.03 25.56 -43.05
CA GLU D 273 13.42 26.89 -42.57
C GLU D 273 12.21 27.76 -42.23
N ALA D 274 11.09 27.58 -42.94
CA ALA D 274 9.88 28.38 -42.72
C ALA D 274 8.96 27.77 -41.66
N PHE D 275 8.82 26.45 -41.62
CA PHE D 275 7.76 25.83 -40.84
C PHE D 275 8.26 24.88 -39.77
N GLY D 276 9.52 24.49 -39.79
CA GLY D 276 10.08 23.65 -38.75
C GLY D 276 9.35 22.33 -38.58
N PRO D 277 8.91 22.05 -37.35
CA PRO D 277 8.20 20.78 -37.09
C PRO D 277 6.87 20.64 -37.83
N ALA D 278 6.28 21.72 -38.35
CA ALA D 278 5.06 21.59 -39.15
C ALA D 278 5.33 21.40 -40.64
N THR D 279 6.55 21.00 -41.00
CA THR D 279 6.95 21.00 -42.40
C THR D 279 6.21 19.94 -43.20
N PHE D 280 6.14 18.72 -42.69
CA PHE D 280 5.46 17.67 -43.44
C PHE D 280 3.99 18.02 -43.66
N ILE D 281 3.28 18.34 -42.57
CA ILE D 281 1.84 18.60 -42.69
C ILE D 281 1.58 19.83 -43.52
N THR D 282 2.49 20.82 -43.49
CA THR D 282 2.33 22.00 -44.33
C THR D 282 2.45 21.64 -45.81
N ARG D 283 3.41 20.78 -46.15
CA ARG D 283 3.54 20.33 -47.55
C ARG D 283 2.34 19.50 -47.98
N ILE D 284 1.83 18.66 -47.09
CA ILE D 284 0.58 17.95 -47.38
C ILE D 284 -0.46 18.94 -47.89
N ARG D 285 -0.62 20.06 -47.18
CA ARG D 285 -1.66 21.03 -47.52
C ARG D 285 -1.29 21.86 -48.76
N VAL D 286 -0.13 22.53 -48.76
CA VAL D 286 0.14 23.50 -49.82
C VAL D 286 0.67 22.86 -51.09
N GLU D 287 1.08 21.59 -51.05
CA GLU D 287 1.49 20.89 -52.25
C GLU D 287 0.48 19.82 -52.66
N MET D 288 0.15 18.88 -51.77
CA MET D 288 -0.58 17.69 -52.20
C MET D 288 -2.09 17.91 -52.26
N LEU D 289 -2.69 18.45 -51.20
CA LEU D 289 -4.09 18.84 -51.29
C LEU D 289 -4.30 19.84 -52.44
N ARG D 290 -3.32 20.72 -52.65
CA ARG D 290 -3.47 21.75 -53.68
C ARG D 290 -3.42 21.14 -55.07
N ASP D 291 -2.54 20.15 -55.29
CA ASP D 291 -2.28 19.55 -56.60
C ASP D 291 -2.99 18.24 -56.84
N ILE D 292 -3.11 17.37 -55.83
CA ILE D 292 -3.91 16.17 -56.04
C ILE D 292 -5.39 16.46 -55.81
N GLY D 293 -5.72 17.31 -54.84
CA GLY D 293 -7.10 17.73 -54.68
C GLY D 293 -8.04 16.76 -54.00
N ALA D 294 -7.54 15.85 -53.16
CA ALA D 294 -8.40 14.90 -52.45
C ALA D 294 -8.90 15.50 -51.13
N CYS D 295 -9.74 16.53 -51.26
CA CYS D 295 -10.15 17.29 -50.09
C CYS D 295 -11.45 16.77 -49.44
N LEU D 296 -11.62 17.08 -48.16
CA LEU D 296 -12.82 16.69 -47.42
C LEU D 296 -13.83 17.83 -47.45
N SER D 297 -15.10 17.51 -47.71
CA SER D 297 -16.01 18.64 -47.70
C SER D 297 -16.49 18.98 -46.28
N PRO D 298 -17.00 20.20 -46.09
CA PRO D 298 -17.46 20.62 -44.76
C PRO D 298 -18.67 19.85 -44.26
N PHE D 299 -19.56 19.40 -45.15
CA PHE D 299 -20.66 18.55 -44.71
C PHE D 299 -20.12 17.26 -44.11
N SER D 300 -19.15 16.63 -44.79
CA SER D 300 -18.53 15.41 -44.27
C SER D 300 -17.84 15.67 -42.95
N ALA D 301 -17.11 16.79 -42.86
CA ALA D 301 -16.43 17.15 -41.63
C ALA D 301 -17.40 17.29 -40.46
N GLN D 302 -18.57 17.90 -40.72
CA GLN D 302 -19.53 18.08 -39.64
C GLN D 302 -20.11 16.74 -39.19
N GLN D 303 -20.39 15.83 -40.11
CA GLN D 303 -20.85 14.50 -39.70
C GLN D 303 -19.79 13.81 -38.83
N LEU D 304 -18.51 13.95 -39.21
CA LEU D 304 -17.46 13.30 -38.43
C LEU D 304 -17.27 13.96 -37.08
N LEU D 305 -17.42 15.28 -37.00
CA LEU D 305 -17.38 15.96 -35.70
C LEU D 305 -18.46 15.42 -34.76
N LEU D 306 -19.67 15.18 -35.27
CA LEU D 306 -20.72 14.61 -34.42
C LEU D 306 -20.32 13.24 -33.88
N GLY D 307 -19.69 12.42 -34.73
CA GLY D 307 -19.16 11.16 -34.26
C GLY D 307 -18.10 11.34 -33.18
N ILE D 308 -17.14 12.25 -33.42
CA ILE D 308 -16.02 12.41 -32.49
C ILE D 308 -16.51 12.83 -31.11
N GLU D 309 -17.59 13.63 -31.03
CA GLU D 309 -18.12 14.03 -29.74
C GLU D 309 -18.47 12.86 -28.83
N THR D 310 -18.63 11.64 -29.36
CA THR D 310 -18.91 10.48 -28.52
C THR D 310 -17.84 9.40 -28.62
N LEU D 311 -16.71 9.68 -29.29
CA LEU D 311 -15.74 8.64 -29.61
C LEU D 311 -15.33 7.82 -28.40
N GLY D 312 -14.95 8.48 -27.29
CA GLY D 312 -14.53 7.73 -26.13
C GLY D 312 -15.63 6.85 -25.57
N LEU D 313 -16.86 7.39 -25.53
CA LEU D 313 -18.00 6.61 -25.03
C LEU D 313 -18.25 5.38 -25.90
N ARG D 314 -18.33 5.58 -27.22
CA ARG D 314 -18.57 4.46 -28.11
C ARG D 314 -17.47 3.42 -28.02
N ALA D 315 -16.21 3.87 -28.12
CA ALA D 315 -15.09 2.93 -28.13
C ALA D 315 -15.06 2.12 -26.84
N GLU D 316 -15.41 2.74 -25.71
CA GLU D 316 -15.47 2.04 -24.43
C GLU D 316 -16.50 0.91 -24.47
N ARG D 317 -17.71 1.21 -24.94
CA ARG D 317 -18.74 0.18 -25.05
C ARG D 317 -18.39 -0.85 -26.12
N HIS D 318 -17.84 -0.40 -27.26
CA HIS D 318 -17.40 -1.34 -28.28
C HIS D 318 -16.48 -2.40 -27.67
N ALA D 319 -15.43 -1.97 -26.96
CA ALA D 319 -14.45 -2.91 -26.44
C ALA D 319 -15.06 -3.77 -25.35
N GLN D 320 -16.06 -3.24 -24.71
CA GLN D 320 -16.59 -3.93 -23.55
C GLN D 320 -17.42 -5.12 -24.05
N ASN D 321 -18.23 -4.84 -25.08
CA ASN D 321 -19.00 -5.86 -25.81
C ASN D 321 -18.09 -6.86 -26.48
N THR D 322 -16.96 -6.42 -27.01
CA THR D 322 -16.10 -7.35 -27.73
C THR D 322 -15.49 -8.36 -26.77
N GLU D 323 -15.11 -7.93 -25.58
CA GLU D 323 -14.57 -8.85 -24.59
C GLU D 323 -15.62 -9.89 -24.19
N LYS D 324 -16.86 -9.44 -23.93
CA LYS D 324 -17.93 -10.39 -23.60
C LYS D 324 -18.22 -11.33 -24.76
N LEU D 325 -18.22 -10.82 -25.98
CA LEU D 325 -18.53 -11.66 -27.12
C LEU D 325 -17.44 -12.73 -27.34
N SER D 326 -16.18 -12.37 -27.11
CA SER D 326 -15.12 -13.38 -27.22
C SER D 326 -15.33 -14.49 -26.21
N LYS D 327 -15.74 -14.14 -24.99
CA LYS D 327 -16.05 -15.18 -24.01
C LYS D 327 -17.19 -16.06 -24.47
N TYR D 328 -18.22 -15.49 -25.10
CA TYR D 328 -19.30 -16.34 -25.58
C TYR D 328 -18.83 -17.26 -26.70
N PHE D 329 -18.01 -16.75 -27.61
CA PHE D 329 -17.52 -17.60 -28.69
C PHE D 329 -16.55 -18.67 -28.19
N GLU D 330 -15.71 -18.34 -27.21
CA GLU D 330 -14.76 -19.33 -26.69
C GLU D 330 -15.49 -20.52 -26.08
N SER D 331 -16.69 -20.31 -25.55
CA SER D 331 -17.49 -21.37 -24.96
C SER D 331 -18.43 -22.03 -25.95
N SER D 332 -18.37 -21.68 -27.17
CA SER D 332 -19.42 -22.21 -28.01
C SER D 332 -18.98 -23.52 -28.65
N PRO D 333 -19.82 -24.56 -28.64
CA PRO D 333 -19.48 -25.80 -29.36
C PRO D 333 -19.48 -25.63 -30.87
N ASN D 334 -19.96 -24.50 -31.39
CA ASN D 334 -20.02 -24.32 -32.83
C ASN D 334 -18.84 -23.56 -33.38
N VAL D 335 -17.99 -23.00 -32.52
CA VAL D 335 -16.87 -22.16 -32.93
C VAL D 335 -15.59 -22.95 -32.84
N SER D 336 -14.82 -22.94 -33.92
CA SER D 336 -13.55 -23.65 -33.96
C SER D 336 -12.43 -22.85 -33.29
N TRP D 337 -12.28 -21.57 -33.66
CA TRP D 337 -11.24 -20.74 -33.08
C TRP D 337 -11.74 -19.30 -33.00
N VAL D 338 -11.24 -18.57 -32.01
CA VAL D 338 -11.53 -17.15 -31.83
C VAL D 338 -10.23 -16.37 -31.88
N LEU D 339 -10.24 -15.25 -32.60
CA LEU D 339 -9.08 -14.38 -32.76
C LEU D 339 -9.44 -13.03 -32.16
N TRP D 340 -8.77 -12.66 -31.06
CA TRP D 340 -9.06 -11.44 -30.29
C TRP D 340 -7.75 -11.03 -29.63
N PRO D 341 -7.30 -9.78 -29.79
CA PRO D 341 -5.96 -9.42 -29.32
C PRO D 341 -5.84 -9.32 -27.81
N GLY D 342 -6.95 -9.37 -27.07
CA GLY D 342 -6.87 -9.49 -25.63
C GLY D 342 -6.66 -10.90 -25.10
N SER D 343 -6.70 -11.93 -25.96
CA SER D 343 -6.54 -13.30 -25.50
C SER D 343 -5.08 -13.65 -25.27
N GLU D 344 -4.82 -14.37 -24.18
CA GLU D 344 -3.46 -14.74 -23.84
C GLU D 344 -2.82 -15.67 -24.85
N SER D 345 -3.62 -16.36 -25.68
CA SER D 345 -3.09 -17.22 -26.73
C SER D 345 -2.83 -16.47 -28.03
N HIS D 346 -3.16 -15.19 -28.10
CA HIS D 346 -2.97 -14.45 -29.34
C HIS D 346 -1.48 -14.31 -29.64
N PRO D 347 -1.07 -14.50 -30.89
CA PRO D 347 0.38 -14.44 -31.19
C PRO D 347 1.07 -13.21 -30.64
N THR D 348 0.50 -12.01 -30.79
CA THR D 348 1.14 -10.78 -30.32
C THR D 348 0.52 -10.25 -29.05
N TYR D 349 0.06 -11.15 -28.18
CA TYR D 349 -0.58 -10.72 -26.95
C TYR D 349 0.35 -9.89 -26.09
N SER D 350 1.66 -10.17 -26.12
CA SER D 350 2.59 -9.39 -25.31
C SER D 350 2.66 -7.94 -25.78
N GLN D 351 2.60 -7.72 -27.09
CA GLN D 351 2.51 -6.35 -27.60
C GLN D 351 1.17 -5.73 -27.22
N ALA D 352 0.09 -6.50 -27.34
CA ALA D 352 -1.23 -5.96 -27.05
C ALA D 352 -1.33 -5.54 -25.60
N LYS D 353 -0.88 -6.43 -24.69
CA LYS D 353 -0.88 -6.11 -23.27
C LYS D 353 -0.12 -4.80 -22.99
N LYS D 354 0.93 -4.54 -23.75
CA LYS D 354 1.77 -3.37 -23.49
C LYS D 354 1.15 -2.09 -24.03
N TYR D 355 0.52 -2.13 -25.20
CA TYR D 355 0.07 -0.91 -25.87
C TYR D 355 -1.44 -0.68 -25.78
N LEU D 356 -2.22 -1.67 -25.37
CA LEU D 356 -3.68 -1.54 -25.33
C LEU D 356 -4.13 -1.60 -23.86
N THR D 357 -4.13 -0.46 -23.19
CA THR D 357 -4.48 -0.42 -21.77
C THR D 357 -5.87 0.15 -21.52
N ARG D 358 -6.60 0.51 -22.57
CA ARG D 358 -7.92 1.08 -22.45
C ARG D 358 -8.93 0.24 -23.23
N GLY D 359 -8.71 -1.06 -23.29
CA GLY D 359 -9.62 -1.91 -24.06
C GLY D 359 -8.93 -2.52 -25.26
N PHE D 360 -9.18 -3.81 -25.48
CA PHE D 360 -8.51 -4.56 -26.53
C PHE D 360 -9.21 -4.45 -27.89
N GLY D 361 -9.74 -3.29 -28.23
CA GLY D 361 -10.26 -3.09 -29.57
C GLY D 361 -11.72 -3.50 -29.68
N ALA D 362 -12.24 -3.36 -30.89
CA ALA D 362 -13.67 -3.49 -31.15
C ALA D 362 -13.93 -4.59 -32.16
N MET D 363 -12.94 -5.44 -32.42
CA MET D 363 -12.96 -6.42 -33.47
C MET D 363 -12.66 -7.80 -32.90
N LEU D 364 -13.20 -8.80 -33.55
CA LEU D 364 -12.74 -10.16 -33.38
C LEU D 364 -13.08 -10.92 -34.65
N SER D 365 -12.40 -12.04 -34.84
CA SER D 365 -12.65 -12.93 -35.95
C SER D 365 -12.83 -14.33 -35.40
N ILE D 366 -13.67 -15.12 -36.08
CA ILE D 366 -13.97 -16.48 -35.65
C ILE D 366 -13.92 -17.38 -36.87
N GLY D 367 -13.69 -18.67 -36.61
CA GLY D 367 -13.91 -19.72 -37.58
C GLY D 367 -14.92 -20.68 -36.99
N VAL D 368 -15.91 -21.05 -37.78
CA VAL D 368 -16.99 -21.91 -37.30
C VAL D 368 -16.76 -23.32 -37.78
N LYS D 369 -17.29 -24.27 -37.00
CA LYS D 369 -17.16 -25.69 -37.31
C LYS D 369 -17.99 -26.04 -38.53
N GLY D 370 -17.68 -27.16 -39.15
CA GLY D 370 -18.47 -27.65 -40.27
C GLY D 370 -17.76 -27.44 -41.59
N ASP D 371 -18.51 -27.66 -42.67
CA ASP D 371 -17.93 -27.67 -44.02
C ASP D 371 -17.56 -26.26 -44.50
N ALA D 372 -17.41 -26.10 -45.81
CA ALA D 372 -17.01 -24.81 -46.36
C ALA D 372 -18.11 -23.77 -46.22
N SER D 373 -19.37 -24.16 -46.48
CA SER D 373 -20.49 -23.23 -46.48
C SER D 373 -20.98 -22.89 -45.08
N ALA D 374 -20.27 -23.31 -44.03
CA ALA D 374 -20.74 -23.06 -42.67
C ALA D 374 -20.66 -21.58 -42.30
N GLY D 375 -19.55 -20.92 -42.63
CA GLY D 375 -19.42 -19.50 -42.31
C GLY D 375 -20.51 -18.66 -42.94
N SER D 376 -20.85 -18.95 -44.21
CA SER D 376 -21.91 -18.19 -44.88
C SER D 376 -23.28 -18.46 -44.27
N LYS D 377 -23.52 -19.68 -43.79
CA LYS D 377 -24.83 -19.98 -43.21
C LYS D 377 -25.03 -19.22 -41.92
N VAL D 378 -23.96 -19.06 -41.12
CA VAL D 378 -24.07 -18.32 -39.87
C VAL D 378 -24.29 -16.83 -40.14
N VAL D 379 -23.55 -16.27 -41.11
CA VAL D 379 -23.69 -14.84 -41.39
C VAL D 379 -25.06 -14.57 -42.02
N ASP D 380 -25.43 -15.33 -43.06
CA ASP D 380 -26.72 -15.13 -43.72
C ASP D 380 -27.89 -15.29 -42.76
N GLY D 381 -27.71 -16.05 -41.67
CA GLY D 381 -28.77 -16.21 -40.69
C GLY D 381 -28.88 -15.14 -39.62
N LEU D 382 -27.90 -14.24 -39.53
CA LEU D 382 -27.99 -13.12 -38.59
C LEU D 382 -29.09 -12.16 -39.02
N LYS D 383 -29.86 -11.68 -38.03
CA LYS D 383 -30.96 -10.74 -38.24
C LYS D 383 -30.68 -9.36 -37.65
N LEU D 384 -29.83 -9.27 -36.63
CA LEU D 384 -29.43 -8.02 -36.00
C LEU D 384 -28.11 -7.50 -36.56
N VAL D 385 -27.07 -8.35 -36.60
CA VAL D 385 -25.80 -8.02 -37.22
C VAL D 385 -25.98 -7.86 -38.72
N SER D 386 -25.30 -6.86 -39.31
CA SER D 386 -25.45 -6.60 -40.74
C SER D 386 -24.23 -7.11 -41.51
N ASN D 387 -24.48 -7.72 -42.65
CA ASN D 387 -23.42 -8.24 -43.52
C ASN D 387 -23.13 -7.16 -44.57
N LEU D 388 -21.98 -6.50 -44.43
CA LEU D 388 -21.59 -5.41 -45.33
C LEU D 388 -20.10 -5.10 -45.17
N ALA D 389 -19.62 -4.14 -45.97
CA ALA D 389 -18.22 -3.74 -46.02
C ALA D 389 -18.03 -2.43 -45.27
N ASN D 390 -17.62 -2.54 -44.01
CA ASN D 390 -17.32 -1.42 -43.13
C ASN D 390 -16.88 -2.00 -41.81
N VAL D 391 -16.19 -1.18 -41.02
CA VAL D 391 -15.98 -1.47 -39.61
C VAL D 391 -16.19 -0.16 -38.86
N GLY D 392 -16.34 -0.27 -37.55
CA GLY D 392 -16.46 0.92 -36.74
C GLY D 392 -17.78 1.65 -36.86
N ASP D 393 -18.82 0.98 -37.35
CA ASP D 393 -20.18 1.47 -37.22
C ASP D 393 -20.65 1.21 -35.79
N ALA D 394 -21.54 2.08 -35.30
CA ALA D 394 -22.18 1.78 -34.03
C ALA D 394 -22.97 0.47 -34.10
N LYS D 395 -23.49 0.12 -35.28
CA LYS D 395 -24.15 -1.16 -35.50
C LYS D 395 -23.13 -2.27 -35.69
N SER D 396 -23.44 -3.46 -35.17
CA SER D 396 -22.61 -4.64 -35.38
C SER D 396 -22.62 -5.10 -36.84
N LEU D 397 -21.43 -5.46 -37.34
CA LEU D 397 -21.20 -5.85 -38.72
C LEU D 397 -20.46 -7.18 -38.79
N ALA D 398 -20.59 -7.87 -39.92
CA ALA D 398 -19.87 -9.12 -40.17
C ALA D 398 -19.57 -9.24 -41.66
N ILE D 399 -18.40 -9.77 -42.00
CA ILE D 399 -18.02 -9.97 -43.40
C ILE D 399 -16.97 -11.07 -43.47
N HIS D 400 -16.82 -11.65 -44.67
CA HIS D 400 -15.89 -12.71 -45.05
C HIS D 400 -14.74 -12.08 -45.83
N PRO D 401 -13.61 -11.74 -45.18
CA PRO D 401 -12.58 -10.92 -45.86
C PRO D 401 -11.93 -11.60 -47.06
N TRP D 402 -11.86 -12.94 -47.04
CA TRP D 402 -11.26 -13.69 -48.15
C TRP D 402 -11.89 -13.34 -49.49
N SER D 403 -13.20 -13.10 -49.51
CA SER D 403 -13.93 -12.83 -50.75
C SER D 403 -14.33 -11.36 -50.91
N THR D 404 -13.88 -10.48 -50.02
CA THR D 404 -14.32 -9.09 -50.06
C THR D 404 -13.17 -8.09 -49.86
N THR D 405 -12.93 -7.69 -48.60
CA THR D 405 -11.94 -6.64 -48.33
C THR D 405 -10.55 -7.01 -48.84
N HIS D 406 -10.18 -8.29 -48.80
CA HIS D 406 -8.88 -8.75 -49.29
C HIS D 406 -9.00 -9.54 -50.60
N GLU D 407 -10.11 -9.39 -51.33
CA GLU D 407 -10.36 -10.21 -52.52
C GLU D 407 -9.29 -10.02 -53.59
N GLN D 408 -8.76 -8.80 -53.74
CA GLN D 408 -7.80 -8.51 -54.81
C GLN D 408 -6.43 -9.14 -54.57
N LEU D 409 -6.15 -9.55 -53.35
CA LEU D 409 -4.90 -10.23 -53.01
C LEU D 409 -4.96 -11.67 -53.50
N SER D 410 -3.79 -12.18 -53.88
CA SER D 410 -3.67 -13.63 -54.12
C SER D 410 -3.84 -14.36 -52.79
N GLU D 411 -4.14 -15.66 -52.87
CA GLU D 411 -4.39 -16.42 -51.64
C GLU D 411 -3.18 -16.37 -50.72
N ASP D 412 -2.00 -16.42 -51.31
CA ASP D 412 -0.79 -16.49 -50.51
C ASP D 412 -0.45 -15.12 -49.89
N GLU D 413 -0.85 -14.04 -50.56
CA GLU D 413 -0.86 -12.73 -49.93
C GLU D 413 -1.94 -12.63 -48.86
N ARG D 414 -3.12 -13.25 -49.07
CA ARG D 414 -4.14 -13.25 -48.03
C ARG D 414 -3.64 -13.98 -46.79
N LEU D 415 -2.93 -15.09 -46.98
CA LEU D 415 -2.43 -15.87 -45.85
C LEU D 415 -1.33 -15.13 -45.11
N ALA D 416 -0.40 -14.51 -45.84
CA ALA D 416 0.65 -13.69 -45.22
C ALA D 416 0.08 -12.48 -44.47
N SER D 417 -1.20 -12.17 -44.66
CA SER D 417 -1.87 -11.08 -43.95
C SER D 417 -2.82 -11.61 -42.88
N GLY D 418 -2.75 -12.90 -42.59
CA GLY D 418 -3.58 -13.52 -41.57
C GLY D 418 -5.00 -13.83 -42.01
N VAL D 419 -5.34 -13.62 -43.27
CA VAL D 419 -6.69 -13.87 -43.78
C VAL D 419 -6.80 -15.29 -44.29
N THR D 420 -7.73 -16.06 -43.72
CA THR D 420 -7.97 -17.42 -44.19
C THR D 420 -9.37 -17.51 -44.78
N GLU D 421 -9.64 -18.66 -45.40
CA GLU D 421 -10.90 -18.81 -46.11
C GLU D 421 -12.09 -19.04 -45.19
N ASP D 422 -11.87 -19.46 -43.94
CA ASP D 422 -12.98 -19.68 -43.02
C ASP D 422 -13.19 -18.52 -42.05
N MET D 423 -12.42 -17.45 -42.17
CA MET D 423 -12.47 -16.35 -41.20
C MET D 423 -13.72 -15.50 -41.43
N ILE D 424 -14.55 -15.38 -40.39
CA ILE D 424 -15.60 -14.36 -40.31
C ILE D 424 -15.06 -13.19 -39.50
N ARG D 425 -15.00 -12.01 -40.11
CA ARG D 425 -14.60 -10.79 -39.41
C ARG D 425 -15.82 -10.10 -38.81
N ILE D 426 -15.78 -9.84 -37.51
CA ILE D 426 -16.91 -9.23 -36.79
C ILE D 426 -16.50 -7.87 -36.25
N SER D 427 -17.16 -6.81 -36.72
CA SER D 427 -17.06 -5.49 -36.10
C SER D 427 -18.16 -5.39 -35.05
N VAL D 428 -17.79 -5.42 -33.77
CA VAL D 428 -18.77 -5.53 -32.69
C VAL D 428 -19.34 -4.15 -32.39
N GLY D 429 -20.67 -4.04 -32.39
CA GLY D 429 -21.32 -2.76 -32.22
C GLY D 429 -21.58 -2.41 -30.76
N ILE D 430 -22.38 -1.36 -30.55
CA ILE D 430 -22.71 -0.88 -29.22
C ILE D 430 -24.13 -1.26 -28.81
N GLU D 431 -24.78 -2.16 -29.57
CA GLU D 431 -26.05 -2.74 -29.14
C GLU D 431 -25.87 -3.43 -27.80
N HIS D 432 -26.98 -3.67 -27.11
CA HIS D 432 -26.91 -4.49 -25.90
C HIS D 432 -26.28 -5.83 -26.24
N VAL D 433 -25.26 -6.22 -25.49
CA VAL D 433 -24.51 -7.42 -25.86
C VAL D 433 -25.41 -8.66 -25.84
N ASP D 434 -26.44 -8.69 -24.98
CA ASP D 434 -27.36 -9.83 -24.95
C ASP D 434 -28.04 -10.02 -26.30
N ASP D 435 -28.42 -8.92 -26.97
CA ASP D 435 -29.04 -9.03 -28.29
C ASP D 435 -28.03 -9.47 -29.34
N ILE D 436 -26.77 -9.09 -29.20
CA ILE D 436 -25.75 -9.54 -30.14
C ILE D 436 -25.52 -11.03 -29.98
N ILE D 437 -25.30 -11.49 -28.74
CA ILE D 437 -25.12 -12.91 -28.47
C ILE D 437 -26.35 -13.69 -28.93
N ALA D 438 -27.56 -13.18 -28.62
CA ALA D 438 -28.77 -13.88 -28.99
C ALA D 438 -28.89 -14.02 -30.50
N ASP D 439 -28.38 -13.04 -31.25
CA ASP D 439 -28.44 -13.14 -32.72
C ASP D 439 -27.56 -14.28 -33.21
N PHE D 440 -26.34 -14.38 -32.68
CA PHE D 440 -25.47 -15.49 -33.06
C PHE D 440 -26.05 -16.82 -32.59
N GLU D 441 -26.67 -16.84 -31.41
CA GLU D 441 -27.21 -18.08 -30.87
C GLU D 441 -28.26 -18.68 -31.80
N GLN D 442 -29.19 -17.84 -32.30
CA GLN D 442 -30.26 -18.34 -33.16
C GLN D 442 -29.77 -18.66 -34.57
N SER D 443 -28.72 -17.99 -35.04
CA SER D 443 -28.18 -18.36 -36.34
C SER D 443 -27.38 -19.65 -36.26
N PHE D 444 -26.71 -19.88 -35.12
CA PHE D 444 -26.06 -21.17 -34.90
C PHE D 444 -27.06 -22.31 -34.88
N GLN D 445 -28.19 -22.08 -34.22
CA GLN D 445 -29.18 -23.13 -33.99
C GLN D 445 -29.70 -23.59 -35.37
N LYS D 446 -29.91 -22.62 -36.27
CA LYS D 446 -30.41 -22.90 -37.61
C LYS D 446 -29.42 -23.71 -38.43
N ALA D 447 -28.14 -23.31 -38.42
CA ALA D 447 -27.15 -23.96 -39.25
C ALA D 447 -26.65 -25.28 -38.67
N TYR D 448 -26.79 -25.49 -37.37
CA TYR D 448 -26.27 -26.69 -36.70
C TYR D 448 -27.43 -27.43 -36.03
N GLY D 449 -28.11 -28.26 -36.83
CA GLY D 449 -29.19 -29.10 -36.34
C GLY D 449 -30.35 -28.32 -35.74
N VAL E 22 -35.39 33.71 15.21
CA VAL E 22 -36.48 33.74 14.24
C VAL E 22 -37.69 32.91 14.73
N PHE E 23 -38.73 33.61 15.17
CA PHE E 23 -40.03 33.00 15.45
C PHE E 23 -41.01 33.40 14.36
N GLN E 24 -42.07 32.63 14.27
CA GLN E 24 -43.17 32.96 13.38
C GLN E 24 -44.47 33.22 14.12
N ASN E 25 -44.66 32.59 15.28
CA ASN E 25 -45.98 32.60 15.88
C ASN E 25 -46.24 33.91 16.59
N PHE E 26 -47.36 34.54 16.23
CA PHE E 26 -47.76 35.81 16.79
C PHE E 26 -47.67 35.77 18.30
N GLU E 27 -48.16 34.70 18.90
CA GLU E 27 -48.28 34.65 20.35
C GLU E 27 -46.90 34.66 20.99
N THR E 28 -45.89 34.17 20.27
CA THR E 28 -44.54 34.19 20.81
C THR E 28 -43.86 35.53 20.56
N LEU E 29 -44.02 36.08 19.35
CA LEU E 29 -43.36 37.36 19.05
C LEU E 29 -43.82 38.46 19.99
N GLN E 30 -45.11 38.46 20.35
CA GLN E 30 -45.67 39.54 21.16
C GLN E 30 -45.06 39.61 22.54
N LEU E 31 -44.34 38.56 22.97
CA LEU E 31 -43.67 38.50 24.26
C LEU E 31 -42.16 38.68 24.19
N HIS E 32 -41.54 38.51 23.02
CA HIS E 32 -40.09 38.35 22.94
C HIS E 32 -39.41 39.15 21.83
N ALA E 33 -40.12 39.56 20.78
CA ALA E 33 -39.46 40.27 19.70
C ALA E 33 -38.97 41.64 20.15
N GLY E 34 -37.76 42.00 19.72
CA GLY E 34 -37.26 43.35 19.88
C GLY E 34 -36.62 43.65 21.22
N TYR E 35 -36.40 42.65 22.08
CA TYR E 35 -35.78 42.91 23.37
C TYR E 35 -34.98 41.71 23.84
N THR E 36 -33.75 41.96 24.25
CA THR E 36 -32.92 41.05 24.98
C THR E 36 -32.48 41.74 26.26
N PRO E 37 -32.50 41.06 27.40
CA PRO E 37 -32.01 41.70 28.63
C PRO E 37 -30.59 42.24 28.45
N ASP E 38 -30.38 43.52 28.77
CA ASP E 38 -29.06 44.10 28.61
C ASP E 38 -28.09 43.48 29.62
N PRO E 39 -26.82 43.27 29.24
CA PRO E 39 -25.90 42.53 30.12
C PRO E 39 -25.49 43.28 31.37
N HIS E 40 -25.75 44.59 31.47
CA HIS E 40 -25.41 45.34 32.69
C HIS E 40 -26.29 44.92 33.86
N THR E 41 -27.61 45.07 33.70
CA THR E 41 -28.57 44.82 34.77
C THR E 41 -29.27 43.48 34.64
N ARG E 42 -29.32 42.90 33.44
CA ARG E 42 -30.00 41.65 33.11
C ARG E 42 -31.51 41.72 33.38
N SER E 43 -32.06 42.94 33.45
CA SER E 43 -33.49 43.16 33.63
C SER E 43 -34.33 42.32 32.65
N THR E 44 -35.15 41.44 33.21
CA THR E 44 -36.02 40.59 32.41
C THR E 44 -37.09 41.39 31.68
N ALA E 45 -37.73 42.32 32.38
CA ALA E 45 -38.76 43.17 31.81
C ALA E 45 -38.10 44.43 31.22
N VAL E 46 -38.80 45.06 30.29
CA VAL E 46 -38.25 46.23 29.60
C VAL E 46 -38.18 47.42 30.56
N PRO E 47 -37.01 47.98 30.83
CA PRO E 47 -36.93 49.14 31.73
C PRO E 47 -37.58 50.36 31.10
N ILE E 48 -37.95 51.31 31.95
CA ILE E 48 -38.51 52.57 31.49
C ILE E 48 -37.38 53.58 31.49
N TYR E 49 -36.91 53.94 30.27
CA TYR E 49 -35.81 54.90 30.13
C TYR E 49 -36.42 56.30 30.13
N ALA E 50 -36.78 56.76 31.34
CA ALA E 50 -37.30 58.11 31.58
C ALA E 50 -36.13 59.09 31.55
N THR E 51 -35.63 59.33 30.35
CA THR E 51 -34.52 60.25 30.16
C THR E 51 -34.74 61.01 28.87
N SER E 52 -34.36 62.29 28.87
CA SER E 52 -34.39 63.04 27.61
C SER E 52 -33.12 62.85 26.79
N SER E 53 -32.01 62.45 27.42
CA SER E 53 -30.71 62.51 26.76
C SER E 53 -29.86 61.29 27.12
N TYR E 54 -28.73 61.20 26.42
CA TYR E 54 -27.81 60.07 26.51
C TYR E 54 -26.41 60.66 26.37
N THR E 55 -25.60 60.47 27.42
CA THR E 55 -24.26 61.07 27.48
C THR E 55 -23.36 60.45 26.41
N PHE E 56 -22.68 61.32 25.65
CA PHE E 56 -21.69 60.88 24.66
C PHE E 56 -20.49 60.22 25.33
N ASN E 57 -19.93 59.21 24.66
CA ASN E 57 -18.65 58.66 25.11
C ASN E 57 -17.55 59.72 25.02
N ASP E 58 -17.56 60.52 23.96
CA ASP E 58 -16.71 61.70 23.86
C ASP E 58 -17.26 62.60 22.75
N SER E 59 -16.59 63.72 22.52
CA SER E 59 -17.11 64.71 21.58
C SER E 59 -17.22 64.14 20.17
N ALA E 60 -16.18 63.43 19.71
CA ALA E 60 -16.24 62.85 18.37
C ALA E 60 -17.41 61.89 18.24
N HIS E 61 -17.69 61.09 19.28
CA HIS E 61 -18.85 60.20 19.28
C HIS E 61 -20.14 60.99 19.09
N GLY E 62 -20.31 62.10 19.82
CA GLY E 62 -21.45 62.96 19.58
C GLY E 62 -21.54 63.43 18.14
N ALA E 63 -20.38 63.69 17.50
CA ALA E 63 -20.41 64.22 16.14
C ALA E 63 -20.81 63.14 15.14
N ARG E 64 -20.33 61.91 15.33
CA ARG E 64 -20.75 60.81 14.47
C ARG E 64 -22.24 60.54 14.59
N LEU E 65 -22.80 60.62 15.81
CA LEU E 65 -24.23 60.40 16.01
C LEU E 65 -25.05 61.45 15.27
N PHE E 66 -24.74 62.74 15.52
CA PHE E 66 -25.47 63.83 14.88
C PHE E 66 -25.27 63.83 13.37
N GLY E 67 -24.11 63.35 12.89
CA GLY E 67 -23.84 63.22 11.47
C GLY E 67 -24.44 61.99 10.79
N LEU E 68 -25.24 61.20 11.51
CA LEU E 68 -25.80 59.94 10.98
C LEU E 68 -24.69 59.00 10.49
N LYS E 69 -23.50 59.10 11.09
CA LYS E 69 -22.37 58.25 10.78
C LYS E 69 -22.36 56.97 11.60
N GLU E 70 -23.30 56.80 12.54
CA GLU E 70 -23.23 55.73 13.53
C GLU E 70 -24.53 55.65 14.32
N LEU E 71 -25.08 54.45 14.49
CA LEU E 71 -26.34 54.30 15.20
C LEU E 71 -26.12 54.46 16.69
N GLY E 72 -27.03 55.18 17.35
CA GLY E 72 -26.93 55.43 18.78
C GLY E 72 -27.96 56.40 19.32
N ASN E 73 -28.26 56.28 20.61
CA ASN E 73 -29.20 57.18 21.26
C ASN E 73 -28.63 58.58 21.36
N ILE E 74 -29.40 59.56 20.89
CA ILE E 74 -29.04 60.97 21.02
C ILE E 74 -30.01 61.71 21.96
N TYR E 75 -31.31 61.54 21.75
CA TYR E 75 -32.29 62.44 22.36
C TYR E 75 -33.67 61.85 22.16
N SER E 76 -34.49 61.88 23.22
CA SER E 76 -35.71 61.09 23.25
C SER E 76 -36.84 61.66 22.37
N ARG E 77 -36.71 62.89 21.84
CA ARG E 77 -37.65 63.30 20.80
C ARG E 77 -37.53 62.39 19.59
N LEU E 78 -36.35 61.78 19.40
CA LEU E 78 -35.95 61.02 18.23
C LEU E 78 -35.97 59.51 18.48
N MET E 79 -35.42 59.07 19.63
CA MET E 79 -35.30 57.65 19.95
C MET E 79 -35.18 57.44 21.46
N ASN E 80 -35.49 56.22 21.89
CA ASN E 80 -35.56 55.85 23.30
C ASN E 80 -35.62 54.33 23.42
N PRO E 81 -34.79 53.72 24.27
CA PRO E 81 -34.72 52.25 24.29
C PRO E 81 -36.05 51.56 24.63
N THR E 82 -36.86 52.12 25.53
CA THR E 82 -38.18 51.54 25.77
C THR E 82 -39.03 51.62 24.50
N VAL E 83 -39.08 52.80 23.89
CA VAL E 83 -39.89 52.98 22.69
C VAL E 83 -39.38 52.07 21.56
N ASP E 84 -38.07 51.89 21.49
CA ASP E 84 -37.46 51.05 20.46
C ASP E 84 -37.97 49.61 20.53
N VAL E 85 -38.16 49.08 21.75
CA VAL E 85 -38.74 47.74 21.87
C VAL E 85 -40.17 47.73 21.34
N PHE E 86 -40.95 48.75 21.72
CA PHE E 86 -42.31 48.88 21.20
C PHE E 86 -42.29 48.86 19.67
N GLU E 87 -41.45 49.69 19.07
CA GLU E 87 -41.36 49.79 17.62
C GLU E 87 -41.00 48.45 16.98
N LYS E 88 -39.91 47.83 17.44
CA LYS E 88 -39.45 46.55 16.88
C LYS E 88 -40.49 45.44 17.03
N ARG E 89 -41.17 45.39 18.18
CA ARG E 89 -42.15 44.34 18.41
C ARG E 89 -43.36 44.48 17.48
N ILE E 90 -43.87 45.71 17.32
CA ILE E 90 -44.95 45.92 16.36
C ILE E 90 -44.48 45.59 14.93
N ALA E 91 -43.27 46.02 14.56
CA ALA E 91 -42.76 45.69 13.23
C ALA E 91 -42.73 44.18 13.02
N ALA E 92 -42.24 43.44 14.01
CA ALA E 92 -42.21 41.98 13.90
C ALA E 92 -43.61 41.40 13.79
N LEU E 93 -44.57 41.94 14.54
CA LEU E 93 -45.91 41.35 14.50
C LEU E 93 -46.58 41.61 13.15
N GLU E 94 -46.28 42.73 12.52
CA GLU E 94 -46.90 43.07 11.23
C GLU E 94 -46.12 42.51 10.05
N GLY E 95 -44.91 42.00 10.27
CA GLY E 95 -44.06 41.61 9.16
C GLY E 95 -43.47 42.76 8.38
N GLY E 96 -43.21 43.89 9.03
CA GLY E 96 -42.45 44.97 8.43
C GLY E 96 -41.01 44.89 8.88
N ILE E 97 -40.17 45.75 8.30
CA ILE E 97 -38.77 45.73 8.70
C ILE E 97 -38.48 46.67 9.86
N ALA E 98 -39.28 47.71 10.04
CA ALA E 98 -38.99 48.67 11.10
C ALA E 98 -40.21 49.54 11.29
N ALA E 99 -40.28 50.15 12.46
CA ALA E 99 -41.42 50.98 12.81
C ALA E 99 -40.94 52.22 13.53
N ALA E 100 -41.79 53.23 13.54
CA ALA E 100 -41.52 54.45 14.28
C ALA E 100 -42.76 54.80 15.08
N ALA E 101 -42.58 55.02 16.38
CA ALA E 101 -43.71 55.32 17.25
C ALA E 101 -44.05 56.80 17.21
N THR E 102 -45.32 57.09 17.45
CA THR E 102 -45.75 58.48 17.52
C THR E 102 -46.61 58.69 18.74
N SER E 103 -46.90 59.96 19.00
CA SER E 103 -47.62 60.25 20.22
C SER E 103 -49.10 59.92 20.12
N SER E 104 -49.62 59.69 18.92
CA SER E 104 -50.99 59.25 18.75
C SER E 104 -51.15 58.63 17.36
N GLY E 105 -52.28 57.95 17.17
CA GLY E 105 -52.62 57.43 15.85
C GLY E 105 -52.80 58.52 14.82
N GLN E 106 -53.45 59.63 15.20
CA GLN E 106 -53.54 60.79 14.31
C GLN E 106 -52.17 61.25 13.85
N ALA E 107 -51.19 61.28 14.77
CA ALA E 107 -49.84 61.73 14.43
C ALA E 107 -49.14 60.73 13.52
N ALA E 108 -49.39 59.44 13.72
CA ALA E 108 -48.85 58.44 12.78
C ALA E 108 -49.32 58.68 11.36
N GLN E 109 -50.61 59.02 11.20
CA GLN E 109 -51.15 59.34 9.89
C GLN E 109 -50.57 60.63 9.34
N PHE E 110 -50.50 61.67 10.17
CA PHE E 110 -49.99 62.94 9.69
C PHE E 110 -48.53 62.83 9.27
N LEU E 111 -47.72 62.15 10.07
CA LEU E 111 -46.30 62.08 9.73
C LEU E 111 -46.07 61.31 8.44
N THR E 112 -46.83 60.24 8.23
CA THR E 112 -46.71 59.45 7.02
C THR E 112 -47.07 60.26 5.78
N ILE E 113 -48.24 60.90 5.80
CA ILE E 113 -48.69 61.64 4.63
C ILE E 113 -47.79 62.85 4.38
N ALA E 114 -47.33 63.52 5.44
CA ALA E 114 -46.44 64.66 5.27
C ALA E 114 -45.11 64.27 4.65
N THR E 115 -44.71 63.01 4.78
CA THR E 115 -43.47 62.55 4.19
C THR E 115 -43.66 62.19 2.73
N LEU E 116 -44.80 61.58 2.39
CA LEU E 116 -45.07 61.18 1.02
C LEU E 116 -45.43 62.36 0.14
N ALA E 117 -46.05 63.40 0.68
CA ALA E 117 -46.62 64.47 -0.12
C ALA E 117 -46.19 65.82 0.43
N LYS E 118 -46.20 66.83 -0.44
CA LYS E 118 -46.02 68.21 -0.05
C LYS E 118 -47.03 69.07 -0.78
N ALA E 119 -46.91 70.39 -0.61
CA ALA E 119 -47.92 71.30 -1.16
C ALA E 119 -47.98 71.17 -2.68
N GLY E 120 -49.20 71.03 -3.22
CA GLY E 120 -49.42 70.72 -4.61
C GLY E 120 -49.76 69.27 -4.88
N ASP E 121 -49.50 68.38 -3.93
CA ASP E 121 -49.73 66.96 -4.12
C ASP E 121 -51.11 66.54 -3.61
N ASN E 122 -51.48 65.30 -3.89
CA ASN E 122 -52.74 64.77 -3.42
C ASN E 122 -52.58 63.30 -3.06
N ILE E 123 -53.56 62.78 -2.33
CA ILE E 123 -53.63 61.33 -2.15
C ILE E 123 -55.04 60.89 -2.52
N VAL E 124 -55.16 59.60 -2.76
CA VAL E 124 -56.45 58.97 -3.07
C VAL E 124 -56.81 58.10 -1.89
N ALA E 125 -58.04 58.23 -1.40
CA ALA E 125 -58.45 57.60 -0.16
C ALA E 125 -59.86 57.06 -0.25
N SER E 126 -60.10 55.93 0.41
CA SER E 126 -61.46 55.50 0.66
C SER E 126 -62.18 56.57 1.47
N SER E 127 -63.49 56.72 1.22
CA SER E 127 -64.32 57.60 2.01
C SER E 127 -64.81 56.93 3.29
N HIS E 128 -64.48 55.67 3.51
CA HIS E 128 -64.88 54.97 4.72
C HIS E 128 -63.77 55.12 5.76
N LEU E 129 -63.85 56.19 6.55
CA LEU E 129 -62.76 56.53 7.45
C LEU E 129 -63.27 56.89 8.84
N TYR E 130 -62.40 56.67 9.83
CA TYR E 130 -62.57 57.29 11.13
C TYR E 130 -62.73 58.79 10.96
N GLY E 131 -63.65 59.39 11.72
CA GLY E 131 -63.95 60.81 11.56
C GLY E 131 -62.76 61.73 11.77
N GLY E 132 -61.83 61.35 12.64
CA GLY E 132 -60.64 62.17 12.84
C GLY E 132 -59.70 62.15 11.64
N THR E 133 -59.59 60.99 10.98
CA THR E 133 -58.80 60.90 9.74
C THR E 133 -59.47 61.70 8.61
N TYR E 134 -60.80 61.61 8.52
CA TYR E 134 -61.51 62.32 7.47
C TYR E 134 -61.31 63.82 7.61
N ASN E 135 -61.40 64.32 8.83
CA ASN E 135 -61.15 65.73 9.07
C ASN E 135 -59.70 66.08 8.77
N GLN E 136 -58.79 65.18 9.09
CA GLN E 136 -57.38 65.41 8.78
C GLN E 136 -57.19 65.58 7.27
N LEU E 137 -57.80 64.69 6.48
CA LEU E 137 -57.62 64.71 5.04
C LEU E 137 -58.45 65.79 4.36
N ASN E 138 -59.65 66.10 4.88
CA ASN E 138 -60.57 67.01 4.23
C ASN E 138 -60.38 68.46 4.64
N VAL E 139 -59.90 68.72 5.86
CA VAL E 139 -59.80 70.06 6.41
C VAL E 139 -58.35 70.47 6.69
N LEU E 140 -57.62 69.66 7.46
CA LEU E 140 -56.29 70.10 7.93
C LEU E 140 -55.26 70.10 6.79
N LEU E 141 -55.08 68.96 6.14
CA LEU E 141 -54.03 68.86 5.13
C LEU E 141 -54.20 69.83 3.96
N PRO E 142 -55.41 70.15 3.48
CA PRO E 142 -55.50 71.12 2.37
C PRO E 142 -54.96 72.49 2.73
N ARG E 143 -54.96 72.86 4.02
CA ARG E 143 -54.33 74.12 4.40
C ARG E 143 -52.85 74.10 4.08
N PHE E 144 -52.26 72.91 4.03
CA PHE E 144 -50.86 72.72 3.68
C PHE E 144 -50.67 72.40 2.20
N GLY E 145 -51.67 72.69 1.36
CA GLY E 145 -51.60 72.36 -0.04
C GLY E 145 -51.73 70.90 -0.39
N ILE E 146 -52.17 70.04 0.53
CA ILE E 146 -52.25 68.60 0.27
C ILE E 146 -53.71 68.19 0.26
N LYS E 147 -54.22 67.83 -0.91
CA LYS E 147 -55.62 67.49 -1.08
C LYS E 147 -55.81 65.98 -1.15
N THR E 148 -57.04 65.54 -0.88
CA THR E 148 -57.42 64.14 -0.95
C THR E 148 -58.59 63.97 -1.90
N LYS E 149 -58.52 62.94 -2.74
CA LYS E 149 -59.64 62.51 -3.56
C LYS E 149 -60.29 61.29 -2.91
N PHE E 150 -61.55 61.42 -2.50
CA PHE E 150 -62.24 60.32 -1.85
C PHE E 150 -62.94 59.43 -2.88
N VAL E 151 -62.86 58.12 -2.66
CA VAL E 151 -63.51 57.12 -3.51
C VAL E 151 -64.53 56.38 -2.64
N ARG E 152 -65.79 56.46 -3.04
CA ARG E 152 -66.90 55.89 -2.28
C ARG E 152 -67.18 54.42 -2.54
N SER E 153 -67.03 53.94 -3.77
CA SER E 153 -67.63 52.67 -4.17
C SER E 153 -66.84 51.44 -3.71
N GLY E 154 -65.53 51.57 -3.56
CA GLY E 154 -64.71 50.39 -3.41
C GLY E 154 -64.27 49.73 -4.71
N LYS E 155 -64.75 50.23 -5.86
CA LYS E 155 -64.47 49.60 -7.15
C LYS E 155 -63.07 49.94 -7.63
N LEU E 156 -62.36 48.91 -8.13
CA LEU E 156 -60.97 49.09 -8.46
C LEU E 156 -60.79 50.17 -9.52
N GLU E 157 -61.74 50.30 -10.45
CA GLU E 157 -61.57 51.28 -11.52
C GLU E 157 -61.79 52.71 -11.05
N ASP E 158 -62.50 52.90 -9.94
CA ASP E 158 -62.65 54.24 -9.40
C ASP E 158 -61.36 54.70 -8.71
N TYR E 159 -60.65 53.78 -8.05
CA TYR E 159 -59.35 54.12 -7.50
C TYR E 159 -58.38 54.47 -8.61
N ALA E 160 -58.34 53.64 -9.66
CA ALA E 160 -57.43 53.90 -10.79
C ALA E 160 -57.71 55.25 -11.42
N ALA E 161 -58.99 55.62 -11.55
CA ALA E 161 -59.32 56.85 -12.26
C ALA E 161 -59.00 58.11 -11.44
N ALA E 162 -58.96 58.00 -10.10
CA ALA E 162 -58.63 59.18 -9.30
C ALA E 162 -57.15 59.51 -9.29
N ILE E 163 -56.29 58.61 -9.74
CA ILE E 163 -54.85 58.86 -9.72
C ILE E 163 -54.47 59.82 -10.83
N ASP E 164 -53.68 60.84 -10.49
CA ASP E 164 -53.05 61.69 -11.50
C ASP E 164 -51.57 61.85 -11.19
N ASP E 165 -50.90 62.79 -11.87
CA ASP E 165 -49.45 62.89 -11.75
C ASP E 165 -49.00 63.41 -10.39
N GLN E 166 -49.88 64.08 -9.66
CA GLN E 166 -49.57 64.62 -8.34
C GLN E 166 -49.95 63.65 -7.22
N THR E 167 -50.58 62.53 -7.52
CA THR E 167 -50.99 61.58 -6.48
C THR E 167 -49.76 60.94 -5.86
N ARG E 168 -49.81 60.68 -4.55
CA ARG E 168 -48.66 60.19 -3.80
C ARG E 168 -48.93 58.95 -2.97
N ALA E 169 -50.19 58.55 -2.80
CA ALA E 169 -50.51 57.32 -2.08
C ALA E 169 -51.96 57.00 -2.32
N ILE E 170 -52.32 55.74 -2.10
CA ILE E 170 -53.68 55.33 -1.84
C ILE E 170 -53.79 55.01 -0.35
N TYR E 171 -54.79 55.57 0.31
CA TYR E 171 -54.99 55.39 1.75
C TYR E 171 -56.31 54.68 2.00
N VAL E 172 -56.27 53.52 2.67
CA VAL E 172 -57.49 52.84 3.12
C VAL E 172 -57.33 52.37 4.55
N GLU E 173 -58.47 52.11 5.20
CA GLU E 173 -58.48 51.42 6.48
C GLU E 173 -58.68 49.93 6.22
N SER E 174 -57.98 49.08 6.99
CA SER E 174 -58.11 47.66 6.76
C SER E 174 -59.51 47.16 7.09
N MET E 175 -60.16 47.79 8.07
CA MET E 175 -61.57 47.54 8.33
C MET E 175 -62.15 48.85 8.85
N SER E 176 -63.07 49.44 8.07
CA SER E 176 -63.46 50.81 8.33
C SER E 176 -64.31 50.88 9.59
N ASN E 177 -64.24 52.03 10.24
CA ASN E 177 -64.86 52.32 11.53
C ASN E 177 -65.97 53.33 11.29
N PRO E 178 -67.27 53.00 11.51
CA PRO E 178 -67.91 51.82 12.06
C PRO E 178 -68.80 50.98 11.12
N ASP E 179 -68.54 50.93 9.81
CA ASP E 179 -69.30 50.05 8.92
C ASP E 179 -68.53 48.82 8.47
N TYR E 180 -67.25 48.69 8.84
CA TYR E 180 -66.48 47.45 8.68
C TYR E 180 -66.32 47.04 7.22
N VAL E 181 -66.09 48.02 6.35
CA VAL E 181 -65.75 47.72 4.97
C VAL E 181 -64.32 47.20 4.91
N VAL E 182 -64.14 45.99 4.40
CA VAL E 182 -62.83 45.41 4.14
C VAL E 182 -62.47 45.69 2.69
N PRO E 183 -61.37 46.38 2.41
CA PRO E 183 -61.02 46.66 1.01
C PRO E 183 -60.44 45.44 0.32
N ASP E 184 -60.38 45.52 -1.01
CA ASP E 184 -59.70 44.53 -1.83
C ASP E 184 -58.21 44.89 -1.86
N PHE E 185 -57.52 44.46 -0.80
CA PHE E 185 -56.10 44.81 -0.61
C PHE E 185 -55.27 44.52 -1.86
N GLU E 186 -55.40 43.29 -2.40
CA GLU E 186 -54.52 42.88 -3.47
C GLU E 186 -54.81 43.63 -4.77
N GLY E 187 -56.08 43.82 -5.11
CA GLY E 187 -56.40 44.61 -6.29
C GLY E 187 -56.03 46.07 -6.13
N ILE E 188 -56.21 46.64 -4.94
CA ILE E 188 -55.87 48.04 -4.76
C ILE E 188 -54.36 48.23 -4.76
N ALA E 189 -53.63 47.30 -4.15
CA ALA E 189 -52.17 47.40 -4.20
C ALA E 189 -51.64 47.28 -5.61
N LYS E 190 -52.21 46.38 -6.42
CA LYS E 190 -51.80 46.26 -7.82
C LYS E 190 -51.94 47.60 -8.55
N ILE E 191 -53.11 48.22 -8.44
CA ILE E 191 -53.33 49.52 -9.08
C ILE E 191 -52.34 50.56 -8.58
N ALA E 192 -52.11 50.61 -7.26
CA ALA E 192 -51.17 51.60 -6.75
C ALA E 192 -49.78 51.35 -7.30
N HIS E 193 -49.33 50.10 -7.26
CA HIS E 193 -47.97 49.82 -7.69
C HIS E 193 -47.80 50.05 -9.19
N GLU E 194 -48.84 49.76 -9.99
CA GLU E 194 -48.75 50.02 -11.42
C GLU E 194 -48.62 51.50 -11.73
N HIS E 195 -49.14 52.37 -10.87
CA HIS E 195 -49.01 53.81 -11.04
C HIS E 195 -47.81 54.42 -10.31
N GLY E 196 -46.97 53.60 -9.70
CA GLY E 196 -45.83 54.12 -8.96
C GLY E 196 -46.11 54.75 -7.60
N ILE E 197 -47.19 54.35 -6.92
CA ILE E 197 -47.44 54.92 -5.60
C ILE E 197 -47.58 53.81 -4.55
N PRO E 198 -47.27 54.09 -3.28
CA PRO E 198 -47.49 53.11 -2.23
C PRO E 198 -48.95 53.02 -1.80
N LEU E 199 -49.32 51.85 -1.34
CA LEU E 199 -50.58 51.64 -0.62
C LEU E 199 -50.34 51.81 0.89
N VAL E 200 -51.03 52.78 1.50
CA VAL E 200 -50.96 53.01 2.94
C VAL E 200 -52.24 52.49 3.58
N VAL E 201 -52.10 51.64 4.60
CA VAL E 201 -53.24 51.02 5.26
C VAL E 201 -53.22 51.37 6.74
N ASP E 202 -54.32 51.94 7.24
CA ASP E 202 -54.54 52.09 8.67
C ASP E 202 -55.13 50.78 9.18
N ASN E 203 -54.32 49.99 9.89
CA ASN E 203 -54.73 48.66 10.36
C ASN E 203 -55.13 48.66 11.84
N THR E 204 -55.61 49.81 12.35
CA THR E 204 -56.04 49.87 13.75
C THR E 204 -57.02 48.77 14.10
N LEU E 205 -58.08 48.60 13.29
CA LEU E 205 -59.07 47.57 13.64
C LEU E 205 -58.59 46.15 13.37
N GLY E 206 -57.44 45.98 12.70
CA GLY E 206 -56.82 44.68 12.58
C GLY E 206 -56.07 44.21 13.81
N ALA E 207 -56.12 44.97 14.91
CA ALA E 207 -55.56 44.55 16.20
C ALA E 207 -54.09 44.15 16.07
N GLY E 208 -53.29 45.07 15.52
CA GLY E 208 -51.85 44.91 15.50
C GLY E 208 -51.33 43.78 14.64
N GLY E 209 -52.07 43.39 13.61
CA GLY E 209 -51.69 42.26 12.78
C GLY E 209 -52.35 40.96 13.17
N TYR E 210 -53.09 40.91 14.28
CA TYR E 210 -53.70 39.64 14.64
C TYR E 210 -54.86 39.29 13.69
N TYR E 211 -55.73 40.26 13.40
CA TYR E 211 -56.89 39.96 12.55
C TYR E 211 -56.57 40.09 11.08
N ILE E 212 -55.74 41.07 10.71
CA ILE E 212 -55.45 41.41 9.32
C ILE E 212 -53.97 41.79 9.26
N ARG E 213 -53.28 41.29 8.24
CA ARG E 213 -51.87 41.58 8.03
CA ARG E 213 -51.87 41.61 8.04
C ARG E 213 -51.72 42.16 6.63
N PRO E 214 -52.01 43.45 6.45
CA PRO E 214 -52.02 44.03 5.10
C PRO E 214 -50.70 43.96 4.36
N ILE E 215 -49.57 43.90 5.06
CA ILE E 215 -48.29 43.83 4.34
C ILE E 215 -48.19 42.52 3.56
N GLU E 216 -48.80 41.44 4.05
CA GLU E 216 -48.86 40.19 3.31
C GLU E 216 -49.69 40.29 2.04
N HIS E 217 -50.46 41.37 1.88
CA HIS E 217 -51.37 41.52 0.74
C HIS E 217 -51.10 42.79 -0.04
N GLY E 218 -49.90 43.35 0.05
CA GLY E 218 -49.47 44.39 -0.85
C GLY E 218 -49.34 45.78 -0.24
N ALA E 219 -49.71 45.97 1.03
CA ALA E 219 -49.51 47.26 1.68
C ALA E 219 -48.02 47.54 1.84
N ASP E 220 -47.63 48.79 1.61
CA ASP E 220 -46.24 49.22 1.77
C ASP E 220 -45.97 49.90 3.10
N ILE E 221 -46.96 50.61 3.65
CA ILE E 221 -46.85 51.32 4.92
C ILE E 221 -48.13 51.03 5.68
N VAL E 222 -48.01 50.69 6.96
CA VAL E 222 -49.15 50.43 7.84
C VAL E 222 -49.07 51.38 9.03
N VAL E 223 -50.17 52.07 9.34
CA VAL E 223 -50.22 52.94 10.51
C VAL E 223 -51.26 52.37 11.47
N HIS E 224 -51.02 52.56 12.78
CA HIS E 224 -51.95 52.14 13.83
C HIS E 224 -52.19 53.26 14.82
N SER E 225 -53.41 53.31 15.33
CA SER E 225 -53.63 53.85 16.66
C SER E 225 -53.34 52.74 17.66
N ALA E 226 -52.20 52.83 18.36
CA ALA E 226 -51.88 51.89 19.43
C ALA E 226 -52.76 52.09 20.66
N THR E 227 -53.45 53.22 20.76
CA THR E 227 -54.43 53.52 21.79
C THR E 227 -55.49 52.45 21.93
N LYS E 228 -55.79 51.77 20.82
CA LYS E 228 -56.93 50.81 20.74
C LYS E 228 -56.42 49.42 21.21
N TRP E 229 -56.61 48.40 20.38
CA TRP E 229 -56.35 47.02 20.79
C TRP E 229 -54.90 46.76 21.18
N ILE E 230 -53.95 47.41 20.51
CA ILE E 230 -52.54 47.16 20.80
C ILE E 230 -52.26 47.43 22.27
N GLY E 231 -52.70 48.59 22.77
CA GLY E 231 -52.59 48.87 24.18
C GLY E 231 -53.57 48.06 25.01
N GLY E 232 -54.85 48.05 24.61
CA GLY E 232 -55.81 47.09 25.14
C GLY E 232 -56.45 47.43 26.48
N HIS E 233 -55.98 48.45 27.20
CA HIS E 233 -56.49 48.73 28.54
C HIS E 233 -57.00 50.16 28.71
N GLY E 234 -57.08 50.94 27.63
CA GLY E 234 -57.58 52.31 27.73
C GLY E 234 -56.78 53.20 28.66
N THR E 235 -55.46 52.96 28.80
CA THR E 235 -54.68 53.82 29.68
C THR E 235 -53.83 54.86 28.95
N THR E 236 -53.65 54.74 27.63
CA THR E 236 -52.50 55.38 26.98
C THR E 236 -52.77 55.71 25.52
N ILE E 237 -52.43 56.95 25.11
CA ILE E 237 -52.49 57.35 23.71
C ILE E 237 -51.19 56.96 23.04
N GLY E 238 -51.25 56.42 21.83
CA GLY E 238 -50.05 56.21 21.05
C GLY E 238 -50.35 55.86 19.62
N GLY E 239 -49.34 56.02 18.77
CA GLY E 239 -49.42 55.56 17.39
C GLY E 239 -48.13 54.93 16.96
N VAL E 240 -48.18 54.25 15.80
CA VAL E 240 -46.99 53.61 15.26
C VAL E 240 -47.12 53.51 13.74
N ILE E 241 -45.99 53.75 13.06
CA ILE E 241 -45.86 53.65 11.62
C ILE E 241 -44.98 52.45 11.30
N VAL E 242 -45.48 51.51 10.51
CA VAL E 242 -44.70 50.33 10.12
C VAL E 242 -44.34 50.43 8.65
N ASP E 243 -43.03 50.31 8.34
CA ASP E 243 -42.52 50.26 6.97
C ASP E 243 -42.35 48.82 6.52
N SER E 244 -42.99 48.44 5.41
CA SER E 244 -42.78 47.10 4.88
C SER E 244 -41.38 46.92 4.31
N GLY E 245 -40.75 48.00 3.87
CA GLY E 245 -39.48 47.82 3.18
C GLY E 245 -39.61 47.35 1.74
N ARG E 246 -40.82 47.25 1.19
CA ARG E 246 -41.05 46.62 -0.09
C ARG E 246 -41.28 47.59 -1.23
N PHE E 247 -41.36 48.89 -0.96
CA PHE E 247 -41.60 49.86 -2.03
C PHE E 247 -40.25 50.41 -2.49
N ASN E 248 -39.99 50.30 -3.79
CA ASN E 248 -38.72 50.75 -4.35
C ASN E 248 -38.86 52.23 -4.70
N TRP E 249 -38.42 53.09 -3.76
CA TRP E 249 -38.48 54.53 -3.99
C TRP E 249 -37.61 54.95 -5.17
N ASN E 250 -36.56 54.18 -5.48
CA ASN E 250 -35.69 54.53 -6.60
C ASN E 250 -36.37 54.30 -7.94
N LYS E 251 -37.11 53.19 -8.09
CA LYS E 251 -37.89 52.98 -9.33
C LYS E 251 -38.91 54.08 -9.57
N HIS E 252 -39.31 54.83 -8.53
CA HIS E 252 -40.39 55.81 -8.65
C HIS E 252 -39.97 57.18 -8.14
N SER E 253 -38.68 57.51 -8.30
CA SER E 253 -38.14 58.80 -7.89
C SER E 253 -38.81 59.98 -8.58
N ASP E 254 -39.55 59.77 -9.68
CA ASP E 254 -40.25 60.88 -10.32
C ASP E 254 -41.39 61.37 -9.43
N ARG E 255 -42.05 60.47 -8.72
CA ARG E 255 -43.05 60.90 -7.76
C ARG E 255 -42.48 61.22 -6.38
N PHE E 256 -41.32 60.68 -6.03
CA PHE E 256 -40.76 60.81 -4.69
C PHE E 256 -39.29 61.19 -4.78
N PRO E 257 -38.98 62.39 -5.30
CA PRO E 257 -37.57 62.76 -5.46
C PRO E 257 -36.84 62.95 -4.14
N GLU E 258 -37.53 63.37 -3.08
CA GLU E 258 -36.86 63.49 -1.78
C GLU E 258 -36.36 62.15 -1.26
N MET E 259 -36.83 61.04 -1.82
CA MET E 259 -36.32 59.76 -1.36
C MET E 259 -34.93 59.45 -1.92
N VAL E 260 -34.55 60.09 -3.04
CA VAL E 260 -33.29 59.75 -3.68
C VAL E 260 -32.37 60.96 -3.83
N GLU E 261 -32.95 62.17 -3.94
CA GLU E 261 -32.15 63.35 -4.24
C GLU E 261 -31.46 63.91 -2.99
N PRO E 262 -30.38 64.67 -3.17
CA PRO E 262 -29.63 65.19 -2.02
C PRO E 262 -30.51 66.00 -1.08
N SER E 263 -30.38 65.72 0.20
CA SER E 263 -31.32 66.22 1.19
C SER E 263 -30.83 67.54 1.79
N PRO E 264 -31.67 68.58 1.81
CA PRO E 264 -31.25 69.85 2.43
C PRO E 264 -31.15 69.77 3.95
N SER E 265 -31.78 68.79 4.59
CA SER E 265 -31.64 68.69 6.03
C SER E 265 -30.28 68.11 6.43
N TYR E 266 -29.64 67.33 5.56
CA TYR E 266 -28.46 66.55 5.94
C TYR E 266 -27.37 66.68 4.89
N HIS E 267 -27.09 67.92 4.49
CA HIS E 267 -25.90 68.27 3.71
C HIS E 267 -25.76 67.38 2.48
N GLY E 268 -26.87 67.21 1.77
CA GLY E 268 -26.87 66.46 0.52
C GLY E 268 -26.95 64.96 0.65
N LEU E 269 -27.25 64.42 1.83
CA LEU E 269 -27.41 62.97 1.97
C LEU E 269 -28.52 62.48 1.04
N LYS E 270 -28.26 61.39 0.34
CA LYS E 270 -29.25 60.75 -0.54
C LYS E 270 -29.76 59.51 0.19
N TYR E 271 -31.03 59.54 0.60
CA TYR E 271 -31.56 58.53 1.52
C TYR E 271 -31.51 57.12 0.91
N TRP E 272 -31.98 56.97 -0.34
CA TRP E 272 -32.06 55.63 -0.91
C TRP E 272 -30.69 54.98 -1.01
N GLU E 273 -29.67 55.75 -1.38
CA GLU E 273 -28.32 55.21 -1.47
C GLU E 273 -27.81 54.77 -0.10
N ALA E 274 -28.15 55.52 0.93
CA ALA E 274 -27.62 55.22 2.26
C ALA E 274 -28.43 54.11 2.96
N PHE E 275 -29.78 54.11 2.82
CA PHE E 275 -30.61 53.25 3.65
C PHE E 275 -31.44 52.21 2.88
N GLY E 276 -31.52 52.30 1.54
CA GLY E 276 -32.25 51.32 0.77
C GLY E 276 -33.71 51.15 1.18
N PRO E 277 -34.11 49.89 1.45
CA PRO E 277 -35.51 49.62 1.80
C PRO E 277 -35.98 50.26 3.10
N ALA E 278 -35.08 50.77 3.95
CA ALA E 278 -35.48 51.45 5.18
C ALA E 278 -35.58 52.97 5.01
N THR E 279 -35.69 53.44 3.76
CA THR E 279 -35.62 54.87 3.47
C THR E 279 -36.80 55.62 4.05
N PHE E 280 -38.01 55.11 3.85
CA PHE E 280 -39.17 55.84 4.31
C PHE E 280 -39.14 55.98 5.84
N ILE E 281 -38.97 54.87 6.55
CA ILE E 281 -39.00 54.90 8.01
C ILE E 281 -37.83 55.71 8.55
N THR E 282 -36.68 55.71 7.85
CA THR E 282 -35.56 56.56 8.28
C THR E 282 -35.89 58.04 8.15
N ARG E 283 -36.55 58.46 7.07
CA ARG E 283 -36.96 59.86 6.96
C ARG E 283 -37.97 60.23 8.03
N ILE E 284 -38.91 59.31 8.34
CA ILE E 284 -39.87 59.56 9.41
C ILE E 284 -39.15 60.00 10.68
N ARG E 285 -38.05 59.33 11.01
CA ARG E 285 -37.35 59.58 12.26
C ARG E 285 -36.47 60.83 12.18
N VAL E 286 -35.60 60.91 11.18
CA VAL E 286 -34.61 61.98 11.15
C VAL E 286 -35.15 63.27 10.55
N GLU E 287 -36.31 63.24 9.87
CA GLU E 287 -36.96 64.46 9.42
C GLU E 287 -38.22 64.76 10.22
N MET E 288 -39.18 63.85 10.22
CA MET E 288 -40.50 64.21 10.72
C MET E 288 -40.55 64.25 12.24
N LEU E 289 -40.15 63.16 12.91
CA LEU E 289 -40.08 63.18 14.36
C LEU E 289 -39.11 64.25 14.86
N ARG E 290 -38.00 64.47 14.17
CA ARG E 290 -37.08 65.51 14.61
C ARG E 290 -37.70 66.91 14.49
N ASP E 291 -38.42 67.19 13.39
CA ASP E 291 -38.91 68.55 13.11
C ASP E 291 -40.35 68.81 13.59
N ILE E 292 -41.22 67.81 13.55
CA ILE E 292 -42.57 67.97 14.08
C ILE E 292 -42.63 67.56 15.54
N GLY E 293 -41.88 66.54 15.96
CA GLY E 293 -41.74 66.26 17.37
C GLY E 293 -42.90 65.55 18.02
N ALA E 294 -43.63 64.71 17.27
CA ALA E 294 -44.78 63.99 17.82
C ALA E 294 -44.31 62.63 18.35
N CYS E 295 -43.50 62.70 19.40
CA CYS E 295 -42.83 61.52 19.93
C CYS E 295 -43.66 60.88 21.04
N LEU E 296 -43.38 59.59 21.29
CA LEU E 296 -44.04 58.80 22.31
C LEU E 296 -43.18 58.77 23.58
N SER E 297 -43.82 58.89 24.73
CA SER E 297 -42.93 58.85 25.88
C SER E 297 -42.66 57.39 26.29
N PRO E 298 -41.54 57.15 27.00
CA PRO E 298 -41.24 55.77 27.46
C PRO E 298 -42.26 55.21 28.43
N PHE E 299 -42.88 56.05 29.27
CA PHE E 299 -43.93 55.53 30.15
C PHE E 299 -45.10 55.01 29.32
N SER E 300 -45.47 55.74 28.28
CA SER E 300 -46.53 55.28 27.40
C SER E 300 -46.12 53.99 26.72
N ALA E 301 -44.89 53.95 26.20
CA ALA E 301 -44.41 52.74 25.53
C ALA E 301 -44.46 51.53 26.48
N GLN E 302 -44.16 51.73 27.77
CA GLN E 302 -44.18 50.58 28.68
C GLN E 302 -45.61 50.10 28.93
N GLN E 303 -46.59 51.03 29.01
CA GLN E 303 -47.98 50.61 29.15
C GLN E 303 -48.44 49.85 27.91
N LEU E 304 -48.06 50.35 26.72
CA LEU E 304 -48.43 49.64 25.50
C LEU E 304 -47.78 48.26 25.43
N LEU E 305 -46.52 48.14 25.88
CA LEU E 305 -45.85 46.84 25.83
C LEU E 305 -46.52 45.82 26.74
N LEU E 306 -47.09 46.27 27.87
CA LEU E 306 -47.84 45.37 28.73
C LEU E 306 -49.11 44.89 28.03
N GLY E 307 -49.75 45.78 27.27
CA GLY E 307 -50.87 45.36 26.45
C GLY E 307 -50.48 44.34 25.39
N ILE E 308 -49.39 44.62 24.66
CA ILE E 308 -48.96 43.73 23.58
C ILE E 308 -48.69 42.32 24.09
N GLU E 309 -48.21 42.17 25.33
CA GLU E 309 -47.89 40.85 25.85
C GLU E 309 -49.10 39.91 25.85
N THR E 310 -50.33 40.43 25.86
CA THR E 310 -51.50 39.57 25.74
C THR E 310 -52.31 39.85 24.47
N LEU E 311 -51.72 40.51 23.46
CA LEU E 311 -52.52 40.96 22.31
C LEU E 311 -53.27 39.81 21.65
N GLY E 312 -52.55 38.73 21.30
CA GLY E 312 -53.22 37.60 20.66
C GLY E 312 -54.32 36.99 21.53
N LEU E 313 -54.08 36.86 22.83
CA LEU E 313 -55.08 36.28 23.73
C LEU E 313 -56.33 37.14 23.77
N ARG E 314 -56.16 38.46 23.92
CA ARG E 314 -57.31 39.34 23.99
C ARG E 314 -58.05 39.35 22.66
N ALA E 315 -57.33 39.54 21.56
CA ALA E 315 -58.00 39.61 20.26
C ALA E 315 -58.78 38.34 19.98
N GLU E 316 -58.27 37.19 20.42
CA GLU E 316 -58.98 35.93 20.23
C GLU E 316 -60.28 35.92 21.01
N ARG E 317 -60.25 36.36 22.27
CA ARG E 317 -61.48 36.37 23.07
C ARG E 317 -62.43 37.46 22.57
N HIS E 318 -61.91 38.63 22.23
CA HIS E 318 -62.73 39.68 21.63
C HIS E 318 -63.56 39.14 20.47
N ALA E 319 -62.90 38.50 19.50
CA ALA E 319 -63.57 38.06 18.27
C ALA E 319 -64.57 36.95 18.57
N GLN E 320 -64.22 36.09 19.51
CA GLN E 320 -65.13 35.07 20.01
C GLN E 320 -66.37 35.67 20.66
N ASN E 321 -66.18 36.62 21.58
CA ASN E 321 -67.32 37.31 22.18
C ASN E 321 -68.15 38.03 21.13
N THR E 322 -67.48 38.63 20.14
CA THR E 322 -68.21 39.38 19.13
C THR E 322 -69.09 38.46 18.31
N GLU E 323 -68.57 37.30 17.93
CA GLU E 323 -69.37 36.36 17.16
C GLU E 323 -70.60 35.92 17.96
N LYS E 324 -70.41 35.56 19.23
CA LYS E 324 -71.54 35.14 20.06
C LYS E 324 -72.54 36.28 20.25
N LEU E 325 -72.04 37.50 20.37
CA LEU E 325 -72.96 38.62 20.57
C LEU E 325 -73.74 38.95 19.30
N SER E 326 -73.16 38.70 18.13
CA SER E 326 -73.90 38.94 16.89
C SER E 326 -75.07 37.97 16.79
N LYS E 327 -74.86 36.71 17.18
CA LYS E 327 -75.97 35.75 17.25
C LYS E 327 -77.06 36.24 18.21
N TYR E 328 -76.66 36.72 19.39
CA TYR E 328 -77.67 37.19 20.33
C TYR E 328 -78.49 38.35 19.77
N PHE E 329 -77.84 39.31 19.11
CA PHE E 329 -78.59 40.43 18.58
C PHE E 329 -79.44 40.03 17.38
N GLU E 330 -78.96 39.08 16.58
CA GLU E 330 -79.71 38.63 15.42
C GLU E 330 -81.00 37.92 15.84
N SER E 331 -81.02 37.35 17.05
CA SER E 331 -82.24 36.71 17.57
C SER E 331 -83.06 37.66 18.43
N SER E 332 -82.68 38.92 18.54
CA SER E 332 -83.43 39.70 19.52
C SER E 332 -84.60 40.42 18.85
N PRO E 333 -85.76 40.46 19.52
CA PRO E 333 -86.89 41.23 18.98
C PRO E 333 -86.69 42.72 19.02
N ASN E 334 -85.62 43.20 19.66
CA ASN E 334 -85.40 44.63 19.84
C ASN E 334 -84.40 45.20 18.85
N VAL E 335 -83.84 44.39 17.99
CA VAL E 335 -82.82 44.82 17.04
C VAL E 335 -83.41 44.81 15.64
N SER E 336 -83.17 45.88 14.89
CA SER E 336 -83.57 45.95 13.48
C SER E 336 -82.55 45.33 12.54
N TRP E 337 -81.26 45.47 12.84
CA TRP E 337 -80.23 44.94 11.95
C TRP E 337 -78.92 44.83 12.71
N VAL E 338 -78.08 43.89 12.28
CA VAL E 338 -76.73 43.70 12.82
C VAL E 338 -75.74 43.88 11.68
N LEU E 339 -74.69 44.68 11.91
CA LEU E 339 -73.59 44.86 10.96
C LEU E 339 -72.33 44.27 11.58
N TRP E 340 -71.80 43.22 10.96
CA TRP E 340 -70.71 42.44 11.49
C TRP E 340 -69.99 41.88 10.28
N PRO E 341 -68.68 42.13 10.13
CA PRO E 341 -68.00 41.70 8.89
C PRO E 341 -67.97 40.20 8.68
N GLY E 342 -68.18 39.38 9.71
CA GLY E 342 -68.33 37.97 9.45
C GLY E 342 -69.71 37.52 8.99
N SER E 343 -70.65 38.44 8.82
CA SER E 343 -72.00 38.10 8.36
C SER E 343 -72.01 37.91 6.85
N GLU E 344 -72.68 36.85 6.38
CA GLU E 344 -72.67 36.59 4.93
C GLU E 344 -73.41 37.66 4.15
N SER E 345 -74.24 38.46 4.80
CA SER E 345 -74.93 39.57 4.15
C SER E 345 -74.08 40.85 4.08
N HIS E 346 -72.95 40.89 4.76
CA HIS E 346 -72.17 42.11 4.81
C HIS E 346 -71.73 42.51 3.41
N PRO E 347 -71.79 43.80 3.05
CA PRO E 347 -71.46 44.20 1.67
C PRO E 347 -70.09 43.75 1.21
N THR E 348 -69.09 43.68 2.08
CA THR E 348 -67.76 43.22 1.63
C THR E 348 -67.40 41.90 2.30
N TYR E 349 -68.38 41.03 2.47
CA TYR E 349 -68.10 39.73 3.09
C TYR E 349 -67.08 38.94 2.27
N SER E 350 -67.12 39.03 0.95
CA SER E 350 -66.14 38.30 0.15
C SER E 350 -64.71 38.73 0.49
N GLN E 351 -64.49 40.01 0.76
CA GLN E 351 -63.17 40.46 1.16
C GLN E 351 -62.85 39.98 2.57
N ALA E 352 -63.81 40.12 3.50
CA ALA E 352 -63.58 39.69 4.87
C ALA E 352 -63.25 38.21 4.95
N LYS E 353 -63.97 37.38 4.18
CA LYS E 353 -63.71 35.94 4.20
C LYS E 353 -62.32 35.62 3.69
N LYS E 354 -61.83 36.37 2.70
CA LYS E 354 -60.50 36.15 2.17
C LYS E 354 -59.42 36.70 3.10
N TYR E 355 -59.66 37.86 3.72
CA TYR E 355 -58.58 38.51 4.44
C TYR E 355 -58.62 38.32 5.96
N LEU E 356 -59.71 37.81 6.52
CA LEU E 356 -59.79 37.64 7.97
C LEU E 356 -59.99 36.15 8.27
N THR E 357 -58.89 35.47 8.60
CA THR E 357 -58.95 34.04 8.81
C THR E 357 -58.69 33.66 10.27
N ARG E 358 -58.61 34.63 11.16
CA ARG E 358 -58.32 34.42 12.57
C ARG E 358 -59.37 35.15 13.41
N GLY E 359 -60.56 35.30 12.87
CA GLY E 359 -61.65 35.91 13.60
C GLY E 359 -62.04 37.21 12.93
N PHE E 360 -63.34 37.52 12.96
CA PHE E 360 -63.88 38.64 12.19
C PHE E 360 -63.93 39.93 12.99
N GLY E 361 -62.88 40.27 13.73
CA GLY E 361 -62.84 41.57 14.38
C GLY E 361 -63.48 41.58 15.76
N ALA E 362 -63.45 42.76 16.35
CA ALA E 362 -63.91 42.95 17.72
C ALA E 362 -65.07 43.94 17.80
N MET E 363 -65.61 44.33 16.66
CA MET E 363 -66.62 45.36 16.59
C MET E 363 -67.90 44.80 15.99
N LEU E 364 -69.01 45.40 16.40
CA LEU E 364 -70.22 45.28 15.62
C LEU E 364 -71.04 46.53 15.84
N SER E 365 -71.88 46.82 14.84
CA SER E 365 -72.88 47.87 14.93
C SER E 365 -74.28 47.26 14.78
N ILE E 366 -75.25 47.89 15.44
CA ILE E 366 -76.64 47.45 15.40
C ILE E 366 -77.54 48.68 15.30
N GLY E 367 -78.74 48.45 14.80
CA GLY E 367 -79.82 49.42 14.89
C GLY E 367 -80.91 48.82 15.75
N VAL E 368 -81.55 49.65 16.58
CA VAL E 368 -82.59 49.17 17.48
C VAL E 368 -83.93 49.73 17.02
N LYS E 369 -84.99 49.02 17.37
CA LYS E 369 -86.31 49.43 16.89
C LYS E 369 -86.78 50.67 17.64
N GLY E 370 -87.76 51.36 17.06
CA GLY E 370 -88.38 52.51 17.68
C GLY E 370 -87.88 53.82 17.11
N ASP E 371 -88.21 54.90 17.82
CA ASP E 371 -87.98 56.25 17.32
C ASP E 371 -86.52 56.68 17.40
N ALA E 372 -86.27 57.98 17.26
CA ALA E 372 -84.92 58.49 17.15
C ALA E 372 -84.14 58.38 18.46
N SER E 373 -84.82 58.36 19.60
CA SER E 373 -84.17 58.36 20.90
C SER E 373 -83.96 56.96 21.46
N ALA E 374 -84.29 55.92 20.68
CA ALA E 374 -84.21 54.56 21.21
C ALA E 374 -82.76 54.10 21.37
N GLY E 375 -81.91 54.40 20.38
CA GLY E 375 -80.52 54.01 20.47
C GLY E 375 -79.84 54.58 21.71
N SER E 376 -80.08 55.86 21.99
CA SER E 376 -79.45 56.48 23.15
C SER E 376 -80.07 55.96 24.45
N LYS E 377 -81.34 55.58 24.44
CA LYS E 377 -81.95 55.05 25.64
C LYS E 377 -81.39 53.66 25.99
N VAL E 378 -81.10 52.85 24.97
CA VAL E 378 -80.53 51.53 25.23
C VAL E 378 -79.11 51.67 25.77
N VAL E 379 -78.31 52.53 25.14
CA VAL E 379 -76.94 52.77 25.58
C VAL E 379 -76.92 53.34 26.99
N ASP E 380 -77.85 54.25 27.30
CA ASP E 380 -77.91 54.84 28.63
C ASP E 380 -78.29 53.82 29.70
N GLY E 381 -79.08 52.82 29.35
CA GLY E 381 -79.44 51.84 30.35
C GLY E 381 -78.41 50.76 30.63
N LEU E 382 -77.32 50.72 29.87
CA LEU E 382 -76.29 49.71 30.13
C LEU E 382 -75.56 50.03 31.44
N LYS E 383 -75.29 48.99 32.22
CA LYS E 383 -74.60 49.11 33.50
C LYS E 383 -73.22 48.47 33.53
N LEU E 384 -72.89 47.64 32.54
CA LEU E 384 -71.57 47.03 32.41
C LEU E 384 -70.80 47.61 31.24
N VAL E 385 -71.43 47.69 30.07
CA VAL E 385 -70.85 48.36 28.93
C VAL E 385 -70.77 49.86 29.23
N SER E 386 -69.65 50.47 28.87
CA SER E 386 -69.42 51.89 29.13
C SER E 386 -69.73 52.73 27.89
N ASN E 387 -70.36 53.88 28.09
CA ASN E 387 -70.64 54.80 27.00
C ASN E 387 -69.49 55.81 26.93
N LEU E 388 -68.59 55.65 25.97
CA LEU E 388 -67.45 56.56 25.86
C LEU E 388 -66.82 56.44 24.48
N ALA E 389 -65.83 57.29 24.23
CA ALA E 389 -65.11 57.36 22.95
C ALA E 389 -63.78 56.62 23.06
N ASN E 390 -63.79 55.37 22.61
CA ASN E 390 -62.60 54.53 22.45
C ASN E 390 -63.11 53.24 21.84
N VAL E 391 -62.21 52.48 21.25
CA VAL E 391 -62.45 51.10 20.89
C VAL E 391 -61.23 50.33 21.32
N GLY E 392 -61.34 49.01 21.35
CA GLY E 392 -60.17 48.22 21.68
C GLY E 392 -59.79 48.15 23.15
N ASP E 393 -60.63 48.66 24.05
CA ASP E 393 -60.46 48.41 25.48
C ASP E 393 -60.82 46.97 25.82
N ALA E 394 -60.19 46.43 26.87
CA ALA E 394 -60.63 45.13 27.38
C ALA E 394 -62.07 45.19 27.92
N LYS E 395 -62.48 46.34 28.46
CA LYS E 395 -63.88 46.59 28.83
C LYS E 395 -64.74 46.85 27.60
N SER E 396 -65.99 46.37 27.65
CA SER E 396 -66.95 46.60 26.56
C SER E 396 -67.38 48.07 26.51
N LEU E 397 -67.54 48.58 25.29
CA LEU E 397 -67.86 49.99 25.07
C LEU E 397 -68.95 50.14 24.01
N ALA E 398 -69.77 51.17 24.19
CA ALA E 398 -70.78 51.54 23.20
C ALA E 398 -70.76 53.05 23.02
N ILE E 399 -71.15 53.49 21.82
CA ILE E 399 -71.26 54.92 21.51
C ILE E 399 -72.18 55.11 20.29
N HIS E 400 -72.61 56.35 20.04
CA HIS E 400 -73.48 56.72 18.92
C HIS E 400 -72.64 57.57 17.96
N PRO E 401 -72.02 56.97 16.95
CA PRO E 401 -70.98 57.70 16.20
C PRO E 401 -71.48 58.93 15.44
N TRP E 402 -72.80 59.03 15.21
CA TRP E 402 -73.35 60.14 14.44
C TRP E 402 -73.10 61.47 15.15
N SER E 403 -73.24 61.49 16.48
CA SER E 403 -73.05 62.69 17.28
C SER E 403 -71.67 62.75 17.95
N THR E 404 -70.76 61.82 17.63
CA THR E 404 -69.50 61.76 18.35
C THR E 404 -68.31 61.63 17.40
N THR E 405 -67.83 60.40 17.20
CA THR E 405 -66.59 60.18 16.44
C THR E 405 -66.68 60.74 15.03
N HIS E 406 -67.90 60.84 14.47
CA HIS E 406 -68.11 61.34 13.12
C HIS E 406 -68.87 62.65 13.11
N GLU E 407 -68.99 63.30 14.28
CA GLU E 407 -69.79 64.52 14.39
C GLU E 407 -69.31 65.62 13.43
N GLN E 408 -67.99 65.71 13.20
CA GLN E 408 -67.46 66.82 12.39
C GLN E 408 -67.82 66.73 10.91
N LEU E 409 -68.33 65.58 10.45
CA LEU E 409 -68.68 65.36 9.05
C LEU E 409 -70.12 65.79 8.78
N SER E 410 -70.37 66.22 7.53
CA SER E 410 -71.73 66.52 7.09
C SER E 410 -72.54 65.23 6.96
N GLU E 411 -73.86 65.38 6.88
CA GLU E 411 -74.75 64.21 6.88
C GLU E 411 -74.50 63.30 5.68
N ASP E 412 -74.14 63.86 4.53
CA ASP E 412 -73.79 63.02 3.39
C ASP E 412 -72.42 62.39 3.57
N GLU E 413 -71.49 63.11 4.20
CA GLU E 413 -70.20 62.51 4.54
C GLU E 413 -70.37 61.36 5.53
N ARG E 414 -71.35 61.44 6.43
CA ARG E 414 -71.59 60.35 7.37
C ARG E 414 -72.16 59.12 6.66
N LEU E 415 -73.19 59.31 5.83
CA LEU E 415 -73.66 58.21 4.96
C LEU E 415 -72.54 57.60 4.14
N ALA E 416 -71.69 58.43 3.51
CA ALA E 416 -70.68 57.87 2.62
C ALA E 416 -69.61 57.14 3.40
N SER E 417 -69.56 57.33 4.70
CA SER E 417 -68.73 56.55 5.59
C SER E 417 -69.55 55.51 6.34
N GLY E 418 -70.79 55.25 5.90
CA GLY E 418 -71.61 54.19 6.46
C GLY E 418 -72.29 54.50 7.77
N VAL E 419 -72.26 55.74 8.23
CA VAL E 419 -72.79 56.11 9.54
C VAL E 419 -74.20 56.65 9.36
N THR E 420 -75.16 56.01 10.02
CA THR E 420 -76.52 56.53 10.01
C THR E 420 -76.82 57.04 11.41
N GLU E 421 -78.09 57.37 11.66
CA GLU E 421 -78.46 57.98 12.92
C GLU E 421 -78.96 56.97 13.95
N ASP E 422 -79.38 55.79 13.53
CA ASP E 422 -79.80 54.75 14.46
C ASP E 422 -78.68 53.77 14.79
N MET E 423 -77.45 54.06 14.40
CA MET E 423 -76.35 53.11 14.54
C MET E 423 -75.72 53.23 15.93
N ILE E 424 -75.78 52.14 16.71
CA ILE E 424 -74.97 51.96 17.92
C ILE E 424 -73.70 51.19 17.59
N ARG E 425 -72.55 51.80 17.81
CA ARG E 425 -71.27 51.14 17.61
C ARG E 425 -70.86 50.45 18.90
N ILE E 426 -70.46 49.19 18.81
CA ILE E 426 -70.10 48.40 20.00
C ILE E 426 -68.70 47.86 19.82
N SER E 427 -67.80 48.24 20.72
CA SER E 427 -66.50 47.59 20.87
C SER E 427 -66.67 46.50 21.92
N VAL E 428 -66.63 45.24 21.50
CA VAL E 428 -66.98 44.13 22.37
C VAL E 428 -65.77 43.76 23.22
N GLY E 429 -65.94 43.77 24.55
CA GLY E 429 -64.85 43.51 25.47
C GLY E 429 -64.64 42.03 25.72
N ILE E 430 -63.77 41.72 26.69
CA ILE E 430 -63.42 40.34 27.00
C ILE E 430 -64.07 39.86 28.30
N GLU E 431 -65.05 40.61 28.82
CA GLU E 431 -65.89 40.13 29.90
C GLU E 431 -66.50 38.78 29.52
N HIS E 432 -67.07 38.07 30.51
CA HIS E 432 -67.84 36.89 30.17
C HIS E 432 -69.02 37.31 29.29
N VAL E 433 -69.18 36.62 28.14
CA VAL E 433 -70.19 37.05 27.18
C VAL E 433 -71.59 36.98 27.77
N ASP E 434 -71.84 36.05 28.70
CA ASP E 434 -73.14 35.99 29.38
C ASP E 434 -73.46 37.30 30.10
N ASP E 435 -72.46 37.97 30.67
CA ASP E 435 -72.72 39.22 31.35
C ASP E 435 -72.91 40.38 30.38
N ILE E 436 -72.21 40.38 29.26
CA ILE E 436 -72.48 41.39 28.24
C ILE E 436 -73.90 41.25 27.74
N ILE E 437 -74.32 40.02 27.44
CA ILE E 437 -75.69 39.77 26.97
C ILE E 437 -76.70 40.21 28.01
N ALA E 438 -76.53 39.76 29.26
CA ALA E 438 -77.45 40.12 30.34
C ALA E 438 -77.58 41.64 30.49
N ASP E 439 -76.48 42.38 30.28
CA ASP E 439 -76.56 43.84 30.37
C ASP E 439 -77.42 44.42 29.24
N PHE E 440 -77.23 43.95 28.01
CA PHE E 440 -78.11 44.43 26.94
C PHE E 440 -79.54 44.00 27.19
N GLU E 441 -79.73 42.76 27.68
CA GLU E 441 -81.06 42.25 27.95
C GLU E 441 -81.81 43.13 28.95
N GLN E 442 -81.16 43.52 30.05
CA GLN E 442 -81.88 44.31 31.06
C GLN E 442 -82.11 45.73 30.58
N SER E 443 -81.20 46.29 29.79
CA SER E 443 -81.42 47.63 29.26
C SER E 443 -82.46 47.65 28.15
N PHE E 444 -82.47 46.65 27.27
CA PHE E 444 -83.57 46.54 26.32
C PHE E 444 -84.90 46.57 27.03
N GLN E 445 -84.97 45.88 28.14
CA GLN E 445 -86.25 45.64 28.79
C GLN E 445 -86.76 46.84 29.59
N LYS E 446 -85.85 47.68 30.08
CA LYS E 446 -86.22 49.01 30.54
C LYS E 446 -86.67 49.92 29.41
N ALA E 447 -86.11 49.79 28.21
CA ALA E 447 -86.45 50.71 27.11
C ALA E 447 -87.71 50.29 26.35
N TYR E 448 -88.01 49.00 26.31
CA TYR E 448 -89.11 48.47 25.51
C TYR E 448 -90.15 47.69 26.29
N GLY E 449 -89.89 47.33 27.55
CA GLY E 449 -90.84 46.57 28.36
C GLY E 449 -90.60 45.06 28.42
N VAL F 22 23.97 4.74 -1.56
CA VAL F 22 24.33 3.34 -1.31
C VAL F 22 24.53 2.59 -2.63
N PHE F 23 25.77 2.25 -2.93
CA PHE F 23 26.10 1.36 -4.05
C PHE F 23 26.58 0.03 -3.49
N GLN F 24 26.41 -1.00 -4.31
CA GLN F 24 26.85 -2.34 -3.93
C GLN F 24 28.16 -2.73 -4.59
N ASN F 25 28.35 -2.35 -5.85
CA ASN F 25 29.37 -2.99 -6.66
C ASN F 25 30.73 -2.33 -6.44
N PHE F 26 31.73 -3.19 -6.19
CA PHE F 26 33.10 -2.75 -5.97
C PHE F 26 33.57 -1.82 -7.06
N GLU F 27 33.25 -2.17 -8.31
CA GLU F 27 33.73 -1.40 -9.45
C GLU F 27 33.18 0.02 -9.43
N THR F 28 31.98 0.20 -8.89
CA THR F 28 31.38 1.52 -8.82
C THR F 28 31.87 2.29 -7.60
N LEU F 29 31.99 1.62 -6.45
CA LEU F 29 32.43 2.28 -5.24
C LEU F 29 33.85 2.81 -5.38
N GLN F 30 34.70 2.12 -6.13
CA GLN F 30 36.10 2.54 -6.24
C GLN F 30 36.23 3.89 -6.94
N LEU F 31 35.18 4.34 -7.63
CA LEU F 31 35.20 5.62 -8.33
C LEU F 31 34.39 6.71 -7.64
N HIS F 32 33.45 6.36 -6.76
CA HIS F 32 32.49 7.33 -6.25
C HIS F 32 32.36 7.38 -4.73
N ALA F 33 32.80 6.36 -3.99
CA ALA F 33 32.59 6.37 -2.53
C ALA F 33 33.38 7.50 -1.87
N GLY F 34 32.74 8.20 -0.94
CA GLY F 34 33.45 9.11 -0.07
C GLY F 34 33.76 10.49 -0.64
N TYR F 35 33.21 10.85 -1.80
CA TYR F 35 33.49 12.19 -2.32
C TYR F 35 32.31 12.73 -3.10
N THR F 36 31.92 13.97 -2.80
CA THR F 36 30.99 14.71 -3.62
C THR F 36 31.64 16.05 -3.95
N PRO F 37 31.54 16.51 -5.20
CA PRO F 37 32.10 17.82 -5.55
C PRO F 37 31.57 18.89 -4.63
N ASP F 38 32.49 19.67 -4.09
CA ASP F 38 32.15 20.72 -3.13
C ASP F 38 31.54 21.92 -3.86
N PRO F 39 30.50 22.54 -3.30
CA PRO F 39 29.74 23.50 -4.11
C PRO F 39 30.49 24.78 -4.40
N HIS F 40 31.60 25.06 -3.72
CA HIS F 40 32.38 26.26 -4.02
C HIS F 40 33.03 26.17 -5.41
N THR F 41 33.79 25.11 -5.68
CA THR F 41 34.52 24.96 -6.93
C THR F 41 33.90 23.96 -7.89
N ARG F 42 33.17 22.96 -7.36
CA ARG F 42 32.51 21.88 -8.11
C ARG F 42 33.50 20.96 -8.81
N SER F 43 34.75 21.00 -8.35
CA SER F 43 35.83 20.12 -8.81
C SER F 43 35.40 18.65 -8.87
N THR F 44 35.40 18.09 -10.08
CA THR F 44 35.01 16.71 -10.30
C THR F 44 36.01 15.73 -9.69
N ALA F 45 37.31 15.97 -9.91
CA ALA F 45 38.37 15.18 -9.31
C ALA F 45 38.61 15.65 -7.88
N VAL F 46 39.22 14.77 -7.08
CA VAL F 46 39.51 15.11 -5.68
C VAL F 46 40.69 16.09 -5.64
N PRO F 47 40.51 17.28 -5.07
CA PRO F 47 41.63 18.22 -5.01
C PRO F 47 42.67 17.76 -4.00
N ILE F 48 43.89 18.27 -4.17
CA ILE F 48 44.98 17.98 -3.24
C ILE F 48 45.06 19.14 -2.25
N TYR F 49 44.62 18.90 -1.02
CA TYR F 49 44.64 19.93 0.01
C TYR F 49 46.02 19.91 0.67
N ALA F 50 47.00 20.46 -0.05
CA ALA F 50 48.36 20.64 0.46
C ALA F 50 48.35 21.80 1.44
N THR F 51 47.75 21.56 2.60
CA THR F 51 47.73 22.55 3.67
C THR F 51 48.00 21.82 4.98
N SER F 52 48.75 22.47 5.87
CA SER F 52 48.91 21.94 7.22
C SER F 52 47.75 22.35 8.13
N SER F 53 47.11 23.49 7.87
CA SER F 53 46.15 24.09 8.79
C SER F 53 44.86 24.49 8.10
N TYR F 54 43.87 24.80 8.92
CA TYR F 54 42.52 25.17 8.48
C TYR F 54 42.05 26.29 9.38
N THR F 55 41.75 27.46 8.78
CA THR F 55 41.43 28.66 9.55
C THR F 55 40.09 28.51 10.28
N PHE F 56 40.09 28.84 11.58
CA PHE F 56 38.85 28.82 12.35
C PHE F 56 37.89 29.91 11.87
N ASN F 57 36.60 29.68 12.08
CA ASN F 57 35.62 30.73 11.80
C ASN F 57 35.68 31.81 12.85
N ASP F 58 35.95 31.41 14.10
CA ASP F 58 36.24 32.32 15.20
C ASP F 58 36.86 31.50 16.32
N SER F 59 37.25 32.18 17.41
CA SER F 59 37.94 31.51 18.51
C SER F 59 37.09 30.40 19.11
N ALA F 60 35.79 30.64 19.32
CA ALA F 60 34.95 29.61 19.92
C ALA F 60 34.90 28.35 19.05
N HIS F 61 34.78 28.54 17.73
CA HIS F 61 34.86 27.41 16.80
C HIS F 61 36.14 26.60 17.02
N GLY F 62 37.30 27.27 17.07
CA GLY F 62 38.53 26.57 17.39
C GLY F 62 38.43 25.78 18.68
N ALA F 63 37.82 26.36 19.71
CA ALA F 63 37.73 25.67 21.00
C ALA F 63 36.83 24.44 20.91
N ARG F 64 35.69 24.56 20.21
CA ARG F 64 34.82 23.40 20.04
C ARG F 64 35.53 22.28 19.30
N LEU F 65 36.35 22.63 18.28
CA LEU F 65 37.06 21.61 17.51
C LEU F 65 38.08 20.87 18.38
N PHE F 66 38.93 21.61 19.08
CA PHE F 66 39.93 21.00 19.96
C PHE F 66 39.29 20.22 21.10
N GLY F 67 38.08 20.59 21.51
CA GLY F 67 37.36 19.89 22.55
C GLY F 67 36.56 18.69 22.07
N LEU F 68 36.72 18.29 20.81
CA LEU F 68 35.94 17.20 20.21
C LEU F 68 34.44 17.46 20.35
N LYS F 69 34.07 18.74 20.44
CA LYS F 69 32.67 19.16 20.56
C LYS F 69 31.99 19.23 19.20
N GLU F 70 32.75 19.20 18.11
CA GLU F 70 32.23 19.48 16.77
C GLU F 70 33.22 18.95 15.75
N LEU F 71 32.72 18.26 14.73
CA LEU F 71 33.56 17.70 13.69
C LEU F 71 34.00 18.79 12.72
N GLY F 72 35.30 18.80 12.40
CA GLY F 72 35.86 19.73 11.44
C GLY F 72 37.38 19.66 11.33
N ASN F 73 37.92 20.23 10.25
CA ASN F 73 39.35 20.15 10.00
C ASN F 73 40.11 21.06 10.96
N ILE F 74 41.10 20.49 11.65
CA ILE F 74 41.97 21.23 12.55
C ILE F 74 43.39 21.33 11.99
N TYR F 75 43.98 20.19 11.59
CA TYR F 75 45.41 20.11 11.35
C TYR F 75 45.72 18.81 10.65
N SER F 76 46.58 18.86 9.63
CA SER F 76 46.75 17.72 8.73
C SER F 76 47.53 16.56 9.34
N ARG F 77 48.19 16.74 10.48
CA ARG F 77 48.68 15.57 11.22
C ARG F 77 47.51 14.63 11.58
N LEU F 78 46.30 15.17 11.81
CA LEU F 78 45.14 14.37 12.18
C LEU F 78 44.17 14.13 11.04
N MET F 79 43.88 15.16 10.23
CA MET F 79 42.87 15.05 9.18
C MET F 79 43.18 15.99 8.01
N ASN F 80 42.58 15.65 6.87
CA ASN F 80 42.86 16.31 5.61
C ASN F 80 41.78 15.88 4.61
N PRO F 81 41.15 16.81 3.90
CA PRO F 81 40.04 16.42 3.02
C PRO F 81 40.42 15.46 1.90
N THR F 82 41.63 15.53 1.36
CA THR F 82 42.03 14.51 0.38
C THR F 82 42.18 13.15 1.05
N VAL F 83 42.90 13.11 2.17
CA VAL F 83 43.07 11.85 2.88
C VAL F 83 41.73 11.30 3.30
N ASP F 84 40.80 12.19 3.67
CA ASP F 84 39.48 11.76 4.11
C ASP F 84 38.74 10.98 3.02
N VAL F 85 38.88 11.43 1.76
CA VAL F 85 38.28 10.68 0.66
C VAL F 85 38.90 9.29 0.56
N PHE F 86 40.23 9.22 0.63
CA PHE F 86 40.91 7.94 0.58
C PHE F 86 40.40 7.01 1.68
N GLU F 87 40.20 7.54 2.89
CA GLU F 87 39.79 6.69 4.01
C GLU F 87 38.37 6.16 3.81
N LYS F 88 37.44 7.05 3.45
CA LYS F 88 36.04 6.65 3.31
C LYS F 88 35.89 5.65 2.18
N ARG F 89 36.68 5.82 1.12
CA ARG F 89 36.56 4.93 -0.03
C ARG F 89 37.08 3.54 0.29
N ILE F 90 38.23 3.45 0.97
CA ILE F 90 38.73 2.14 1.38
C ILE F 90 37.73 1.47 2.32
N ALA F 91 37.22 2.23 3.30
CA ALA F 91 36.25 1.68 4.23
C ALA F 91 35.02 1.15 3.50
N ALA F 92 34.52 1.90 2.51
CA ALA F 92 33.38 1.42 1.74
C ALA F 92 33.73 0.16 0.95
N LEU F 93 34.95 0.09 0.40
CA LEU F 93 35.30 -1.10 -0.39
C LEU F 93 35.40 -2.35 0.49
N GLU F 94 35.86 -2.19 1.73
CA GLU F 94 36.03 -3.31 2.62
C GLU F 94 34.76 -3.61 3.43
N GLY F 95 33.79 -2.72 3.41
CA GLY F 95 32.59 -2.90 4.20
C GLY F 95 32.76 -2.55 5.66
N GLY F 96 33.68 -1.65 5.99
CA GLY F 96 33.81 -1.13 7.33
C GLY F 96 33.01 0.16 7.48
N ILE F 97 32.94 0.66 8.72
CA ILE F 97 32.24 1.92 8.92
C ILE F 97 33.15 3.12 8.72
N ALA F 98 34.45 2.97 8.99
CA ALA F 98 35.36 4.10 8.87
C ALA F 98 36.78 3.59 8.84
N ALA F 99 37.68 4.45 8.39
CA ALA F 99 39.08 4.09 8.23
C ALA F 99 39.94 5.27 8.61
N ALA F 100 41.22 5.00 8.84
CA ALA F 100 42.19 6.02 9.18
C ALA F 100 43.47 5.70 8.42
N ALA F 101 43.98 6.68 7.67
CA ALA F 101 45.17 6.48 6.86
C ALA F 101 46.42 6.69 7.70
N THR F 102 47.50 6.01 7.32
CA THR F 102 48.78 6.14 7.99
C THR F 102 49.88 6.26 6.94
N SER F 103 51.08 6.63 7.38
CA SER F 103 52.16 6.90 6.43
C SER F 103 52.69 5.65 5.74
N SER F 104 52.38 4.45 6.25
CA SER F 104 52.83 3.19 5.65
C SER F 104 52.01 2.04 6.22
N GLY F 105 52.09 0.89 5.55
CA GLY F 105 51.52 -0.33 6.10
C GLY F 105 52.06 -0.69 7.47
N GLN F 106 53.39 -0.63 7.63
CA GLN F 106 54.00 -0.84 8.94
C GLN F 106 53.38 0.06 10.01
N ALA F 107 53.10 1.33 9.67
CA ALA F 107 52.50 2.24 10.65
C ALA F 107 51.05 1.86 10.94
N ALA F 108 50.31 1.41 9.93
CA ALA F 108 48.97 0.88 10.18
C ALA F 108 49.00 -0.26 11.19
N GLN F 109 49.94 -1.19 11.04
CA GLN F 109 50.05 -2.30 11.97
C GLN F 109 50.44 -1.83 13.37
N PHE F 110 51.42 -0.94 13.45
CA PHE F 110 51.91 -0.49 14.75
C PHE F 110 50.84 0.30 15.51
N LEU F 111 50.16 1.21 14.82
CA LEU F 111 49.13 2.01 15.48
C LEU F 111 48.00 1.14 16.01
N THR F 112 47.58 0.13 15.23
CA THR F 112 46.49 -0.73 15.67
C THR F 112 46.85 -1.50 16.94
N ILE F 113 48.04 -2.11 16.97
CA ILE F 113 48.46 -2.91 18.11
C ILE F 113 48.72 -2.01 19.32
N ALA F 114 49.30 -0.83 19.10
CA ALA F 114 49.56 0.09 20.20
C ALA F 114 48.27 0.59 20.85
N THR F 115 47.16 0.56 20.12
CA THR F 115 45.89 0.97 20.69
C THR F 115 45.25 -0.17 21.48
N LEU F 116 45.42 -1.42 21.03
CA LEU F 116 44.79 -2.55 21.68
C LEU F 116 45.56 -3.02 22.90
N ALA F 117 46.88 -2.82 22.92
CA ALA F 117 47.74 -3.42 23.93
C ALA F 117 48.67 -2.37 24.51
N LYS F 118 49.12 -2.63 25.74
CA LYS F 118 50.15 -1.82 26.40
C LYS F 118 51.12 -2.75 27.10
N ALA F 119 52.11 -2.16 27.78
CA ALA F 119 53.17 -2.93 28.39
C ALA F 119 52.57 -4.00 29.31
N GLY F 120 53.05 -5.23 29.17
CA GLY F 120 52.50 -6.36 29.88
C GLY F 120 51.48 -7.16 29.10
N ASP F 121 51.01 -6.64 27.97
CA ASP F 121 50.03 -7.37 27.18
C ASP F 121 50.70 -8.22 26.11
N ASN F 122 49.88 -9.00 25.41
CA ASN F 122 50.43 -9.80 24.32
C ASN F 122 49.37 -9.95 23.26
N ILE F 123 49.81 -10.43 22.11
CA ILE F 123 48.90 -10.77 21.03
C ILE F 123 49.26 -12.16 20.55
N VAL F 124 48.26 -12.86 20.05
CA VAL F 124 48.45 -14.14 19.39
C VAL F 124 48.45 -13.89 17.89
N ALA F 125 49.46 -14.40 17.21
CA ALA F 125 49.62 -14.15 15.78
C ALA F 125 49.98 -15.43 15.07
N SER F 126 49.52 -15.55 13.82
CA SER F 126 50.07 -16.57 12.95
C SER F 126 51.53 -16.27 12.68
N SER F 127 52.33 -17.33 12.52
CA SER F 127 53.73 -17.17 12.17
C SER F 127 53.96 -16.97 10.67
N HIS F 128 52.93 -17.04 9.83
CA HIS F 128 53.09 -16.82 8.40
C HIS F 128 52.86 -15.33 8.12
N LEU F 129 53.96 -14.57 8.16
CA LEU F 129 53.84 -13.11 8.15
C LEU F 129 54.86 -12.50 7.21
N TYR F 130 54.54 -11.30 6.73
CA TYR F 130 55.53 -10.48 6.07
C TYR F 130 56.70 -10.25 7.03
N GLY F 131 57.92 -10.39 6.49
CA GLY F 131 59.11 -10.26 7.31
C GLY F 131 59.16 -8.99 8.15
N GLY F 132 58.66 -7.88 7.62
CA GLY F 132 58.65 -6.65 8.40
C GLY F 132 57.65 -6.68 9.54
N THR F 133 56.51 -7.35 9.34
CA THR F 133 55.57 -7.55 10.43
C THR F 133 56.17 -8.46 11.51
N TYR F 134 56.85 -9.53 11.08
CA TYR F 134 57.47 -10.45 12.02
C TYR F 134 58.46 -9.72 12.91
N ASN F 135 59.32 -8.91 12.30
CA ASN F 135 60.30 -8.16 13.07
C ASN F 135 59.60 -7.17 13.99
N GLN F 136 58.55 -6.52 13.50
CA GLN F 136 57.78 -5.62 14.34
C GLN F 136 57.31 -6.33 15.61
N LEU F 137 56.69 -7.51 15.46
CA LEU F 137 56.13 -8.24 16.60
C LEU F 137 57.19 -8.96 17.44
N ASN F 138 58.28 -9.40 16.82
CA ASN F 138 59.25 -10.22 17.54
C ASN F 138 60.33 -9.39 18.19
N VAL F 139 60.67 -8.23 17.61
CA VAL F 139 61.79 -7.41 18.09
C VAL F 139 61.33 -6.05 18.60
N LEU F 140 60.60 -5.30 17.79
CA LEU F 140 60.24 -3.93 18.17
C LEU F 140 59.27 -3.88 19.35
N LEU F 141 58.08 -4.45 19.19
CA LEU F 141 57.06 -4.31 20.22
C LEU F 141 57.46 -4.85 21.61
N PRO F 142 58.27 -5.91 21.75
CA PRO F 142 58.69 -6.34 23.09
C PRO F 142 59.45 -5.28 23.86
N ARG F 143 60.25 -4.44 23.18
CA ARG F 143 60.88 -3.31 23.87
C ARG F 143 59.84 -2.46 24.59
N PHE F 144 58.60 -2.45 24.11
CA PHE F 144 57.52 -1.70 24.72
C PHE F 144 56.64 -2.56 25.62
N GLY F 145 57.11 -3.75 25.98
CA GLY F 145 56.35 -4.64 26.84
C GLY F 145 55.20 -5.35 26.18
N ILE F 146 55.16 -5.41 24.86
CA ILE F 146 54.07 -6.06 24.14
C ILE F 146 54.66 -7.26 23.40
N LYS F 147 54.28 -8.47 23.81
CA LYS F 147 54.87 -9.68 23.28
C LYS F 147 53.87 -10.38 22.36
N THR F 148 54.39 -11.23 21.48
CA THR F 148 53.54 -11.99 20.58
C THR F 148 53.77 -13.49 20.79
N LYS F 149 52.69 -14.24 20.81
CA LYS F 149 52.76 -15.70 20.82
C LYS F 149 52.44 -16.17 19.41
N PHE F 150 53.42 -16.75 18.73
CA PHE F 150 53.22 -17.19 17.35
C PHE F 150 52.63 -18.60 17.29
N VAL F 151 51.66 -18.79 16.41
CA VAL F 151 51.02 -20.07 16.17
C VAL F 151 51.40 -20.52 14.76
N ARG F 152 52.04 -21.69 14.67
CA ARG F 152 52.60 -22.15 13.41
C ARG F 152 51.70 -23.07 12.61
N SER F 153 50.80 -23.81 13.27
CA SER F 153 50.05 -24.87 12.61
C SER F 153 48.78 -24.38 11.92
N GLY F 154 48.27 -23.21 12.29
CA GLY F 154 46.98 -22.79 11.78
C GLY F 154 45.78 -23.52 12.34
N LYS F 155 45.98 -24.41 13.32
CA LYS F 155 44.88 -25.17 13.90
C LYS F 155 44.11 -24.34 14.91
N LEU F 156 42.78 -24.41 14.83
CA LEU F 156 41.94 -23.62 15.73
C LEU F 156 42.32 -23.82 17.19
N GLU F 157 42.64 -25.07 17.56
CA GLU F 157 42.88 -25.35 18.98
C GLU F 157 44.21 -24.76 19.44
N ASP F 158 45.16 -24.58 18.53
CA ASP F 158 46.40 -23.94 18.93
C ASP F 158 46.21 -22.45 19.15
N TYR F 159 45.31 -21.82 18.39
CA TYR F 159 45.00 -20.42 18.64
C TYR F 159 44.28 -20.26 19.98
N ALA F 160 43.27 -21.11 20.24
CA ALA F 160 42.58 -21.04 21.53
C ALA F 160 43.56 -21.21 22.68
N ALA F 161 44.51 -22.13 22.54
CA ALA F 161 45.39 -22.45 23.65
C ALA F 161 46.34 -21.32 23.96
N ALA F 162 46.71 -20.49 22.98
CA ALA F 162 47.73 -19.47 23.22
C ALA F 162 47.17 -18.25 23.92
N ILE F 163 45.83 -18.11 23.97
CA ILE F 163 45.20 -16.97 24.61
C ILE F 163 45.33 -17.09 26.12
N ASP F 164 45.78 -16.02 26.75
CA ASP F 164 45.69 -15.92 28.20
C ASP F 164 44.99 -14.61 28.55
N ASP F 165 45.00 -14.23 29.83
CA ASP F 165 44.23 -13.09 30.30
C ASP F 165 44.79 -11.76 29.79
N GLN F 166 46.05 -11.75 29.37
CA GLN F 166 46.73 -10.56 28.89
C GLN F 166 46.64 -10.38 27.38
N THR F 167 46.03 -11.33 26.67
CA THR F 167 45.94 -11.27 25.23
C THR F 167 44.94 -10.21 24.79
N ARG F 168 45.27 -9.53 23.68
CA ARG F 168 44.46 -8.41 23.23
C ARG F 168 44.02 -8.52 21.78
N ALA F 169 44.50 -9.49 21.02
CA ALA F 169 44.07 -9.65 19.65
C ALA F 169 44.57 -10.97 19.14
N ILE F 170 43.91 -11.47 18.09
CA ILE F 170 44.48 -12.43 17.16
C ILE F 170 44.79 -11.70 15.85
N TYR F 171 46.02 -11.82 15.39
CA TYR F 171 46.52 -11.15 14.19
C TYR F 171 46.89 -12.19 13.14
N VAL F 172 46.27 -12.14 11.96
CA VAL F 172 46.65 -12.99 10.84
C VAL F 172 46.71 -12.15 9.55
N GLU F 173 47.44 -12.66 8.57
CA GLU F 173 47.35 -12.10 7.23
C GLU F 173 46.30 -12.86 6.44
N SER F 174 45.51 -12.13 5.63
CA SER F 174 44.46 -12.80 4.86
C SER F 174 45.04 -13.77 3.85
N MET F 175 46.21 -13.48 3.30
CA MET F 175 46.88 -14.48 2.48
C MET F 175 48.36 -14.23 2.70
N SER F 176 49.06 -15.19 3.28
CA SER F 176 50.39 -14.90 3.80
C SER F 176 51.40 -14.71 2.67
N ASN F 177 52.40 -13.89 2.95
CA ASN F 177 53.44 -13.53 1.99
C ASN F 177 54.74 -14.20 2.42
N PRO F 178 55.36 -15.11 1.63
CA PRO F 178 55.08 -15.55 0.25
C PRO F 178 54.66 -17.01 0.06
N ASP F 179 53.97 -17.59 1.04
CA ASP F 179 53.42 -18.94 0.92
C ASP F 179 51.91 -19.00 0.77
N TYR F 180 51.21 -17.88 0.87
CA TYR F 180 49.79 -17.78 0.49
C TYR F 180 48.92 -18.69 1.34
N VAL F 181 49.27 -18.85 2.60
CA VAL F 181 48.39 -19.53 3.55
C VAL F 181 47.15 -18.67 3.75
N VAL F 182 45.98 -19.26 3.53
CA VAL F 182 44.71 -18.60 3.77
C VAL F 182 44.16 -19.10 5.10
N PRO F 183 43.93 -18.23 6.08
CA PRO F 183 43.46 -18.70 7.39
C PRO F 183 41.98 -19.04 7.37
N ASP F 184 41.57 -19.78 8.40
CA ASP F 184 40.15 -20.08 8.61
C ASP F 184 39.54 -18.89 9.34
N PHE F 185 39.14 -17.87 8.57
CA PHE F 185 38.66 -16.63 9.17
C PHE F 185 37.54 -16.89 10.17
N GLU F 186 36.52 -17.65 9.77
CA GLU F 186 35.32 -17.79 10.60
C GLU F 186 35.63 -18.57 11.88
N GLY F 187 36.40 -19.65 11.78
CA GLY F 187 36.76 -20.38 12.98
C GLY F 187 37.66 -19.59 13.90
N ILE F 188 38.58 -18.79 13.35
CA ILE F 188 39.46 -18.00 14.20
C ILE F 188 38.71 -16.83 14.82
N ALA F 189 37.81 -16.21 14.05
CA ALA F 189 37.00 -15.14 14.61
C ALA F 189 36.18 -15.64 15.77
N LYS F 190 35.59 -16.84 15.61
CA LYS F 190 34.79 -17.44 16.66
C LYS F 190 35.61 -17.66 17.92
N ILE F 191 36.82 -18.22 17.79
CA ILE F 191 37.70 -18.38 18.95
C ILE F 191 37.97 -17.03 19.60
N ALA F 192 38.32 -16.02 18.79
CA ALA F 192 38.68 -14.72 19.34
C ALA F 192 37.50 -14.08 20.06
N HIS F 193 36.33 -14.14 19.45
CA HIS F 193 35.16 -13.51 20.04
C HIS F 193 34.71 -14.23 21.33
N GLU F 194 34.85 -15.54 21.38
CA GLU F 194 34.50 -16.26 22.60
C GLU F 194 35.43 -15.90 23.76
N HIS F 195 36.65 -15.43 23.49
CA HIS F 195 37.56 -14.98 24.52
C HIS F 195 37.52 -13.47 24.73
N GLY F 196 36.60 -12.76 24.07
CA GLY F 196 36.55 -11.31 24.18
C GLY F 196 37.71 -10.54 23.54
N ILE F 197 38.32 -11.06 22.48
CA ILE F 197 39.33 -10.28 21.76
C ILE F 197 38.93 -10.10 20.30
N PRO F 198 39.38 -9.03 19.64
CA PRO F 198 39.08 -8.87 18.21
C PRO F 198 40.03 -9.66 17.33
N LEU F 199 39.54 -10.02 16.15
CA LEU F 199 40.39 -10.57 15.09
C LEU F 199 40.89 -9.43 14.18
N VAL F 200 42.21 -9.24 14.14
CA VAL F 200 42.84 -8.24 13.29
C VAL F 200 43.41 -8.92 12.06
N VAL F 201 43.06 -8.45 10.87
CA VAL F 201 43.52 -9.08 9.64
C VAL F 201 44.30 -8.08 8.78
N ASP F 202 45.51 -8.47 8.39
CA ASP F 202 46.27 -7.74 7.37
C ASP F 202 45.83 -8.25 6.01
N ASN F 203 45.01 -7.47 5.32
CA ASN F 203 44.41 -7.86 4.05
C ASN F 203 45.15 -7.28 2.85
N THR F 204 46.44 -6.96 2.99
CA THR F 204 47.19 -6.39 1.87
C THR F 204 47.08 -7.23 0.60
N LEU F 205 47.32 -8.54 0.71
CA LEU F 205 47.27 -9.40 -0.47
C LEU F 205 45.85 -9.66 -0.94
N GLY F 206 44.84 -9.21 -0.20
CA GLY F 206 43.46 -9.21 -0.68
C GLY F 206 43.07 -8.05 -1.58
N ALA F 207 44.01 -7.14 -1.89
CA ALA F 207 43.82 -6.10 -2.90
C ALA F 207 42.62 -5.22 -2.56
N GLY F 208 42.68 -4.61 -1.37
CA GLY F 208 41.67 -3.66 -0.95
C GLY F 208 40.27 -4.21 -0.86
N GLY F 209 40.11 -5.50 -0.60
CA GLY F 209 38.80 -6.08 -0.54
C GLY F 209 38.33 -6.73 -1.82
N TYR F 210 39.10 -6.66 -2.89
CA TYR F 210 38.63 -7.28 -4.12
C TYR F 210 38.74 -8.79 -4.07
N TYR F 211 39.89 -9.34 -3.62
CA TYR F 211 40.04 -10.78 -3.59
C TYR F 211 39.42 -11.41 -2.34
N ILE F 212 39.56 -10.76 -1.20
CA ILE F 212 39.14 -11.28 0.10
C ILE F 212 38.55 -10.12 0.87
N ARG F 213 37.43 -10.37 1.56
CA ARG F 213 36.75 -9.35 2.36
CA ARG F 213 36.79 -9.34 2.37
C ARG F 213 36.63 -9.88 3.78
N PRO F 214 37.67 -9.75 4.61
CA PRO F 214 37.66 -10.38 5.93
C PRO F 214 36.56 -9.89 6.85
N ILE F 215 36.04 -8.67 6.67
CA ILE F 215 35.00 -8.22 7.60
C ILE F 215 33.72 -9.03 7.43
N GLU F 216 33.45 -9.53 6.21
CA GLU F 216 32.32 -10.41 5.99
C GLU F 216 32.48 -11.76 6.68
N HIS F 217 33.65 -12.04 7.26
CA HIS F 217 33.92 -13.35 7.84
C HIS F 217 34.45 -13.27 9.26
N GLY F 218 34.16 -12.18 9.98
CA GLY F 218 34.45 -12.10 11.41
C GLY F 218 35.56 -11.14 11.81
N ALA F 219 36.36 -10.60 10.88
CA ALA F 219 37.41 -9.65 11.26
C ALA F 219 36.81 -8.38 11.84
N ASP F 220 37.41 -7.87 12.90
CA ASP F 220 36.93 -6.64 13.53
C ASP F 220 37.70 -5.42 13.04
N ILE F 221 38.96 -5.59 12.69
CA ILE F 221 39.84 -4.52 12.25
C ILE F 221 40.69 -5.08 11.11
N VAL F 222 40.79 -4.34 10.01
CA VAL F 222 41.58 -4.74 8.85
C VAL F 222 42.64 -3.66 8.58
N VAL F 223 43.88 -4.08 8.40
CA VAL F 223 44.95 -3.16 8.01
C VAL F 223 45.39 -3.52 6.60
N HIS F 224 45.94 -2.52 5.90
CA HIS F 224 46.47 -2.68 4.55
C HIS F 224 47.78 -1.92 4.43
N SER F 225 48.73 -2.48 3.70
CA SER F 225 49.71 -1.61 3.05
C SER F 225 49.08 -1.11 1.75
N ALA F 226 48.74 0.18 1.70
CA ALA F 226 48.22 0.74 0.45
C ALA F 226 49.32 0.92 -0.59
N THR F 227 50.59 0.73 -0.19
CA THR F 227 51.71 0.75 -1.12
C THR F 227 51.55 -0.28 -2.23
N LYS F 228 50.78 -1.35 -2.00
CA LYS F 228 50.71 -2.46 -2.93
C LYS F 228 49.58 -2.27 -3.92
N TRP F 229 48.69 -3.28 -4.05
CA TRP F 229 47.67 -3.26 -5.09
C TRP F 229 46.75 -2.04 -4.99
N ILE F 230 46.48 -1.55 -3.77
CA ILE F 230 45.60 -0.37 -3.61
C ILE F 230 46.13 0.80 -4.43
N GLY F 231 47.40 1.17 -4.22
CA GLY F 231 48.00 2.23 -5.02
C GLY F 231 48.29 1.79 -6.45
N GLY F 232 48.82 0.57 -6.60
CA GLY F 232 48.86 -0.12 -7.88
C GLY F 232 49.92 0.32 -8.86
N HIS F 233 50.65 1.40 -8.60
CA HIS F 233 51.61 1.88 -9.60
C HIS F 233 53.00 2.03 -9.04
N GLY F 234 53.26 1.53 -7.82
CA GLY F 234 54.56 1.65 -7.20
C GLY F 234 55.08 3.06 -7.06
N THR F 235 54.19 4.07 -6.94
CA THR F 235 54.69 5.43 -6.76
C THR F 235 54.71 5.91 -5.31
N THR F 236 54.02 5.24 -4.37
CA THR F 236 53.61 5.87 -3.12
C THR F 236 53.58 4.88 -1.97
N ILE F 237 54.20 5.25 -0.83
CA ILE F 237 54.06 4.47 0.41
C ILE F 237 52.80 4.93 1.14
N GLY F 238 52.04 3.99 1.67
CA GLY F 238 50.91 4.37 2.52
C GLY F 238 50.30 3.16 3.21
N GLY F 239 49.51 3.43 4.25
CA GLY F 239 48.76 2.39 4.93
C GLY F 239 47.37 2.87 5.29
N VAL F 240 46.54 1.93 5.75
CA VAL F 240 45.20 2.31 6.17
C VAL F 240 44.67 1.27 7.15
N ILE F 241 43.94 1.75 8.15
CA ILE F 241 43.30 0.93 9.18
C ILE F 241 41.80 1.05 8.97
N VAL F 242 41.12 -0.07 8.78
CA VAL F 242 39.67 -0.11 8.60
C VAL F 242 39.02 -0.72 9.84
N ASP F 243 38.07 0.01 10.43
CA ASP F 243 37.28 -0.46 11.56
C ASP F 243 35.95 -1.02 11.06
N SER F 244 35.67 -2.28 11.40
CA SER F 244 34.34 -2.83 11.09
C SER F 244 33.24 -2.18 11.90
N GLY F 245 33.56 -1.66 13.08
CA GLY F 245 32.50 -1.17 13.94
C GLY F 245 31.65 -2.25 14.56
N ARG F 246 32.11 -3.50 14.52
CA ARG F 246 31.31 -4.65 14.97
C ARG F 246 31.80 -5.25 16.28
N PHE F 247 32.89 -4.75 16.86
CA PHE F 247 33.38 -5.30 18.11
C PHE F 247 32.86 -4.45 19.26
N ASN F 248 32.14 -5.07 20.19
CA ASN F 248 31.55 -4.33 21.30
C ASN F 248 32.59 -4.19 22.40
N TRP F 249 33.31 -3.07 22.38
CA TRP F 249 34.30 -2.77 23.41
C TRP F 249 33.67 -2.72 24.80
N ASN F 250 32.41 -2.31 24.89
CA ASN F 250 31.74 -2.24 26.19
C ASN F 250 31.56 -3.63 26.79
N LYS F 251 31.07 -4.60 26.00
CA LYS F 251 30.92 -5.96 26.50
C LYS F 251 32.24 -6.58 26.92
N HIS F 252 33.38 -6.00 26.52
CA HIS F 252 34.67 -6.61 26.83
C HIS F 252 35.61 -5.62 27.49
N SER F 253 35.07 -4.69 28.28
CA SER F 253 35.90 -3.68 28.92
C SER F 253 36.89 -4.25 29.94
N ASP F 254 36.82 -5.55 30.27
CA ASP F 254 37.82 -6.11 31.17
C ASP F 254 39.18 -6.25 30.49
N ARG F 255 39.19 -6.52 29.20
CA ARG F 255 40.45 -6.51 28.46
C ARG F 255 40.79 -5.15 27.88
N PHE F 256 39.79 -4.30 27.64
CA PHE F 256 39.99 -3.02 26.96
C PHE F 256 39.37 -1.88 27.76
N PRO F 257 39.89 -1.60 28.97
CA PRO F 257 39.28 -0.53 29.77
C PRO F 257 39.41 0.85 29.14
N GLU F 258 40.51 1.14 28.42
CA GLU F 258 40.69 2.45 27.82
C GLU F 258 39.57 2.83 26.85
N MET F 259 38.82 1.85 26.34
CA MET F 259 37.73 2.11 25.42
C MET F 259 36.49 2.66 26.12
N VAL F 260 36.31 2.38 27.42
CA VAL F 260 35.11 2.79 28.12
C VAL F 260 35.42 3.75 29.26
N GLU F 261 36.62 3.66 29.84
CA GLU F 261 36.92 4.42 31.04
C GLU F 261 37.37 5.85 30.72
N PRO F 262 37.25 6.76 31.69
CA PRO F 262 37.60 8.17 31.43
C PRO F 262 39.04 8.32 30.96
N SER F 263 39.20 9.00 29.89
CA SER F 263 40.46 9.12 29.17
C SER F 263 41.30 10.26 29.75
N PRO F 264 42.58 10.02 30.08
CA PRO F 264 43.43 11.13 30.54
C PRO F 264 43.81 12.11 29.44
N SER F 265 43.79 11.69 28.17
CA SER F 265 44.11 12.64 27.10
C SER F 265 43.02 13.70 26.94
N TYR F 266 41.77 13.42 27.32
CA TYR F 266 40.67 14.32 26.97
C TYR F 266 39.74 14.56 28.16
N HIS F 267 40.35 14.84 29.31
CA HIS F 267 39.63 15.32 30.49
C HIS F 267 38.46 14.41 30.86
N GLY F 268 38.74 13.10 30.86
CA GLY F 268 37.75 12.14 31.34
C GLY F 268 36.74 11.68 30.31
N LEU F 269 36.92 12.05 29.04
CA LEU F 269 36.04 11.56 27.98
C LEU F 269 35.95 10.02 28.02
N LYS F 270 34.73 9.51 27.85
CA LYS F 270 34.46 8.08 27.78
C LYS F 270 34.13 7.75 26.33
N TYR F 271 35.07 7.10 25.65
CA TYR F 271 35.00 6.94 24.20
C TYR F 271 33.76 6.16 23.79
N TRP F 272 33.55 4.97 24.41
CA TRP F 272 32.42 4.14 24.02
C TRP F 272 31.10 4.90 24.13
N GLU F 273 30.91 5.64 25.24
CA GLU F 273 29.69 6.44 25.42
C GLU F 273 29.53 7.46 24.32
N ALA F 274 30.62 8.14 23.95
CA ALA F 274 30.52 9.22 22.97
C ALA F 274 30.46 8.70 21.55
N PHE F 275 31.21 7.64 21.22
CA PHE F 275 31.38 7.23 19.82
C PHE F 275 30.87 5.83 19.50
N GLY F 276 30.57 4.99 20.49
CA GLY F 276 30.00 3.69 20.23
C GLY F 276 30.79 2.82 19.27
N PRO F 277 30.14 2.37 18.20
CA PRO F 277 30.82 1.46 17.25
C PRO F 277 32.05 2.07 16.57
N ALA F 278 32.21 3.40 16.57
CA ALA F 278 33.38 4.05 16.00
C ALA F 278 34.50 4.28 17.02
N THR F 279 34.43 3.62 18.18
CA THR F 279 35.35 3.90 19.29
C THR F 279 36.80 3.63 18.89
N PHE F 280 37.08 2.46 18.33
CA PHE F 280 38.48 2.13 18.03
C PHE F 280 39.06 3.12 17.03
N ILE F 281 38.34 3.38 15.95
CA ILE F 281 38.89 4.22 14.91
C ILE F 281 38.99 5.67 15.36
N THR F 282 38.13 6.10 16.29
CA THR F 282 38.25 7.45 16.83
C THR F 282 39.51 7.58 17.67
N ARG F 283 39.77 6.60 18.55
CA ARG F 283 41.02 6.64 19.32
C ARG F 283 42.23 6.64 18.40
N ILE F 284 42.20 5.81 17.34
CA ILE F 284 43.29 5.81 16.37
C ILE F 284 43.64 7.24 15.96
N ARG F 285 42.62 8.04 15.66
CA ARG F 285 42.86 9.40 15.20
C ARG F 285 43.23 10.35 16.34
N VAL F 286 42.40 10.42 17.40
CA VAL F 286 42.60 11.49 18.38
C VAL F 286 43.67 11.14 19.41
N GLU F 287 44.09 9.88 19.50
CA GLU F 287 45.25 9.53 20.34
C GLU F 287 46.48 9.19 19.50
N MET F 288 46.38 8.23 18.59
CA MET F 288 47.59 7.66 18.03
C MET F 288 48.15 8.50 16.89
N LEU F 289 47.32 8.85 15.90
CA LEU F 289 47.80 9.79 14.91
C LEU F 289 48.21 11.12 15.55
N ARG F 290 47.47 11.56 16.56
CA ARG F 290 47.82 12.84 17.17
C ARG F 290 49.16 12.76 17.91
N ASP F 291 49.46 11.62 18.56
CA ASP F 291 50.65 11.54 19.43
C ASP F 291 51.85 10.86 18.79
N ILE F 292 51.64 9.87 17.92
CA ILE F 292 52.73 9.26 17.18
C ILE F 292 52.97 9.97 15.86
N GLY F 293 51.93 10.45 15.19
CA GLY F 293 52.12 11.31 14.04
C GLY F 293 52.50 10.62 12.74
N ALA F 294 52.13 9.37 12.55
CA ALA F 294 52.42 8.64 11.31
C ALA F 294 51.32 8.91 10.27
N CYS F 295 51.18 10.18 9.89
CA CYS F 295 50.11 10.61 9.01
C CYS F 295 50.50 10.48 7.53
N LEU F 296 49.47 10.47 6.67
CA LEU F 296 49.63 10.32 5.23
C LEU F 296 49.53 11.69 4.54
N SER F 297 50.45 11.97 3.65
CA SER F 297 50.41 13.18 2.85
C SER F 297 49.17 13.23 1.94
N PRO F 298 48.63 14.41 1.68
CA PRO F 298 47.57 14.50 0.66
C PRO F 298 48.07 14.21 -0.75
N PHE F 299 49.33 14.51 -1.06
CA PHE F 299 49.88 14.11 -2.36
C PHE F 299 49.90 12.60 -2.49
N SER F 300 50.27 11.90 -1.42
CA SER F 300 50.24 10.44 -1.43
C SER F 300 48.81 9.94 -1.58
N ALA F 301 47.89 10.48 -0.79
CA ALA F 301 46.49 10.12 -0.92
C ALA F 301 45.98 10.30 -2.35
N GLN F 302 46.36 11.41 -3.02
CA GLN F 302 45.86 11.59 -4.39
C GLN F 302 46.41 10.54 -5.33
N GLN F 303 47.70 10.20 -5.21
CA GLN F 303 48.28 9.11 -6.00
C GLN F 303 47.53 7.80 -5.73
N LEU F 304 47.29 7.51 -4.45
CA LEU F 304 46.59 6.28 -4.10
C LEU F 304 45.17 6.26 -4.68
N LEU F 305 44.46 7.39 -4.66
CA LEU F 305 43.11 7.45 -5.21
C LEU F 305 43.09 7.18 -6.71
N LEU F 306 44.08 7.67 -7.46
CA LEU F 306 44.16 7.35 -8.88
C LEU F 306 44.29 5.86 -9.08
N GLY F 307 45.09 5.18 -8.24
CA GLY F 307 45.16 3.73 -8.30
C GLY F 307 43.83 3.06 -7.98
N ILE F 308 43.16 3.51 -6.91
CA ILE F 308 41.90 2.89 -6.49
C ILE F 308 40.86 2.93 -7.62
N GLU F 309 40.88 3.98 -8.43
CA GLU F 309 39.91 4.12 -9.52
C GLU F 309 39.96 2.96 -10.50
N THR F 310 41.09 2.24 -10.62
CA THR F 310 41.15 1.04 -11.46
C THR F 310 41.36 -0.25 -10.65
N LEU F 311 41.23 -0.22 -9.32
CA LEU F 311 41.58 -1.37 -8.48
C LEU F 311 40.88 -2.67 -8.93
N GLY F 312 39.56 -2.62 -9.16
CA GLY F 312 38.86 -3.82 -9.59
C GLY F 312 39.36 -4.36 -10.93
N LEU F 313 39.50 -3.47 -11.92
CA LEU F 313 40.07 -3.85 -13.22
C LEU F 313 41.48 -4.41 -13.10
N ARG F 314 42.35 -3.75 -12.34
CA ARG F 314 43.71 -4.26 -12.23
C ARG F 314 43.72 -5.62 -11.53
N ALA F 315 43.00 -5.74 -10.41
CA ALA F 315 43.02 -6.99 -9.66
C ALA F 315 42.50 -8.15 -10.49
N GLU F 316 41.50 -7.87 -11.33
CA GLU F 316 40.94 -8.88 -12.21
C GLU F 316 41.95 -9.36 -13.24
N ARG F 317 42.70 -8.43 -13.86
CA ARG F 317 43.68 -8.86 -14.84
C ARG F 317 44.88 -9.51 -14.16
N HIS F 318 45.31 -8.99 -13.01
CA HIS F 318 46.34 -9.65 -12.20
C HIS F 318 46.05 -11.13 -12.01
N ALA F 319 44.84 -11.43 -11.50
CA ALA F 319 44.52 -12.81 -11.15
C ALA F 319 44.41 -13.68 -12.40
N GLN F 320 43.84 -13.13 -13.46
CA GLN F 320 43.77 -13.82 -14.73
C GLN F 320 45.17 -14.16 -15.25
N ASN F 321 46.11 -13.20 -15.21
CA ASN F 321 47.48 -13.46 -15.63
C ASN F 321 48.14 -14.49 -14.72
N THR F 322 47.85 -14.42 -13.42
CA THR F 322 48.48 -15.33 -12.46
C THR F 322 48.02 -16.76 -12.70
N GLU F 323 46.73 -16.97 -12.92
CA GLU F 323 46.25 -18.30 -13.23
C GLU F 323 46.94 -18.85 -14.48
N LYS F 324 47.03 -18.02 -15.52
CA LYS F 324 47.68 -18.46 -16.76
C LYS F 324 49.17 -18.69 -16.55
N LEU F 325 49.81 -17.85 -15.74
CA LEU F 325 51.25 -18.03 -15.54
C LEU F 325 51.55 -19.30 -14.76
N SER F 326 50.67 -19.65 -13.80
CA SER F 326 50.89 -20.86 -13.03
C SER F 326 50.78 -22.10 -13.90
N LYS F 327 49.87 -22.08 -14.87
CA LYS F 327 49.81 -23.19 -15.84
C LYS F 327 51.10 -23.27 -16.66
N TYR F 328 51.63 -22.13 -17.09
CA TYR F 328 52.88 -22.16 -17.85
C TYR F 328 54.00 -22.76 -17.02
N PHE F 329 54.09 -22.37 -15.75
CA PHE F 329 55.18 -22.88 -14.92
C PHE F 329 54.99 -24.37 -14.62
N GLU F 330 53.75 -24.83 -14.42
CA GLU F 330 53.51 -26.25 -14.17
C GLU F 330 53.97 -27.14 -15.31
N SER F 331 54.02 -26.62 -16.54
CA SER F 331 54.44 -27.43 -17.67
C SER F 331 55.89 -27.20 -18.05
N SER F 332 56.62 -26.44 -17.26
CA SER F 332 57.96 -26.13 -17.71
C SER F 332 58.96 -27.15 -17.17
N PRO F 333 59.89 -27.60 -18.02
CA PRO F 333 60.97 -28.49 -17.56
C PRO F 333 61.94 -27.82 -16.61
N ASN F 334 61.86 -26.51 -16.43
CA ASN F 334 62.84 -25.82 -15.60
C ASN F 334 62.31 -25.49 -14.21
N VAL F 335 61.08 -25.87 -13.91
CA VAL F 335 60.43 -25.55 -12.64
C VAL F 335 60.31 -26.82 -11.82
N SER F 336 60.66 -26.75 -10.53
CA SER F 336 60.52 -27.89 -9.64
C SER F 336 59.17 -27.94 -8.93
N TRP F 337 58.56 -26.79 -8.65
CA TRP F 337 57.27 -26.74 -7.97
C TRP F 337 56.68 -25.34 -8.12
N VAL F 338 55.36 -25.26 -8.07
CA VAL F 338 54.61 -24.01 -8.13
C VAL F 338 53.72 -23.91 -6.91
N LEU F 339 53.77 -22.77 -6.25
CA LEU F 339 52.95 -22.48 -5.08
C LEU F 339 51.98 -21.36 -5.45
N TRP F 340 50.69 -21.67 -5.48
CA TRP F 340 49.63 -20.76 -5.88
C TRP F 340 48.38 -21.21 -5.13
N PRO F 341 47.69 -20.29 -4.44
CA PRO F 341 46.54 -20.70 -3.63
C PRO F 341 45.37 -21.25 -4.43
N GLY F 342 45.34 -21.02 -5.74
CA GLY F 342 44.32 -21.67 -6.55
C GLY F 342 44.59 -23.12 -6.83
N SER F 343 45.80 -23.60 -6.55
CA SER F 343 46.19 -24.97 -6.83
C SER F 343 45.55 -25.92 -5.82
N GLU F 344 44.95 -27.01 -6.32
CA GLU F 344 44.28 -27.97 -5.44
C GLU F 344 45.24 -28.71 -4.52
N SER F 345 46.54 -28.62 -4.76
CA SER F 345 47.55 -29.17 -3.87
C SER F 345 47.98 -28.21 -2.77
N HIS F 346 47.55 -26.95 -2.82
CA HIS F 346 47.99 -25.98 -1.84
C HIS F 346 47.53 -26.38 -0.45
N PRO F 347 48.40 -26.31 0.56
CA PRO F 347 48.00 -26.78 1.91
C PRO F 347 46.68 -26.22 2.40
N THR F 348 46.37 -24.94 2.12
CA THR F 348 45.10 -24.38 2.58
C THR F 348 44.14 -24.13 1.42
N TYR F 349 44.21 -24.96 0.39
CA TYR F 349 43.28 -24.80 -0.73
C TYR F 349 41.83 -24.81 -0.26
N SER F 350 41.50 -25.57 0.79
CA SER F 350 40.11 -25.61 1.22
C SER F 350 39.64 -24.23 1.69
N GLN F 351 40.53 -23.49 2.37
CA GLN F 351 40.18 -22.14 2.80
C GLN F 351 40.20 -21.17 1.63
N ALA F 352 41.17 -21.29 0.72
CA ALA F 352 41.18 -20.43 -0.46
C ALA F 352 39.91 -20.58 -1.29
N LYS F 353 39.48 -21.83 -1.49
CA LYS F 353 38.26 -22.09 -2.26
C LYS F 353 37.03 -21.45 -1.64
N LYS F 354 36.95 -21.43 -0.32
CA LYS F 354 35.80 -20.86 0.40
C LYS F 354 35.85 -19.33 0.42
N TYR F 355 37.04 -18.75 0.64
CA TYR F 355 37.14 -17.32 0.88
C TYR F 355 37.55 -16.50 -0.35
N LEU F 356 38.11 -17.10 -1.38
CA LEU F 356 38.49 -16.37 -2.60
C LEU F 356 37.61 -16.82 -3.76
N THR F 357 36.56 -16.06 -4.03
CA THR F 357 35.61 -16.38 -5.09
C THR F 357 35.69 -15.42 -6.27
N ARG F 358 36.66 -14.51 -6.28
CA ARG F 358 36.78 -13.51 -7.34
C ARG F 358 38.21 -13.51 -7.89
N GLY F 359 38.87 -14.66 -7.85
CA GLY F 359 40.23 -14.77 -8.32
C GLY F 359 41.16 -15.16 -7.19
N PHE F 360 42.17 -15.98 -7.46
CA PHE F 360 43.07 -16.50 -6.44
C PHE F 360 44.31 -15.63 -6.24
N GLY F 361 44.14 -14.31 -6.19
CA GLY F 361 45.25 -13.43 -5.88
C GLY F 361 46.15 -13.14 -7.08
N ALA F 362 47.19 -12.36 -6.81
CA ALA F 362 48.08 -11.87 -7.85
C ALA F 362 49.51 -12.39 -7.67
N MET F 363 49.70 -13.42 -6.87
CA MET F 363 51.02 -13.88 -6.50
C MET F 363 51.20 -15.34 -6.85
N LEU F 364 52.43 -15.69 -7.17
CA LEU F 364 52.84 -17.08 -7.15
C LEU F 364 54.30 -17.16 -6.76
N SER F 365 54.66 -18.30 -6.22
CA SER F 365 56.04 -18.63 -5.88
C SER F 365 56.42 -19.92 -6.59
N ILE F 366 57.65 -19.99 -7.08
CA ILE F 366 58.12 -21.14 -7.81
C ILE F 366 59.49 -21.51 -7.28
N GLY F 367 59.83 -22.79 -7.40
CA GLY F 367 61.18 -23.27 -7.20
C GLY F 367 61.69 -23.73 -8.56
N VAL F 368 62.94 -23.40 -8.87
CA VAL F 368 63.52 -23.77 -10.15
C VAL F 368 64.59 -24.85 -9.93
N LYS F 369 64.82 -25.66 -10.97
CA LYS F 369 65.70 -26.80 -10.84
C LYS F 369 67.16 -26.35 -10.81
N GLY F 370 68.01 -27.24 -10.33
CA GLY F 370 69.45 -27.02 -10.30
C GLY F 370 69.94 -26.63 -8.93
N ASP F 371 71.19 -26.17 -8.91
CA ASP F 371 71.89 -25.87 -7.66
C ASP F 371 71.34 -24.64 -6.95
N ALA F 372 72.12 -24.08 -6.03
CA ALA F 372 71.63 -22.98 -5.22
C ALA F 372 71.61 -21.66 -5.98
N SER F 373 72.39 -21.54 -7.04
CA SER F 373 72.48 -20.30 -7.80
C SER F 373 71.47 -20.22 -8.94
N ALA F 374 70.60 -21.21 -9.10
CA ALA F 374 69.71 -21.23 -10.26
C ALA F 374 68.65 -20.14 -10.16
N GLY F 375 68.07 -19.97 -8.97
CA GLY F 375 67.01 -18.99 -8.81
C GLY F 375 67.46 -17.59 -9.18
N SER F 376 68.65 -17.21 -8.74
CA SER F 376 69.16 -15.86 -9.04
C SER F 376 69.55 -15.70 -10.50
N LYS F 377 70.06 -16.75 -11.14
CA LYS F 377 70.33 -16.64 -12.57
C LYS F 377 69.04 -16.41 -13.36
N VAL F 378 67.95 -17.05 -12.95
CA VAL F 378 66.70 -16.90 -13.68
C VAL F 378 66.14 -15.49 -13.49
N VAL F 379 66.15 -14.99 -12.25
CA VAL F 379 65.70 -13.63 -11.97
C VAL F 379 66.59 -12.62 -12.70
N ASP F 380 67.91 -12.79 -12.62
CA ASP F 380 68.82 -11.83 -13.26
C ASP F 380 68.67 -11.82 -14.78
N GLY F 381 68.27 -12.94 -15.38
CA GLY F 381 68.06 -12.96 -16.81
C GLY F 381 66.77 -12.30 -17.29
N LEU F 382 65.84 -11.99 -16.40
CA LEU F 382 64.59 -11.37 -16.84
C LEU F 382 64.87 -9.95 -17.31
N LYS F 383 64.24 -9.57 -18.42
CA LYS F 383 64.36 -8.24 -18.99
C LYS F 383 63.06 -7.43 -18.97
N LEU F 384 61.92 -8.09 -18.70
CA LEU F 384 60.64 -7.40 -18.51
C LEU F 384 60.21 -7.37 -17.04
N VAL F 385 60.22 -8.51 -16.37
CA VAL F 385 59.98 -8.55 -14.93
C VAL F 385 61.12 -7.81 -14.23
N SER F 386 60.78 -7.01 -13.21
CA SER F 386 61.79 -6.25 -12.47
C SER F 386 62.15 -6.96 -11.17
N ASN F 387 63.43 -6.93 -10.82
CA ASN F 387 63.93 -7.49 -9.59
C ASN F 387 63.94 -6.39 -8.54
N LEU F 388 62.99 -6.40 -7.63
CA LEU F 388 62.92 -5.34 -6.62
C LEU F 388 62.02 -5.77 -5.47
N ALA F 389 61.98 -4.91 -4.47
CA ALA F 389 61.19 -5.11 -3.25
C ALA F 389 59.91 -4.31 -3.38
N ASN F 390 58.82 -5.01 -3.65
CA ASN F 390 57.46 -4.47 -3.71
C ASN F 390 56.62 -5.62 -4.26
N VAL F 391 55.33 -5.57 -3.99
CA VAL F 391 54.34 -6.38 -4.67
C VAL F 391 53.23 -5.44 -5.05
N GLY F 392 52.32 -5.91 -5.89
CA GLY F 392 51.15 -5.12 -6.20
C GLY F 392 51.35 -4.02 -7.20
N ASP F 393 52.49 -3.97 -7.89
CA ASP F 393 52.67 -3.03 -8.98
C ASP F 393 51.98 -3.53 -10.23
N ALA F 394 51.55 -2.59 -11.08
CA ALA F 394 51.05 -2.98 -12.38
C ALA F 394 52.11 -3.70 -13.19
N LYS F 395 53.38 -3.35 -13.00
CA LYS F 395 54.49 -4.05 -13.61
C LYS F 395 54.80 -5.33 -12.85
N SER F 396 55.25 -6.37 -13.58
CA SER F 396 55.60 -7.66 -12.99
C SER F 396 56.92 -7.58 -12.22
N LEU F 397 56.95 -8.23 -11.06
CA LEU F 397 58.09 -8.17 -10.16
C LEU F 397 58.50 -9.55 -9.68
N ALA F 398 59.78 -9.72 -9.37
CA ALA F 398 60.29 -10.94 -8.81
C ALA F 398 61.38 -10.63 -7.76
N ILE F 399 61.58 -11.48 -6.85
CA ILE F 399 62.59 -11.33 -5.79
C ILE F 399 62.82 -12.66 -5.09
N HIS F 400 63.96 -12.78 -4.38
CA HIS F 400 64.38 -13.91 -3.55
C HIS F 400 64.11 -13.55 -2.09
N PRO F 401 62.94 -13.94 -1.54
CA PRO F 401 62.58 -13.42 -0.21
C PRO F 401 63.50 -13.89 0.91
N TRP F 402 64.28 -14.94 0.68
CA TRP F 402 65.17 -15.49 1.72
C TRP F 402 66.24 -14.46 2.10
N SER F 403 66.78 -13.75 1.12
CA SER F 403 67.83 -12.76 1.34
C SER F 403 67.30 -11.33 1.34
N THR F 404 66.00 -11.14 1.32
CA THR F 404 65.48 -9.79 1.24
C THR F 404 64.33 -9.60 2.21
N THR F 405 63.09 -9.75 1.73
CA THR F 405 61.94 -9.37 2.56
C THR F 405 61.89 -10.12 3.89
N HIS F 406 62.55 -11.28 3.99
CA HIS F 406 62.57 -12.09 5.22
C HIS F 406 63.98 -12.26 5.78
N GLU F 407 64.94 -11.43 5.34
CA GLU F 407 66.34 -11.60 5.71
C GLU F 407 66.58 -11.48 7.22
N GLN F 408 65.78 -10.64 7.91
CA GLN F 408 65.99 -10.40 9.33
C GLN F 408 65.59 -11.59 10.19
N LEU F 409 64.89 -12.57 9.62
CA LEU F 409 64.44 -13.76 10.32
C LEU F 409 65.50 -14.86 10.22
N SER F 410 65.53 -15.72 11.24
CA SER F 410 66.44 -16.86 11.24
C SER F 410 65.92 -17.92 10.27
N GLU F 411 66.75 -18.95 10.06
CA GLU F 411 66.37 -19.97 9.08
C GLU F 411 65.15 -20.75 9.51
N ASP F 412 65.01 -21.00 10.81
CA ASP F 412 63.79 -21.66 11.30
C ASP F 412 62.59 -20.74 11.17
N GLU F 413 62.78 -19.44 11.45
CA GLU F 413 61.70 -18.47 11.29
C GLU F 413 61.28 -18.33 9.84
N ARG F 414 62.22 -18.46 8.90
CA ARG F 414 61.85 -18.42 7.49
C ARG F 414 61.02 -19.64 7.11
N LEU F 415 61.48 -20.83 7.50
CA LEU F 415 60.73 -22.06 7.22
C LEU F 415 59.32 -21.98 7.81
N ALA F 416 59.21 -21.56 9.08
CA ALA F 416 57.92 -21.47 9.75
C ALA F 416 57.03 -20.40 9.12
N SER F 417 57.62 -19.46 8.42
CA SER F 417 56.85 -18.53 7.62
C SER F 417 56.75 -18.97 6.17
N GLY F 418 57.20 -20.19 5.86
CA GLY F 418 57.07 -20.76 4.53
C GLY F 418 58.13 -20.38 3.53
N VAL F 419 59.22 -19.77 3.94
CA VAL F 419 60.25 -19.30 3.02
C VAL F 419 61.39 -20.31 2.99
N THR F 420 61.68 -20.84 1.81
CA THR F 420 62.83 -21.69 1.60
C THR F 420 63.87 -20.89 0.83
N GLU F 421 65.01 -21.51 0.56
CA GLU F 421 66.09 -20.80 -0.10
C GLU F 421 65.99 -20.84 -1.61
N ASP F 422 65.24 -21.77 -2.19
CA ASP F 422 65.11 -21.85 -3.64
C ASP F 422 63.86 -21.14 -4.16
N MET F 423 63.13 -20.45 -3.30
CA MET F 423 61.87 -19.85 -3.69
C MET F 423 62.08 -18.51 -4.39
N ILE F 424 61.51 -18.37 -5.59
CA ILE F 424 61.35 -17.08 -6.26
C ILE F 424 59.92 -16.63 -6.04
N ARG F 425 59.76 -15.44 -5.46
CA ARG F 425 58.43 -14.84 -5.28
C ARG F 425 58.12 -13.94 -6.47
N ILE F 426 56.92 -14.11 -7.05
CA ILE F 426 56.54 -13.39 -8.25
C ILE F 426 55.25 -12.65 -8.00
N SER F 427 55.28 -11.32 -8.11
CA SER F 427 54.06 -10.51 -8.16
C SER F 427 53.72 -10.31 -9.62
N VAL F 428 52.63 -10.91 -10.07
CA VAL F 428 52.31 -10.95 -11.49
C VAL F 428 51.64 -9.65 -11.89
N GLY F 429 52.16 -8.99 -12.93
CA GLY F 429 51.67 -7.70 -13.36
C GLY F 429 50.50 -7.83 -14.34
N ILE F 430 50.13 -6.69 -14.94
CA ILE F 430 49.03 -6.65 -15.89
C ILE F 430 49.52 -6.52 -17.33
N GLU F 431 50.82 -6.72 -17.58
CA GLU F 431 51.31 -6.83 -18.94
C GLU F 431 50.58 -7.96 -19.69
N HIS F 432 50.76 -7.98 -21.01
CA HIS F 432 50.24 -9.12 -21.77
C HIS F 432 50.90 -10.40 -21.29
N VAL F 433 50.09 -11.39 -20.96
CA VAL F 433 50.66 -12.58 -20.35
C VAL F 433 51.67 -13.25 -21.27
N ASP F 434 51.45 -13.19 -22.59
CA ASP F 434 52.43 -13.80 -23.50
C ASP F 434 53.79 -13.13 -23.39
N ASP F 435 53.83 -11.84 -23.07
CA ASP F 435 55.12 -11.18 -22.91
C ASP F 435 55.77 -11.54 -21.58
N ILE F 436 54.99 -11.77 -20.53
CA ILE F 436 55.56 -12.28 -19.28
C ILE F 436 56.13 -13.67 -19.50
N ILE F 437 55.35 -14.57 -20.12
CA ILE F 437 55.83 -15.92 -20.40
C ILE F 437 57.11 -15.90 -21.23
N ALA F 438 57.13 -15.11 -22.32
CA ALA F 438 58.32 -15.02 -23.16
C ALA F 438 59.54 -14.56 -22.36
N ASP F 439 59.35 -13.62 -21.42
CA ASP F 439 60.47 -13.18 -20.59
C ASP F 439 61.03 -14.34 -19.77
N PHE F 440 60.15 -15.18 -19.21
CA PHE F 440 60.67 -16.30 -18.45
C PHE F 440 61.29 -17.34 -19.37
N GLU F 441 60.71 -17.54 -20.56
CA GLU F 441 61.26 -18.49 -21.52
C GLU F 441 62.70 -18.15 -21.87
N GLN F 442 62.97 -16.89 -22.23
CA GLN F 442 64.31 -16.55 -22.69
C GLN F 442 65.32 -16.58 -21.55
N SER F 443 64.90 -16.19 -20.35
CA SER F 443 65.80 -16.30 -19.21
C SER F 443 66.04 -17.76 -18.83
N PHE F 444 65.01 -18.61 -18.91
CA PHE F 444 65.23 -20.05 -18.77
C PHE F 444 66.23 -20.55 -19.82
N GLN F 445 66.10 -20.11 -21.08
CA GLN F 445 67.05 -20.54 -22.10
C GLN F 445 68.48 -20.23 -21.66
N LYS F 446 68.71 -18.99 -21.23
CA LYS F 446 70.06 -18.57 -20.89
C LYS F 446 70.62 -19.34 -19.71
N ALA F 447 69.79 -19.71 -18.75
CA ALA F 447 70.28 -20.35 -17.54
C ALA F 447 70.44 -21.86 -17.68
N TYR F 448 69.69 -22.51 -18.58
CA TYR F 448 69.67 -23.97 -18.72
C TYR F 448 70.00 -24.49 -20.11
N GLY F 449 70.33 -23.62 -21.07
CA GLY F 449 70.68 -24.07 -22.41
C GLY F 449 69.54 -24.07 -23.44
N PHE G 23 37.93 -51.38 -32.62
CA PHE G 23 37.62 -49.97 -32.35
C PHE G 23 37.41 -49.74 -30.88
N GLN G 24 37.42 -48.47 -30.50
CA GLN G 24 37.16 -48.11 -29.13
C GLN G 24 35.78 -47.47 -28.97
N ASN G 25 35.35 -46.67 -29.94
CA ASN G 25 34.23 -45.77 -29.67
C ASN G 25 32.92 -46.48 -29.88
N PHE G 26 32.05 -46.36 -28.86
CA PHE G 26 30.69 -46.89 -28.90
C PHE G 26 29.99 -46.58 -30.22
N GLU G 27 30.05 -45.33 -30.65
CA GLU G 27 29.31 -44.92 -31.82
C GLU G 27 29.80 -45.63 -33.09
N THR G 28 31.02 -46.15 -33.07
CA THR G 28 31.51 -46.87 -34.24
C THR G 28 31.17 -48.35 -34.16
N LEU G 29 31.39 -48.93 -32.98
CA LEU G 29 31.05 -50.33 -32.72
C LEU G 29 29.57 -50.62 -33.04
N GLN G 30 28.68 -49.70 -32.69
CA GLN G 30 27.26 -49.96 -32.85
C GLN G 30 26.88 -50.12 -34.31
N LEU G 31 27.74 -49.71 -35.24
CA LEU G 31 27.52 -49.88 -36.67
C LEU G 31 28.33 -51.02 -37.30
N HIS G 32 29.42 -51.46 -36.67
CA HIS G 32 30.36 -52.34 -37.37
C HIS G 32 30.69 -53.65 -36.65
N ALA G 33 30.58 -53.69 -35.33
CA ALA G 33 31.06 -54.86 -34.59
C ALA G 33 30.27 -56.10 -34.97
N GLY G 34 30.98 -57.22 -35.20
CA GLY G 34 30.33 -58.51 -35.33
C GLY G 34 29.79 -58.83 -36.71
N TYR G 35 30.10 -58.04 -37.73
CA TYR G 35 29.62 -58.39 -39.06
C TYR G 35 30.58 -57.92 -40.12
N THR G 36 30.91 -58.82 -41.05
CA THR G 36 31.61 -58.52 -42.28
C THR G 36 30.79 -59.09 -43.43
N PRO G 37 30.61 -58.36 -44.52
CA PRO G 37 29.88 -58.93 -45.66
C PRO G 37 30.47 -60.28 -46.08
N ASP G 38 29.62 -61.30 -46.12
CA ASP G 38 29.99 -62.56 -46.77
C ASP G 38 30.47 -62.34 -48.19
N PRO G 39 31.51 -63.06 -48.64
CA PRO G 39 31.97 -62.92 -50.03
C PRO G 39 31.03 -63.53 -51.07
N HIS G 40 30.05 -64.34 -50.66
CA HIS G 40 29.12 -64.88 -51.65
C HIS G 40 28.24 -63.77 -52.23
N THR G 41 27.49 -63.06 -51.37
CA THR G 41 26.61 -61.98 -51.83
C THR G 41 27.20 -60.59 -51.62
N ARG G 42 28.14 -60.41 -50.71
CA ARG G 42 28.72 -59.11 -50.36
C ARG G 42 27.69 -58.13 -49.78
N SER G 43 26.55 -58.65 -49.29
CA SER G 43 25.50 -57.82 -48.69
C SER G 43 26.02 -56.89 -47.60
N THR G 44 25.80 -55.59 -47.80
CA THR G 44 26.29 -54.57 -46.88
C THR G 44 25.54 -54.58 -45.55
N ALA G 45 24.22 -54.63 -45.61
CA ALA G 45 23.38 -54.79 -44.42
C ALA G 45 23.31 -56.26 -44.00
N VAL G 46 22.96 -56.48 -42.74
CA VAL G 46 22.86 -57.84 -42.21
C VAL G 46 21.63 -58.55 -42.79
N PRO G 47 21.79 -59.65 -43.53
CA PRO G 47 20.60 -60.39 -44.02
C PRO G 47 19.79 -60.99 -42.88
N ILE G 48 18.51 -61.24 -43.15
CA ILE G 48 17.62 -61.96 -42.24
C ILE G 48 17.62 -63.43 -42.64
N TYR G 49 18.29 -64.26 -41.83
CA TYR G 49 18.35 -65.70 -42.11
C TYR G 49 17.13 -66.36 -41.50
N ALA G 50 15.98 -66.16 -42.16
CA ALA G 50 14.72 -66.79 -41.79
C ALA G 50 14.78 -68.26 -42.21
N THR G 51 15.53 -69.04 -41.43
CA THR G 51 15.69 -70.47 -41.66
C THR G 51 15.72 -71.16 -40.32
N SER G 52 15.10 -72.34 -40.24
CA SER G 52 15.26 -73.14 -39.03
C SER G 52 16.55 -73.95 -39.06
N SER G 53 16.99 -74.39 -40.25
CA SER G 53 18.07 -75.37 -40.35
C SER G 53 19.17 -74.93 -41.35
N TYR G 54 20.28 -75.67 -41.32
CA TYR G 54 21.50 -75.38 -42.06
C TYR G 54 22.03 -76.71 -42.59
N THR G 55 22.02 -76.88 -43.91
CA THR G 55 22.32 -78.18 -44.51
C THR G 55 23.77 -78.59 -44.24
N PHE G 56 23.97 -79.81 -43.76
CA PHE G 56 25.32 -80.33 -43.53
C PHE G 56 26.10 -80.49 -44.83
N ASN G 57 27.42 -80.33 -44.75
CA ASN G 57 28.24 -80.64 -45.93
C ASN G 57 28.19 -82.13 -46.23
N ASP G 58 28.15 -82.97 -45.18
CA ASP G 58 28.05 -84.42 -45.26
C ASP G 58 27.79 -84.91 -43.84
N SER G 59 27.51 -86.21 -43.72
CA SER G 59 27.08 -86.78 -42.44
C SER G 59 28.16 -86.64 -41.38
N ALA G 60 29.43 -86.77 -41.78
CA ALA G 60 30.54 -86.60 -40.83
C ALA G 60 30.53 -85.19 -40.28
N HIS G 61 30.24 -84.20 -41.12
CA HIS G 61 30.17 -82.82 -40.67
C HIS G 61 29.02 -82.62 -39.67
N GLY G 62 27.86 -83.18 -39.97
CA GLY G 62 26.76 -83.11 -39.03
C GLY G 62 27.09 -83.71 -37.69
N ALA G 63 27.84 -84.81 -37.69
CA ALA G 63 28.25 -85.46 -36.44
C ALA G 63 29.22 -84.59 -35.66
N ARG G 64 30.16 -83.91 -36.33
CA ARG G 64 31.07 -83.03 -35.59
C ARG G 64 30.35 -81.81 -35.00
N LEU G 65 29.31 -81.31 -35.68
CA LEU G 65 28.57 -80.17 -35.13
C LEU G 65 27.81 -80.57 -33.88
N PHE G 66 27.04 -81.67 -33.95
CA PHE G 66 26.27 -82.14 -32.80
C PHE G 66 27.17 -82.56 -31.65
N GLY G 67 28.39 -83.00 -31.94
CA GLY G 67 29.34 -83.38 -30.92
C GLY G 67 30.19 -82.26 -30.37
N LEU G 68 29.85 -81.00 -30.68
CA LEU G 68 30.61 -79.81 -30.26
C LEU G 68 32.08 -79.88 -30.64
N LYS G 69 32.41 -80.69 -31.65
CA LYS G 69 33.79 -80.81 -32.15
C LYS G 69 34.16 -79.74 -33.17
N GLU G 70 33.21 -78.91 -33.60
CA GLU G 70 33.44 -77.94 -34.67
C GLU G 70 32.33 -76.88 -34.59
N LEU G 71 32.72 -75.60 -34.60
CA LEU G 71 31.73 -74.52 -34.57
C LEU G 71 31.06 -74.38 -35.93
N GLY G 72 29.74 -74.18 -35.92
CA GLY G 72 28.99 -74.06 -37.16
C GLY G 72 27.49 -74.10 -36.94
N ASN G 73 26.74 -73.53 -37.89
CA ASN G 73 25.30 -73.42 -37.73
C ASN G 73 24.64 -74.80 -37.80
N ILE G 74 23.78 -75.08 -36.82
CA ILE G 74 23.05 -76.34 -36.74
C ILE G 74 21.54 -76.12 -36.83
N TYR G 75 21.01 -75.23 -36.01
CA TYR G 75 19.57 -75.16 -35.82
C TYR G 75 19.28 -73.85 -35.11
N SER G 76 18.26 -73.13 -35.58
CA SER G 76 18.04 -71.76 -35.12
C SER G 76 17.50 -71.68 -33.69
N ARG G 77 17.05 -72.78 -33.08
CA ARG G 77 16.76 -72.71 -31.63
C ARG G 77 18.01 -72.35 -30.86
N LEU G 78 19.19 -72.74 -31.38
CA LEU G 78 20.53 -72.59 -30.79
C LEU G 78 21.32 -71.40 -31.33
N MET G 79 21.30 -71.18 -32.65
CA MET G 79 22.13 -70.16 -33.26
C MET G 79 21.58 -69.80 -34.64
N ASN G 80 21.90 -68.59 -35.08
CA ASN G 80 21.38 -68.01 -36.31
C ASN G 80 22.29 -66.84 -36.71
N PRO G 81 22.71 -66.77 -37.97
CA PRO G 81 23.70 -65.74 -38.35
C PRO G 81 23.21 -64.32 -38.12
N THR G 82 21.91 -64.04 -38.29
CA THR G 82 21.41 -62.71 -37.98
C THR G 82 21.52 -62.44 -36.48
N VAL G 83 21.10 -63.41 -35.66
CA VAL G 83 21.17 -63.27 -34.21
C VAL G 83 22.62 -63.18 -33.74
N ASP G 84 23.52 -63.91 -34.40
CA ASP G 84 24.93 -63.88 -34.03
C ASP G 84 25.52 -62.47 -34.16
N VAL G 85 25.11 -61.70 -35.19
CA VAL G 85 25.58 -60.31 -35.28
C VAL G 85 25.08 -59.52 -34.10
N PHE G 86 23.81 -59.72 -33.73
CA PHE G 86 23.24 -58.98 -32.62
C PHE G 86 23.96 -59.31 -31.32
N GLU G 87 24.29 -60.58 -31.10
CA GLU G 87 25.01 -60.99 -29.89
C GLU G 87 26.40 -60.38 -29.85
N LYS G 88 27.17 -60.53 -30.94
CA LYS G 88 28.54 -60.01 -30.97
C LYS G 88 28.58 -58.50 -30.83
N ARG G 89 27.60 -57.81 -31.42
CA ARG G 89 27.58 -56.36 -31.31
C ARG G 89 27.28 -55.93 -29.88
N ILE G 90 26.26 -56.51 -29.23
CA ILE G 90 25.97 -56.14 -27.84
C ILE G 90 27.16 -56.50 -26.93
N ALA G 91 27.79 -57.66 -27.15
CA ALA G 91 28.94 -57.98 -26.32
C ALA G 91 30.05 -56.94 -26.50
N ALA G 92 30.30 -56.51 -27.75
CA ALA G 92 31.37 -55.54 -27.99
C ALA G 92 31.07 -54.21 -27.31
N LEU G 93 29.79 -53.79 -27.33
CA LEU G 93 29.39 -52.51 -26.73
C LEU G 93 29.52 -52.56 -25.20
N GLU G 94 29.21 -53.71 -24.60
CA GLU G 94 29.31 -53.83 -23.15
C GLU G 94 30.70 -54.20 -22.67
N GLY G 95 31.62 -54.53 -23.58
CA GLY G 95 32.93 -54.99 -23.17
C GLY G 95 32.96 -56.40 -22.63
N GLY G 96 32.09 -57.30 -23.10
CA GLY G 96 32.17 -58.71 -22.76
C GLY G 96 32.87 -59.51 -23.86
N ILE G 97 33.12 -60.79 -23.58
CA ILE G 97 33.71 -61.62 -24.61
C ILE G 97 32.66 -62.21 -25.54
N ALA G 98 31.44 -62.43 -25.07
CA ALA G 98 30.45 -63.06 -25.93
C ALA G 98 29.09 -62.83 -25.32
N ALA G 99 28.05 -63.12 -26.10
CA ALA G 99 26.69 -62.95 -25.62
C ALA G 99 25.79 -64.00 -26.24
N ALA G 100 24.62 -64.19 -25.63
CA ALA G 100 23.59 -65.08 -26.15
C ALA G 100 22.24 -64.36 -26.06
N ALA G 101 21.51 -64.37 -27.16
CA ALA G 101 20.22 -63.70 -27.25
C ALA G 101 19.11 -64.61 -26.73
N THR G 102 18.06 -63.99 -26.21
CA THR G 102 16.90 -64.72 -25.73
C THR G 102 15.65 -64.03 -26.26
N SER G 103 14.52 -64.70 -26.08
CA SER G 103 13.26 -64.18 -26.61
C SER G 103 12.78 -62.92 -25.89
N SER G 104 13.28 -62.65 -24.68
CA SER G 104 12.82 -61.51 -23.91
C SER G 104 13.83 -61.24 -22.81
N GLY G 105 13.72 -60.04 -22.23
CA GLY G 105 14.46 -59.73 -21.01
C GLY G 105 14.19 -60.73 -19.89
N GLN G 106 12.90 -61.04 -19.64
CA GLN G 106 12.58 -62.04 -18.61
C GLN G 106 13.33 -63.35 -18.85
N ALA G 107 13.36 -63.81 -20.10
CA ALA G 107 14.07 -65.05 -20.42
C ALA G 107 15.58 -64.92 -20.19
N ALA G 108 16.16 -63.74 -20.47
CA ALA G 108 17.59 -63.55 -20.21
C ALA G 108 17.90 -63.73 -18.71
N GLN G 109 17.10 -63.14 -17.83
CA GLN G 109 17.30 -63.33 -16.40
C GLN G 109 17.09 -64.78 -15.98
N PHE G 110 16.05 -65.41 -16.50
CA PHE G 110 15.72 -66.76 -16.07
C PHE G 110 16.81 -67.75 -16.45
N LEU G 111 17.29 -67.68 -17.69
CA LEU G 111 18.32 -68.61 -18.14
C LEU G 111 19.62 -68.41 -17.37
N THR G 112 19.95 -67.14 -17.05
CA THR G 112 21.14 -66.84 -16.27
C THR G 112 21.07 -67.47 -14.87
N ILE G 113 19.95 -67.28 -14.19
CA ILE G 113 19.83 -67.77 -12.83
C ILE G 113 19.74 -69.29 -12.82
N ALA G 114 18.99 -69.87 -13.76
CA ALA G 114 18.89 -71.33 -13.82
C ALA G 114 20.21 -72.00 -14.20
N THR G 115 21.16 -71.24 -14.72
CA THR G 115 22.45 -71.83 -15.03
C THR G 115 23.37 -71.80 -13.81
N LEU G 116 23.33 -70.72 -13.04
CA LEU G 116 24.13 -70.59 -11.83
C LEU G 116 23.56 -71.40 -10.66
N ALA G 117 22.24 -71.58 -10.57
CA ALA G 117 21.61 -72.10 -9.37
C ALA G 117 20.72 -73.29 -9.70
N LYS G 118 20.51 -74.15 -8.71
CA LYS G 118 19.55 -75.23 -8.83
C LYS G 118 18.82 -75.40 -7.50
N ALA G 119 17.88 -76.34 -7.46
CA ALA G 119 17.08 -76.61 -6.25
C ALA G 119 17.99 -76.74 -5.04
N GLY G 120 17.67 -76.01 -3.98
CA GLY G 120 18.54 -75.90 -2.83
C GLY G 120 19.43 -74.67 -2.80
N ASP G 121 19.53 -73.92 -3.89
CA ASP G 121 20.40 -72.76 -3.94
C ASP G 121 19.63 -71.46 -3.70
N ASN G 122 20.37 -70.39 -3.49
CA ASN G 122 19.74 -69.09 -3.38
C ASN G 122 20.61 -68.05 -4.08
N ILE G 123 20.02 -66.87 -4.29
CA ILE G 123 20.79 -65.71 -4.73
C ILE G 123 20.43 -64.54 -3.82
N VAL G 124 21.36 -63.61 -3.71
CA VAL G 124 21.15 -62.36 -3.00
C VAL G 124 20.84 -61.30 -4.04
N ALA G 125 19.73 -60.59 -3.85
CA ALA G 125 19.27 -59.63 -4.84
C ALA G 125 18.87 -58.34 -4.15
N SER G 126 19.17 -57.22 -4.79
CA SER G 126 18.55 -55.98 -4.35
C SER G 126 17.03 -56.12 -4.41
N SER G 127 16.35 -55.43 -3.49
CA SER G 127 14.89 -55.40 -3.52
C SER G 127 14.35 -54.35 -4.49
N HIS G 128 15.20 -53.49 -5.06
CA HIS G 128 14.77 -52.44 -5.99
C HIS G 128 14.88 -52.99 -7.39
N LEU G 129 13.79 -53.60 -7.86
CA LEU G 129 13.75 -54.34 -9.11
C LEU G 129 12.52 -53.94 -9.92
N TYR G 130 12.63 -54.15 -11.22
CA TYR G 130 11.46 -54.21 -12.07
C TYR G 130 10.47 -55.24 -11.49
N GLY G 131 9.18 -54.92 -11.58
CA GLY G 131 8.18 -55.78 -10.95
C GLY G 131 8.21 -57.21 -11.47
N GLY G 132 8.38 -57.38 -12.79
CA GLY G 132 8.47 -58.71 -13.35
C GLY G 132 9.65 -59.50 -12.83
N THR G 133 10.77 -58.83 -12.56
CA THR G 133 11.92 -59.52 -11.96
C THR G 133 11.61 -59.94 -10.54
N TYR G 134 11.04 -59.03 -9.75
CA TYR G 134 10.70 -59.37 -8.38
C TYR G 134 9.80 -60.59 -8.35
N ASN G 135 8.80 -60.64 -9.23
CA ASN G 135 7.88 -61.76 -9.20
C ASN G 135 8.57 -63.05 -9.62
N GLN G 136 9.49 -62.96 -10.58
CA GLN G 136 10.29 -64.11 -10.97
C GLN G 136 11.12 -64.64 -9.79
N LEU G 137 11.75 -63.73 -9.05
CA LEU G 137 12.61 -64.16 -7.94
C LEU G 137 11.82 -64.56 -6.71
N ASN G 138 10.68 -63.92 -6.48
CA ASN G 138 9.95 -64.18 -5.25
C ASN G 138 8.93 -65.30 -5.40
N VAL G 139 8.37 -65.51 -6.59
CA VAL G 139 7.26 -66.43 -6.77
C VAL G 139 7.63 -67.59 -7.68
N LEU G 140 8.22 -67.31 -8.84
CA LEU G 140 8.46 -68.38 -9.81
C LEU G 140 9.65 -69.27 -9.41
N LEU G 141 10.83 -68.69 -9.25
CA LEU G 141 12.01 -69.52 -9.00
C LEU G 141 11.90 -70.40 -7.75
N PRO G 142 11.29 -69.97 -6.64
CA PRO G 142 11.13 -70.89 -5.49
C PRO G 142 10.33 -72.14 -5.82
N ARG G 143 9.42 -72.10 -6.79
CA ARG G 143 8.77 -73.35 -7.18
C ARG G 143 9.80 -74.38 -7.63
N PHE G 144 10.97 -73.93 -8.07
CA PHE G 144 12.03 -74.81 -8.51
C PHE G 144 13.10 -75.02 -7.45
N GLY G 145 12.84 -74.57 -6.22
CA GLY G 145 13.80 -74.75 -5.16
C GLY G 145 14.90 -73.72 -5.13
N ILE G 146 14.73 -72.60 -5.85
CA ILE G 146 15.73 -71.53 -5.92
C ILE G 146 15.14 -70.31 -5.24
N LYS G 147 15.76 -69.89 -4.14
CA LYS G 147 15.24 -68.80 -3.32
C LYS G 147 16.09 -67.55 -3.48
N THR G 148 15.48 -66.39 -3.18
CA THR G 148 16.20 -65.13 -3.16
C THR G 148 16.16 -64.48 -1.79
N LYS G 149 17.30 -63.95 -1.36
CA LYS G 149 17.34 -63.12 -0.16
C LYS G 149 17.40 -61.67 -0.63
N PHE G 150 16.38 -60.88 -0.26
CA PHE G 150 16.32 -59.50 -0.72
C PHE G 150 17.05 -58.58 0.25
N VAL G 151 17.85 -57.68 -0.29
CA VAL G 151 18.58 -56.68 0.48
C VAL G 151 18.05 -55.32 0.05
N ARG G 152 17.59 -54.53 1.02
CA ARG G 152 16.91 -53.29 0.68
C ARG G 152 17.79 -52.05 0.81
N SER G 153 18.76 -52.08 1.71
CA SER G 153 19.47 -50.88 2.13
C SER G 153 20.55 -50.43 1.16
N GLY G 154 20.99 -51.30 0.25
CA GLY G 154 22.15 -50.96 -0.54
C GLY G 154 23.47 -50.99 0.20
N LYS G 155 23.47 -51.32 1.49
CA LYS G 155 24.70 -51.28 2.29
C LYS G 155 25.52 -52.53 2.06
N LEU G 156 26.84 -52.34 1.84
CA LEU G 156 27.73 -53.45 1.57
C LEU G 156 27.65 -54.54 2.62
N GLU G 157 27.51 -54.15 3.89
CA GLU G 157 27.53 -55.14 4.96
C GLU G 157 26.27 -55.97 4.96
N ASP G 158 25.16 -55.43 4.43
CA ASP G 158 23.91 -56.20 4.35
C ASP G 158 23.97 -57.23 3.22
N TYR G 159 24.62 -56.88 2.11
CA TYR G 159 24.89 -57.88 1.08
C TYR G 159 25.79 -58.99 1.62
N ALA G 160 26.87 -58.63 2.32
CA ALA G 160 27.78 -59.64 2.88
C ALA G 160 27.06 -60.55 3.85
N ALA G 161 26.21 -59.99 4.72
CA ALA G 161 25.53 -60.81 5.71
C ALA G 161 24.51 -61.75 5.07
N ALA G 162 23.98 -61.41 3.90
CA ALA G 162 22.98 -62.26 3.28
C ALA G 162 23.56 -63.52 2.64
N ILE G 163 24.86 -63.56 2.43
CA ILE G 163 25.47 -64.68 1.71
C ILE G 163 25.60 -65.88 2.64
N ASP G 164 25.24 -67.06 2.14
CA ASP G 164 25.64 -68.29 2.83
C ASP G 164 26.22 -69.27 1.80
N ASP G 165 26.48 -70.50 2.24
CA ASP G 165 27.19 -71.47 1.41
C ASP G 165 26.37 -71.90 0.20
N GLN G 166 25.06 -71.62 0.18
CA GLN G 166 24.22 -71.98 -0.94
C GLN G 166 24.03 -70.82 -1.93
N THR G 167 24.57 -69.64 -1.64
CA THR G 167 24.40 -68.49 -2.52
C THR G 167 25.17 -68.69 -3.81
N ARG G 168 24.55 -68.30 -4.92
CA ARG G 168 25.16 -68.48 -6.22
C ARG G 168 25.33 -67.18 -7.02
N ALA G 169 24.78 -66.06 -6.56
CA ALA G 169 24.98 -64.79 -7.27
C ALA G 169 24.58 -63.67 -6.35
N ILE G 170 25.11 -62.47 -6.62
CA ILE G 170 24.49 -61.22 -6.20
C ILE G 170 23.86 -60.61 -7.45
N TYR G 171 22.61 -60.17 -7.35
CA TYR G 171 21.85 -59.66 -8.49
C TYR G 171 21.37 -58.25 -8.18
N VAL G 172 21.71 -57.29 -9.05
CA VAL G 172 21.24 -55.91 -8.93
C VAL G 172 20.92 -55.35 -10.32
N GLU G 173 20.06 -54.34 -10.33
CA GLU G 173 19.82 -53.54 -11.53
C GLU G 173 20.77 -52.36 -11.52
N SER G 174 21.30 -52.01 -12.70
CA SER G 174 22.30 -50.96 -12.73
C SER G 174 21.69 -49.62 -12.40
N MET G 175 20.41 -49.45 -12.69
CA MET G 175 19.71 -48.26 -12.23
C MET G 175 18.27 -48.74 -12.08
N SER G 176 17.77 -48.76 -10.85
CA SER G 176 16.55 -49.53 -10.60
C SER G 176 15.34 -48.87 -11.22
N ASN G 177 14.37 -49.70 -11.55
CA ASN G 177 13.17 -49.31 -12.27
C ASN G 177 12.04 -49.39 -11.26
N PRO G 178 11.48 -48.26 -10.78
CA PRO G 178 11.55 -46.88 -11.24
C PRO G 178 11.96 -45.82 -10.22
N ASP G 179 12.79 -46.19 -9.23
CA ASP G 179 13.37 -45.26 -8.28
C ASP G 179 14.83 -44.89 -8.59
N TYR G 180 15.44 -45.52 -9.59
CA TYR G 180 16.75 -45.12 -10.14
C TYR G 180 17.88 -45.21 -9.10
N VAL G 181 17.82 -46.23 -8.24
CA VAL G 181 18.92 -46.48 -7.31
C VAL G 181 20.13 -46.98 -8.09
N VAL G 182 21.26 -46.33 -7.90
CA VAL G 182 22.53 -46.76 -8.51
C VAL G 182 23.32 -47.49 -7.47
N PRO G 183 23.61 -48.79 -7.62
CA PRO G 183 24.35 -49.54 -6.61
C PRO G 183 25.82 -49.14 -6.61
N ASP G 184 26.51 -49.53 -5.54
CA ASP G 184 27.96 -49.39 -5.46
C ASP G 184 28.56 -50.62 -6.13
N PHE G 185 28.72 -50.55 -7.46
CA PHE G 185 29.17 -51.70 -8.25
C PHE G 185 30.47 -52.28 -7.72
N GLU G 186 31.47 -51.43 -7.52
CA GLU G 186 32.80 -51.92 -7.17
C GLU G 186 32.81 -52.54 -5.79
N GLY G 187 32.19 -51.87 -4.82
CA GLY G 187 32.10 -52.44 -3.48
C GLY G 187 31.32 -53.74 -3.43
N ILE G 188 30.22 -53.84 -4.18
CA ILE G 188 29.44 -55.07 -4.18
C ILE G 188 30.20 -56.18 -4.89
N ALA G 189 30.84 -55.86 -6.02
CA ALA G 189 31.62 -56.86 -6.73
C ALA G 189 32.72 -57.42 -5.83
N LYS G 190 33.38 -56.56 -5.05
CA LYS G 190 34.43 -57.03 -4.16
C LYS G 190 33.88 -58.04 -3.15
N ILE G 191 32.71 -57.77 -2.59
CA ILE G 191 32.10 -58.67 -1.62
C ILE G 191 31.73 -60.00 -2.29
N ALA G 192 31.08 -59.96 -3.44
CA ALA G 192 30.73 -61.18 -4.17
C ALA G 192 31.97 -62.00 -4.45
N HIS G 193 32.98 -61.37 -5.00
CA HIS G 193 34.17 -62.08 -5.41
C HIS G 193 34.92 -62.65 -4.21
N GLU G 194 34.88 -61.95 -3.06
CA GLU G 194 35.55 -62.47 -1.88
C GLU G 194 34.86 -63.73 -1.38
N HIS G 195 33.57 -63.89 -1.66
CA HIS G 195 32.81 -65.07 -1.28
C HIS G 195 32.73 -66.09 -2.39
N GLY G 196 33.39 -65.87 -3.53
CA GLY G 196 33.34 -66.82 -4.61
C GLY G 196 32.08 -66.83 -5.45
N ILE G 197 31.34 -65.72 -5.50
CA ILE G 197 30.16 -65.70 -6.38
C ILE G 197 30.24 -64.58 -7.40
N PRO G 198 29.59 -64.72 -8.55
CA PRO G 198 29.58 -63.64 -9.55
C PRO G 198 28.61 -62.52 -9.19
N LEU G 199 28.90 -61.33 -9.72
CA LEU G 199 27.97 -60.21 -9.68
C LEU G 199 27.21 -60.18 -11.01
N VAL G 200 25.88 -60.34 -10.94
CA VAL G 200 25.01 -60.30 -12.12
C VAL G 200 24.25 -58.97 -12.09
N VAL G 201 24.36 -58.20 -13.17
CA VAL G 201 23.76 -56.87 -13.25
C VAL G 201 22.77 -56.84 -14.41
N ASP G 202 21.54 -56.42 -14.12
CA ASP G 202 20.57 -56.08 -15.17
C ASP G 202 20.82 -54.63 -15.56
N ASN G 203 21.39 -54.44 -16.75
CA ASN G 203 21.80 -53.12 -17.21
C ASN G 203 20.81 -52.50 -18.21
N THR G 204 19.55 -52.94 -18.19
CA THR G 204 18.57 -52.42 -19.15
C THR G 204 18.54 -50.90 -19.15
N LEU G 205 18.44 -50.26 -17.98
CA LEU G 205 18.36 -48.80 -18.00
C LEU G 205 19.69 -48.13 -18.33
N GLY G 206 20.79 -48.87 -18.41
CA GLY G 206 22.05 -48.34 -18.92
C GLY G 206 22.18 -48.28 -20.44
N ALA G 207 21.11 -48.60 -21.17
CA ALA G 207 21.03 -48.39 -22.62
C ALA G 207 22.19 -49.08 -23.36
N GLY G 208 22.26 -50.41 -23.18
CA GLY G 208 23.27 -51.19 -23.89
C GLY G 208 24.70 -50.83 -23.56
N GLY G 209 24.97 -50.22 -22.41
CA GLY G 209 26.32 -49.81 -22.09
C GLY G 209 26.66 -48.39 -22.44
N TYR G 210 25.71 -47.61 -22.98
CA TYR G 210 26.00 -46.22 -23.24
C TYR G 210 26.08 -45.42 -21.94
N TYR G 211 25.11 -45.58 -21.05
CA TYR G 211 25.10 -44.82 -19.80
C TYR G 211 25.91 -45.47 -18.71
N ILE G 212 25.90 -46.81 -18.62
CA ILE G 212 26.59 -47.56 -17.57
C ILE G 212 27.21 -48.79 -18.21
N ARG G 213 28.42 -49.11 -17.77
CA ARG G 213 29.19 -50.21 -18.33
C ARG G 213 29.62 -51.08 -17.14
N PRO G 214 28.71 -51.93 -16.63
CA PRO G 214 28.98 -52.62 -15.36
C PRO G 214 30.19 -53.53 -15.39
N ILE G 215 30.54 -54.13 -16.54
CA ILE G 215 31.71 -55.00 -16.61
C ILE G 215 33.00 -54.24 -16.27
N GLU G 216 33.07 -52.95 -16.58
CA GLU G 216 34.26 -52.18 -16.21
C GLU G 216 34.36 -51.95 -14.71
N HIS G 217 33.33 -52.30 -13.95
CA HIS G 217 33.29 -52.02 -12.52
C HIS G 217 33.04 -53.27 -11.69
N GLY G 218 33.29 -54.44 -12.26
CA GLY G 218 33.32 -55.67 -11.51
C GLY G 218 32.20 -56.64 -11.80
N ALA G 219 31.20 -56.26 -12.62
CA ALA G 219 30.15 -57.21 -12.98
C ALA G 219 30.72 -58.36 -13.82
N ASP G 220 30.27 -59.57 -13.54
CA ASP G 220 30.72 -60.73 -14.29
C ASP G 220 29.76 -61.13 -15.40
N ILE G 221 28.47 -60.83 -15.24
CA ILE G 221 27.44 -61.20 -16.21
C ILE G 221 26.48 -60.02 -16.31
N VAL G 222 26.11 -59.60 -17.52
CA VAL G 222 25.13 -58.53 -17.69
C VAL G 222 23.95 -59.04 -18.49
N VAL G 223 22.74 -58.69 -18.05
CA VAL G 223 21.55 -59.03 -18.80
C VAL G 223 20.86 -57.75 -19.22
N HIS G 224 20.20 -57.81 -20.36
CA HIS G 224 19.42 -56.69 -20.85
C HIS G 224 18.05 -57.18 -21.29
N SER G 225 17.03 -56.35 -21.06
CA SER G 225 15.87 -56.39 -21.93
C SER G 225 16.21 -55.59 -23.18
N ALA G 226 16.39 -56.27 -24.31
CA ALA G 226 16.64 -55.55 -25.56
C ALA G 226 15.40 -54.85 -26.08
N THR G 227 14.24 -55.17 -25.52
CA THR G 227 12.97 -54.50 -25.83
C THR G 227 13.01 -52.98 -25.63
N LYS G 228 13.88 -52.52 -24.75
CA LYS G 228 13.88 -51.11 -24.31
C LYS G 228 14.81 -50.31 -25.25
N TRP G 229 15.74 -49.57 -24.67
CA TRP G 229 16.61 -48.66 -25.43
C TRP G 229 17.43 -49.34 -26.55
N ILE G 230 17.85 -50.59 -26.37
CA ILE G 230 18.63 -51.27 -27.40
C ILE G 230 17.87 -51.30 -28.73
N GLY G 231 16.65 -51.83 -28.70
CA GLY G 231 15.82 -51.82 -29.90
C GLY G 231 15.28 -50.44 -30.20
N GLY G 232 14.86 -49.71 -29.16
CA GLY G 232 14.63 -48.28 -29.25
C GLY G 232 13.40 -47.80 -29.98
N HIS G 233 12.63 -48.68 -30.64
CA HIS G 233 11.46 -48.24 -31.41
C HIS G 233 10.17 -48.91 -30.98
N GLY G 234 10.17 -49.61 -29.86
CA GLY G 234 8.96 -50.29 -29.42
C GLY G 234 8.39 -51.30 -30.39
N THR G 235 9.20 -51.89 -31.27
CA THR G 235 8.65 -52.86 -32.22
C THR G 235 8.83 -54.31 -31.83
N THR G 236 9.76 -54.64 -30.91
CA THR G 236 10.28 -56.00 -30.79
C THR G 236 10.61 -56.35 -29.33
N ILE G 237 10.22 -57.57 -28.90
CA ILE G 237 10.62 -58.12 -27.60
C ILE G 237 11.94 -58.86 -27.80
N GLY G 238 12.86 -58.73 -26.84
CA GLY G 238 14.10 -59.49 -26.91
C GLY G 238 14.91 -59.31 -25.66
N GLY G 239 15.82 -60.26 -25.42
CA GLY G 239 16.77 -60.14 -24.33
C GLY G 239 18.14 -60.60 -24.77
N VAL G 240 19.15 -60.28 -23.96
CA VAL G 240 20.51 -60.71 -24.26
C VAL G 240 21.28 -60.87 -22.96
N ILE G 241 22.11 -61.92 -22.90
CA ILE G 241 23.00 -62.22 -21.77
C ILE G 241 24.45 -61.99 -22.23
N VAL G 242 25.19 -61.16 -21.51
CA VAL G 242 26.57 -60.86 -21.86
C VAL G 242 27.48 -61.46 -20.79
N ASP G 243 28.44 -62.28 -21.21
CA ASP G 243 29.44 -62.87 -20.32
C ASP G 243 30.72 -62.04 -20.35
N SER G 244 31.13 -61.52 -19.19
CA SER G 244 32.40 -60.81 -19.11
C SER G 244 33.61 -61.70 -19.39
N GLY G 245 33.49 -63.02 -19.18
CA GLY G 245 34.64 -63.89 -19.27
C GLY G 245 35.65 -63.75 -18.14
N ARG G 246 35.34 -62.98 -17.10
CA ARG G 246 36.30 -62.69 -16.05
C ARG G 246 36.05 -63.45 -14.75
N PHE G 247 35.06 -64.36 -14.67
CA PHE G 247 34.82 -65.10 -13.43
C PHE G 247 35.44 -66.48 -13.53
N ASN G 248 36.38 -66.78 -12.64
CA ASN G 248 37.09 -68.06 -12.69
C ASN G 248 36.22 -69.12 -12.06
N TRP G 249 35.45 -69.81 -12.90
CA TRP G 249 34.60 -70.89 -12.42
C TRP G 249 35.43 -72.00 -11.76
N ASN G 250 36.64 -72.26 -12.26
CA ASN G 250 37.46 -73.33 -11.72
C ASN G 250 37.90 -73.02 -10.29
N LYS G 251 38.37 -71.80 -10.03
CA LYS G 251 38.66 -71.40 -8.65
C LYS G 251 37.48 -71.53 -7.71
N HIS G 252 36.25 -71.58 -8.21
CA HIS G 252 35.11 -71.60 -7.30
C HIS G 252 34.18 -72.76 -7.61
N SER G 253 34.75 -73.90 -8.00
CA SER G 253 33.94 -75.05 -8.38
C SER G 253 33.15 -75.65 -7.23
N ASP G 254 33.46 -75.28 -5.98
CA ASP G 254 32.65 -75.78 -4.86
C ASP G 254 31.23 -75.24 -4.92
N ARG G 255 31.06 -73.99 -5.37
CA ARG G 255 29.72 -73.45 -5.57
C ARG G 255 29.15 -73.75 -6.96
N PHE G 256 30.01 -73.99 -7.96
CA PHE G 256 29.59 -74.20 -9.35
C PHE G 256 30.27 -75.44 -9.91
N PRO G 257 29.95 -76.63 -9.35
CA PRO G 257 30.60 -77.85 -9.87
C PRO G 257 30.20 -78.16 -11.30
N GLU G 258 29.01 -77.77 -11.75
CA GLU G 258 28.62 -78.05 -13.14
C GLU G 258 29.50 -77.30 -14.14
N MET G 259 30.24 -76.28 -13.71
CA MET G 259 31.13 -75.58 -14.63
C MET G 259 32.43 -76.34 -14.91
N VAL G 260 32.80 -77.31 -14.06
CA VAL G 260 34.07 -78.03 -14.23
C VAL G 260 33.90 -79.55 -14.31
N GLU G 261 32.85 -80.08 -13.69
CA GLU G 261 32.69 -81.53 -13.61
C GLU G 261 32.12 -82.10 -14.90
N PRO G 262 32.34 -83.41 -15.15
CA PRO G 262 31.82 -84.02 -16.38
C PRO G 262 30.33 -83.79 -16.55
N SER G 263 29.97 -83.34 -17.71
CA SER G 263 28.59 -82.96 -17.97
C SER G 263 27.77 -84.15 -18.41
N PRO G 264 26.59 -84.39 -17.82
CA PRO G 264 25.76 -85.49 -18.30
C PRO G 264 25.10 -85.22 -19.64
N SER G 265 25.02 -83.95 -20.06
CA SER G 265 24.38 -83.62 -21.33
C SER G 265 25.27 -83.98 -22.52
N TYR G 266 26.59 -84.08 -22.32
CA TYR G 266 27.54 -84.15 -23.44
C TYR G 266 28.64 -85.18 -23.14
N HIS G 267 28.24 -86.37 -22.72
CA HIS G 267 29.13 -87.52 -22.53
C HIS G 267 30.42 -87.12 -21.82
N GLY G 268 30.25 -86.52 -20.64
CA GLY G 268 31.36 -86.24 -19.77
C GLY G 268 32.15 -84.99 -20.07
N LEU G 269 31.80 -84.23 -21.11
CA LEU G 269 32.51 -83.01 -21.45
C LEU G 269 32.70 -82.13 -20.22
N LYS G 270 33.90 -81.58 -20.08
CA LYS G 270 34.22 -80.70 -18.96
C LYS G 270 34.33 -79.29 -19.52
N TYR G 271 33.41 -78.42 -19.11
CA TYR G 271 33.25 -77.12 -19.76
C TYR G 271 34.46 -76.22 -19.52
N TRP G 272 34.86 -76.04 -18.26
CA TRP G 272 35.97 -75.14 -17.99
C TRP G 272 37.23 -75.58 -18.74
N GLU G 273 37.48 -76.89 -18.78
CA GLU G 273 38.65 -77.39 -19.51
C GLU G 273 38.52 -77.15 -21.00
N ALA G 274 37.31 -77.26 -21.54
CA ALA G 274 37.13 -77.09 -22.99
C ALA G 274 37.01 -75.63 -23.39
N PHE G 275 36.39 -74.76 -22.56
CA PHE G 275 36.06 -73.41 -22.99
C PHE G 275 36.62 -72.28 -22.13
N GLY G 276 37.15 -72.54 -20.95
CA GLY G 276 37.75 -71.49 -20.15
C GLY G 276 36.86 -70.30 -19.87
N PRO G 277 37.33 -69.09 -20.21
CA PRO G 277 36.53 -67.88 -19.94
C PRO G 277 35.17 -67.82 -20.63
N ALA G 278 34.91 -68.65 -21.65
CA ALA G 278 33.60 -68.66 -22.28
C ALA G 278 32.68 -69.74 -21.71
N THR G 279 33.01 -70.30 -20.54
CA THR G 279 32.27 -71.44 -20.03
C THR G 279 30.81 -71.10 -19.74
N PHE G 280 30.57 -70.00 -19.01
CA PHE G 280 29.19 -69.68 -18.66
C PHE G 280 28.32 -69.50 -19.91
N ILE G 281 28.78 -68.67 -20.87
CA ILE G 281 27.93 -68.37 -22.02
C ILE G 281 27.80 -69.59 -22.93
N THR G 282 28.82 -70.46 -22.97
CA THR G 282 28.68 -71.70 -23.71
C THR G 282 27.59 -72.60 -23.14
N ARG G 283 27.49 -72.69 -21.80
CA ARG G 283 26.44 -73.50 -21.19
C ARG G 283 25.07 -72.91 -21.47
N ILE G 284 24.97 -71.57 -21.41
CA ILE G 284 23.71 -70.91 -21.75
C ILE G 284 23.22 -71.40 -23.11
N ARG G 285 24.12 -71.42 -24.09
CA ARG G 285 23.71 -71.83 -25.43
C ARG G 285 23.48 -73.33 -25.52
N VAL G 286 24.46 -74.16 -25.11
CA VAL G 286 24.34 -75.59 -25.43
C VAL G 286 23.48 -76.36 -24.43
N GLU G 287 23.21 -75.84 -23.23
CA GLU G 287 22.25 -76.47 -22.34
C GLU G 287 20.93 -75.71 -22.27
N MET G 288 20.98 -74.39 -22.07
CA MET G 288 19.77 -73.71 -21.65
C MET G 288 18.90 -73.33 -22.83
N LEU G 289 19.48 -72.64 -23.83
CA LEU G 289 18.75 -72.38 -25.06
C LEU G 289 18.31 -73.67 -25.72
N ARG G 290 19.16 -74.69 -25.69
CA ARG G 290 18.80 -75.96 -26.31
C ARG G 290 17.64 -76.64 -25.59
N ASP G 291 17.55 -76.51 -24.26
CA ASP G 291 16.55 -77.27 -23.49
C ASP G 291 15.35 -76.44 -23.05
N ILE G 292 15.54 -75.18 -22.70
CA ILE G 292 14.41 -74.32 -22.41
C ILE G 292 13.86 -73.69 -23.69
N GLY G 293 14.72 -73.38 -24.65
CA GLY G 293 14.25 -72.96 -25.96
C GLY G 293 13.67 -71.56 -26.06
N ALA G 294 14.11 -70.63 -25.21
CA ALA G 294 13.65 -69.24 -25.27
C ALA G 294 14.50 -68.43 -26.26
N CYS G 295 14.44 -68.83 -27.53
CA CYS G 295 15.32 -68.26 -28.54
C CYS G 295 14.72 -67.04 -29.22
N LEU G 296 15.57 -66.26 -29.89
CA LEU G 296 15.18 -65.02 -30.55
C LEU G 296 15.10 -65.22 -32.06
N SER G 297 14.03 -64.70 -32.70
CA SER G 297 13.97 -64.95 -34.13
C SER G 297 14.88 -63.96 -34.87
N PRO G 298 15.29 -64.32 -36.08
CA PRO G 298 16.13 -63.40 -36.86
C PRO G 298 15.39 -62.15 -37.31
N PHE G 299 14.08 -62.22 -37.50
CA PHE G 299 13.33 -60.99 -37.79
C PHE G 299 13.43 -60.03 -36.63
N SER G 300 13.26 -60.54 -35.39
CA SER G 300 13.41 -59.71 -34.21
C SER G 300 14.81 -59.14 -34.13
N ALA G 301 15.82 -59.98 -34.37
CA ALA G 301 17.20 -59.50 -34.26
C ALA G 301 17.47 -58.38 -35.28
N GLN G 302 16.93 -58.49 -36.49
CA GLN G 302 17.18 -57.44 -37.48
C GLN G 302 16.51 -56.12 -37.09
N GLN G 303 15.30 -56.16 -36.53
CA GLN G 303 14.72 -54.96 -35.94
C GLN G 303 15.65 -54.38 -34.87
N LEU G 304 16.15 -55.23 -33.97
CA LEU G 304 17.02 -54.74 -32.91
C LEU G 304 18.32 -54.15 -33.48
N LEU G 305 18.88 -54.77 -34.52
CA LEU G 305 20.10 -54.23 -35.11
C LEU G 305 19.89 -52.85 -35.72
N LEU G 306 18.73 -52.59 -36.31
CA LEU G 306 18.41 -51.24 -36.78
C LEU G 306 18.36 -50.25 -35.62
N GLY G 307 17.76 -50.65 -34.49
CA GLY G 307 17.86 -49.82 -33.30
C GLY G 307 19.30 -49.57 -32.88
N ILE G 308 20.10 -50.65 -32.81
CA ILE G 308 21.46 -50.49 -32.28
C ILE G 308 22.29 -49.54 -33.12
N GLU G 309 22.03 -49.48 -34.44
CA GLU G 309 22.77 -48.56 -35.30
C GLU G 309 22.68 -47.10 -34.87
N THR G 310 21.64 -46.70 -34.12
CA THR G 310 21.58 -45.33 -33.61
C THR G 310 21.63 -45.25 -32.08
N LEU G 311 21.99 -46.35 -31.41
CA LEU G 311 21.85 -46.42 -29.95
C LEU G 311 22.50 -45.24 -29.24
N GLY G 312 23.78 -44.95 -29.55
CA GLY G 312 24.45 -43.82 -28.91
C GLY G 312 23.77 -42.49 -29.21
N LEU G 313 23.34 -42.29 -30.46
CA LEU G 313 22.68 -41.04 -30.81
C LEU G 313 21.40 -40.85 -30.01
N ARG G 314 20.56 -41.89 -29.96
CA ARG G 314 19.31 -41.81 -29.23
C ARG G 314 19.56 -41.61 -27.73
N ALA G 315 20.44 -42.41 -27.15
CA ALA G 315 20.71 -42.34 -25.72
C ALA G 315 21.23 -40.96 -25.33
N GLU G 316 22.00 -40.34 -26.22
CA GLU G 316 22.48 -38.99 -25.96
C GLU G 316 21.36 -37.97 -25.94
N ARG G 317 20.43 -38.04 -26.92
CA ARG G 317 19.32 -37.08 -26.94
C ARG G 317 18.34 -37.36 -25.81
N HIS G 318 18.04 -38.64 -25.57
CA HIS G 318 17.26 -39.06 -24.41
C HIS G 318 17.72 -38.38 -23.12
N ALA G 319 19.03 -38.46 -22.80
CA ALA G 319 19.54 -37.93 -21.53
C ALA G 319 19.51 -36.41 -21.53
N GLN G 320 19.80 -35.80 -22.67
CA GLN G 320 19.72 -34.36 -22.80
C GLN G 320 18.29 -33.87 -22.60
N ASN G 321 17.30 -34.56 -23.19
CA ASN G 321 15.90 -34.19 -22.98
C ASN G 321 15.48 -34.41 -21.53
N THR G 322 15.98 -35.49 -20.90
CA THR G 322 15.59 -35.79 -19.53
C THR G 322 16.09 -34.71 -18.57
N GLU G 323 17.33 -34.29 -18.75
CA GLU G 323 17.89 -33.20 -17.96
C GLU G 323 17.06 -31.92 -18.12
N LYS G 324 16.66 -31.59 -19.36
CA LYS G 324 15.91 -30.37 -19.56
C LYS G 324 14.51 -30.48 -19.00
N LEU G 325 13.90 -31.65 -19.13
CA LEU G 325 12.58 -31.88 -18.57
C LEU G 325 12.62 -31.80 -17.04
N SER G 326 13.68 -32.34 -16.42
CA SER G 326 13.76 -32.27 -14.97
C SER G 326 13.84 -30.83 -14.48
N LYS G 327 14.61 -29.99 -15.18
CA LYS G 327 14.66 -28.56 -14.83
C LYS G 327 13.27 -27.93 -14.86
N TYR G 328 12.50 -28.22 -15.92
CA TYR G 328 11.14 -27.70 -16.03
C TYR G 328 10.27 -28.21 -14.90
N PHE G 329 10.40 -29.49 -14.56
CA PHE G 329 9.57 -30.01 -13.49
C PHE G 329 9.98 -29.44 -12.13
N GLU G 330 11.29 -29.16 -11.93
CA GLU G 330 11.75 -28.69 -10.61
C GLU G 330 11.17 -27.33 -10.26
N SER G 331 10.85 -26.51 -11.27
CA SER G 331 10.34 -25.17 -11.08
C SER G 331 8.83 -25.10 -11.24
N SER G 332 8.20 -26.18 -11.49
CA SER G 332 6.78 -26.11 -11.79
C SER G 332 5.98 -26.24 -10.50
N PRO G 333 5.05 -25.32 -10.24
CA PRO G 333 4.22 -25.44 -9.01
C PRO G 333 3.34 -26.66 -9.02
N ASN G 334 3.12 -27.29 -10.17
CA ASN G 334 2.24 -28.44 -10.24
C ASN G 334 2.93 -29.75 -9.87
N VAL G 335 4.23 -29.73 -9.65
CA VAL G 335 4.99 -30.94 -9.39
C VAL G 335 5.44 -30.89 -7.93
N SER G 336 5.05 -31.92 -7.17
CA SER G 336 5.44 -32.06 -5.77
C SER G 336 6.89 -32.49 -5.61
N TRP G 337 7.38 -33.35 -6.49
CA TRP G 337 8.78 -33.76 -6.40
C TRP G 337 9.20 -34.33 -7.74
N VAL G 338 10.51 -34.31 -7.96
CA VAL G 338 11.13 -34.96 -9.11
C VAL G 338 12.17 -35.94 -8.62
N LEU G 339 12.14 -37.16 -9.16
CA LEU G 339 13.15 -38.17 -8.89
C LEU G 339 13.97 -38.36 -10.17
N TRP G 340 15.25 -38.01 -10.10
CA TRP G 340 16.13 -38.08 -11.27
C TRP G 340 17.53 -38.41 -10.76
N PRO G 341 18.19 -39.47 -11.24
CA PRO G 341 19.50 -39.84 -10.68
C PRO G 341 20.59 -38.79 -10.87
N GLY G 342 20.41 -37.83 -11.78
CA GLY G 342 21.35 -36.74 -11.89
C GLY G 342 21.15 -35.63 -10.89
N SER G 343 20.10 -35.74 -10.07
CA SER G 343 19.81 -34.73 -9.08
C SER G 343 20.74 -34.89 -7.88
N GLU G 344 21.35 -33.79 -7.44
CA GLU G 344 22.17 -33.83 -6.23
C GLU G 344 21.38 -34.25 -4.99
N SER G 345 20.06 -34.11 -5.01
CA SER G 345 19.25 -34.60 -3.91
C SER G 345 18.99 -36.10 -3.97
N HIS G 346 19.37 -36.78 -5.03
CA HIS G 346 19.04 -38.19 -5.18
C HIS G 346 19.79 -39.03 -4.14
N PRO G 347 19.14 -40.03 -3.54
CA PRO G 347 19.80 -40.83 -2.48
C PRO G 347 21.11 -41.48 -2.88
N THR G 348 21.24 -41.99 -4.09
CA THR G 348 22.51 -42.56 -4.54
C THR G 348 23.21 -41.65 -5.54
N TYR G 349 23.09 -40.33 -5.36
CA TYR G 349 23.75 -39.40 -6.27
C TYR G 349 25.26 -39.59 -6.28
N SER G 350 25.87 -39.97 -5.15
CA SER G 350 27.31 -40.18 -5.15
C SER G 350 27.69 -41.36 -6.03
N GLN G 351 26.85 -42.39 -6.09
CA GLN G 351 27.13 -43.48 -7.01
C GLN G 351 26.83 -43.06 -8.45
N ALA G 352 25.69 -42.39 -8.69
CA ALA G 352 25.39 -41.93 -10.04
C ALA G 352 26.52 -41.06 -10.59
N LYS G 353 27.03 -40.15 -9.76
CA LYS G 353 28.13 -39.28 -10.20
C LYS G 353 29.37 -40.08 -10.58
N LYS G 354 29.61 -41.19 -9.88
CA LYS G 354 30.82 -41.97 -10.15
C LYS G 354 30.64 -42.84 -11.38
N TYR G 355 29.45 -43.40 -11.60
CA TYR G 355 29.27 -44.43 -12.62
C TYR G 355 28.51 -43.97 -13.86
N LEU G 356 28.00 -42.73 -13.88
CA LEU G 356 27.17 -42.20 -14.98
C LEU G 356 27.88 -40.95 -15.48
N THR G 357 28.82 -41.11 -16.41
CA THR G 357 29.62 -39.98 -16.88
C THR G 357 29.27 -39.56 -18.29
N ARG G 358 28.22 -40.15 -18.88
CA ARG G 358 27.81 -39.89 -20.26
C ARG G 358 26.31 -39.63 -20.31
N GLY G 359 25.76 -39.00 -19.28
CA GLY G 359 24.34 -38.68 -19.18
C GLY G 359 23.69 -39.50 -18.08
N PHE G 360 22.79 -38.86 -17.33
CA PHE G 360 22.13 -39.52 -16.18
C PHE G 360 20.84 -40.25 -16.59
N GLY G 361 20.90 -41.01 -17.69
CA GLY G 361 19.80 -41.89 -18.05
C GLY G 361 18.69 -41.16 -18.78
N ALA G 362 17.65 -41.93 -19.11
CA ALA G 362 16.53 -41.45 -19.91
C ALA G 362 15.22 -41.44 -19.15
N MET G 363 15.25 -41.61 -17.83
CA MET G 363 14.06 -41.76 -17.02
C MET G 363 13.98 -40.66 -15.97
N LEU G 364 12.76 -40.30 -15.63
CA LEU G 364 12.52 -39.62 -14.36
C LEU G 364 11.13 -39.99 -13.85
N SER G 365 10.91 -39.67 -12.57
CA SER G 365 9.63 -39.89 -11.92
C SER G 365 9.23 -38.60 -11.21
N ILE G 366 7.92 -38.37 -11.12
CA ILE G 366 7.41 -37.16 -10.50
C ILE G 366 6.17 -37.50 -9.67
N GLY G 367 5.93 -36.64 -8.69
CA GLY G 367 4.66 -36.61 -7.98
C GLY G 367 4.04 -35.30 -8.31
N VAL G 368 2.76 -35.32 -8.61
CA VAL G 368 2.01 -34.12 -8.91
C VAL G 368 1.25 -33.74 -7.66
N LYS G 369 0.99 -32.44 -7.49
CA LYS G 369 0.23 -31.94 -6.36
C LYS G 369 -1.25 -32.31 -6.51
N GLY G 370 -1.99 -32.19 -5.41
CA GLY G 370 -3.42 -32.38 -5.43
C GLY G 370 -3.88 -33.74 -4.95
N ASP G 371 -5.10 -34.10 -5.37
CA ASP G 371 -5.76 -35.33 -4.91
C ASP G 371 -4.98 -36.56 -5.35
N ALA G 372 -5.46 -37.73 -4.90
CA ALA G 372 -4.88 -38.98 -5.39
C ALA G 372 -5.23 -39.23 -6.85
N SER G 373 -6.28 -38.58 -7.35
CA SER G 373 -6.68 -38.69 -8.74
C SER G 373 -5.92 -37.73 -9.66
N ALA G 374 -5.07 -36.86 -9.10
CA ALA G 374 -4.38 -35.88 -9.93
C ALA G 374 -3.45 -36.56 -10.93
N GLY G 375 -2.64 -37.51 -10.45
CA GLY G 375 -1.72 -38.26 -11.31
C GLY G 375 -2.37 -38.80 -12.57
N SER G 376 -3.44 -39.59 -12.41
CA SER G 376 -4.17 -40.10 -13.58
C SER G 376 -4.71 -38.95 -14.44
N LYS G 377 -5.15 -37.87 -13.81
CA LYS G 377 -5.67 -36.76 -14.60
C LYS G 377 -4.59 -36.15 -15.49
N VAL G 378 -3.39 -35.92 -14.94
CA VAL G 378 -2.32 -35.36 -15.74
C VAL G 378 -1.91 -36.32 -16.86
N VAL G 379 -1.75 -37.62 -16.55
CA VAL G 379 -1.37 -38.58 -17.58
C VAL G 379 -2.43 -38.66 -18.67
N ASP G 380 -3.71 -38.75 -18.27
CA ASP G 380 -4.79 -38.83 -19.24
C ASP G 380 -4.90 -37.57 -20.10
N GLY G 381 -4.40 -36.45 -19.61
CA GLY G 381 -4.49 -35.22 -20.39
C GLY G 381 -3.39 -35.03 -21.41
N LEU G 382 -2.32 -35.85 -21.35
CA LEU G 382 -1.24 -35.74 -22.31
C LEU G 382 -1.71 -36.12 -23.70
N LYS G 383 -1.26 -35.38 -24.70
CA LYS G 383 -1.64 -35.65 -26.09
C LYS G 383 -0.46 -36.06 -26.96
N LEU G 384 0.76 -35.93 -26.47
CA LEU G 384 1.95 -36.40 -27.16
C LEU G 384 2.59 -37.60 -26.47
N VAL G 385 2.84 -37.49 -25.16
CA VAL G 385 3.31 -38.62 -24.36
C VAL G 385 2.24 -39.70 -24.34
N SER G 386 2.65 -40.94 -24.53
CA SER G 386 1.74 -42.08 -24.57
C SER G 386 1.70 -42.78 -23.21
N ASN G 387 0.50 -43.19 -22.79
CA ASN G 387 0.29 -43.95 -21.55
C ASN G 387 0.30 -45.44 -21.88
N LEU G 388 1.38 -46.15 -21.51
CA LEU G 388 1.52 -47.57 -21.87
C LEU G 388 2.66 -48.23 -21.08
N ALA G 389 2.76 -49.57 -21.23
CA ALA G 389 3.79 -50.38 -20.56
C ALA G 389 4.98 -50.60 -21.50
N ASN G 390 6.01 -49.79 -21.33
CA ASN G 390 7.30 -49.93 -22.00
C ASN G 390 8.16 -48.81 -21.46
N VAL G 391 9.47 -48.95 -21.66
CA VAL G 391 10.40 -47.84 -21.50
C VAL G 391 11.39 -47.89 -22.64
N GLY G 392 12.06 -46.77 -22.87
CA GLY G 392 13.11 -46.80 -23.88
C GLY G 392 12.63 -46.82 -25.30
N ASP G 393 11.40 -46.39 -25.54
CA ASP G 393 10.93 -46.08 -26.89
C ASP G 393 11.47 -44.71 -27.32
N ALA G 394 11.62 -44.50 -28.63
CA ALA G 394 11.94 -43.15 -29.10
C ALA G 394 10.83 -42.16 -28.74
N LYS G 395 9.57 -42.62 -28.72
CA LYS G 395 8.45 -41.80 -28.23
C LYS G 395 8.43 -41.71 -26.71
N SER G 396 8.06 -40.54 -26.20
CA SER G 396 7.91 -40.33 -24.77
C SER G 396 6.72 -41.15 -24.24
N LEU G 397 6.89 -41.73 -23.04
CA LEU G 397 5.92 -42.62 -22.41
C LEU G 397 5.76 -42.27 -20.95
N ALA G 398 4.57 -42.53 -20.40
CA ALA G 398 4.25 -42.34 -18.98
C ALA G 398 3.37 -43.50 -18.49
N ILE G 399 3.53 -43.88 -17.22
CA ILE G 399 2.74 -44.94 -16.61
C ILE G 399 2.82 -44.80 -15.09
N HIS G 400 1.88 -45.45 -14.38
CA HIS G 400 1.70 -45.46 -12.93
C HIS G 400 2.11 -46.84 -12.39
N PRO G 401 3.35 -47.03 -11.97
CA PRO G 401 3.83 -48.42 -11.74
C PRO G 401 3.13 -49.15 -10.59
N TRP G 402 2.55 -48.40 -9.64
CA TRP G 402 1.89 -48.99 -8.49
C TRP G 402 0.76 -49.92 -8.92
N SER G 403 0.04 -49.56 -9.98
CA SER G 403 -1.05 -50.35 -10.52
C SER G 403 -0.68 -51.07 -11.82
N THR G 404 0.58 -51.01 -12.26
CA THR G 404 0.94 -51.69 -13.50
C THR G 404 2.18 -52.57 -13.36
N THR G 405 3.37 -52.02 -13.59
CA THR G 405 4.59 -52.84 -13.64
C THR G 405 4.92 -53.46 -12.28
N HIS G 406 4.50 -52.83 -11.18
CA HIS G 406 4.73 -53.38 -9.85
C HIS G 406 3.43 -53.85 -9.18
N GLU G 407 2.37 -54.07 -9.98
CA GLU G 407 1.05 -54.40 -9.43
C GLU G 407 1.06 -55.73 -8.68
N GLN G 408 1.90 -56.67 -9.08
CA GLN G 408 1.89 -57.99 -8.45
C GLN G 408 2.50 -57.96 -7.05
N LEU G 409 3.26 -56.92 -6.72
CA LEU G 409 3.89 -56.83 -5.42
C LEU G 409 2.90 -56.29 -4.38
N SER G 410 3.07 -56.74 -3.14
CA SER G 410 2.33 -56.14 -2.03
C SER G 410 2.78 -54.69 -1.84
N GLU G 411 2.03 -53.94 -1.03
CA GLU G 411 2.39 -52.54 -0.83
C GLU G 411 3.74 -52.40 -0.13
N ASP G 412 4.06 -53.34 0.76
CA ASP G 412 5.38 -53.36 1.39
C ASP G 412 6.47 -53.58 0.36
N GLU G 413 6.26 -54.55 -0.54
CA GLU G 413 7.25 -54.86 -1.57
C GLU G 413 7.43 -53.68 -2.53
N ARG G 414 6.34 -52.97 -2.84
CA ARG G 414 6.46 -51.81 -3.71
C ARG G 414 7.29 -50.71 -3.07
N LEU G 415 7.00 -50.38 -1.80
CA LEU G 415 7.80 -49.34 -1.15
C LEU G 415 9.26 -49.77 -0.97
N ALA G 416 9.51 -51.07 -0.79
CA ALA G 416 10.87 -51.58 -0.72
C ALA G 416 11.58 -51.56 -2.08
N SER G 417 10.86 -51.34 -3.18
CA SER G 417 11.49 -50.99 -4.45
C SER G 417 11.21 -49.54 -4.82
N GLY G 418 10.84 -48.72 -3.83
CA GLY G 418 10.74 -47.29 -4.03
C GLY G 418 9.53 -46.83 -4.80
N VAL G 419 8.57 -47.71 -5.04
CA VAL G 419 7.32 -47.36 -5.72
C VAL G 419 6.28 -46.96 -4.68
N THR G 420 5.74 -45.76 -4.85
CA THR G 420 4.63 -45.27 -4.03
C THR G 420 3.46 -44.98 -4.94
N GLU G 421 2.33 -44.63 -4.33
CA GLU G 421 1.09 -44.50 -5.09
C GLU G 421 1.03 -43.22 -5.91
N ASP G 422 1.73 -42.15 -5.53
CA ASP G 422 1.68 -40.93 -6.32
C ASP G 422 2.76 -40.82 -7.40
N MET G 423 3.57 -41.87 -7.60
CA MET G 423 4.68 -41.82 -8.54
C MET G 423 4.19 -41.98 -9.98
N ILE G 424 4.58 -41.04 -10.85
CA ILE G 424 4.42 -41.16 -12.31
C ILE G 424 5.79 -41.43 -12.91
N ARG G 425 5.94 -42.58 -13.54
CA ARG G 425 7.19 -42.93 -14.22
C ARG G 425 7.17 -42.36 -15.63
N ILE G 426 8.22 -41.61 -16.00
CA ILE G 426 8.30 -41.02 -17.33
C ILE G 426 9.55 -41.52 -18.05
N SER G 427 9.33 -42.15 -19.19
CA SER G 427 10.41 -42.53 -20.09
C SER G 427 10.49 -41.42 -21.14
N VAL G 428 11.50 -40.58 -21.04
CA VAL G 428 11.58 -39.40 -21.87
C VAL G 428 12.09 -39.78 -23.26
N GLY G 429 11.35 -39.36 -24.29
CA GLY G 429 11.68 -39.71 -25.67
C GLY G 429 12.62 -38.73 -26.31
N ILE G 430 12.79 -38.88 -27.64
CA ILE G 430 13.70 -38.02 -28.38
C ILE G 430 12.96 -36.94 -29.19
N GLU G 431 11.66 -36.75 -28.97
CA GLU G 431 10.95 -35.61 -29.53
C GLU G 431 11.66 -34.32 -29.14
N HIS G 432 11.35 -33.25 -29.87
CA HIS G 432 11.82 -31.93 -29.44
C HIS G 432 11.32 -31.65 -28.04
N VAL G 433 12.24 -31.22 -27.15
CA VAL G 433 11.85 -31.11 -25.75
C VAL G 433 10.85 -29.98 -25.51
N ASP G 434 10.81 -28.95 -26.36
CA ASP G 434 9.76 -27.94 -26.21
C ASP G 434 8.38 -28.57 -26.36
N ASP G 435 8.23 -29.53 -27.27
CA ASP G 435 6.93 -30.17 -27.45
C ASP G 435 6.58 -31.08 -26.28
N ILE G 436 7.56 -31.79 -25.71
CA ILE G 436 7.31 -32.58 -24.51
C ILE G 436 6.82 -31.68 -23.39
N ILE G 437 7.58 -30.62 -23.10
CA ILE G 437 7.21 -29.67 -22.05
C ILE G 437 5.83 -29.06 -22.33
N ALA G 438 5.60 -28.61 -23.57
CA ALA G 438 4.30 -28.04 -23.89
C ALA G 438 3.18 -29.05 -23.66
N ASP G 439 3.44 -30.34 -23.89
CA ASP G 439 2.40 -31.34 -23.65
C ASP G 439 2.05 -31.41 -22.16
N PHE G 440 3.05 -31.36 -21.29
CA PHE G 440 2.76 -31.37 -19.85
C PHE G 440 2.11 -30.05 -19.43
N GLU G 441 2.60 -28.94 -19.96
CA GLU G 441 2.03 -27.63 -19.61
C GLU G 441 0.52 -27.61 -19.86
N GLN G 442 0.08 -27.98 -21.07
CA GLN G 442 -1.35 -27.98 -21.35
C GLN G 442 -2.11 -29.03 -20.54
N SER G 443 -1.49 -30.18 -20.28
CA SER G 443 -2.17 -31.14 -19.41
C SER G 443 -2.30 -30.59 -17.98
N PHE G 444 -1.28 -29.87 -17.51
CA PHE G 444 -1.35 -29.25 -16.20
C PHE G 444 -2.47 -28.22 -16.15
N GLN G 445 -2.65 -27.47 -17.22
CA GLN G 445 -3.72 -26.49 -17.20
C GLN G 445 -5.09 -27.13 -17.15
N LYS G 446 -5.31 -28.21 -17.89
CA LYS G 446 -6.61 -28.85 -17.81
C LYS G 446 -6.87 -29.43 -16.44
N ALA G 447 -5.82 -29.95 -15.79
CA ALA G 447 -6.00 -30.60 -14.50
C ALA G 447 -6.21 -29.59 -13.37
N TYR G 448 -5.43 -28.50 -13.38
CA TYR G 448 -5.39 -27.57 -12.25
C TYR G 448 -5.89 -26.16 -12.55
N GLY G 449 -6.18 -25.83 -13.81
CA GLY G 449 -6.41 -24.44 -14.17
C GLY G 449 -5.14 -23.65 -13.95
N PHE H 23 80.80 24.91 2.81
CA PHE H 23 80.44 26.31 3.01
C PHE H 23 80.22 26.56 4.48
N GLN H 24 80.20 27.83 4.82
CA GLN H 24 80.00 28.24 6.19
C GLN H 24 78.63 28.87 6.40
N ASN H 25 78.18 29.65 5.44
CA ASN H 25 77.06 30.55 5.68
C ASN H 25 75.74 29.82 5.48
N PHE H 26 74.89 29.91 6.50
CA PHE H 26 73.53 29.39 6.44
C PHE H 26 72.85 29.70 5.10
N GLU H 27 72.97 30.94 4.65
CA GLU H 27 72.23 31.38 3.47
C GLU H 27 72.72 30.67 2.22
N THR H 28 73.96 30.21 2.20
CA THR H 28 74.44 29.45 1.05
C THR H 28 74.05 27.98 1.18
N LEU H 29 74.17 27.43 2.39
CA LEU H 29 73.89 26.02 2.60
C LEU H 29 72.41 25.69 2.33
N GLN H 30 71.51 26.62 2.65
CA GLN H 30 70.09 26.37 2.45
C GLN H 30 69.72 26.22 0.98
N LEU H 31 70.61 26.61 0.06
CA LEU H 31 70.40 26.43 -1.37
C LEU H 31 71.18 25.28 -1.98
N HIS H 32 72.27 24.83 -1.36
CA HIS H 32 73.23 23.98 -2.06
C HIS H 32 73.60 22.67 -1.36
N ALA H 33 73.50 22.62 -0.03
CA ALA H 33 73.98 21.45 0.70
C ALA H 33 73.16 20.22 0.36
N GLY H 34 73.84 19.09 0.17
CA GLY H 34 73.16 17.82 0.02
C GLY H 34 72.70 17.46 -1.37
N TYR H 35 73.01 18.27 -2.39
CA TYR H 35 72.54 17.92 -3.73
C TYR H 35 73.51 18.40 -4.79
N THR H 36 73.79 17.51 -5.73
CA THR H 36 74.50 17.82 -6.95
C THR H 36 73.66 17.24 -8.09
N PRO H 37 73.40 18.00 -9.15
CA PRO H 37 72.68 17.43 -10.30
C PRO H 37 73.32 16.12 -10.75
N ASP H 38 72.50 15.09 -10.91
CA ASP H 38 73.02 13.80 -11.36
C ASP H 38 73.46 13.91 -12.83
N PRO H 39 74.49 13.18 -13.22
CA PRO H 39 75.03 13.36 -14.59
C PRO H 39 74.12 12.84 -15.70
N HIS H 40 73.09 12.04 -15.38
CA HIS H 40 72.22 11.55 -16.44
C HIS H 40 71.18 12.59 -16.88
N THR H 41 70.49 13.25 -15.95
CA THR H 41 69.55 14.27 -16.39
C THR H 41 70.06 15.70 -16.23
N ARG H 42 71.03 15.91 -15.33
CA ARG H 42 71.59 17.23 -14.99
C ARG H 42 70.55 18.20 -14.42
N SER H 43 69.42 17.69 -13.93
CA SER H 43 68.38 18.53 -13.35
C SER H 43 68.93 19.46 -12.26
N THR H 44 68.71 20.76 -12.46
CA THR H 44 69.21 21.78 -11.54
C THR H 44 68.45 21.80 -10.22
N ALA H 45 67.14 21.65 -10.25
CA ALA H 45 66.29 21.53 -9.09
C ALA H 45 66.18 20.06 -8.69
N VAL H 46 65.80 19.82 -7.43
CA VAL H 46 65.69 18.45 -6.92
C VAL H 46 64.47 17.75 -7.52
N PRO H 47 64.63 16.64 -8.24
CA PRO H 47 63.47 15.87 -8.71
C PRO H 47 62.67 15.29 -7.56
N ILE H 48 61.39 15.01 -7.86
CA ILE H 48 60.48 14.32 -6.94
C ILE H 48 60.47 12.85 -7.32
N TYR H 49 61.11 12.03 -6.49
CA TYR H 49 61.23 10.60 -6.76
C TYR H 49 60.00 9.93 -6.19
N ALA H 50 58.90 10.00 -6.97
CA ALA H 50 57.62 9.44 -6.55
C ALA H 50 57.62 7.95 -6.90
N THR H 51 58.43 7.22 -6.13
CA THR H 51 58.60 5.78 -6.35
C THR H 51 58.59 5.08 -5.01
N SER H 52 57.87 3.96 -4.95
CA SER H 52 58.01 3.13 -3.76
C SER H 52 59.33 2.36 -3.76
N SER H 53 59.88 2.01 -4.94
CA SER H 53 60.96 1.03 -5.02
C SER H 53 62.07 1.44 -6.00
N TYR H 54 63.13 0.62 -6.01
CA TYR H 54 64.36 0.88 -6.75
C TYR H 54 64.89 -0.44 -7.26
N THR H 55 64.97 -0.58 -8.58
CA THR H 55 65.27 -1.86 -9.20
C THR H 55 66.71 -2.25 -8.92
N PHE H 56 66.91 -3.47 -8.42
CA PHE H 56 68.26 -3.99 -8.19
C PHE H 56 69.00 -4.17 -9.51
N ASN H 57 70.32 -4.00 -9.45
CA ASN H 57 71.15 -4.32 -10.62
C ASN H 57 71.09 -5.81 -10.93
N ASP H 58 71.02 -6.64 -9.89
CA ASP H 58 70.91 -8.09 -9.98
C ASP H 58 70.63 -8.60 -8.56
N SER H 59 70.42 -9.91 -8.44
CA SER H 59 70.00 -10.46 -7.15
C SER H 59 71.05 -10.28 -6.07
N ALA H 60 72.33 -10.44 -6.44
CA ALA H 60 73.39 -10.28 -5.45
C ALA H 60 73.40 -8.87 -4.88
N HIS H 61 73.13 -7.88 -5.74
CA HIS H 61 73.06 -6.49 -5.31
C HIS H 61 71.93 -6.28 -4.31
N GLY H 62 70.75 -6.83 -4.61
CA GLY H 62 69.64 -6.71 -3.67
C GLY H 62 69.97 -7.35 -2.33
N ALA H 63 70.70 -8.47 -2.35
CA ALA H 63 71.09 -9.11 -1.11
C ALA H 63 72.06 -8.25 -0.32
N ARG H 64 73.00 -7.61 -1.02
CA ARG H 64 73.96 -6.74 -0.33
C ARG H 64 73.27 -5.53 0.27
N LEU H 65 72.28 -4.95 -0.43
CA LEU H 65 71.53 -3.84 0.13
C LEU H 65 70.79 -4.27 1.39
N PHE H 66 70.02 -5.36 1.30
CA PHE H 66 69.23 -5.81 2.45
C PHE H 66 70.12 -6.26 3.60
N GLY H 67 71.34 -6.70 3.31
CA GLY H 67 72.27 -7.11 4.34
C GLY H 67 73.09 -5.98 4.92
N LEU H 68 72.79 -4.73 4.55
CA LEU H 68 73.53 -3.55 5.00
C LEU H 68 75.02 -3.65 4.65
N LYS H 69 75.34 -4.43 3.62
CA LYS H 69 76.71 -4.55 3.11
C LYS H 69 77.08 -3.45 2.11
N GLU H 70 76.13 -2.62 1.68
CA GLU H 70 76.36 -1.64 0.62
C GLU H 70 75.28 -0.56 0.70
N LEU H 71 75.66 0.70 0.54
CA LEU H 71 74.69 1.79 0.59
C LEU H 71 74.00 1.93 -0.77
N GLY H 72 72.68 2.10 -0.74
CA GLY H 72 71.90 2.26 -1.95
C GLY H 72 70.41 2.26 -1.66
N ASN H 73 69.61 2.78 -2.60
CA ASN H 73 68.17 2.88 -2.41
C ASN H 73 67.53 1.49 -2.48
N ILE H 74 66.64 1.21 -1.53
CA ILE H 74 65.91 -0.05 -1.45
C ILE H 74 64.41 0.16 -1.55
N TYR H 75 63.88 1.08 -0.75
CA TYR H 75 62.44 1.18 -0.56
C TYR H 75 62.17 2.47 0.20
N SER H 76 61.14 3.21 -0.22
CA SER H 76 60.94 4.57 0.24
C SER H 76 60.39 4.65 1.65
N ARG H 77 59.94 3.53 2.25
CA ARG H 77 59.69 3.57 3.70
C ARG H 77 60.96 3.94 4.44
N LEU H 78 62.11 3.59 3.87
CA LEU H 78 63.44 3.73 4.48
C LEU H 78 64.19 4.95 3.94
N MET H 79 64.19 5.13 2.62
CA MET H 79 65.02 6.17 2.02
C MET H 79 64.43 6.54 0.67
N ASN H 80 64.78 7.75 0.23
CA ASN H 80 64.25 8.33 -0.99
C ASN H 80 65.18 9.46 -1.36
N PRO H 81 65.64 9.53 -2.62
CA PRO H 81 66.63 10.58 -2.97
C PRO H 81 66.11 11.99 -2.77
N THR H 82 64.80 12.25 -2.92
CA THR H 82 64.31 13.60 -2.62
C THR H 82 64.37 13.87 -1.12
N VAL H 83 63.93 12.89 -0.32
CA VAL H 83 63.98 13.03 1.14
C VAL H 83 65.42 13.14 1.61
N ASP H 84 66.32 12.38 0.97
CA ASP H 84 67.74 12.42 1.29
C ASP H 84 68.32 13.83 1.17
N VAL H 85 67.97 14.58 0.11
CA VAL H 85 68.46 15.97 0.04
C VAL H 85 67.96 16.76 1.24
N PHE H 86 66.68 16.63 1.56
CA PHE H 86 66.10 17.33 2.70
C PHE H 86 66.87 17.00 3.99
N GLU H 87 67.13 15.70 4.24
CA GLU H 87 67.88 15.30 5.43
C GLU H 87 69.29 15.88 5.45
N LYS H 88 70.04 15.73 4.35
CA LYS H 88 71.41 16.24 4.32
C LYS H 88 71.44 17.76 4.50
N ARG H 89 70.48 18.48 3.92
CA ARG H 89 70.48 19.94 4.03
C ARG H 89 70.18 20.38 5.46
N ILE H 90 69.16 19.81 6.09
CA ILE H 90 68.88 20.18 7.47
C ILE H 90 70.05 19.81 8.37
N ALA H 91 70.64 18.64 8.15
CA ALA H 91 71.82 18.28 8.93
C ALA H 91 72.91 19.33 8.76
N ALA H 92 73.14 19.78 7.52
CA ALA H 92 74.19 20.76 7.28
C ALA H 92 73.87 22.08 7.99
N LEU H 93 72.59 22.47 8.02
CA LEU H 93 72.26 23.76 8.62
C LEU H 93 72.43 23.73 10.13
N GLU H 94 72.18 22.57 10.74
CA GLU H 94 72.30 22.44 12.18
C GLU H 94 73.72 22.10 12.62
N GLY H 95 74.58 21.65 11.71
CA GLY H 95 75.90 21.20 12.09
C GLY H 95 75.93 19.80 12.63
N GLY H 96 74.94 18.95 12.28
CA GLY H 96 75.02 17.54 12.58
C GLY H 96 75.71 16.76 11.47
N ILE H 97 76.01 15.50 11.73
CA ILE H 97 76.57 14.66 10.68
C ILE H 97 75.49 14.07 9.79
N ALA H 98 74.26 13.93 10.26
CA ALA H 98 73.26 13.31 9.38
C ALA H 98 71.89 13.48 9.99
N ALA H 99 70.87 13.25 9.16
CA ALA H 99 69.50 13.37 9.62
C ALA H 99 68.60 12.30 9.04
N ALA H 100 67.46 12.12 9.70
CA ALA H 100 66.42 11.19 9.26
C ALA H 100 65.09 11.91 9.30
N ALA H 101 64.40 11.95 8.16
CA ALA H 101 63.12 12.64 8.07
C ALA H 101 61.99 11.76 8.59
N THR H 102 60.95 12.40 9.12
CA THR H 102 59.78 11.65 9.58
C THR H 102 58.50 12.31 9.07
N SER H 103 57.39 11.61 9.23
CA SER H 103 56.14 12.10 8.66
C SER H 103 55.61 13.31 9.41
N SER H 104 56.09 13.58 10.62
CA SER H 104 55.65 14.75 11.38
C SER H 104 56.67 15.04 12.47
N GLY H 105 56.58 16.24 13.04
CA GLY H 105 57.35 16.55 14.24
C GLY H 105 57.08 15.61 15.39
N GLN H 106 55.80 15.25 15.61
CA GLN H 106 55.50 14.28 16.68
C GLN H 106 56.24 12.97 16.45
N ALA H 107 56.31 12.50 15.21
CA ALA H 107 56.95 11.22 14.93
C ALA H 107 58.46 11.31 15.10
N ALA H 108 59.06 12.45 14.80
CA ALA H 108 60.49 12.61 15.06
C ALA H 108 60.81 12.48 16.55
N GLN H 109 59.94 13.04 17.41
CA GLN H 109 60.12 12.86 18.84
C GLN H 109 59.91 11.41 19.26
N PHE H 110 58.84 10.80 18.76
CA PHE H 110 58.53 9.44 19.18
C PHE H 110 59.63 8.47 18.80
N LEU H 111 60.13 8.54 17.56
CA LEU H 111 61.17 7.62 17.12
C LEU H 111 62.47 7.85 17.90
N THR H 112 62.78 9.10 18.23
CA THR H 112 63.99 9.38 18.99
C THR H 112 63.93 8.72 20.38
N ILE H 113 62.85 8.95 21.10
CA ILE H 113 62.74 8.41 22.46
C ILE H 113 62.59 6.89 22.45
N ALA H 114 61.86 6.34 21.48
CA ALA H 114 61.75 4.88 21.34
C ALA H 114 63.09 4.22 21.04
N THR H 115 64.06 4.99 20.53
CA THR H 115 65.37 4.45 20.28
C THR H 115 66.27 4.56 21.49
N LEU H 116 66.05 5.58 22.32
CA LEU H 116 66.89 5.76 23.48
C LEU H 116 66.38 4.93 24.66
N ALA H 117 65.07 4.70 24.74
CA ALA H 117 64.41 4.13 25.91
C ALA H 117 63.53 2.97 25.53
N LYS H 118 63.29 2.09 26.51
CA LYS H 118 62.33 1.01 26.35
C LYS H 118 61.60 0.82 27.68
N ALA H 119 60.68 -0.13 27.72
CA ALA H 119 59.88 -0.36 28.93
C ALA H 119 60.78 -0.51 30.17
N GLY H 120 60.45 0.25 31.20
CA GLY H 120 61.23 0.31 32.42
C GLY H 120 62.18 1.48 32.50
N ASP H 121 62.34 2.25 31.42
CA ASP H 121 63.22 3.41 31.34
C ASP H 121 62.42 4.69 31.56
N ASN H 122 63.13 5.78 31.78
CA ASN H 122 62.52 7.10 31.91
C ASN H 122 63.41 8.14 31.22
N ILE H 123 62.84 9.33 30.98
CA ILE H 123 63.62 10.48 30.53
C ILE H 123 63.27 11.65 31.44
N VAL H 124 64.19 12.62 31.49
CA VAL H 124 63.98 13.85 32.25
C VAL H 124 63.68 14.96 31.25
N ALA H 125 62.58 15.67 31.44
CA ALA H 125 62.09 16.63 30.47
C ALA H 125 61.72 17.93 31.17
N SER H 126 61.96 19.04 30.49
CA SER H 126 61.37 20.28 30.95
C SER H 126 59.85 20.17 30.92
N SER H 127 59.19 20.86 31.86
CA SER H 127 57.74 20.91 31.80
C SER H 127 57.23 21.97 30.83
N HIS H 128 58.10 22.84 30.30
CA HIS H 128 57.69 23.87 29.33
C HIS H 128 57.77 23.26 27.93
N LEU H 129 56.64 22.72 27.47
CA LEU H 129 56.59 21.96 26.23
C LEU H 129 55.37 22.34 25.41
N TYR H 130 55.50 22.13 24.11
CA TYR H 130 54.35 22.05 23.23
C TYR H 130 53.36 21.03 23.78
N GLY H 131 52.07 21.34 23.68
CA GLY H 131 51.05 20.50 24.30
C GLY H 131 51.03 19.07 23.78
N GLY H 132 51.22 18.89 22.47
CA GLY H 132 51.32 17.55 21.91
C GLY H 132 52.50 16.76 22.45
N THR H 133 53.63 17.41 22.66
CA THR H 133 54.77 16.73 23.28
C THR H 133 54.45 16.32 24.71
N TYR H 134 53.89 17.25 25.50
CA TYR H 134 53.55 16.91 26.88
C TYR H 134 52.64 15.71 26.93
N ASN H 135 51.62 15.67 26.05
CA ASN H 135 50.70 14.54 26.08
C ASN H 135 51.39 13.26 25.64
N GLN H 136 52.28 13.35 24.65
CA GLN H 136 53.09 12.21 24.25
C GLN H 136 53.90 11.66 25.43
N LEU H 137 54.56 12.53 26.20
CA LEU H 137 55.43 12.06 27.28
C LEU H 137 54.66 11.69 28.54
N ASN H 138 53.53 12.34 28.80
CA ASN H 138 52.78 12.11 30.01
C ASN H 138 51.73 11.02 29.91
N VAL H 139 51.22 10.70 28.72
CA VAL H 139 50.10 9.78 28.57
C VAL H 139 50.44 8.63 27.63
N LEU H 140 51.07 8.92 26.50
CA LEU H 140 51.29 7.89 25.49
C LEU H 140 52.48 6.98 25.85
N LEU H 141 53.65 7.56 26.05
CA LEU H 141 54.83 6.74 26.32
C LEU H 141 54.69 5.88 27.59
N PRO H 142 54.03 6.32 28.67
CA PRO H 142 53.86 5.42 29.83
C PRO H 142 53.15 4.11 29.50
N ARG H 143 52.24 4.10 28.53
CA ARG H 143 51.61 2.84 28.16
C ARG H 143 52.64 1.83 27.66
N PHE H 144 53.80 2.31 27.21
CA PHE H 144 54.88 1.43 26.78
C PHE H 144 55.94 1.28 27.85
N GLY H 145 55.61 1.62 29.10
CA GLY H 145 56.54 1.49 30.19
C GLY H 145 57.66 2.51 30.18
N ILE H 146 57.52 3.59 29.41
CA ILE H 146 58.51 4.66 29.34
C ILE H 146 57.94 5.88 30.04
N LYS H 147 58.57 6.30 31.12
CA LYS H 147 58.03 7.35 31.97
C LYS H 147 58.86 8.62 31.83
N THR H 148 58.24 9.74 32.16
CA THR H 148 58.93 11.01 32.11
C THR H 148 58.85 11.70 33.47
N LYS H 149 59.97 12.26 33.89
CA LYS H 149 60.02 13.12 35.07
C LYS H 149 60.13 14.57 34.59
N PHE H 150 59.11 15.37 34.90
CA PHE H 150 59.07 16.75 34.46
C PHE H 150 59.73 17.67 35.48
N VAL H 151 60.53 18.60 34.96
CA VAL H 151 61.27 19.57 35.77
C VAL H 151 60.79 20.96 35.37
N ARG H 152 60.32 21.73 36.34
CA ARG H 152 59.68 23.00 36.04
C ARG H 152 60.63 24.19 36.13
N SER H 153 61.60 24.14 37.04
CA SER H 153 62.32 25.34 37.46
C SER H 153 63.39 25.79 36.48
N GLY H 154 63.84 24.93 35.57
CA GLY H 154 65.01 25.27 34.78
C GLY H 154 66.34 25.17 35.50
N LYS H 155 66.37 24.79 36.78
CA LYS H 155 67.60 24.81 37.58
C LYS H 155 68.41 23.54 37.35
N LEU H 156 69.73 23.72 37.22
CA LEU H 156 70.61 22.58 36.97
C LEU H 156 70.46 21.51 38.04
N GLU H 157 70.32 21.90 39.30
CA GLU H 157 70.23 20.92 40.38
C GLU H 157 68.94 20.12 40.30
N ASP H 158 67.85 20.73 39.82
CA ASP H 158 66.60 19.98 39.69
C ASP H 158 66.67 18.98 38.53
N TYR H 159 67.44 19.29 37.48
CA TYR H 159 67.68 18.31 36.42
C TYR H 159 68.49 17.15 36.95
N ALA H 160 69.62 17.44 37.62
CA ALA H 160 70.47 16.38 38.20
C ALA H 160 69.69 15.50 39.17
N ALA H 161 68.88 16.10 40.04
CA ALA H 161 68.21 15.30 41.06
C ALA H 161 67.18 14.35 40.46
N ALA H 162 66.71 14.61 39.23
CA ALA H 162 65.74 13.72 38.60
C ALA H 162 66.40 12.50 37.91
N ILE H 163 67.71 12.53 37.68
CA ILE H 163 68.33 11.40 37.01
C ILE H 163 68.39 10.21 37.95
N ASP H 164 68.07 9.02 37.42
CA ASP H 164 68.38 7.79 38.13
C ASP H 164 68.98 6.80 37.12
N ASP H 165 69.19 5.56 37.55
CA ASP H 165 69.96 4.60 36.76
C ASP H 165 69.25 4.22 35.47
N GLN H 166 67.93 4.37 35.42
CA GLN H 166 67.09 4.06 34.27
C GLN H 166 66.86 5.28 33.36
N THR H 167 67.41 6.45 33.67
CA THR H 167 67.19 7.62 32.83
C THR H 167 67.94 7.48 31.51
N ARG H 168 67.29 7.89 30.40
CA ARG H 168 67.90 7.72 29.09
C ARG H 168 68.15 9.02 28.34
N ALA H 169 67.58 10.15 28.76
CA ALA H 169 67.81 11.40 28.07
C ALA H 169 67.34 12.53 28.96
N ILE H 170 67.91 13.71 28.73
CA ILE H 170 67.28 14.96 29.12
C ILE H 170 66.69 15.58 27.85
N TYR H 171 65.43 16.01 27.93
CA TYR H 171 64.69 16.54 26.80
C TYR H 171 64.22 17.96 27.11
N VAL H 172 64.62 18.94 26.29
CA VAL H 172 64.13 20.32 26.38
C VAL H 172 63.86 20.87 24.97
N GLU H 173 62.97 21.87 24.91
CA GLU H 173 62.77 22.68 23.72
C GLU H 173 63.73 23.86 23.78
N SER H 174 64.28 24.25 22.63
CA SER H 174 65.25 25.34 22.62
C SER H 174 64.61 26.66 22.99
N MET H 175 63.31 26.81 22.70
CA MET H 175 62.53 27.98 23.06
C MET H 175 61.10 27.49 23.23
N SER H 176 60.63 27.46 24.48
CA SER H 176 59.38 26.76 24.77
C SER H 176 58.19 27.48 24.16
N ASN H 177 57.19 26.68 23.81
CA ASN H 177 55.99 27.07 23.10
C ASN H 177 54.85 27.02 24.12
N PRO H 178 54.30 28.14 24.59
CA PRO H 178 54.44 29.51 24.12
C PRO H 178 54.90 30.54 25.17
N ASP H 179 55.70 30.13 26.17
CA ASP H 179 56.27 31.11 27.11
C ASP H 179 57.71 31.48 26.77
N TYR H 180 58.32 30.82 25.78
CA TYR H 180 59.64 31.19 25.23
C TYR H 180 60.76 31.13 26.28
N VAL H 181 60.71 30.11 27.14
CA VAL H 181 61.82 29.83 28.03
C VAL H 181 63.00 29.30 27.21
N VAL H 182 64.15 29.94 27.33
CA VAL H 182 65.39 29.45 26.76
C VAL H 182 66.13 28.71 27.86
N PRO H 183 66.51 27.44 27.68
CA PRO H 183 67.22 26.72 28.73
C PRO H 183 68.71 27.04 28.73
N ASP H 184 69.36 26.74 29.86
CA ASP H 184 70.81 26.83 29.96
C ASP H 184 71.40 25.61 29.23
N PHE H 185 71.52 25.74 27.91
CA PHE H 185 71.96 24.61 27.08
C PHE H 185 73.25 23.99 27.61
N GLU H 186 74.26 24.83 27.87
CA GLU H 186 75.58 24.29 28.24
C GLU H 186 75.56 23.64 29.62
N GLY H 187 74.93 24.29 30.60
CA GLY H 187 74.82 23.68 31.92
C GLY H 187 74.08 22.35 31.92
N ILE H 188 72.99 22.26 31.15
CA ILE H 188 72.23 21.01 31.11
C ILE H 188 73.01 19.92 30.37
N ALA H 189 73.74 20.31 29.33
CA ALA H 189 74.53 19.33 28.61
C ALA H 189 75.62 18.75 29.52
N LYS H 190 76.23 19.61 30.33
CA LYS H 190 77.23 19.14 31.29
C LYS H 190 76.63 18.14 32.28
N ILE H 191 75.48 18.48 32.88
CA ILE H 191 74.78 17.57 33.78
C ILE H 191 74.49 16.23 33.09
N ALA H 192 73.89 16.30 31.90
CA ALA H 192 73.53 15.07 31.18
C ALA H 192 74.76 14.23 30.89
N HIS H 193 75.81 14.87 30.36
CA HIS H 193 76.98 14.12 29.96
C HIS H 193 77.72 13.52 31.16
N GLU H 194 77.74 14.23 32.30
CA GLU H 194 78.36 13.67 33.50
C GLU H 194 77.66 12.42 33.99
N HIS H 195 76.37 12.26 33.68
CA HIS H 195 75.63 11.05 33.99
C HIS H 195 75.55 10.08 32.82
N GLY H 196 76.23 10.38 31.71
CA GLY H 196 76.23 9.48 30.59
C GLY H 196 74.93 9.41 29.82
N ILE H 197 74.15 10.50 29.79
CA ILE H 197 72.94 10.48 28.97
C ILE H 197 73.02 11.60 27.95
N PRO H 198 72.33 11.48 26.82
CA PRO H 198 72.38 12.55 25.82
C PRO H 198 71.38 13.66 26.13
N LEU H 199 71.72 14.87 25.72
CA LEU H 199 70.79 15.99 25.71
C LEU H 199 70.06 16.03 24.35
N VAL H 200 68.73 15.88 24.39
CA VAL H 200 67.88 15.95 23.19
C VAL H 200 67.12 17.27 23.21
N VAL H 201 67.12 17.98 22.09
CA VAL H 201 66.58 19.33 22.05
C VAL H 201 65.61 19.43 20.88
N ASP H 202 64.39 19.89 21.15
CA ASP H 202 63.42 20.21 20.11
C ASP H 202 63.70 21.64 19.66
N ASN H 203 64.29 21.79 18.48
CA ASN H 203 64.69 23.10 18.00
C ASN H 203 63.70 23.69 16.99
N THR H 204 62.47 23.19 16.95
CA THR H 204 61.43 23.76 16.09
C THR H 204 61.43 25.29 16.10
N LEU H 205 61.36 25.90 17.28
CA LEU H 205 61.27 27.37 17.33
C LEU H 205 62.61 28.06 17.05
N GLY H 206 63.70 27.31 16.90
CA GLY H 206 64.93 27.89 16.41
C GLY H 206 65.04 28.04 14.92
N ALA H 207 63.99 27.66 14.17
CA ALA H 207 63.89 27.88 12.72
C ALA H 207 65.05 27.22 11.96
N GLY H 208 65.12 25.90 12.07
CA GLY H 208 66.11 25.12 11.35
C GLY H 208 67.56 25.44 11.68
N GLY H 209 67.83 25.98 12.85
CA GLY H 209 69.17 26.40 13.18
C GLY H 209 69.47 27.84 12.85
N TYR H 210 68.52 28.61 12.36
CA TYR H 210 68.85 30.00 12.10
C TYR H 210 68.94 30.80 13.39
N TYR H 211 67.98 30.62 14.30
CA TYR H 211 67.97 31.41 15.52
C TYR H 211 68.81 30.77 16.62
N ILE H 212 68.82 29.44 16.70
CA ILE H 212 69.49 28.70 17.76
C ILE H 212 70.07 27.45 17.12
N ARG H 213 71.28 27.08 17.52
CA ARG H 213 71.93 25.91 16.94
C ARG H 213 72.40 25.08 18.14
N PRO H 214 71.51 24.30 18.73
CA PRO H 214 71.81 23.62 20.01
C PRO H 214 73.00 22.66 19.96
N ILE H 215 73.37 22.12 18.79
CA ILE H 215 74.55 21.26 18.71
C ILE H 215 75.83 22.03 19.03
N GLU H 216 75.87 23.34 18.80
CA GLU H 216 77.07 24.09 19.16
C GLU H 216 77.17 24.32 20.66
N HIS H 217 76.15 23.97 21.43
CA HIS H 217 76.16 24.22 22.86
C HIS H 217 75.91 22.96 23.66
N GLY H 218 76.25 21.79 23.12
CA GLY H 218 76.20 20.55 23.87
C GLY H 218 75.05 19.61 23.54
N ALA H 219 74.10 19.98 22.68
CA ALA H 219 73.04 19.01 22.33
C ALA H 219 73.61 17.86 21.50
N ASP H 220 73.12 16.65 21.75
CA ASP H 220 73.56 15.48 21.01
C ASP H 220 72.61 15.09 19.88
N ILE H 221 71.31 15.33 20.07
CA ILE H 221 70.28 14.99 19.11
C ILE H 221 69.34 16.19 19.06
N VAL H 222 68.98 16.61 17.85
CA VAL H 222 68.05 17.73 17.67
C VAL H 222 66.89 17.23 16.84
N VAL H 223 65.66 17.56 17.27
CA VAL H 223 64.46 17.23 16.52
C VAL H 223 63.78 18.52 16.11
N HIS H 224 63.02 18.45 15.00
CA HIS H 224 62.23 19.55 14.46
C HIS H 224 60.88 19.05 13.99
N SER H 225 59.84 19.84 14.21
CA SER H 225 58.68 19.85 13.32
C SER H 225 59.04 20.68 12.10
N ALA H 226 59.27 20.03 10.96
CA ALA H 226 59.56 20.78 9.76
C ALA H 226 58.32 21.47 9.22
N THR H 227 57.15 21.15 9.77
CA THR H 227 55.88 21.78 9.44
C THR H 227 55.92 23.31 9.66
N LYS H 228 56.79 23.77 10.55
CA LYS H 228 56.77 25.20 11.01
C LYS H 228 57.70 26.01 10.05
N TRP H 229 58.67 26.74 10.60
CA TRP H 229 59.51 27.65 9.81
C TRP H 229 60.32 26.97 8.71
N ILE H 230 60.74 25.73 8.91
CA ILE H 230 61.52 25.04 7.88
C ILE H 230 60.73 25.00 6.57
N GLY H 231 59.50 24.50 6.63
CA GLY H 231 58.66 24.51 5.44
C GLY H 231 58.17 25.90 5.10
N GLY H 232 57.64 26.61 6.09
CA GLY H 232 57.47 28.04 5.98
C GLY H 232 56.23 28.53 5.27
N HIS H 233 55.48 27.64 4.60
CA HIS H 233 54.30 28.07 3.84
C HIS H 233 53.04 27.36 4.29
N GLY H 234 53.09 26.62 5.39
CA GLY H 234 51.90 25.96 5.88
C GLY H 234 51.27 25.01 4.90
N THR H 235 52.06 24.36 4.04
CA THR H 235 51.48 23.41 3.10
C THR H 235 51.66 21.97 3.50
N THR H 236 52.52 21.65 4.48
CA THR H 236 53.09 20.30 4.55
C THR H 236 53.43 19.93 5.98
N ILE H 237 52.97 18.76 6.44
CA ILE H 237 53.40 18.20 7.70
C ILE H 237 54.75 17.49 7.51
N GLY H 238 55.69 17.66 8.45
CA GLY H 238 56.89 16.84 8.41
C GLY H 238 57.76 17.01 9.64
N GLY H 239 58.62 15.99 9.88
CA GLY H 239 59.57 16.06 10.96
C GLY H 239 60.98 15.66 10.51
N VAL H 240 61.96 15.91 11.39
CA VAL H 240 63.33 15.51 11.08
C VAL H 240 64.14 15.38 12.38
N ILE H 241 64.99 14.35 12.39
CA ILE H 241 65.90 14.01 13.50
C ILE H 241 67.32 14.25 13.02
N VAL H 242 68.07 15.08 13.74
CA VAL H 242 69.46 15.40 13.41
C VAL H 242 70.35 14.81 14.49
N ASP H 243 71.34 14.03 14.08
CA ASP H 243 72.32 13.42 14.96
C ASP H 243 73.59 14.26 14.91
N SER H 244 74.03 14.75 16.07
CA SER H 244 75.29 15.47 16.12
C SER H 244 76.51 14.58 15.87
N GLY H 245 76.38 13.27 16.14
CA GLY H 245 77.56 12.43 16.07
C GLY H 245 78.54 12.57 17.22
N ARG H 246 78.20 13.32 18.27
CA ARG H 246 79.14 13.65 19.33
C ARG H 246 78.92 12.86 20.62
N PHE H 247 77.90 12.00 20.70
CA PHE H 247 77.69 11.20 21.90
C PHE H 247 78.36 9.85 21.73
N ASN H 248 79.30 9.53 22.62
CA ASN H 248 80.01 8.27 22.52
C ASN H 248 79.18 7.17 23.16
N TRP H 249 78.38 6.49 22.33
CA TRP H 249 77.53 5.41 22.81
C TRP H 249 78.36 4.28 23.43
N ASN H 250 79.59 4.10 22.97
CA ASN H 250 80.41 3.02 23.51
C ASN H 250 80.78 3.29 24.97
N LYS H 251 81.25 4.51 25.26
CA LYS H 251 81.58 4.88 26.62
C LYS H 251 80.38 4.82 27.57
N HIS H 252 79.15 4.77 27.06
CA HIS H 252 77.99 4.74 27.95
C HIS H 252 77.07 3.56 27.64
N SER H 253 77.66 2.43 27.21
CA SER H 253 76.91 1.23 26.87
C SER H 253 76.11 0.63 28.02
N ASP H 254 76.42 0.98 29.27
CA ASP H 254 75.64 0.43 30.39
C ASP H 254 74.22 0.99 30.40
N ARG H 255 74.06 2.22 29.90
CA ARG H 255 72.72 2.77 29.71
C ARG H 255 72.13 2.44 28.35
N PHE H 256 72.99 2.25 27.34
CA PHE H 256 72.56 2.06 25.95
C PHE H 256 73.21 0.81 25.38
N PRO H 257 72.87 -0.37 25.92
CA PRO H 257 73.50 -1.60 25.40
C PRO H 257 73.14 -1.92 23.94
N GLU H 258 71.94 -1.56 23.48
CA GLU H 258 71.59 -1.86 22.10
C GLU H 258 72.44 -1.07 21.11
N MET H 259 73.13 -0.04 21.55
CA MET H 259 74.02 0.66 20.63
C MET H 259 75.29 -0.12 20.34
N VAL H 260 75.66 -1.09 21.18
CA VAL H 260 76.95 -1.77 21.02
C VAL H 260 76.78 -3.28 20.92
N GLU H 261 75.79 -3.82 21.59
CA GLU H 261 75.63 -5.26 21.66
C GLU H 261 75.09 -5.83 20.36
N PRO H 262 75.28 -7.14 20.13
CA PRO H 262 74.77 -7.75 18.89
C PRO H 262 73.28 -7.52 18.73
N SER H 263 72.90 -7.03 17.58
CA SER H 263 71.52 -6.65 17.33
C SER H 263 70.69 -7.85 16.90
N PRO H 264 69.52 -8.09 17.52
CA PRO H 264 68.64 -9.18 17.07
C PRO H 264 67.94 -8.91 15.75
N SER H 265 67.92 -7.66 15.30
CA SER H 265 67.29 -7.33 14.02
C SER H 265 68.15 -7.77 12.83
N TYR H 266 69.48 -7.79 12.97
CA TYR H 266 70.39 -7.92 11.83
C TYR H 266 71.48 -8.95 12.12
N HIS H 267 71.07 -10.10 12.67
CA HIS H 267 71.95 -11.26 12.82
C HIS H 267 73.25 -10.91 13.54
N GLY H 268 73.10 -10.25 14.69
CA GLY H 268 74.25 -9.97 15.52
C GLY H 268 75.13 -8.82 15.09
N LEU H 269 74.66 -7.97 14.17
CA LEU H 269 75.42 -6.77 13.85
C LEU H 269 75.61 -5.91 15.09
N LYS H 270 76.79 -5.35 15.25
CA LYS H 270 77.11 -4.47 16.36
C LYS H 270 77.23 -3.05 15.83
N TYR H 271 76.25 -2.21 16.18
CA TYR H 271 76.10 -0.91 15.53
C TYR H 271 77.33 -0.02 15.73
N TRP H 272 77.77 0.14 16.99
CA TRP H 272 78.87 1.08 17.23
C TRP H 272 80.13 0.66 16.49
N GLU H 273 80.41 -0.64 16.42
CA GLU H 273 81.58 -1.11 15.68
C GLU H 273 81.43 -0.85 14.19
N ALA H 274 80.22 -0.99 13.66
CA ALA H 274 80.04 -0.80 12.22
C ALA H 274 79.93 0.67 11.84
N PHE H 275 79.24 1.49 12.66
CA PHE H 275 78.87 2.84 12.23
C PHE H 275 79.41 3.96 13.09
N GLY H 276 79.99 3.66 14.26
CA GLY H 276 80.62 4.69 15.06
C GLY H 276 79.71 5.86 15.38
N PRO H 277 80.19 7.08 15.11
CA PRO H 277 79.41 8.27 15.46
C PRO H 277 78.07 8.38 14.74
N ALA H 278 77.81 7.59 13.71
CA ALA H 278 76.52 7.58 13.04
C ALA H 278 75.60 6.47 13.56
N THR H 279 75.87 5.94 14.76
CA THR H 279 75.14 4.79 15.26
C THR H 279 73.68 5.13 15.55
N PHE H 280 73.43 6.24 16.23
CA PHE H 280 72.05 6.56 16.58
C PHE H 280 71.21 6.82 15.34
N ILE H 281 71.71 7.64 14.42
CA ILE H 281 70.91 7.94 13.24
C ILE H 281 70.77 6.70 12.34
N THR H 282 71.73 5.78 12.40
CA THR H 282 71.58 4.53 11.65
C THR H 282 70.45 3.67 12.23
N ARG H 283 70.40 3.53 13.56
CA ARG H 283 69.32 2.75 14.16
C ARG H 283 67.96 3.37 13.85
N ILE H 284 67.89 4.70 13.87
CA ILE H 284 66.63 5.37 13.52
C ILE H 284 66.12 4.86 12.18
N ARG H 285 67.02 4.75 11.19
CA ARG H 285 66.61 4.40 9.84
C ARG H 285 66.34 2.89 9.71
N VAL H 286 67.28 2.05 10.12
CA VAL H 286 67.17 0.61 9.84
C VAL H 286 66.38 -0.15 10.90
N GLU H 287 66.10 0.44 12.05
CA GLU H 287 65.15 -0.16 12.99
C GLU H 287 63.83 0.58 13.05
N MET H 288 63.86 1.89 13.23
CA MET H 288 62.63 2.60 13.60
C MET H 288 61.79 3.00 12.39
N LEU H 289 62.40 3.62 11.38
CA LEU H 289 61.66 3.88 10.15
C LEU H 289 61.22 2.57 9.50
N ARG H 290 62.05 1.54 9.60
CA ARG H 290 61.69 0.26 9.00
C ARG H 290 60.50 -0.37 9.72
N ASP H 291 60.45 -0.32 11.05
CA ASP H 291 59.44 -1.05 11.82
C ASP H 291 58.24 -0.19 12.26
N ILE H 292 58.45 1.08 12.56
CA ILE H 292 57.32 1.96 12.84
C ILE H 292 56.76 2.56 11.57
N GLY H 293 57.62 2.89 10.59
CA GLY H 293 57.16 3.29 9.27
C GLY H 293 56.56 4.67 9.20
N ALA H 294 57.05 5.62 10.00
CA ALA H 294 56.57 7.01 9.99
C ALA H 294 57.39 7.86 9.01
N CYS H 295 57.31 7.48 7.73
CA CYS H 295 58.18 8.04 6.70
C CYS H 295 57.59 9.30 6.07
N LEU H 296 58.46 10.08 5.44
CA LEU H 296 58.10 11.33 4.77
C LEU H 296 58.03 11.08 3.27
N SER H 297 56.94 11.51 2.65
CA SER H 297 56.86 11.28 1.21
C SER H 297 57.76 12.28 0.48
N PRO H 298 58.20 11.94 -0.73
CA PRO H 298 59.03 12.88 -1.50
C PRO H 298 58.28 14.11 -1.98
N PHE H 299 56.96 14.04 -2.16
CA PHE H 299 56.22 15.25 -2.46
C PHE H 299 56.33 16.24 -1.30
N SER H 300 56.24 15.74 -0.07
CA SER H 300 56.35 16.62 1.07
C SER H 300 57.75 17.18 1.18
N ALA H 301 58.76 16.33 0.96
CA ALA H 301 60.14 16.78 1.02
C ALA H 301 60.39 17.90 0.02
N GLN H 302 59.79 17.82 -1.18
CA GLN H 302 60.05 18.86 -2.17
C GLN H 302 59.38 20.17 -1.76
N GLN H 303 58.16 20.11 -1.21
CA GLN H 303 57.57 21.33 -0.64
C GLN H 303 58.49 21.91 0.43
N LEU H 304 59.03 21.06 1.30
CA LEU H 304 59.87 21.56 2.40
C LEU H 304 61.19 22.13 1.86
N LEU H 305 61.74 21.51 0.80
CA LEU H 305 62.97 22.04 0.21
C LEU H 305 62.75 23.41 -0.42
N LEU H 306 61.57 23.66 -0.96
CA LEU H 306 61.26 25.00 -1.45
C LEU H 306 61.25 26.01 -0.32
N GLY H 307 60.67 25.65 0.83
CA GLY H 307 60.73 26.54 1.98
C GLY H 307 62.15 26.78 2.46
N ILE H 308 62.97 25.72 2.53
CA ILE H 308 64.32 25.86 3.05
C ILE H 308 65.14 26.82 2.19
N GLU H 309 64.87 26.87 0.89
CA GLU H 309 65.64 27.75 0.01
C GLU H 309 65.56 29.21 0.43
N THR H 310 64.51 29.62 1.17
CA THR H 310 64.41 30.98 1.71
C THR H 310 64.46 31.03 3.23
N LEU H 311 64.86 29.94 3.89
CA LEU H 311 64.70 29.87 5.35
C LEU H 311 65.37 31.06 6.04
N GLY H 312 66.64 31.35 5.69
CA GLY H 312 67.34 32.44 6.35
C GLY H 312 66.70 33.80 6.08
N LEU H 313 66.27 34.04 4.83
CA LEU H 313 65.60 35.30 4.50
C LEU H 313 64.30 35.45 5.29
N ARG H 314 63.52 34.38 5.34
CA ARG H 314 62.26 34.47 6.08
C ARG H 314 62.53 34.69 7.55
N ALA H 315 63.45 33.90 8.12
CA ALA H 315 63.68 33.95 9.56
C ALA H 315 64.18 35.32 9.98
N GLU H 316 64.97 35.96 9.12
CA GLU H 316 65.44 37.31 9.39
C GLU H 316 64.29 38.32 9.41
N ARG H 317 63.40 38.24 8.41
CA ARG H 317 62.27 39.18 8.38
C ARG H 317 61.26 38.86 9.49
N HIS H 318 61.02 37.57 9.75
CA HIS H 318 60.16 37.15 10.86
C HIS H 318 60.58 37.84 12.17
N ALA H 319 61.88 37.82 12.48
CA ALA H 319 62.37 38.33 13.77
C ALA H 319 62.38 39.84 13.78
N GLN H 320 62.66 40.45 12.63
CA GLN H 320 62.61 41.90 12.51
C GLN H 320 61.19 42.42 12.72
N ASN H 321 60.20 41.77 12.10
CA ASN H 321 58.81 42.16 12.32
C ASN H 321 58.39 41.93 13.77
N THR H 322 58.92 40.87 14.40
CA THR H 322 58.53 40.52 15.76
C THR H 322 59.04 41.57 16.74
N GLU H 323 60.27 42.02 16.54
CA GLU H 323 60.79 43.09 17.38
C GLU H 323 59.97 44.36 17.20
N LYS H 324 59.62 44.70 15.96
CA LYS H 324 58.82 45.91 15.77
C LYS H 324 57.43 45.76 16.36
N LEU H 325 56.76 44.63 16.09
CA LEU H 325 55.44 44.39 16.66
C LEU H 325 55.48 44.41 18.19
N SER H 326 56.53 43.86 18.81
CA SER H 326 56.61 43.93 20.27
C SER H 326 56.73 45.37 20.76
N LYS H 327 57.46 46.22 20.04
CA LYS H 327 57.52 47.64 20.43
C LYS H 327 56.14 48.27 20.39
N TYR H 328 55.36 47.97 19.36
CA TYR H 328 54.02 48.52 19.25
C TYR H 328 53.14 48.04 20.39
N PHE H 329 53.23 46.76 20.74
CA PHE H 329 52.42 46.22 21.82
C PHE H 329 52.84 46.80 23.17
N GLU H 330 54.14 47.09 23.35
CA GLU H 330 54.63 47.54 24.67
C GLU H 330 54.11 48.92 25.03
N SER H 331 53.79 49.73 24.01
CA SER H 331 53.26 51.08 24.18
C SER H 331 51.75 51.13 24.07
N SER H 332 51.13 50.05 23.64
CA SER H 332 49.70 50.07 23.44
C SER H 332 48.99 50.06 24.79
N PRO H 333 48.05 50.97 25.02
CA PRO H 333 47.25 50.90 26.26
C PRO H 333 46.25 49.74 26.27
N ASN H 334 46.08 49.04 25.15
CA ASN H 334 45.18 47.89 25.13
C ASN H 334 45.88 46.58 25.49
N VAL H 335 47.20 46.58 25.58
CA VAL H 335 47.96 45.38 25.90
C VAL H 335 48.37 45.46 27.37
N SER H 336 48.06 44.44 28.13
CA SER H 336 48.44 44.50 29.53
C SER H 336 49.79 43.86 29.81
N TRP H 337 50.29 43.00 28.91
CA TRP H 337 51.67 42.52 29.01
C TRP H 337 52.11 41.92 27.68
N VAL H 338 53.42 42.00 27.41
CA VAL H 338 54.07 41.38 26.27
C VAL H 338 55.11 40.39 26.77
N LEU H 339 55.10 39.19 26.20
CA LEU H 339 56.10 38.18 26.49
C LEU H 339 56.89 37.93 25.20
N TRP H 340 58.18 38.25 25.23
CA TRP H 340 59.02 38.19 24.03
C TRP H 340 60.40 37.85 24.54
N PRO H 341 61.02 36.76 24.08
CA PRO H 341 62.35 36.40 24.60
C PRO H 341 63.41 37.47 24.45
N GLY H 342 63.25 38.44 23.56
CA GLY H 342 64.25 39.49 23.50
C GLY H 342 64.04 40.63 24.50
N SER H 343 62.97 40.60 25.26
CA SER H 343 62.72 41.65 26.23
C SER H 343 63.61 41.45 27.45
N GLU H 344 64.16 42.55 27.96
CA GLU H 344 65.03 42.47 29.13
C GLU H 344 64.32 41.94 30.37
N SER H 345 62.99 42.01 30.43
CA SER H 345 62.23 41.50 31.57
C SER H 345 61.86 40.03 31.44
N HIS H 346 62.22 39.39 30.33
CA HIS H 346 61.91 37.98 30.17
C HIS H 346 62.60 37.17 31.26
N PRO H 347 61.94 36.17 31.83
CA PRO H 347 62.57 35.38 32.90
C PRO H 347 63.90 34.74 32.52
N THR H 348 64.10 34.37 31.26
CA THR H 348 65.35 33.75 30.83
C THR H 348 66.05 34.61 29.79
N TYR H 349 65.98 35.93 29.97
CA TYR H 349 66.65 36.85 29.05
C TYR H 349 68.16 36.62 29.02
N SER H 350 68.76 36.20 30.14
CA SER H 350 70.21 35.99 30.13
C SER H 350 70.57 34.77 29.30
N GLN H 351 69.67 33.78 29.25
CA GLN H 351 69.92 32.69 28.32
C GLN H 351 69.66 33.13 26.89
N ALA H 352 68.56 33.86 26.64
CA ALA H 352 68.28 34.33 25.29
C ALA H 352 69.42 35.19 24.76
N LYS H 353 69.92 36.10 25.60
CA LYS H 353 71.00 36.98 25.18
C LYS H 353 72.24 36.19 24.79
N LYS H 354 72.50 35.09 25.49
CA LYS H 354 73.69 34.30 25.23
C LYS H 354 73.53 33.43 23.99
N TYR H 355 72.35 32.85 23.79
CA TYR H 355 72.17 31.83 22.77
C TYR H 355 71.44 32.31 21.53
N LEU H 356 70.82 33.49 21.53
CA LEU H 356 70.14 33.95 20.33
C LEU H 356 70.83 35.25 19.87
N THR H 357 71.76 35.13 18.94
CA THR H 357 72.54 36.28 18.48
C THR H 357 72.17 36.71 17.06
N ARG H 358 71.18 36.05 16.45
CA ARG H 358 70.75 36.33 15.08
C ARG H 358 69.24 36.62 15.03
N GLY H 359 68.70 37.19 16.09
CA GLY H 359 67.30 37.57 16.19
C GLY H 359 66.60 36.75 17.27
N PHE H 360 65.64 37.37 17.96
CA PHE H 360 64.99 36.72 19.10
C PHE H 360 63.73 35.98 18.71
N GLY H 361 63.80 35.21 17.61
CA GLY H 361 62.68 34.37 17.21
C GLY H 361 61.57 35.13 16.53
N ALA H 362 60.49 34.40 16.26
CA ALA H 362 59.40 34.86 15.39
C ALA H 362 58.05 34.82 16.10
N MET H 363 58.07 34.74 17.43
CA MET H 363 56.87 34.56 18.22
C MET H 363 56.79 35.63 19.30
N LEU H 364 55.58 35.96 19.69
CA LEU H 364 55.39 36.63 20.97
C LEU H 364 53.99 36.30 21.49
N SER H 365 53.78 36.61 22.77
CA SER H 365 52.51 36.37 23.42
C SER H 365 52.11 37.64 24.15
N ILE H 366 50.82 37.92 24.18
CA ILE H 366 50.34 39.11 24.84
C ILE H 366 49.13 38.76 25.69
N GLY H 367 48.89 39.60 26.69
CA GLY H 367 47.62 39.67 27.37
C GLY H 367 46.98 41.00 27.06
N VAL H 368 45.70 40.99 26.80
CA VAL H 368 44.97 42.19 26.40
C VAL H 368 44.12 42.62 27.57
N LYS H 369 43.81 43.92 27.62
CA LYS H 369 43.05 44.42 28.75
C LYS H 369 41.60 43.95 28.69
N GLY H 370 40.93 44.01 29.83
CA GLY H 370 39.54 43.65 29.95
C GLY H 370 39.35 42.27 30.54
N ASP H 371 38.14 41.78 30.40
CA ASP H 371 37.70 40.48 30.88
C ASP H 371 38.02 39.33 29.92
N ALA H 372 37.46 38.15 30.22
CA ALA H 372 37.84 36.91 29.54
C ALA H 372 37.45 36.94 28.07
N SER H 373 36.38 37.66 27.73
CA SER H 373 35.95 37.77 26.35
C SER H 373 36.89 38.62 25.51
N ALA H 374 37.75 39.43 26.15
CA ALA H 374 38.54 40.41 25.40
C ALA H 374 39.49 39.74 24.42
N GLY H 375 40.27 38.77 24.88
CA GLY H 375 41.22 38.09 24.02
C GLY H 375 40.61 37.57 22.73
N SER H 376 39.49 36.85 22.83
CA SER H 376 38.89 36.30 21.62
C SER H 376 38.17 37.37 20.81
N LYS H 377 37.69 38.47 21.42
CA LYS H 377 37.19 39.57 20.62
C LYS H 377 38.29 40.19 19.75
N VAL H 378 39.49 40.36 20.32
CA VAL H 378 40.60 40.91 19.56
C VAL H 378 41.00 39.97 18.43
N VAL H 379 41.17 38.69 18.73
CA VAL H 379 41.54 37.71 17.71
C VAL H 379 40.47 37.60 16.64
N ASP H 380 39.20 37.50 17.06
CA ASP H 380 38.10 37.41 16.09
C ASP H 380 38.01 38.66 15.21
N GLY H 381 38.46 39.80 15.71
CA GLY H 381 38.35 41.03 14.93
C GLY H 381 39.49 41.25 13.94
N LEU H 382 40.56 40.46 14.00
CA LEU H 382 41.64 40.59 13.03
C LEU H 382 41.15 40.18 11.64
N LYS H 383 41.59 40.92 10.61
CA LYS H 383 41.23 40.61 9.23
C LYS H 383 42.41 40.12 8.39
N LEU H 384 43.64 40.32 8.84
CA LEU H 384 44.84 39.91 8.14
C LEU H 384 45.52 38.74 8.83
N VAL H 385 45.74 38.84 10.15
CA VAL H 385 46.20 37.72 10.96
C VAL H 385 45.15 36.63 10.99
N SER H 386 45.57 35.38 10.82
CA SER H 386 44.68 34.24 10.77
C SER H 386 44.61 33.51 12.11
N ASN H 387 43.40 33.11 12.50
CA ASN H 387 43.19 32.36 13.75
C ASN H 387 43.18 30.87 13.42
N LEU H 388 44.26 30.17 13.76
CA LEU H 388 44.39 28.75 13.40
C LEU H 388 45.52 28.12 14.23
N ALA H 389 45.65 26.80 14.09
CA ALA H 389 46.64 26.00 14.80
C ALA H 389 47.83 25.73 13.89
N ASN H 390 48.89 26.50 14.08
CA ASN H 390 50.21 26.33 13.47
C ASN H 390 51.04 27.56 13.80
N VAL H 391 52.35 27.40 13.66
CA VAL H 391 53.29 28.49 13.84
C VAL H 391 54.27 28.42 12.69
N GLY H 392 54.98 29.51 12.47
CA GLY H 392 55.99 29.45 11.42
C GLY H 392 55.45 29.41 10.01
N ASP H 393 54.25 29.89 9.80
CA ASP H 393 53.80 30.23 8.44
C ASP H 393 54.36 31.59 8.05
N ALA H 394 54.54 31.80 6.75
CA ALA H 394 54.88 33.15 6.31
C ALA H 394 53.72 34.12 6.59
N LYS H 395 52.48 33.64 6.62
CA LYS H 395 51.34 34.43 7.07
C LYS H 395 51.30 34.53 8.60
N SER H 396 50.88 35.69 9.10
CA SER H 396 50.77 35.92 10.54
C SER H 396 49.59 35.13 11.10
N LEU H 397 49.80 34.51 12.27
CA LEU H 397 48.81 33.64 12.90
C LEU H 397 48.60 34.06 14.35
N ALA H 398 47.40 33.80 14.87
CA ALA H 398 47.10 33.97 16.29
C ALA H 398 46.24 32.82 16.78
N ILE H 399 46.43 32.42 18.05
CA ILE H 399 45.63 31.37 18.67
C ILE H 399 45.73 31.50 20.19
N HIS H 400 44.75 30.93 20.90
CA HIS H 400 44.62 30.91 22.36
C HIS H 400 45.04 29.54 22.90
N PRO H 401 46.26 29.39 23.43
CA PRO H 401 46.78 28.03 23.72
C PRO H 401 46.02 27.26 24.80
N TRP H 402 45.44 27.97 25.78
CA TRP H 402 44.74 27.34 26.90
C TRP H 402 43.61 26.43 26.43
N SER H 403 42.93 26.80 25.33
CA SER H 403 41.82 26.01 24.81
C SER H 403 42.17 25.27 23.52
N THR H 404 43.44 25.26 23.09
CA THR H 404 43.81 24.62 21.83
C THR H 404 45.05 23.73 21.97
N THR H 405 46.24 24.29 21.71
CA THR H 405 47.48 23.51 21.70
C THR H 405 47.77 22.88 23.06
N HIS H 406 47.29 23.48 24.14
CA HIS H 406 47.49 22.96 25.50
C HIS H 406 46.18 22.52 26.14
N GLU H 407 45.14 22.28 25.32
CA GLU H 407 43.82 21.91 25.84
C GLU H 407 43.89 20.61 26.66
N GLN H 408 44.70 19.64 26.22
CA GLN H 408 44.74 18.33 26.85
C GLN H 408 45.38 18.34 28.23
N LEU H 409 46.17 19.36 28.54
CA LEU H 409 46.81 19.47 29.85
C LEU H 409 45.81 20.00 30.87
N SER H 410 46.03 19.66 32.14
CA SER H 410 45.23 20.23 33.21
C SER H 410 45.66 21.68 33.43
N GLU H 411 44.90 22.39 34.26
CA GLU H 411 45.26 23.77 34.53
C GLU H 411 46.66 23.87 35.15
N ASP H 412 46.94 23.06 36.17
CA ASP H 412 48.28 23.05 36.77
C ASP H 412 49.36 22.73 35.72
N GLU H 413 49.11 21.75 34.84
CA GLU H 413 50.09 21.42 33.80
C GLU H 413 50.27 22.57 32.83
N ARG H 414 49.17 23.22 32.43
CA ARG H 414 49.29 24.41 31.60
C ARG H 414 50.14 25.48 32.27
N LEU H 415 49.94 25.72 33.56
CA LEU H 415 50.68 26.81 34.17
C LEU H 415 52.15 26.44 34.40
N ALA H 416 52.44 25.16 34.70
CA ALA H 416 53.83 24.71 34.68
C ALA H 416 54.45 24.79 33.28
N SER H 417 53.64 24.95 32.23
CA SER H 417 54.16 25.23 30.89
C SER H 417 54.02 26.69 30.52
N GLY H 418 53.71 27.55 31.49
CA GLY H 418 53.62 28.98 31.24
C GLY H 418 52.38 29.43 30.51
N VAL H 419 51.39 28.56 30.32
CA VAL H 419 50.15 28.90 29.62
C VAL H 419 49.10 29.28 30.66
N THR H 420 48.51 30.46 30.48
CA THR H 420 47.39 30.93 31.28
C THR H 420 46.19 31.14 30.38
N GLU H 421 45.03 31.38 31.01
CA GLU H 421 43.87 31.71 30.21
C GLU H 421 44.00 33.08 29.56
N ASP H 422 44.97 33.88 30.00
CA ASP H 422 45.20 35.23 29.53
C ASP H 422 45.83 35.29 28.13
N MET H 423 46.59 34.28 27.74
CA MET H 423 47.64 34.42 26.74
C MET H 423 47.11 34.28 25.31
N ILE H 424 47.40 35.28 24.47
CA ILE H 424 47.27 35.19 23.01
C ILE H 424 48.65 34.95 22.42
N ARG H 425 48.83 33.80 21.75
CA ARG H 425 50.07 33.45 21.09
C ARG H 425 50.05 33.95 19.65
N ILE H 426 51.09 34.68 19.25
CA ILE H 426 51.18 35.27 17.92
C ILE H 426 52.44 34.78 17.20
N SER H 427 52.24 34.07 16.09
CA SER H 427 53.31 33.75 15.17
C SER H 427 53.37 34.87 14.14
N VAL H 428 54.39 35.71 14.23
CA VAL H 428 54.50 36.91 13.41
C VAL H 428 55.00 36.53 12.03
N GLY H 429 54.24 36.90 11.00
CA GLY H 429 54.55 36.57 9.62
C GLY H 429 55.50 37.58 9.00
N ILE H 430 55.65 37.46 7.68
CA ILE H 430 56.57 38.33 6.94
C ILE H 430 55.84 39.37 6.09
N GLU H 431 54.53 39.54 6.31
CA GLU H 431 53.81 40.70 5.77
C GLU H 431 54.53 41.98 6.16
N HIS H 432 54.19 43.07 5.48
CA HIS H 432 54.67 44.37 5.90
C HIS H 432 54.23 44.68 7.32
N VAL H 433 55.17 45.03 8.20
CA VAL H 433 54.81 45.18 9.61
C VAL H 433 53.78 46.29 9.82
N ASP H 434 53.79 47.34 8.98
CA ASP H 434 52.74 48.35 9.10
C ASP H 434 51.35 47.73 8.92
N ASP H 435 51.22 46.73 8.06
CA ASP H 435 49.91 46.12 7.88
C ASP H 435 49.56 45.19 9.03
N ILE H 436 50.54 44.54 9.65
CA ILE H 436 50.24 43.72 10.82
C ILE H 436 49.75 44.61 11.96
N ILE H 437 50.48 45.68 12.24
CA ILE H 437 50.13 46.63 13.29
C ILE H 437 48.74 47.24 13.04
N ALA H 438 48.45 47.64 11.79
CA ALA H 438 47.14 48.20 11.48
C ALA H 438 46.03 47.17 11.67
N ASP H 439 46.31 45.89 11.49
CA ASP H 439 45.27 44.91 11.75
C ASP H 439 44.92 44.86 13.23
N PHE H 440 45.94 44.83 14.10
CA PHE H 440 45.68 44.83 15.53
C PHE H 440 45.04 46.15 15.98
N GLU H 441 45.49 47.27 15.41
CA GLU H 441 44.90 48.56 15.75
C GLU H 441 43.39 48.56 15.50
N GLN H 442 42.95 48.26 14.26
CA GLN H 442 41.53 48.27 13.97
C GLN H 442 40.77 47.23 14.79
N SER H 443 41.37 46.09 15.11
CA SER H 443 40.67 45.13 15.96
C SER H 443 40.58 45.64 17.40
N PHE H 444 41.59 46.36 17.85
CA PHE H 444 41.54 46.98 19.18
C PHE H 444 40.43 48.02 19.26
N GLN H 445 40.34 48.88 18.25
CA GLN H 445 39.30 49.90 18.22
C GLN H 445 37.90 49.28 18.25
N LYS H 446 37.68 48.21 17.49
CA LYS H 446 36.39 47.54 17.55
C LYS H 446 36.12 46.96 18.92
N ALA H 447 37.16 46.51 19.63
CA ALA H 447 36.94 45.82 20.88
C ALA H 447 36.75 46.79 22.04
N TYR H 448 37.47 47.90 22.04
CA TYR H 448 37.53 48.81 23.17
C TYR H 448 37.01 50.21 22.87
N GLY H 449 36.65 50.53 21.62
CA GLY H 449 36.07 51.82 21.28
C GLY H 449 37.09 52.93 21.10
C 4LM I . 6.82 -14.39 22.53
N 4LM I . 6.78 -16.81 22.05
O1 4LM I . 7.21 -14.31 21.33
P 4LM I . 5.69 -21.48 24.50
N1 4LM I . 7.07 -20.49 18.71
C2 4LM I . 6.73 -19.19 18.59
C3 4LM I . 6.55 -18.45 19.71
O3 4LM I . 6.20 -17.11 19.52
C4 4LM I . 6.71 -18.97 20.94
C5 4LM I . 7.02 -20.27 21.08
C6 4LM I . 7.21 -21.03 19.94
CA 4LM I . 6.56 -15.80 23.06
CB 4LM I . 6.90 -16.11 24.28
CG 4LM I . 6.85 -15.17 25.50
C2A 4LM I . 6.55 -18.52 17.24
C4A 4LM I . 6.46 -18.03 22.13
C5A 4LM I . 7.23 -20.94 22.44
OP1 4LM I . 5.89 -20.10 25.07
OP2 4LM I . 6.63 -22.48 25.08
OP3 4LM I . 4.25 -21.89 24.70
OP4 4LM I . 5.99 -21.38 22.89
O2 4LM I . 6.60 -13.32 23.17
C01 WQF J . -38.77 20.82 -20.49
C02 WQF J . -38.66 21.57 -21.79
C04 WQF J . -39.68 22.31 -23.71
C05 WQF J . -38.50 22.94 -24.22
C06 WQF J . -38.69 23.66 -25.57
C12 WQF J . -37.34 22.87 -23.40
C13 WQF J . -35.87 23.41 -23.64
C25 WQF J . -34.41 25.48 -23.45
C26 WQF J . -34.31 26.92 -23.96
C27 WQF J . -33.19 27.40 -24.47
C28 WQF J . -33.76 25.42 -21.94
C31 WQF J . -37.47 22.16 -22.18
N03 WQF J . -39.78 21.64 -22.54
N24 WQF J . -35.78 24.89 -23.55
O07 WQF J . -38.35 22.89 -26.65
O09 WQF J . -38.90 24.36 -28.66
O10 WQF J . -36.63 24.52 -27.43
O11 WQF J . -37.19 22.45 -28.84
O29 WQF J . -34.52 25.09 -20.97
O30 WQF J . -32.55 25.71 -21.84
O32 WQF J . -36.37 22.07 -21.42
P08 WQF J . -37.69 23.64 -28.08
C01 WQF K . -34.45 -14.45 30.45
C02 WQF K . -33.87 -15.47 31.40
C04 WQF K . -33.41 -16.08 33.57
C05 WQF K . -32.84 -17.33 33.20
C06 WQF K . -32.37 -18.18 34.39
C12 WQF K . -32.83 -17.64 31.81
C13 WQF K . -32.28 -18.88 31.05
C25 WQF K . -32.71 -21.27 30.43
C26 WQF K . -32.95 -22.63 31.08
C27 WQF K . -32.19 -23.69 30.80
C28 WQF K . -33.35 -21.26 28.93
C31 WQF K . -33.36 -16.65 30.94
N03 WQF K . -33.90 -15.17 32.73
N24 WQF K . -33.09 -20.09 31.23
O07 WQF K . -31.08 -17.98 34.74
O09 WQF K . -30.55 -20.42 34.44
O10 WQF K . -30.63 -19.50 36.82
O11 WQF K . -28.74 -18.75 35.27
O29 WQF K . -34.12 -20.28 28.64
O30 WQF K . -33.03 -22.19 28.15
O32 WQF K . -33.36 -16.92 29.62
P08 WQF K . -30.15 -19.31 35.39
C01 WQF L . -7.03 -0.15 -41.66
C02 WQF L . -7.77 0.53 -42.77
C04 WQF L . -7.71 2.01 -44.51
C05 WQF L . -9.09 1.82 -44.84
C06 WQF L . -9.55 2.66 -46.05
C12 WQF L . -9.81 0.89 -44.06
C13 WQF L . -11.32 0.48 -44.10
C25 WQF L . -13.03 -0.94 -45.21
C26 WQF L . -13.70 -1.21 -46.55
C27 WQF L . -15.00 -1.00 -46.70
C28 WQF L . -13.12 -2.27 -44.26
C31 WQF L . -9.09 0.27 -43.01
N03 WQF L . -7.06 1.41 -43.52
N24 WQF L . -11.68 -0.33 -45.27
O07 WQF L . -10.15 3.82 -45.70
O09 WQF L . -12.33 3.32 -46.87
O10 WQF L . -11.89 5.61 -45.75
O11 WQF L . -10.70 5.00 -47.93
O29 WQF L . -14.25 -2.78 -44.08
O30 WQF L . -12.05 -2.67 -43.75
O32 WQF L . -9.75 -0.60 -42.24
P08 WQF L . -11.41 4.52 -46.68
C01 WQF M . -59.10 53.65 12.56
C02 WQF M . -58.60 54.70 13.51
C04 WQF M . -57.12 56.40 13.89
C05 WQF M . -57.60 56.65 15.20
C06 WQF M . -56.88 57.79 15.89
C12 WQF M . -58.68 55.83 15.67
C13 WQF M . -59.43 55.77 17.08
C25 WQF M . -61.20 56.84 18.54
C26 WQF M . -61.57 58.20 19.13
C27 WQF M . -61.85 58.36 20.42
C28 WQF M . -62.55 55.92 18.35
C31 WQF M . -59.13 54.86 14.76
N03 WQF M . -57.57 55.47 13.06
N24 WQF M . -60.34 56.90 17.33
O07 WQF M . -55.85 57.40 16.66
O09 WQF M . -56.95 58.28 18.80
O10 WQF M . -55.09 59.65 17.68
O11 WQF M . -54.54 57.41 18.83
O29 WQF M . -63.15 55.56 19.40
O30 WQF M . -62.89 55.60 17.19
O32 WQF M . -60.15 54.06 15.18
P08 WQF M . -55.56 58.29 18.16
C 4LM N . 57.07 -6.60 0.08
N 4LM N . 55.64 -5.68 1.93
O1 4LM N . 57.53 -6.50 -1.09
P 4LM N . 54.54 -0.86 3.96
N1 4LM N . 51.93 -6.09 5.25
C2 4LM N . 52.21 -6.84 4.17
C3 4LM N . 53.19 -6.41 3.32
O3 4LM N . 53.44 -7.21 2.21
C4 4LM N . 53.88 -5.26 3.58
C5 4LM N . 53.57 -4.52 4.69
C6 4LM N . 52.58 -4.96 5.54
CA 4LM N . 56.66 -5.38 0.91
CB 4LM N . 57.59 -4.53 1.27
CG 4LM N . 58.82 -4.15 0.44
C2A 4LM N . 51.45 -8.14 3.86
C4A 4LM N . 54.96 -4.83 2.58
C5A 4LM N . 54.29 -3.23 5.09
OP1 4LM N . 55.65 -1.27 3.07
OP2 4LM N . 55.12 -0.20 5.18
OP3 4LM N . 53.59 0.05 3.22
OP4 4LM N . 53.66 -2.17 4.44
O2 4LM N . 56.84 -7.75 0.57
C01 WQF O . 15.01 -53.46 -15.86
C02 WQF O . 14.13 -54.38 -16.63
C04 WQF O . 13.69 -56.53 -17.31
C05 WQF O . 12.53 -56.17 -18.05
C06 WQF O . 11.85 -57.36 -18.73
C12 WQF O . 12.17 -54.77 -18.04
C13 WQF O . 11.03 -53.97 -18.78
C25 WQF O . 8.68 -53.33 -18.97
C26 WQF O . 7.27 -53.88 -19.05
C27 WQF O . 6.45 -53.57 -20.04
C28 WQF O . 8.65 -51.84 -18.28
C31 WQF O . 13.03 -53.93 -17.30
N03 WQF O . 14.46 -55.71 -16.63
N24 WQF O . 9.68 -54.23 -18.35
O07 WQF O . 12.24 -57.50 -20.00
O09 WQF O . 9.97 -57.10 -21.09
O10 WQF O . 10.86 -59.49 -20.89
O11 WQF O . 12.06 -57.82 -22.42
O29 WQF O . 7.99 -50.95 -18.84
O30 WQF O . 9.32 -51.66 -17.23
O32 WQF O . 12.74 -52.59 -17.27
P08 WQF O . 11.16 -58.05 -21.24
C01 WQF P . 57.87 22.79 19.48
C02 WQF P . 56.99 21.89 18.68
C04 WQF P . 56.56 19.76 17.97
C05 WQF P . 55.40 20.14 17.23
C06 WQF P . 54.75 18.94 16.55
C12 WQF P . 55.04 21.53 17.26
C13 WQF P . 53.92 22.35 16.52
C25 WQF P . 51.60 23.04 16.34
C26 WQF P . 50.23 22.45 16.17
C27 WQF P . 49.41 22.84 15.20
C28 WQF P . 51.52 24.47 17.12
C31 WQF P . 55.89 22.37 18.01
N03 WQF P . 57.33 20.58 18.66
N24 WQF P . 52.58 22.12 16.95
O07 WQF P . 55.16 18.78 15.29
O09 WQF P . 52.84 19.25 14.27
O10 WQF P . 53.72 16.84 14.36
O11 WQF P . 54.81 18.53 12.78
O29 WQF P . 50.71 25.32 16.69
O30 WQF P . 52.28 24.65 18.12
O32 WQF P . 55.58 23.70 18.06
P08 WQF P . 54.01 18.30 14.03
#